data_3OWE
#
_entry.id   3OWE
#
_cell.length_a   141.205
_cell.length_b   141.205
_cell.length_c   255.751
_cell.angle_alpha   90.00
_cell.angle_beta   90.00
_cell.angle_gamma   90.00
#
_symmetry.space_group_name_H-M   'P 43'
#
loop_
_entity.id
_entity.type
_entity.pdbx_description
1 polymer Beta-chain
2 polymer 'Enterotoxin SEG'
3 water water
#
loop_
_entity_poly.entity_id
_entity_poly.type
_entity_poly.pdbx_seq_one_letter_code
_entity_poly.pdbx_strand_id
1 'polypeptide(L)'
;AAEAAVTQSPRNKVAVTGEKVTLSCQQTNNHNNMYWYRQDTGHGLRLIHYSYGVGNTEKGDIPDGYEASRPSHEQFSLIL
VSATPSQSSVYFCASGVGGTLYFGAGTRLSVL
;
A,C,E,G,I,K,M,O
2 'polypeptide(L)'
;AQPDPKLDELNKVSDYKSNKGTMGNVMNLYMSPPVEGRGVINSRQFLSHDLIFPIEYKSYNEVKTELENTELANNYKGKK
VDIFGVPYFYTCIIPKSEPDINQNFGGCCMYGGLTFNSSENERDKLITVQVTIDNRQSLGFTITTNKNMVTIQELDYKAR
HWLTKEKKLYEFDGSAFESGYIKFTEKNNTSFWFDLFPKKELVPFVPYKFLNIYGDNKVVDSKSIKMEVFLNTH
;
B,D,F,H,J,L,N,P
#
# COMPACT_ATOMS: atom_id res chain seq x y z
N ALA A 4 -13.12 19.95 -1.74
CA ALA A 4 -13.49 20.09 -0.29
C ALA A 4 -14.58 19.04 0.20
N ALA A 5 -15.90 19.37 0.13
CA ALA A 5 -17.02 18.51 0.61
C ALA A 5 -18.38 19.20 0.52
N VAL A 6 -18.56 20.33 1.19
CA VAL A 6 -19.79 21.11 0.99
C VAL A 6 -19.51 22.50 0.48
N THR A 7 -20.06 22.82 -0.69
CA THR A 7 -19.83 24.08 -1.34
C THR A 7 -21.11 24.89 -1.52
N GLN A 8 -21.14 26.02 -0.83
CA GLN A 8 -22.21 26.98 -0.96
C GLN A 8 -21.80 28.02 -1.98
N SER A 9 -22.78 28.76 -2.49
CA SER A 9 -22.65 29.59 -3.70
C SER A 9 -23.90 30.46 -3.94
N PRO A 10 -23.72 31.77 -4.02
CA PRO A 10 -22.52 32.60 -3.79
C PRO A 10 -22.15 32.74 -2.29
N ARG A 11 -20.91 33.13 -2.00
CA ARG A 11 -20.46 33.42 -0.65
C ARG A 11 -21.07 34.73 -0.12
N ASN A 12 -21.20 35.73 -0.99
CA ASN A 12 -21.87 36.98 -0.59
C ASN A 12 -22.87 37.42 -1.64
N LYS A 13 -23.95 38.02 -1.20
CA LYS A 13 -24.94 38.39 -2.15
C LYS A 13 -25.70 39.52 -1.51
N VAL A 14 -25.87 40.56 -2.31
CA VAL A 14 -26.82 41.58 -1.99
C VAL A 14 -28.00 41.40 -2.93
N ALA A 15 -29.19 41.69 -2.41
CA ALA A 15 -30.37 41.59 -3.19
C ALA A 15 -31.29 42.64 -2.65
N VAL A 16 -32.44 42.78 -3.32
CA VAL A 16 -33.40 43.88 -3.18
C VAL A 16 -34.80 43.37 -2.77
N THR A 17 -35.48 43.98 -1.80
CA THR A 17 -36.88 43.59 -1.50
C THR A 17 -37.72 43.20 -2.72
N GLY A 18 -38.38 42.02 -2.66
CA GLY A 18 -39.21 41.49 -3.75
C GLY A 18 -38.41 40.62 -4.70
N GLU A 19 -37.08 40.65 -4.62
CA GLU A 19 -36.22 39.75 -5.43
C GLU A 19 -36.34 38.23 -5.01
N LYS A 20 -36.16 37.39 -6.04
CA LYS A 20 -36.22 35.93 -5.95
C LYS A 20 -34.83 35.32 -6.01
N VAL A 21 -34.34 34.90 -4.83
CA VAL A 21 -32.95 34.42 -4.67
C VAL A 21 -32.85 32.92 -4.45
N THR A 22 -31.87 32.30 -5.09
CA THR A 22 -31.56 30.90 -4.96
C THR A 22 -30.14 30.69 -4.44
N LEU A 23 -30.03 30.10 -3.25
CA LEU A 23 -28.72 29.84 -2.70
C LEU A 23 -28.52 28.43 -3.09
N SER A 24 -27.33 28.08 -3.54
CA SER A 24 -27.19 26.78 -4.10
C SER A 24 -26.19 26.04 -3.25
N CYS A 25 -26.36 24.73 -3.08
CA CYS A 25 -25.45 23.98 -2.24
C CYS A 25 -25.04 22.67 -2.80
N GLN A 26 -23.79 22.32 -2.70
CA GLN A 26 -23.39 21.14 -3.40
C GLN A 26 -22.55 20.30 -2.47
N GLN A 27 -22.73 18.99 -2.46
CA GLN A 27 -21.99 18.15 -1.52
C GLN A 27 -21.26 17.13 -2.35
N THR A 28 -20.17 16.60 -1.87
CA THR A 28 -19.47 15.55 -2.60
C THR A 28 -19.38 14.27 -1.74
N ASN A 29 -20.12 14.25 -0.63
CA ASN A 29 -20.09 13.14 0.32
C ASN A 29 -21.04 11.99 0.05
N ASN A 30 -21.90 12.11 -0.97
CA ASN A 30 -22.92 11.06 -1.22
C ASN A 30 -23.81 10.83 -0.01
N HIS A 31 -24.27 11.92 0.60
CA HIS A 31 -25.02 11.83 1.80
C HIS A 31 -26.43 12.00 1.35
N ASN A 32 -27.32 11.18 1.87
CA ASN A 32 -28.70 11.43 1.60
C ASN A 32 -29.28 12.71 2.12
N ASN A 33 -28.72 13.20 3.23
CA ASN A 33 -29.42 14.23 3.96
C ASN A 33 -28.74 15.55 3.80
N MET A 34 -29.54 16.59 3.61
CA MET A 34 -29.02 17.93 3.40
C MET A 34 -29.86 18.87 4.16
N TYR A 35 -29.22 19.92 4.68
CA TYR A 35 -29.92 20.89 5.53
C TYR A 35 -29.62 22.31 5.10
N TRP A 36 -30.52 23.25 5.43
CA TRP A 36 -30.35 24.68 5.24
C TRP A 36 -30.79 25.41 6.51
N TYR A 37 -29.80 26.09 7.10
CA TYR A 37 -29.97 26.91 8.28
C TYR A 37 -29.67 28.38 7.98
N ARG A 38 -30.29 29.26 8.77
CA ARG A 38 -29.82 30.64 8.89
C ARG A 38 -29.18 30.94 10.29
N GLN A 39 -28.11 31.74 10.34
CA GLN A 39 -27.45 32.14 11.62
C GLN A 39 -27.69 33.63 11.88
N ASP A 40 -28.01 33.98 13.11
CA ASP A 40 -28.43 35.36 13.47
C ASP A 40 -28.00 35.52 14.92
N THR A 41 -27.51 36.71 15.34
CA THR A 41 -26.90 36.70 16.68
C THR A 41 -27.88 36.50 17.80
N GLY A 42 -29.08 37.01 17.66
CA GLY A 42 -30.03 36.52 18.63
C GLY A 42 -29.93 34.96 18.86
N HIS A 43 -30.16 34.17 17.80
CA HIS A 43 -30.66 32.79 17.89
C HIS A 43 -29.49 32.00 17.45
N GLY A 44 -29.55 30.76 17.07
CA GLY A 44 -28.21 30.19 16.80
C GLY A 44 -28.20 29.91 15.33
N LEU A 45 -27.89 28.66 14.99
CA LEU A 45 -28.44 28.06 13.77
C LEU A 45 -29.92 27.74 13.95
N ARG A 46 -30.78 28.17 13.03
CA ARG A 46 -32.16 27.73 13.05
C ARG A 46 -32.44 27.06 11.71
N LEU A 47 -32.93 25.82 11.74
CA LEU A 47 -33.22 25.03 10.50
C LEU A 47 -34.50 25.46 9.77
N ILE A 48 -34.29 25.77 8.49
CA ILE A 48 -35.31 26.32 7.61
C ILE A 48 -36.01 25.17 6.84
N HIS A 49 -35.24 24.44 6.01
CA HIS A 49 -35.66 23.20 5.39
C HIS A 49 -34.54 22.17 5.37
N TYR A 50 -34.92 20.89 5.28
CA TYR A 50 -33.98 19.86 5.01
C TYR A 50 -34.55 18.87 3.99
N SER A 51 -33.81 17.84 3.67
CA SER A 51 -34.18 16.97 2.66
C SER A 51 -33.57 15.60 2.88
N TYR A 52 -34.38 14.56 2.66
CA TYR A 52 -33.95 13.19 2.92
C TYR A 52 -33.52 12.46 1.70
N GLY A 53 -33.68 13.09 0.54
CA GLY A 53 -33.27 12.46 -0.71
C GLY A 53 -33.79 13.26 -1.87
N VAL A 54 -33.46 12.80 -3.08
CA VAL A 54 -33.73 13.54 -4.32
C VAL A 54 -35.21 13.55 -4.38
N GLY A 55 -35.79 14.72 -4.58
CA GLY A 55 -37.22 14.80 -4.79
C GLY A 55 -37.93 15.17 -3.51
N ASN A 56 -37.19 15.12 -2.40
CA ASN A 56 -37.77 15.38 -1.06
C ASN A 56 -37.31 16.63 -0.36
N THR A 57 -38.26 17.27 0.33
CA THR A 57 -38.03 18.48 1.11
C THR A 57 -38.95 18.40 2.28
N GLU A 58 -38.43 18.73 3.47
CA GLU A 58 -39.27 18.88 4.66
C GLU A 58 -38.86 20.14 5.41
N LYS A 59 -39.85 20.65 6.13
CA LYS A 59 -39.79 21.86 6.85
C LYS A 59 -39.03 21.68 8.18
N GLY A 60 -38.13 22.65 8.43
CA GLY A 60 -37.49 22.80 9.72
C GLY A 60 -38.36 23.56 10.68
N ASP A 61 -37.67 24.25 11.58
CA ASP A 61 -38.37 25.08 12.57
C ASP A 61 -38.84 26.44 12.03
N ILE A 62 -38.17 27.01 11.03
CA ILE A 62 -38.58 28.34 10.52
C ILE A 62 -38.65 28.36 9.03
N PRO A 63 -39.63 27.62 8.47
CA PRO A 63 -39.66 27.43 7.01
C PRO A 63 -40.34 28.58 6.28
N ASP A 64 -41.21 29.36 6.94
CA ASP A 64 -42.01 30.44 6.29
C ASP A 64 -41.24 31.45 5.44
N GLY A 65 -41.86 31.84 4.34
CA GLY A 65 -41.18 32.70 3.38
C GLY A 65 -40.05 32.04 2.59
N TYR A 66 -39.75 30.76 2.83
CA TYR A 66 -38.67 30.06 2.07
C TYR A 66 -39.25 28.84 1.35
N GLU A 67 -38.57 28.37 0.33
CA GLU A 67 -38.90 27.09 -0.27
C GLU A 67 -37.55 26.40 -0.57
N ALA A 68 -37.58 25.11 -0.98
CA ALA A 68 -36.37 24.36 -1.22
C ALA A 68 -36.63 23.39 -2.36
N SER A 69 -35.55 22.85 -2.92
CA SER A 69 -35.67 21.90 -3.98
C SER A 69 -34.44 20.98 -3.92
N ARG A 70 -34.63 19.68 -4.05
CA ARG A 70 -33.52 18.75 -4.08
C ARG A 70 -33.50 18.04 -5.43
N PRO A 71 -33.03 18.74 -6.47
CA PRO A 71 -33.29 18.23 -7.82
C PRO A 71 -32.33 17.10 -8.14
N SER A 72 -31.36 16.87 -7.28
CA SER A 72 -30.46 15.79 -7.53
C SER A 72 -29.71 15.43 -6.27
N HIS A 73 -29.04 14.29 -6.31
CA HIS A 73 -28.44 13.78 -5.11
C HIS A 73 -27.53 14.79 -4.46
N GLU A 74 -26.74 15.48 -5.28
CA GLU A 74 -25.63 16.34 -4.84
C GLU A 74 -26.04 17.76 -4.50
N GLN A 75 -27.26 18.16 -4.88
CA GLN A 75 -27.61 19.57 -4.91
C GLN A 75 -28.83 19.85 -4.12
N PHE A 76 -28.78 20.88 -3.29
CA PHE A 76 -29.93 21.25 -2.47
C PHE A 76 -30.10 22.75 -2.52
N SER A 77 -31.29 23.26 -2.84
CA SER A 77 -31.36 24.68 -3.08
C SER A 77 -32.34 25.33 -2.19
N LEU A 78 -31.92 26.46 -1.60
CA LEU A 78 -32.82 27.28 -0.81
C LEU A 78 -33.23 28.43 -1.69
N ILE A 79 -34.51 28.78 -1.61
CA ILE A 79 -35.15 29.73 -2.50
C ILE A 79 -35.97 30.67 -1.69
N LEU A 80 -35.63 31.96 -1.72
CA LEU A 80 -36.47 33.01 -1.13
C LEU A 80 -37.34 33.51 -2.28
N VAL A 81 -38.65 33.42 -2.05
CA VAL A 81 -39.66 33.69 -3.05
C VAL A 81 -39.68 35.18 -3.37
N SER A 82 -40.28 35.94 -2.45
CA SER A 82 -40.21 37.41 -2.46
C SER A 82 -39.44 37.93 -1.23
N ALA A 83 -38.13 38.11 -1.42
CA ALA A 83 -37.17 38.51 -0.37
C ALA A 83 -37.62 39.69 0.48
N THR A 84 -37.34 39.65 1.79
CA THR A 84 -37.62 40.75 2.73
C THR A 84 -36.31 41.10 3.43
N PRO A 85 -36.14 42.36 3.88
CA PRO A 85 -34.87 42.63 4.60
C PRO A 85 -34.63 41.70 5.83
N SER A 86 -35.70 41.17 6.42
CA SER A 86 -35.56 40.29 7.59
C SER A 86 -34.98 38.91 7.24
N GLN A 87 -34.61 38.72 5.98
CA GLN A 87 -33.99 37.49 5.56
C GLN A 87 -32.53 37.75 5.29
N SER A 88 -32.12 38.98 5.61
CA SER A 88 -30.70 39.28 5.74
C SER A 88 -30.16 38.38 6.81
N SER A 89 -29.14 37.58 6.45
CA SER A 89 -28.56 36.62 7.38
C SER A 89 -27.43 35.91 6.73
N VAL A 90 -26.77 35.05 7.50
CA VAL A 90 -25.74 34.15 6.94
C VAL A 90 -26.40 32.77 6.81
N TYR A 91 -26.30 32.13 5.65
CA TYR A 91 -26.99 30.90 5.48
C TYR A 91 -26.00 29.77 5.37
N PHE A 92 -26.34 28.69 6.07
CA PHE A 92 -25.49 27.51 6.07
C PHE A 92 -26.22 26.23 5.57
N CYS A 93 -25.45 25.45 4.83
CA CYS A 93 -25.89 24.30 4.16
C CYS A 93 -25.14 23.15 4.81
N ALA A 94 -25.78 22.02 5.03
CA ALA A 94 -25.00 20.93 5.52
C ALA A 94 -25.48 19.61 4.93
N SER A 95 -24.57 18.67 4.69
CA SER A 95 -25.01 17.34 4.44
C SER A 95 -24.80 16.58 5.73
N GLY A 96 -25.39 15.40 5.88
CA GLY A 96 -25.17 14.61 7.08
C GLY A 96 -25.55 13.16 6.98
N VAL A 97 -25.05 12.36 7.90
CA VAL A 97 -25.47 11.01 8.03
C VAL A 97 -25.32 10.64 9.48
N GLY A 98 -26.24 9.82 9.98
CA GLY A 98 -26.17 9.38 11.36
C GLY A 98 -26.11 10.64 12.22
N GLY A 99 -25.11 10.67 13.08
CA GLY A 99 -25.05 11.85 13.96
C GLY A 99 -24.09 12.93 13.44
N THR A 100 -23.58 12.78 12.22
CA THR A 100 -22.55 13.65 11.80
C THR A 100 -23.08 14.64 10.76
N LEU A 101 -22.68 15.89 10.87
CA LEU A 101 -23.21 16.93 10.04
C LEU A 101 -22.00 17.69 9.43
N TYR A 102 -21.96 17.90 8.10
CA TYR A 102 -20.79 18.58 7.47
C TYR A 102 -21.27 19.86 6.91
N PHE A 103 -20.86 20.98 7.52
CA PHE A 103 -21.32 22.30 7.12
C PHE A 103 -20.47 22.92 6.02
N GLY A 104 -21.09 23.75 5.20
CA GLY A 104 -20.38 24.62 4.29
C GLY A 104 -19.87 25.90 4.96
N ALA A 105 -19.18 26.72 4.16
CA ALA A 105 -18.51 27.92 4.64
C ALA A 105 -19.43 29.14 4.90
N GLY A 106 -20.68 29.07 4.41
CA GLY A 106 -21.74 30.03 4.74
C GLY A 106 -21.98 30.98 3.59
N THR A 107 -23.06 31.75 3.65
CA THR A 107 -23.47 32.62 2.57
C THR A 107 -24.09 33.85 3.18
N ARG A 108 -23.37 34.95 3.00
CA ARG A 108 -23.76 36.21 3.63
C ARG A 108 -24.71 36.85 2.67
N LEU A 109 -25.94 37.09 3.11
CA LEU A 109 -26.90 37.70 2.24
C LEU A 109 -27.48 38.85 2.92
N SER A 110 -27.41 39.97 2.21
CA SER A 110 -28.05 41.20 2.65
C SER A 110 -29.24 41.54 1.74
N VAL A 111 -30.39 41.88 2.33
CA VAL A 111 -31.56 42.27 1.53
C VAL A 111 -31.99 43.70 1.85
N LEU A 112 -31.91 44.57 0.83
CA LEU A 112 -32.20 46.04 0.96
C LEU A 112 -33.66 46.52 0.79
N ALA B 1 -66.12 -3.79 -5.36
CA ALA B 1 -66.87 -2.50 -5.36
C ALA B 1 -66.34 -1.51 -4.28
N GLN B 2 -66.28 -0.21 -4.63
CA GLN B 2 -65.69 0.86 -3.79
C GLN B 2 -66.50 2.19 -3.88
N PRO B 3 -67.33 2.51 -2.86
CA PRO B 3 -68.32 3.61 -2.88
C PRO B 3 -67.70 5.00 -2.89
N ASP B 4 -68.29 5.94 -3.64
CA ASP B 4 -67.76 7.32 -3.65
C ASP B 4 -67.58 7.83 -2.22
N PRO B 5 -66.52 8.59 -1.95
CA PRO B 5 -66.19 9.03 -0.59
C PRO B 5 -67.05 10.18 -0.05
N LYS B 6 -67.21 10.26 1.28
CA LYS B 6 -67.87 11.44 1.89
C LYS B 6 -66.87 12.56 2.20
N LEU B 7 -67.37 13.78 2.40
CA LEU B 7 -66.47 14.87 2.70
C LEU B 7 -65.48 14.53 3.82
N ASP B 8 -65.92 13.79 4.84
CA ASP B 8 -65.12 13.57 6.04
C ASP B 8 -64.23 12.36 5.84
N GLU B 9 -64.41 11.66 4.73
CA GLU B 9 -63.47 10.58 4.40
C GLU B 9 -62.16 11.04 3.66
N LEU B 10 -62.07 12.30 3.24
CA LEU B 10 -60.94 12.75 2.45
C LEU B 10 -59.82 13.39 3.26
N ASN B 11 -58.58 13.15 2.85
CA ASN B 11 -57.48 13.83 3.53
C ASN B 11 -57.59 15.29 3.29
N LYS B 12 -57.13 16.07 4.26
CA LYS B 12 -57.29 17.52 4.22
C LYS B 12 -55.93 18.14 4.08
N VAL B 13 -55.86 19.10 3.15
CA VAL B 13 -54.67 19.90 2.97
C VAL B 13 -54.22 20.59 4.27
N SER B 14 -55.14 21.23 5.00
CA SER B 14 -54.78 21.90 6.26
C SER B 14 -54.25 20.96 7.30
N ASP B 15 -54.79 19.73 7.39
CA ASP B 15 -54.17 18.72 8.27
C ASP B 15 -52.73 18.37 7.81
N TYR B 16 -52.48 18.40 6.51
CA TYR B 16 -51.16 17.95 6.17
C TYR B 16 -50.25 19.06 6.57
N LYS B 17 -50.71 20.27 6.35
CA LYS B 17 -49.95 21.45 6.67
C LYS B 17 -49.75 21.50 8.23
N SER B 18 -50.78 21.26 9.02
CA SER B 18 -50.54 21.46 10.42
C SER B 18 -49.80 20.30 11.09
N ASN B 19 -49.64 19.18 10.38
CA ASN B 19 -48.72 18.20 10.89
C ASN B 19 -47.39 18.41 10.25
N LYS B 20 -47.09 19.62 9.78
CA LYS B 20 -45.74 20.00 9.28
C LYS B 20 -45.33 19.38 7.94
N GLY B 21 -46.32 19.02 7.14
CA GLY B 21 -45.90 18.40 5.85
C GLY B 21 -45.75 19.39 4.73
N THR B 22 -45.01 18.98 3.71
CA THR B 22 -44.73 19.84 2.57
C THR B 22 -45.39 19.29 1.32
N MET B 23 -46.47 19.96 0.97
CA MET B 23 -47.28 19.54 -0.17
C MET B 23 -46.44 19.51 -1.48
N GLY B 24 -45.32 20.20 -1.49
CA GLY B 24 -44.48 20.27 -2.68
C GLY B 24 -43.86 18.91 -2.99
N ASN B 25 -43.87 18.05 -2.00
CA ASN B 25 -43.36 16.71 -2.19
C ASN B 25 -44.30 15.98 -3.13
N VAL B 26 -45.57 16.36 -3.09
CA VAL B 26 -46.55 15.71 -3.91
C VAL B 26 -46.54 16.48 -5.22
N MET B 27 -46.34 17.77 -5.12
CA MET B 27 -46.25 18.59 -6.31
C MET B 27 -45.20 18.07 -7.29
N ASN B 28 -44.02 17.78 -6.77
CA ASN B 28 -42.95 17.29 -7.62
C ASN B 28 -43.32 16.02 -8.35
N LEU B 29 -44.05 15.12 -7.70
CA LEU B 29 -44.38 13.87 -8.36
C LEU B 29 -45.16 14.15 -9.63
N TYR B 30 -46.03 15.14 -9.60
CA TYR B 30 -46.84 15.40 -10.75
C TYR B 30 -46.41 16.57 -11.67
N MET B 31 -45.42 17.37 -11.26
CA MET B 31 -44.86 18.40 -12.18
C MET B 31 -43.70 17.84 -12.92
N SER B 32 -43.13 16.84 -12.38
CA SER B 32 -41.85 16.50 -12.79
C SER B 32 -42.07 15.49 -13.94
N PRO B 33 -41.15 15.34 -14.90
CA PRO B 33 -41.69 14.43 -15.96
C PRO B 33 -41.77 12.94 -15.58
N PRO B 34 -42.54 12.16 -16.35
CA PRO B 34 -42.70 10.75 -16.01
C PRO B 34 -41.52 9.94 -16.53
N VAL B 35 -41.32 8.75 -15.99
CA VAL B 35 -40.41 7.83 -16.59
C VAL B 35 -41.16 7.30 -17.80
N GLU B 36 -40.53 7.33 -18.96
CA GLU B 36 -41.07 6.69 -20.16
C GLU B 36 -40.05 5.82 -20.89
N GLY B 37 -40.56 4.86 -21.66
CA GLY B 37 -39.73 3.91 -22.37
C GLY B 37 -40.61 3.12 -23.31
N ARG B 38 -40.23 3.03 -24.59
CA ARG B 38 -41.00 2.27 -25.56
C ARG B 38 -40.26 0.99 -25.91
N GLY B 39 -40.98 -0.14 -25.86
CA GLY B 39 -40.48 -1.43 -26.25
C GLY B 39 -39.21 -1.79 -25.55
N VAL B 40 -39.20 -1.72 -24.22
CA VAL B 40 -38.06 -2.19 -23.44
C VAL B 40 -38.32 -3.59 -22.85
N ILE B 41 -37.25 -4.20 -22.30
CA ILE B 41 -37.28 -5.55 -21.69
C ILE B 41 -36.45 -5.53 -20.40
N ASN B 42 -36.89 -6.24 -19.38
CA ASN B 42 -36.27 -6.03 -18.09
C ASN B 42 -34.93 -6.71 -18.09
N SER B 43 -33.90 -6.11 -17.47
CA SER B 43 -32.60 -6.79 -17.40
C SER B 43 -32.50 -7.76 -16.21
N ARG B 44 -33.16 -7.45 -15.09
CA ARG B 44 -33.08 -8.28 -13.88
C ARG B 44 -34.23 -7.92 -12.95
N GLN B 45 -34.25 -8.55 -11.78
CA GLN B 45 -35.20 -8.30 -10.72
C GLN B 45 -34.44 -8.03 -9.44
N PHE B 46 -35.11 -7.43 -8.45
CA PHE B 46 -34.58 -7.42 -7.11
C PHE B 46 -35.36 -8.47 -6.33
N LEU B 47 -36.55 -8.14 -5.83
CA LEU B 47 -37.42 -9.16 -5.33
C LEU B 47 -38.26 -9.66 -6.47
N SER B 48 -39.04 -10.68 -6.19
CA SER B 48 -39.68 -11.38 -7.26
C SER B 48 -41.04 -10.74 -7.69
N HIS B 49 -41.41 -9.63 -7.08
CA HIS B 49 -42.60 -8.92 -7.54
C HIS B 49 -42.21 -7.58 -8.12
N ASP B 50 -40.94 -7.34 -8.44
CA ASP B 50 -40.59 -6.15 -9.20
C ASP B 50 -39.87 -6.52 -10.49
N LEU B 51 -39.57 -5.52 -11.33
CA LEU B 51 -38.81 -5.75 -12.59
C LEU B 51 -37.90 -4.57 -12.74
N ILE B 52 -36.61 -4.81 -12.95
CA ILE B 52 -35.74 -3.67 -13.12
C ILE B 52 -35.56 -3.39 -14.63
N PHE B 53 -35.60 -2.13 -15.03
CA PHE B 53 -35.40 -1.82 -16.47
C PHE B 53 -34.25 -0.81 -16.69
N PRO B 54 -33.46 -0.99 -17.78
CA PRO B 54 -32.57 0.07 -18.25
C PRO B 54 -33.42 1.19 -18.79
N ILE B 55 -33.08 2.40 -18.40
CA ILE B 55 -33.88 3.50 -18.80
C ILE B 55 -33.03 4.70 -18.66
N GLU B 56 -33.36 5.73 -19.43
CA GLU B 56 -32.74 7.05 -19.25
C GLU B 56 -33.79 7.95 -18.65
N TYR B 57 -33.62 8.38 -17.40
CA TYR B 57 -34.45 9.43 -16.76
C TYR B 57 -33.51 10.29 -15.92
N LYS B 58 -33.39 11.57 -16.32
CA LYS B 58 -32.29 12.49 -15.88
C LYS B 58 -30.98 11.73 -15.78
N SER B 59 -30.36 11.67 -14.62
CA SER B 59 -29.10 10.98 -14.59
C SER B 59 -29.20 9.49 -14.35
N TYR B 60 -30.40 8.92 -14.22
CA TYR B 60 -30.50 7.51 -13.84
C TYR B 60 -30.50 6.63 -15.05
N ASN B 61 -29.80 5.51 -14.92
CA ASN B 61 -29.67 4.54 -16.02
C ASN B 61 -30.51 3.24 -15.82
N GLU B 62 -31.19 3.11 -14.69
CA GLU B 62 -32.20 2.08 -14.57
C GLU B 62 -33.35 2.41 -13.63
N VAL B 63 -34.47 1.69 -13.79
CA VAL B 63 -35.68 1.83 -12.92
C VAL B 63 -36.19 0.49 -12.39
N LYS B 64 -36.41 0.46 -11.11
CA LYS B 64 -37.09 -0.69 -10.58
C LYS B 64 -38.56 -0.36 -10.59
N THR B 65 -39.37 -1.16 -11.29
CA THR B 65 -40.78 -0.93 -11.09
C THR B 65 -41.41 -2.03 -10.29
N GLU B 66 -42.16 -1.64 -9.28
CA GLU B 66 -42.75 -2.63 -8.34
C GLU B 66 -44.17 -3.02 -8.70
N LEU B 67 -44.50 -4.28 -8.53
CA LEU B 67 -45.84 -4.76 -8.78
C LEU B 67 -46.41 -5.23 -7.48
N GLU B 68 -47.74 -5.26 -7.39
CA GLU B 68 -48.51 -5.69 -6.24
C GLU B 68 -48.24 -7.16 -5.88
N ASN B 69 -47.97 -8.05 -6.84
CA ASN B 69 -47.63 -9.42 -6.53
C ASN B 69 -46.77 -10.10 -7.60
N THR B 70 -46.18 -11.25 -7.23
CA THR B 70 -45.32 -11.99 -8.14
C THR B 70 -45.98 -12.31 -9.51
N GLU B 71 -47.22 -12.71 -9.53
CA GLU B 71 -47.80 -13.13 -10.75
C GLU B 71 -47.84 -11.96 -11.75
N LEU B 72 -48.32 -10.78 -11.32
CA LEU B 72 -48.13 -9.51 -12.04
C LEU B 72 -46.73 -9.27 -12.62
N ALA B 73 -45.69 -9.35 -11.81
CA ALA B 73 -44.36 -9.35 -12.35
C ALA B 73 -44.14 -10.38 -13.48
N ASN B 74 -44.61 -11.62 -13.28
CA ASN B 74 -44.32 -12.67 -14.26
C ASN B 74 -45.03 -12.37 -15.57
N ASN B 75 -46.11 -11.63 -15.45
CA ASN B 75 -46.83 -11.28 -16.61
C ASN B 75 -46.03 -10.36 -17.55
N TYR B 76 -45.04 -9.62 -17.04
CA TYR B 76 -44.32 -8.74 -17.92
C TYR B 76 -42.87 -9.17 -18.05
N LYS B 77 -42.47 -10.13 -17.22
CA LYS B 77 -41.09 -10.52 -17.15
C LYS B 77 -40.59 -10.99 -18.52
N GLY B 78 -39.48 -10.41 -18.98
CA GLY B 78 -38.88 -10.83 -20.22
C GLY B 78 -39.62 -10.48 -21.49
N LYS B 79 -40.80 -9.85 -21.42
CA LYS B 79 -41.51 -9.43 -22.63
C LYS B 79 -41.18 -8.00 -23.07
N LYS B 80 -41.51 -7.65 -24.31
CA LYS B 80 -41.32 -6.31 -24.84
C LYS B 80 -42.42 -5.39 -24.33
N VAL B 81 -42.08 -4.38 -23.56
CA VAL B 81 -43.14 -3.56 -22.93
C VAL B 81 -42.93 -2.06 -23.07
N ASP B 82 -44.04 -1.29 -22.96
CA ASP B 82 -43.93 0.18 -22.70
C ASP B 82 -44.04 0.51 -21.22
N ILE B 83 -43.27 1.48 -20.75
CA ILE B 83 -43.36 1.93 -19.36
C ILE B 83 -43.84 3.34 -19.37
N PHE B 84 -44.77 3.69 -18.45
CA PHE B 84 -45.16 5.05 -18.17
C PHE B 84 -45.58 5.21 -16.70
N GLY B 85 -44.91 6.07 -15.93
CA GLY B 85 -45.11 6.06 -14.51
C GLY B 85 -44.36 7.18 -13.81
N VAL B 86 -44.50 7.23 -12.48
CA VAL B 86 -44.08 8.34 -11.69
C VAL B 86 -42.90 7.90 -10.86
N PRO B 87 -41.70 8.41 -11.16
CA PRO B 87 -40.58 7.94 -10.40
C PRO B 87 -40.54 8.57 -9.03
N TYR B 88 -39.93 7.86 -8.06
CA TYR B 88 -39.44 8.47 -6.81
C TYR B 88 -38.01 7.97 -6.55
N PHE B 89 -37.38 8.56 -5.54
CA PHE B 89 -35.92 8.39 -5.29
C PHE B 89 -35.63 8.27 -3.78
N TYR B 90 -36.12 9.22 -2.99
CA TYR B 90 -36.18 9.06 -1.58
C TYR B 90 -36.97 7.78 -1.27
N THR B 91 -36.31 6.90 -0.51
CA THR B 91 -36.85 5.61 -0.06
C THR B 91 -36.84 4.55 -1.16
N CYS B 92 -36.28 4.90 -2.31
CA CYS B 92 -36.20 3.95 -3.36
C CYS B 92 -35.21 2.86 -2.99
N ILE B 93 -35.57 1.61 -3.21
CA ILE B 93 -34.59 0.56 -2.91
C ILE B 93 -34.34 -0.33 -4.11
N ILE B 94 -33.11 -0.25 -4.60
CA ILE B 94 -32.73 -0.91 -5.82
C ILE B 94 -31.26 -1.32 -5.76
N PRO B 95 -30.98 -2.57 -5.36
CA PRO B 95 -29.59 -3.01 -5.26
C PRO B 95 -28.88 -3.05 -6.60
N LYS B 96 -27.56 -2.79 -6.60
CA LYS B 96 -26.76 -2.88 -7.84
C LYS B 96 -26.67 -4.34 -8.35
N SER B 97 -26.23 -4.53 -9.60
CA SER B 97 -25.94 -5.89 -10.16
C SER B 97 -24.81 -6.60 -9.38
N GLU B 98 -23.70 -5.86 -9.18
CA GLU B 98 -22.42 -6.28 -8.56
C GLU B 98 -21.54 -7.13 -9.52
N PHE B 105 -27.86 0.77 -4.26
CA PHE B 105 -28.80 0.93 -3.12
C PHE B 105 -29.94 1.97 -3.36
N GLY B 106 -29.62 3.27 -3.29
CA GLY B 106 -30.55 4.34 -3.69
C GLY B 106 -30.62 4.33 -5.22
N GLY B 107 -31.62 5.00 -5.82
CA GLY B 107 -31.73 4.99 -7.31
C GLY B 107 -33.04 5.52 -7.83
N CYS B 108 -33.58 4.91 -8.90
CA CYS B 108 -34.89 5.30 -9.37
C CYS B 108 -35.89 4.17 -9.26
N CYS B 109 -37.03 4.44 -8.64
CA CYS B 109 -38.11 3.45 -8.41
C CYS B 109 -39.48 3.98 -8.86
N MET B 110 -40.40 3.07 -9.13
CA MET B 110 -41.76 3.45 -9.36
C MET B 110 -42.69 2.23 -9.08
N TYR B 111 -44.01 2.39 -9.30
CA TYR B 111 -44.95 1.23 -9.35
C TYR B 111 -45.57 0.97 -10.72
N GLY B 112 -45.89 -0.29 -11.01
CA GLY B 112 -46.70 -0.63 -12.21
C GLY B 112 -46.22 0.13 -13.44
N GLY B 113 -47.13 0.71 -14.21
CA GLY B 113 -46.71 1.46 -15.37
C GLY B 113 -46.44 0.64 -16.63
N LEU B 114 -46.73 -0.64 -16.66
CA LEU B 114 -46.32 -1.42 -17.78
C LEU B 114 -47.49 -1.72 -18.69
N THR B 115 -47.26 -1.70 -20.01
CA THR B 115 -48.12 -2.31 -21.01
C THR B 115 -47.30 -3.05 -22.08
N PHE B 116 -47.94 -3.96 -22.80
CA PHE B 116 -47.23 -4.69 -23.87
C PHE B 116 -47.01 -3.77 -25.03
N ASN B 117 -45.82 -3.84 -25.62
CA ASN B 117 -45.52 -3.04 -26.76
C ASN B 117 -46.17 -3.65 -28.01
N SER B 118 -47.12 -2.94 -28.65
CA SER B 118 -47.75 -3.37 -29.96
C SER B 118 -47.56 -2.31 -31.09
N SER B 119 -48.55 -2.19 -31.99
CA SER B 119 -48.63 -0.99 -32.87
C SER B 119 -49.28 0.30 -32.25
N GLU B 120 -50.60 0.28 -31.98
CA GLU B 120 -51.41 1.37 -31.28
C GLU B 120 -51.37 2.79 -31.89
N ASN B 121 -50.14 3.29 -32.08
CA ASN B 121 -49.73 4.29 -33.11
C ASN B 121 -50.12 5.75 -32.84
N ARG B 123 -52.28 6.30 -33.42
CA ARG B 123 -53.06 7.52 -33.26
C ARG B 123 -53.34 7.90 -31.78
N ASP B 124 -53.12 9.18 -31.50
CA ASP B 124 -53.38 9.73 -30.22
C ASP B 124 -54.88 9.58 -29.99
N LYS B 125 -55.30 9.09 -28.83
CA LYS B 125 -56.70 9.22 -28.40
C LYS B 125 -56.86 10.34 -27.37
N LEU B 126 -57.96 11.07 -27.40
CA LEU B 126 -58.15 12.18 -26.52
C LEU B 126 -59.07 11.76 -25.46
N ILE B 127 -58.82 12.12 -24.18
CA ILE B 127 -59.84 11.82 -23.20
C ILE B 127 -60.15 13.09 -22.46
N THR B 128 -61.42 13.27 -22.14
CA THR B 128 -61.85 14.44 -21.46
C THR B 128 -61.97 14.18 -19.95
N VAL B 129 -61.49 15.14 -19.16
CA VAL B 129 -61.57 15.04 -17.73
C VAL B 129 -62.52 16.15 -17.24
N GLN B 130 -63.64 15.79 -16.63
CA GLN B 130 -64.58 16.73 -16.07
C GLN B 130 -64.21 17.11 -14.64
N VAL B 131 -63.94 18.39 -14.40
CA VAL B 131 -63.60 18.83 -13.06
C VAL B 131 -64.78 19.55 -12.38
N THR B 132 -65.02 19.19 -11.11
CA THR B 132 -66.11 19.72 -10.31
C THR B 132 -65.44 20.40 -9.13
N ILE B 133 -65.79 21.66 -8.86
CA ILE B 133 -65.20 22.39 -7.76
C ILE B 133 -66.31 22.96 -6.87
N ASP B 134 -66.22 22.66 -5.57
CA ASP B 134 -67.27 22.95 -4.62
C ASP B 134 -68.62 22.66 -5.27
N ASN B 135 -68.73 21.48 -5.87
CA ASN B 135 -70.00 20.96 -6.37
C ASN B 135 -70.57 21.58 -7.65
N ARG B 136 -69.83 22.52 -8.23
CA ARG B 136 -70.20 23.05 -9.53
C ARG B 136 -69.27 22.48 -10.64
N GLN B 137 -69.86 21.74 -11.59
CA GLN B 137 -69.06 21.22 -12.71
C GLN B 137 -68.65 22.38 -13.64
N SER B 138 -67.51 23.02 -13.39
CA SER B 138 -67.18 24.23 -14.06
C SER B 138 -65.97 24.25 -14.99
N LEU B 139 -65.49 23.09 -15.44
CA LEU B 139 -64.18 23.01 -16.10
C LEU B 139 -63.98 21.61 -16.64
N GLY B 140 -63.16 21.49 -17.69
CA GLY B 140 -62.89 20.21 -18.33
C GLY B 140 -61.65 20.44 -19.10
N PHE B 141 -60.92 19.40 -19.43
CA PHE B 141 -59.65 19.61 -20.16
C PHE B 141 -59.32 18.24 -20.68
N THR B 142 -58.53 18.13 -21.72
CA THR B 142 -58.37 16.83 -22.33
C THR B 142 -56.96 16.34 -22.08
N ILE B 143 -56.77 15.03 -22.05
CA ILE B 143 -55.45 14.48 -22.03
C ILE B 143 -55.40 13.55 -23.20
N THR B 144 -54.20 13.29 -23.62
CA THR B 144 -54.07 12.50 -24.75
C THR B 144 -53.05 11.42 -24.43
N THR B 145 -53.36 10.21 -24.90
CA THR B 145 -52.41 9.11 -24.85
C THR B 145 -52.41 8.38 -26.18
N ASN B 146 -51.29 7.81 -26.57
CA ASN B 146 -51.45 6.96 -27.73
C ASN B 146 -51.46 5.48 -27.44
N LYS B 147 -52.13 5.04 -26.38
CA LYS B 147 -52.20 3.64 -26.14
C LYS B 147 -53.62 3.20 -26.13
N ASN B 148 -53.95 2.08 -26.74
CA ASN B 148 -55.33 1.65 -26.70
C ASN B 148 -55.64 1.12 -25.34
N MET B 149 -54.78 0.26 -24.84
CA MET B 149 -54.85 -0.18 -23.45
C MET B 149 -53.80 0.66 -22.71
N VAL B 150 -54.24 1.37 -21.68
CA VAL B 150 -53.39 2.32 -21.05
C VAL B 150 -53.46 2.10 -19.53
N THR B 151 -52.36 2.23 -18.80
CA THR B 151 -52.50 2.08 -17.38
C THR B 151 -53.20 3.30 -16.84
N ILE B 152 -53.95 3.09 -15.76
CA ILE B 152 -54.54 4.18 -14.98
C ILE B 152 -53.44 5.25 -14.57
N GLN B 153 -52.24 4.77 -14.21
CA GLN B 153 -51.17 5.64 -13.80
C GLN B 153 -50.95 6.71 -14.89
N GLU B 154 -50.89 6.28 -16.15
CA GLU B 154 -50.56 7.23 -17.20
C GLU B 154 -51.68 8.28 -17.21
N LEU B 155 -52.90 7.84 -17.12
CA LEU B 155 -53.99 8.81 -17.10
C LEU B 155 -54.02 9.72 -15.86
N ASP B 156 -53.78 9.14 -14.66
CA ASP B 156 -53.88 9.91 -13.41
C ASP B 156 -52.78 10.97 -13.49
N TYR B 157 -51.56 10.54 -13.78
CA TYR B 157 -50.43 11.44 -13.93
C TYR B 157 -50.78 12.60 -14.87
N LYS B 158 -51.20 12.29 -16.09
CA LYS B 158 -51.43 13.40 -17.03
C LYS B 158 -52.52 14.31 -16.55
N ALA B 159 -53.55 13.75 -15.94
CA ALA B 159 -54.61 14.60 -15.36
C ALA B 159 -54.08 15.38 -14.17
N ARG B 160 -53.20 14.78 -13.36
CA ARG B 160 -52.79 15.52 -12.15
C ARG B 160 -51.81 16.57 -12.59
N HIS B 161 -51.05 16.26 -13.62
CA HIS B 161 -50.08 17.21 -14.18
C HIS B 161 -50.75 18.50 -14.64
N TRP B 162 -51.80 18.36 -15.40
CA TRP B 162 -52.48 19.49 -15.90
C TRP B 162 -52.94 20.34 -14.76
N LEU B 163 -53.65 19.73 -13.80
CA LEU B 163 -54.27 20.49 -12.73
C LEU B 163 -53.20 21.11 -11.87
N THR B 164 -52.03 20.48 -11.86
CA THR B 164 -51.00 21.09 -11.05
C THR B 164 -50.43 22.33 -11.74
N LYS B 165 -50.28 22.28 -13.07
CA LYS B 165 -49.69 23.39 -13.81
C LYS B 165 -50.68 24.57 -13.86
N GLU B 166 -51.96 24.23 -14.02
CA GLU B 166 -53.00 25.17 -14.42
C GLU B 166 -53.93 25.56 -13.31
N LYS B 167 -54.13 24.72 -12.28
CA LYS B 167 -55.10 25.04 -11.26
C LYS B 167 -54.55 24.94 -9.87
N LYS B 168 -53.23 24.93 -9.73
CA LYS B 168 -52.63 24.86 -8.37
C LYS B 168 -53.13 23.71 -7.50
N LEU B 169 -53.36 22.56 -8.11
CA LEU B 169 -53.73 21.35 -7.35
C LEU B 169 -52.71 21.11 -6.22
N TYR B 170 -51.43 21.19 -6.55
CA TYR B 170 -50.41 20.97 -5.55
C TYR B 170 -49.47 22.17 -5.58
N GLU B 171 -49.33 22.88 -4.46
CA GLU B 171 -48.26 23.88 -4.40
C GLU B 171 -47.22 23.51 -3.34
N PHE B 172 -46.07 24.14 -3.33
CA PHE B 172 -45.06 23.91 -2.35
C PHE B 172 -45.58 23.79 -0.92
N ASP B 173 -46.41 24.77 -0.55
CA ASP B 173 -46.92 24.78 0.78
C ASP B 173 -48.41 24.81 0.82
N GLY B 174 -49.04 24.01 -0.02
CA GLY B 174 -50.49 23.82 0.10
C GLY B 174 -51.07 23.58 -1.27
N SER B 175 -52.21 24.21 -1.50
CA SER B 175 -52.96 23.95 -2.69
C SER B 175 -54.05 25.00 -2.78
N ALA B 176 -54.64 25.15 -3.94
CA ALA B 176 -55.81 25.98 -4.04
C ALA B 176 -57.00 25.31 -3.36
N PHE B 177 -56.86 24.03 -3.03
CA PHE B 177 -58.04 23.29 -2.57
C PHE B 177 -57.76 22.78 -1.18
N GLU B 178 -58.78 22.29 -0.46
CA GLU B 178 -58.62 21.60 0.84
C GLU B 178 -58.56 20.04 0.75
N SER B 179 -59.23 19.49 -0.25
CA SER B 179 -59.48 18.05 -0.36
C SER B 179 -60.07 17.69 -1.73
N GLY B 180 -60.00 16.40 -2.11
CA GLY B 180 -60.74 15.97 -3.27
C GLY B 180 -60.18 14.70 -3.84
N TYR B 181 -60.86 14.18 -4.85
CA TYR B 181 -60.53 12.87 -5.42
C TYR B 181 -60.71 12.69 -6.96
N ILE B 182 -60.06 11.69 -7.54
CA ILE B 182 -60.15 11.47 -8.97
C ILE B 182 -60.83 10.13 -9.09
N LYS B 183 -61.87 10.11 -9.90
CA LYS B 183 -62.72 8.97 -10.00
C LYS B 183 -62.62 8.42 -11.43
N PHE B 184 -62.49 7.11 -11.54
CA PHE B 184 -62.36 6.50 -12.86
C PHE B 184 -63.54 5.55 -13.03
N THR B 185 -64.24 5.62 -14.17
CA THR B 185 -65.40 4.76 -14.40
C THR B 185 -65.20 4.05 -15.77
N GLU B 186 -65.18 2.71 -15.73
CA GLU B 186 -64.98 1.90 -16.93
C GLU B 186 -66.31 1.64 -17.65
N LYS B 187 -66.21 1.25 -18.91
CA LYS B 187 -67.36 0.96 -19.79
C LYS B 187 -68.46 0.07 -19.13
N ASN B 188 -68.09 -0.94 -18.35
CA ASN B 188 -69.03 -1.78 -17.59
C ASN B 188 -69.61 -1.19 -16.31
N ASN B 189 -69.30 0.08 -16.01
CA ASN B 189 -69.76 0.83 -14.83
C ASN B 189 -69.11 0.46 -13.50
N THR B 190 -67.96 -0.23 -13.53
CA THR B 190 -67.28 -0.36 -12.28
C THR B 190 -66.40 0.89 -12.16
N SER B 191 -66.05 1.26 -10.94
CA SER B 191 -65.34 2.47 -10.81
C SER B 191 -64.59 2.49 -9.53
N PHE B 192 -63.71 3.47 -9.36
CA PHE B 192 -62.82 3.52 -8.20
C PHE B 192 -62.17 4.86 -8.20
N TRP B 193 -61.61 5.26 -7.07
CA TRP B 193 -61.07 6.57 -6.91
C TRP B 193 -59.86 6.60 -6.02
N PHE B 194 -59.24 7.76 -5.96
CA PHE B 194 -57.99 7.99 -5.26
C PHE B 194 -58.12 9.35 -4.68
N ASP B 195 -57.80 9.43 -3.42
CA ASP B 195 -57.76 10.68 -2.71
C ASP B 195 -56.59 11.42 -3.33
N LEU B 196 -56.81 12.68 -3.70
CA LEU B 196 -55.69 13.46 -4.28
C LEU B 196 -54.68 13.91 -3.28
N PHE B 197 -55.02 13.89 -2.00
CA PHE B 197 -54.02 14.41 -1.07
C PHE B 197 -53.40 13.40 -0.07
N PRO B 198 -52.20 13.65 0.41
CA PRO B 198 -51.60 12.70 1.36
C PRO B 198 -52.33 12.56 2.74
N LYS B 199 -52.23 11.38 3.31
CA LYS B 199 -52.59 11.16 4.73
C LYS B 199 -51.83 12.10 5.66
N LYS B 200 -52.55 12.71 6.60
CA LYS B 200 -51.88 13.61 7.51
C LYS B 200 -50.64 13.04 8.19
N GLU B 201 -50.57 11.73 8.45
CA GLU B 201 -49.43 11.09 9.15
C GLU B 201 -48.20 10.90 8.29
N LEU B 202 -48.33 11.24 7.01
CA LEU B 202 -47.33 10.84 6.06
C LEU B 202 -46.24 11.91 5.96
N VAL B 203 -45.59 12.20 7.10
CA VAL B 203 -44.53 13.22 7.24
C VAL B 203 -43.40 12.58 8.04
N PRO B 204 -42.20 12.56 7.50
CA PRO B 204 -41.82 13.04 6.17
C PRO B 204 -42.72 12.34 5.12
N PHE B 205 -42.84 12.93 3.94
CA PHE B 205 -43.53 12.28 2.85
C PHE B 205 -42.81 11.03 2.40
N VAL B 206 -43.40 9.86 2.62
CA VAL B 206 -42.76 8.65 2.10
C VAL B 206 -43.36 8.23 0.75
N PRO B 207 -42.66 8.48 -0.36
CA PRO B 207 -43.28 8.38 -1.70
C PRO B 207 -43.85 7.04 -1.94
N TYR B 208 -43.14 5.99 -1.55
CA TYR B 208 -43.65 4.63 -1.80
C TYR B 208 -45.01 4.38 -1.15
N LYS B 209 -45.42 5.08 -0.09
CA LYS B 209 -46.74 4.82 0.41
C LYS B 209 -47.81 5.63 -0.25
N PHE B 210 -47.42 6.54 -1.11
CA PHE B 210 -48.38 7.32 -1.89
C PHE B 210 -48.49 6.69 -3.29
N LEU B 211 -47.36 6.34 -3.92
CA LEU B 211 -47.40 5.74 -5.25
C LEU B 211 -47.84 4.29 -5.32
N ASN B 212 -48.08 3.64 -4.16
CA ASN B 212 -48.33 2.21 -4.25
C ASN B 212 -49.67 1.84 -4.75
N ILE B 213 -50.56 2.78 -4.81
CA ILE B 213 -51.81 2.61 -5.52
C ILE B 213 -51.61 2.26 -7.02
N TYR B 214 -50.45 2.54 -7.61
CA TYR B 214 -50.24 2.19 -9.00
C TYR B 214 -49.69 0.76 -9.14
N GLY B 215 -49.29 0.20 -8.01
CA GLY B 215 -48.84 -1.17 -8.03
C GLY B 215 -49.72 -2.26 -8.61
N ASP B 216 -51.02 -2.09 -8.68
CA ASP B 216 -51.85 -3.13 -9.32
C ASP B 216 -51.64 -3.15 -10.82
N ASN B 217 -50.87 -2.18 -11.32
CA ASN B 217 -50.73 -2.05 -12.79
C ASN B 217 -52.11 -2.19 -13.53
N LYS B 218 -53.15 -1.52 -13.02
CA LYS B 218 -54.43 -1.54 -13.67
C LYS B 218 -54.35 -0.85 -15.03
N VAL B 219 -55.04 -1.46 -16.00
CA VAL B 219 -54.95 -1.14 -17.43
C VAL B 219 -56.39 -0.98 -17.93
N VAL B 220 -56.66 0.07 -18.70
CA VAL B 220 -58.02 0.33 -19.20
C VAL B 220 -58.01 0.71 -20.67
N ASP B 221 -59.19 0.71 -21.24
CA ASP B 221 -59.45 1.04 -22.61
C ASP B 221 -59.54 2.59 -22.71
N SER B 222 -58.57 3.18 -23.39
CA SER B 222 -58.55 4.64 -23.58
C SER B 222 -59.74 5.20 -24.33
N LYS B 223 -60.33 4.35 -25.17
CA LYS B 223 -61.46 4.74 -25.99
C LYS B 223 -62.65 4.97 -25.10
N SER B 224 -62.76 4.24 -24.00
CA SER B 224 -64.04 4.34 -23.27
C SER B 224 -63.94 4.93 -21.88
N ILE B 225 -62.75 4.98 -21.27
CA ILE B 225 -62.61 5.32 -19.85
C ILE B 225 -63.28 6.65 -19.52
N LYS B 226 -64.00 6.76 -18.42
CA LYS B 226 -64.56 8.03 -17.99
C LYS B 226 -63.67 8.54 -16.85
N MET B 227 -63.41 9.86 -16.83
CA MET B 227 -62.52 10.48 -15.85
C MET B 227 -63.11 11.67 -15.18
N GLU B 228 -63.23 11.64 -13.85
CA GLU B 228 -63.87 12.77 -13.15
C GLU B 228 -63.07 13.28 -11.91
N VAL B 229 -62.89 14.58 -11.75
CA VAL B 229 -62.13 14.96 -10.60
C VAL B 229 -63.05 15.78 -9.71
N PHE B 230 -63.07 15.55 -8.38
CA PHE B 230 -63.92 16.38 -7.51
C PHE B 230 -63.08 17.15 -6.51
N LEU B 231 -63.26 18.46 -6.41
CA LEU B 231 -62.42 19.21 -5.49
C LEU B 231 -63.26 20.11 -4.57
N ASN B 232 -62.74 20.45 -3.40
CA ASN B 232 -63.38 21.29 -2.41
C ASN B 232 -62.38 22.29 -1.97
N THR B 233 -62.75 23.57 -2.05
CA THR B 233 -61.86 24.60 -1.53
C THR B 233 -62.12 24.70 -0.04
N HIS B 234 -61.31 25.49 0.64
CA HIS B 234 -61.50 25.75 2.11
C HIS B 234 -62.86 26.36 2.51
N ALA C 4 20.53 18.29 -1.72
CA ALA C 4 19.20 17.70 -1.36
C ALA C 4 18.07 18.77 -1.40
N ALA C 5 18.46 20.02 -1.07
CA ALA C 5 17.67 21.21 -1.32
C ALA C 5 18.65 22.38 -1.45
N VAL C 6 19.07 22.91 -0.31
CA VAL C 6 19.87 24.11 -0.25
C VAL C 6 20.90 24.31 -1.36
N THR C 7 20.67 25.28 -2.25
CA THR C 7 21.64 25.54 -3.26
C THR C 7 22.14 26.98 -3.19
N GLN C 8 23.46 27.20 -3.23
CA GLN C 8 24.10 28.53 -3.20
C GLN C 8 24.45 29.00 -4.61
N SER C 9 24.77 30.29 -4.74
CA SER C 9 24.87 30.88 -6.07
C SER C 9 25.38 32.28 -5.91
N PRO C 10 26.51 32.65 -6.56
CA PRO C 10 27.37 31.77 -7.36
C PRO C 10 28.24 30.83 -6.45
N ARG C 11 28.83 29.79 -7.06
CA ARG C 11 29.68 28.89 -6.34
C ARG C 11 31.07 29.49 -6.14
N ASN C 12 31.46 30.36 -7.09
CA ASN C 12 32.73 31.13 -7.07
C ASN C 12 32.55 32.57 -7.52
N LYS C 13 33.28 33.46 -6.88
CA LYS C 13 33.45 34.77 -7.42
C LYS C 13 34.67 35.41 -6.85
N VAL C 14 35.00 36.45 -7.58
CA VAL C 14 36.15 37.27 -7.39
C VAL C 14 35.58 38.66 -7.53
N ALA C 15 36.17 39.59 -6.78
CA ALA C 15 35.71 40.95 -6.79
C ALA C 15 36.77 41.82 -6.14
N VAL C 16 36.54 43.14 -6.20
CA VAL C 16 37.55 44.12 -5.85
C VAL C 16 37.13 44.89 -4.63
N THR C 17 38.11 45.22 -3.78
CA THR C 17 37.92 46.09 -2.62
C THR C 17 36.88 47.21 -2.82
N GLY C 18 35.66 47.00 -2.29
CA GLY C 18 34.61 48.02 -2.33
C GLY C 18 33.46 47.67 -3.25
N GLU C 19 33.50 46.49 -3.85
CA GLU C 19 32.33 46.00 -4.60
C GLU C 19 31.16 45.58 -3.65
N LYS C 20 29.94 45.61 -4.18
CA LYS C 20 28.75 45.21 -3.44
C LYS C 20 28.37 43.86 -3.96
N VAL C 21 28.60 42.86 -3.12
CA VAL C 21 28.46 41.45 -3.48
C VAL C 21 27.23 40.76 -2.82
N THR C 22 26.49 40.00 -3.59
CA THR C 22 25.29 39.39 -3.07
C THR C 22 25.31 37.94 -3.31
N LEU C 23 25.43 37.18 -2.19
CA LEU C 23 25.34 35.73 -2.22
C LEU C 23 23.90 35.24 -2.06
N SER C 24 23.37 34.49 -3.02
CA SER C 24 22.06 33.85 -2.83
C SER C 24 22.17 32.48 -2.24
N CYS C 25 21.17 32.09 -1.46
CA CYS C 25 21.02 30.74 -0.99
C CYS C 25 19.55 30.48 -1.02
N GLN C 26 19.13 29.40 -1.68
CA GLN C 26 17.74 29.09 -1.95
C GLN C 26 17.51 27.73 -1.32
N GLN C 27 16.39 27.43 -0.71
CA GLN C 27 16.23 26.13 -0.09
C GLN C 27 14.94 25.54 -0.55
N THR C 28 14.71 24.25 -0.36
CA THR C 28 13.45 23.65 -0.79
C THR C 28 12.84 22.82 0.34
N ASN C 29 13.39 22.97 1.53
CA ASN C 29 12.85 22.20 2.64
C ASN C 29 11.61 22.81 3.34
N ASN C 30 11.23 24.05 3.00
CA ASN C 30 10.19 24.72 3.76
C ASN C 30 10.55 24.85 5.26
N HIS C 31 11.78 25.23 5.57
CA HIS C 31 12.20 25.44 6.95
C HIS C 31 12.06 26.90 7.31
N ASN C 32 11.79 27.22 8.56
CA ASN C 32 11.71 28.62 8.87
C ASN C 32 13.06 29.28 9.03
N ASN C 33 14.04 28.53 9.49
CA ASN C 33 15.30 29.14 9.83
C ASN C 33 16.37 28.99 8.74
N MET C 34 17.21 30.00 8.58
CA MET C 34 18.21 29.93 7.56
C MET C 34 19.44 30.62 8.10
N TYR C 35 20.60 30.23 7.57
CA TYR C 35 21.85 30.72 8.12
C TYR C 35 22.93 30.97 7.08
N TRP C 36 23.80 31.93 7.35
CA TRP C 36 24.95 32.24 6.52
C TRP C 36 26.14 32.24 7.47
N TYR C 37 27.09 31.33 7.20
CA TYR C 37 28.34 31.31 7.92
C TYR C 37 29.53 31.66 6.97
N ARG C 38 30.68 31.99 7.56
CA ARG C 38 31.93 31.90 6.80
C ARG C 38 32.87 30.79 7.33
N GLN C 39 33.63 30.17 6.42
CA GLN C 39 34.63 29.17 6.82
C GLN C 39 36.07 29.56 6.53
N ASP C 40 36.89 29.49 7.56
CA ASP C 40 38.22 30.07 7.56
C ASP C 40 39.08 29.19 8.44
N THR C 41 40.26 28.83 7.91
CA THR C 41 40.83 27.55 8.28
C THR C 41 41.17 27.40 9.79
N GLY C 42 41.59 28.45 10.49
CA GLY C 42 41.76 28.22 11.94
C GLY C 42 40.48 28.24 12.78
N HIS C 43 39.33 28.53 12.14
CA HIS C 43 38.14 28.99 12.88
C HIS C 43 36.88 28.18 12.72
N GLY C 44 36.85 27.20 11.82
CA GLY C 44 35.64 26.42 11.50
C GLY C 44 34.57 27.34 10.88
N LEU C 45 33.29 26.92 10.93
CA LEU C 45 32.17 27.77 10.57
C LEU C 45 31.93 28.80 11.66
N ARG C 46 31.79 30.08 11.29
CA ARG C 46 31.30 31.03 12.26
C ARG C 46 30.10 31.85 11.74
N LEU C 47 29.09 32.06 12.58
CA LEU C 47 27.79 32.55 12.09
C LEU C 47 27.77 34.02 11.85
N ILE C 48 27.21 34.43 10.72
CA ILE C 48 27.17 35.86 10.36
C ILE C 48 25.81 36.55 10.63
N HIS C 49 24.75 36.09 9.94
CA HIS C 49 23.37 36.47 10.21
C HIS C 49 22.56 35.25 9.98
N TYR C 50 21.42 35.19 10.67
CA TYR C 50 20.48 34.12 10.44
C TYR C 50 19.15 34.77 10.39
N SER C 51 18.10 33.95 10.23
CA SER C 51 16.82 34.41 9.99
C SER C 51 15.84 33.37 10.38
N TYR C 52 14.88 33.74 11.25
CA TYR C 52 13.80 32.89 11.71
C TYR C 52 12.53 32.99 10.89
N GLY C 53 12.52 33.70 9.78
CA GLY C 53 11.30 33.73 8.95
C GLY C 53 11.38 34.86 7.96
N VAL C 54 10.40 35.03 7.07
CA VAL C 54 10.52 36.07 6.03
C VAL C 54 10.43 37.43 6.63
N GLY C 55 11.22 38.39 6.19
CA GLY C 55 11.22 39.70 6.84
C GLY C 55 12.15 39.77 8.04
N ASN C 56 12.61 38.63 8.53
CA ASN C 56 13.45 38.66 9.72
C ASN C 56 14.91 38.36 9.43
N THR C 57 15.83 39.06 10.06
CA THR C 57 17.18 38.59 10.04
C THR C 57 17.76 38.97 11.39
N GLU C 58 18.70 38.16 11.88
CA GLU C 58 19.32 38.40 13.18
C GLU C 58 20.85 38.24 13.10
N LYS C 59 21.56 38.90 13.99
CA LYS C 59 23.02 38.80 14.01
C LYS C 59 23.52 37.51 14.60
N GLY C 60 24.47 36.90 13.85
CA GLY C 60 25.28 35.81 14.35
C GLY C 60 26.41 36.39 15.18
N ASP C 61 27.52 35.67 15.33
CA ASP C 61 28.62 36.15 16.20
C ASP C 61 29.60 37.15 15.54
N ILE C 62 29.59 37.25 14.22
CA ILE C 62 30.51 38.12 13.52
C ILE C 62 29.76 38.82 12.40
N PRO C 63 28.76 39.64 12.72
CA PRO C 63 27.97 40.24 11.62
C PRO C 63 28.65 41.46 10.95
N ASP C 64 29.57 42.12 11.66
CA ASP C 64 30.15 43.40 11.20
C ASP C 64 30.57 43.35 9.73
N GLY C 65 30.19 44.35 8.96
CA GLY C 65 30.56 44.34 7.58
C GLY C 65 29.60 43.55 6.73
N TYR C 66 28.69 42.79 7.33
CA TYR C 66 27.69 42.19 6.43
C TYR C 66 26.32 42.71 6.71
N GLU C 67 25.45 42.60 5.72
CA GLU C 67 24.01 42.74 5.88
C GLU C 67 23.39 41.44 5.36
N ALA C 68 22.06 41.28 5.52
CA ALA C 68 21.33 40.06 5.04
C ALA C 68 19.93 40.44 4.72
N SER C 69 19.20 39.59 3.99
CA SER C 69 17.85 39.88 3.61
C SER C 69 17.10 38.59 3.47
N ARG C 70 15.84 38.52 3.90
CA ARG C 70 15.08 37.31 3.71
C ARG C 70 13.84 37.63 2.98
N PRO C 71 13.98 37.96 1.71
CA PRO C 71 12.87 38.56 0.99
C PRO C 71 11.74 37.56 0.81
N SER C 72 12.01 36.25 0.94
CA SER C 72 10.92 35.23 0.86
C SER C 72 11.22 33.92 1.60
N HIS C 73 10.22 33.05 1.67
CA HIS C 73 10.40 31.84 2.47
C HIS C 73 11.64 31.03 2.10
N GLU C 74 11.89 30.89 0.79
CA GLU C 74 12.91 29.99 0.27
C GLU C 74 14.26 30.67 0.09
N GLN C 75 14.34 31.97 0.32
CA GLN C 75 15.56 32.68 -0.09
C GLN C 75 16.18 33.56 0.96
N PHE C 76 17.50 33.61 1.00
CA PHE C 76 18.14 34.30 2.05
C PHE C 76 19.50 34.78 1.59
N SER C 77 19.75 36.09 1.59
CA SER C 77 20.87 36.60 0.87
C SER C 77 21.83 37.28 1.79
N LEU C 78 23.11 37.07 1.55
CA LEU C 78 24.13 37.80 2.30
C LEU C 78 24.64 38.95 1.43
N ILE C 79 25.00 40.05 2.06
CA ILE C 79 25.32 41.23 1.31
C ILE C 79 26.50 41.88 1.99
N LEU C 80 27.62 42.02 1.27
CA LEU C 80 28.75 42.85 1.73
C LEU C 80 28.58 44.21 1.04
N VAL C 81 28.37 45.26 1.84
CA VAL C 81 28.03 46.58 1.29
C VAL C 81 29.13 47.04 0.29
N SER C 82 30.36 47.18 0.82
CA SER C 82 31.57 47.34 0.03
C SER C 82 32.72 46.37 0.49
N ALA C 83 32.98 45.37 -0.35
CA ALA C 83 33.85 44.25 0.00
C ALA C 83 35.19 44.67 0.51
N THR C 84 35.78 43.81 1.33
CA THR C 84 37.16 44.00 1.74
C THR C 84 37.91 42.65 1.71
N PRO C 85 39.17 42.66 1.25
CA PRO C 85 40.03 41.48 1.16
C PRO C 85 39.86 40.46 2.32
N SER C 86 39.70 40.98 3.55
CA SER C 86 39.51 40.16 4.77
C SER C 86 38.16 39.44 4.76
N GLN C 87 37.26 39.83 3.87
CA GLN C 87 36.04 39.07 3.72
C GLN C 87 36.17 37.98 2.69
N SER C 88 37.37 37.76 2.20
CA SER C 88 37.63 36.62 1.32
C SER C 88 37.54 35.37 2.16
N SER C 89 36.79 34.38 1.66
CA SER C 89 36.40 33.26 2.50
C SER C 89 35.58 32.27 1.74
N VAL C 90 35.19 31.19 2.42
CA VAL C 90 34.21 30.28 1.82
C VAL C 90 32.95 30.45 2.65
N TYR C 91 31.82 30.73 1.98
CA TYR C 91 30.58 31.04 2.62
C TYR C 91 29.64 29.85 2.55
N PHE C 92 29.06 29.52 3.70
CA PHE C 92 28.13 28.44 3.72
C PHE C 92 26.82 28.93 4.24
N CYS C 93 25.80 28.47 3.54
CA CYS C 93 24.43 28.77 3.82
C CYS C 93 23.85 27.50 4.42
N ALA C 94 22.87 27.66 5.31
CA ALA C 94 22.13 26.49 5.81
C ALA C 94 20.70 26.81 6.15
N SER C 95 19.86 25.79 6.10
CA SER C 95 18.54 25.94 6.63
C SER C 95 18.35 24.93 7.77
N GLY C 96 17.30 25.08 8.58
CA GLY C 96 17.13 24.21 9.75
C GLY C 96 15.77 24.17 10.39
N VAL C 97 15.50 23.09 11.13
CA VAL C 97 14.31 22.91 11.97
C VAL C 97 14.60 22.34 13.35
N GLY C 98 14.97 21.09 13.47
CA GLY C 98 14.90 20.58 14.85
C GLY C 98 16.11 21.08 15.62
N GLY C 99 16.91 20.13 16.10
CA GLY C 99 18.32 20.41 16.17
C GLY C 99 18.96 19.95 14.86
N THR C 100 18.20 19.99 13.77
CA THR C 100 18.77 19.63 12.51
C THR C 100 19.12 20.79 11.51
N LEU C 101 20.28 20.71 10.89
CA LEU C 101 20.84 21.75 10.03
C LEU C 101 21.25 21.12 8.64
N TYR C 102 20.97 21.83 7.54
CA TYR C 102 21.20 21.35 6.19
C TYR C 102 22.03 22.35 5.45
N PHE C 103 23.30 22.04 5.26
CA PHE C 103 24.17 22.90 4.51
C PHE C 103 24.06 22.77 3.00
N GLY C 104 24.52 23.81 2.33
CA GLY C 104 24.76 23.72 0.93
C GLY C 104 26.26 23.66 0.60
N ALA C 105 26.56 23.70 -0.71
CA ALA C 105 27.84 23.25 -1.18
C ALA C 105 28.96 24.23 -0.91
N GLY C 106 28.64 25.49 -0.66
CA GLY C 106 29.69 26.47 -0.35
C GLY C 106 29.95 27.43 -1.48
N THR C 107 30.69 28.49 -1.18
CA THR C 107 30.92 29.55 -2.13
C THR C 107 32.30 30.15 -1.90
N ARG C 108 33.17 29.98 -2.89
CA ARG C 108 34.52 30.48 -2.71
C ARG C 108 34.43 31.88 -3.22
N LEU C 109 35.00 32.80 -2.46
CA LEU C 109 35.01 34.18 -2.85
C LEU C 109 36.27 34.84 -2.38
N SER C 110 36.88 35.58 -3.32
CA SER C 110 38.08 36.38 -3.05
C SER C 110 37.86 37.81 -3.46
N VAL C 111 38.39 38.69 -2.63
CA VAL C 111 38.26 40.14 -2.79
C VAL C 111 39.66 40.70 -3.00
N LEU C 112 39.96 41.03 -4.26
CA LEU C 112 41.31 41.56 -4.61
C LEU C 112 41.55 43.06 -4.24
N ALA D 1 -5.72 59.04 28.77
CA ALA D 1 -4.72 60.08 28.42
C ALA D 1 -3.25 59.60 28.68
N GLN D 2 -2.46 59.46 27.60
CA GLN D 2 -0.96 59.34 27.76
C GLN D 2 -0.17 60.66 27.37
N PRO D 3 0.47 61.31 28.38
CA PRO D 3 1.29 62.53 28.27
C PRO D 3 2.56 62.35 27.44
N ASP D 4 3.00 63.43 26.79
CA ASP D 4 4.20 63.39 25.94
C ASP D 4 5.46 62.94 26.67
N PRO D 5 6.24 62.08 26.04
CA PRO D 5 7.36 61.41 26.65
C PRO D 5 8.59 62.30 26.98
N LYS D 6 9.20 62.12 28.16
CA LYS D 6 10.50 62.74 28.47
C LYS D 6 11.60 62.02 27.71
N LEU D 7 12.74 62.68 27.51
CA LEU D 7 13.82 62.00 26.81
C LEU D 7 14.19 60.67 27.48
N ASP D 8 14.28 60.59 28.80
CA ASP D 8 14.72 59.30 29.36
C ASP D 8 13.62 58.23 29.32
N GLU D 9 12.45 58.55 28.77
CA GLU D 9 11.46 57.49 28.61
C GLU D 9 11.59 56.72 27.26
N LEU D 10 12.34 57.25 26.29
CA LEU D 10 12.33 56.64 24.96
C LEU D 10 13.36 55.54 24.75
N ASN D 11 13.04 54.56 23.93
CA ASN D 11 14.01 53.54 23.63
C ASN D 11 15.11 54.11 22.79
N LYS D 12 16.28 53.50 22.95
CA LYS D 12 17.43 54.02 22.30
C LYS D 12 17.88 53.06 21.26
N VAL D 13 18.10 53.60 20.07
CA VAL D 13 18.82 52.91 19.00
C VAL D 13 20.12 52.25 19.48
N SER D 14 20.97 52.99 20.18
CA SER D 14 22.19 52.32 20.68
C SER D 14 22.01 51.15 21.67
N ASP D 15 21.00 51.21 22.55
CA ASP D 15 20.65 50.03 23.34
C ASP D 15 20.17 48.85 22.44
N TYR D 16 19.49 49.14 21.36
CA TYR D 16 19.07 48.00 20.62
C TYR D 16 20.29 47.29 20.04
N LYS D 17 21.13 48.06 19.34
CA LYS D 17 22.40 47.69 18.74
C LYS D 17 23.29 46.88 19.72
N SER D 18 23.50 47.41 20.91
CA SER D 18 24.38 46.75 21.84
C SER D 18 23.72 45.53 22.49
N ASN D 19 22.40 45.39 22.40
CA ASN D 19 21.81 44.09 22.76
C ASN D 19 21.68 43.13 21.61
N LYS D 20 22.47 43.34 20.56
CA LYS D 20 22.61 42.47 19.36
C LYS D 20 21.37 42.46 18.44
N GLY D 21 20.54 43.50 18.49
CA GLY D 21 19.37 43.56 17.63
C GLY D 21 19.69 44.16 16.29
N THR D 22 18.82 43.93 15.31
CA THR D 22 19.04 44.33 13.94
C THR D 22 17.90 45.28 13.62
N MET D 23 18.25 46.55 13.47
CA MET D 23 17.26 47.58 13.32
C MET D 23 16.55 47.40 11.99
N GLY D 24 17.20 46.62 11.14
CA GLY D 24 16.72 46.34 9.78
C GLY D 24 15.39 45.65 9.80
N ASN D 25 15.10 44.96 10.89
CA ASN D 25 13.81 44.29 10.97
C ASN D 25 12.65 45.27 11.05
N VAL D 26 12.89 46.44 11.65
CA VAL D 26 11.91 47.50 11.74
C VAL D 26 11.87 48.20 10.40
N MET D 27 13.04 48.41 9.82
CA MET D 27 13.12 48.95 8.44
C MET D 27 12.20 48.24 7.46
N ASN D 28 12.25 46.92 7.47
CA ASN D 28 11.47 46.15 6.54
C ASN D 28 10.01 46.43 6.67
N LEU D 29 9.56 46.56 7.93
CA LEU D 29 8.15 46.86 8.21
C LEU D 29 7.70 48.08 7.49
N TYR D 30 8.56 49.09 7.55
CA TYR D 30 8.17 50.35 6.98
C TYR D 30 8.68 50.66 5.52
N MET D 31 9.53 49.80 4.97
CA MET D 31 9.91 49.81 3.53
C MET D 31 9.19 48.82 2.66
N SER D 32 8.76 47.69 3.17
CA SER D 32 8.00 46.78 2.30
C SER D 32 6.59 47.37 2.07
N PRO D 33 5.97 47.02 0.95
CA PRO D 33 4.66 47.60 0.76
C PRO D 33 3.71 47.22 1.86
N PRO D 34 2.66 48.01 2.05
CA PRO D 34 1.63 47.58 2.96
C PRO D 34 0.71 46.51 2.31
N VAL D 35 -0.04 45.78 3.14
CA VAL D 35 -1.15 44.98 2.68
C VAL D 35 -2.36 45.88 2.34
N GLU D 36 -2.96 45.80 1.17
CA GLU D 36 -4.10 46.69 0.87
C GLU D 36 -5.24 45.90 0.30
N GLY D 37 -6.49 46.36 0.52
CA GLY D 37 -7.69 45.67 0.07
C GLY D 37 -8.82 46.66 -0.03
N ARG D 38 -9.56 46.64 -1.14
CA ARG D 38 -10.62 47.58 -1.37
C ARG D 38 -11.91 46.75 -1.37
N GLY D 39 -12.79 47.03 -0.43
CA GLY D 39 -14.11 46.46 -0.55
C GLY D 39 -14.11 44.97 -0.32
N VAL D 40 -13.50 44.52 0.78
CA VAL D 40 -13.39 43.12 1.06
C VAL D 40 -14.24 42.68 2.24
N ILE D 41 -14.55 41.39 2.28
CA ILE D 41 -15.31 40.76 3.35
C ILE D 41 -14.53 39.54 3.83
N ASN D 42 -14.50 39.33 5.15
CA ASN D 42 -13.70 38.26 5.79
C ASN D 42 -14.30 36.93 5.44
N SER D 43 -13.45 35.96 5.12
CA SER D 43 -13.88 34.59 4.83
C SER D 43 -14.09 33.76 6.10
N ARG D 44 -13.20 33.88 7.10
CA ARG D 44 -13.28 33.10 8.36
C ARG D 44 -12.53 33.79 9.53
N GLN D 45 -12.39 33.09 10.65
CA GLN D 45 -11.53 33.59 11.72
C GLN D 45 -10.81 32.42 12.33
N PHE D 46 -9.72 32.71 13.05
CA PHE D 46 -9.06 31.75 13.87
C PHE D 46 -9.64 31.90 15.30
N LEU D 47 -9.21 32.91 16.04
CA LEU D 47 -9.82 33.18 17.31
C LEU D 47 -10.84 34.26 17.13
N SER D 48 -11.63 34.50 18.14
CA SER D 48 -12.79 35.28 17.89
C SER D 48 -12.45 36.76 17.86
N HIS D 49 -11.19 37.11 18.11
CA HIS D 49 -10.80 38.52 18.03
C HIS D 49 -9.89 38.77 16.83
N ASP D 50 -9.94 37.86 15.85
CA ASP D 50 -9.28 38.17 14.61
C ASP D 50 -10.24 38.00 13.45
N LEU D 51 -9.82 38.39 12.27
CA LEU D 51 -10.60 38.16 11.05
C LEU D 51 -9.64 37.77 9.98
N ILE D 52 -10.00 36.76 9.20
CA ILE D 52 -9.13 36.32 8.12
C ILE D 52 -9.77 36.71 6.80
N PHE D 53 -8.98 37.41 5.95
CA PHE D 53 -9.45 37.91 4.64
C PHE D 53 -8.66 37.30 3.49
N PRO D 54 -9.34 37.01 2.36
CA PRO D 54 -8.61 36.73 1.10
C PRO D 54 -7.85 37.99 0.67
N ILE D 55 -6.60 37.84 0.30
CA ILE D 55 -5.90 39.01 -0.17
C ILE D 55 -4.91 38.62 -1.26
N GLU D 56 -4.27 39.59 -1.87
CA GLU D 56 -3.08 39.30 -2.64
C GLU D 56 -1.95 40.17 -2.14
N TYR D 57 -1.04 39.60 -1.36
CA TYR D 57 0.15 40.36 -1.10
C TYR D 57 1.35 39.45 -1.40
N LYS D 58 2.21 39.85 -2.34
CA LYS D 58 3.24 39.00 -2.94
C LYS D 58 2.70 37.57 -3.18
N SER D 59 3.36 36.53 -2.64
CA SER D 59 2.90 35.15 -2.84
C SER D 59 1.71 34.74 -1.98
N TYR D 60 1.26 35.63 -1.09
CA TYR D 60 0.23 35.29 -0.10
C TYR D 60 -1.17 35.57 -0.55
N ASN D 61 -2.10 34.67 -0.19
CA ASN D 61 -3.51 34.79 -0.57
C ASN D 61 -4.49 34.84 0.62
N GLU D 62 -3.94 34.93 1.84
CA GLU D 62 -4.76 35.20 3.05
C GLU D 62 -4.01 36.07 4.05
N VAL D 63 -4.73 37.01 4.70
CA VAL D 63 -4.18 37.75 5.82
C VAL D 63 -5.07 37.65 7.08
N LYS D 64 -4.45 37.38 8.21
CA LYS D 64 -5.19 37.40 9.43
C LYS D 64 -4.94 38.75 10.11
N THR D 65 -6.03 39.51 10.28
CA THR D 65 -5.83 40.74 11.02
C THR D 65 -6.29 40.60 12.47
N GLU D 66 -5.42 40.96 13.40
CA GLU D 66 -5.81 40.77 14.80
C GLU D 66 -6.39 42.02 15.39
N LEU D 67 -7.53 41.90 16.04
CA LEU D 67 -8.05 43.05 16.86
C LEU D 67 -7.75 42.88 18.34
N GLU D 68 -7.87 43.95 19.08
CA GLU D 68 -7.52 43.96 20.47
C GLU D 68 -8.56 43.17 21.30
N ASN D 69 -9.79 43.11 20.82
CA ASN D 69 -10.78 42.41 21.56
C ASN D 69 -11.89 41.93 20.64
N THR D 70 -12.72 41.05 21.14
CA THR D 70 -13.79 40.51 20.33
C THR D 70 -14.74 41.56 19.80
N GLU D 71 -15.08 42.56 20.60
CA GLU D 71 -16.11 43.51 20.20
C GLU D 71 -15.64 44.20 18.92
N LEU D 72 -14.32 44.38 18.81
CA LEU D 72 -13.77 45.20 17.82
C LEU D 72 -13.77 44.36 16.56
N ALA D 73 -13.41 43.08 16.67
CA ALA D 73 -13.53 42.19 15.54
C ALA D 73 -14.98 42.07 15.09
N ASN D 74 -15.92 42.01 16.04
CA ASN D 74 -17.31 41.93 15.64
C ASN D 74 -17.76 43.18 14.89
N ASN D 75 -17.08 44.29 15.10
CA ASN D 75 -17.63 45.49 14.53
C ASN D 75 -17.41 45.52 12.97
N TYR D 76 -16.41 44.75 12.52
CA TYR D 76 -16.05 44.65 11.14
C TYR D 76 -16.30 43.26 10.55
N LYS D 77 -16.73 42.30 11.36
CA LYS D 77 -16.88 40.96 10.88
C LYS D 77 -18.00 41.00 9.86
N GLY D 78 -17.76 40.39 8.70
CA GLY D 78 -18.70 40.34 7.58
C GLY D 78 -19.29 41.63 7.01
N LYS D 79 -18.45 42.64 6.82
CA LYS D 79 -18.91 43.91 6.23
C LYS D 79 -17.91 44.30 5.15
N LYS D 80 -18.34 45.15 4.20
CA LYS D 80 -17.37 45.56 3.21
C LYS D 80 -16.36 46.52 3.88
N VAL D 81 -15.08 46.15 3.84
CA VAL D 81 -14.12 47.01 4.45
C VAL D 81 -12.96 47.22 3.55
N ASP D 82 -12.19 48.24 3.88
CA ASP D 82 -10.90 48.39 3.22
C ASP D 82 -9.83 48.00 4.21
N ILE D 83 -8.69 47.55 3.70
CA ILE D 83 -7.64 47.20 4.56
C ILE D 83 -6.37 47.96 4.26
N PHE D 84 -5.68 48.42 5.30
CA PHE D 84 -4.36 48.92 5.08
C PHE D 84 -3.52 48.68 6.32
N GLY D 85 -2.47 47.86 6.26
CA GLY D 85 -1.57 47.75 7.41
C GLY D 85 -0.23 47.06 7.16
N VAL D 86 0.47 46.71 8.22
CA VAL D 86 1.77 46.26 8.00
C VAL D 86 1.72 44.77 8.25
N PRO D 87 1.96 43.97 7.21
CA PRO D 87 1.95 42.49 7.38
C PRO D 87 3.23 42.06 8.07
N TYR D 88 3.18 40.95 8.81
CA TYR D 88 4.41 40.32 9.31
C TYR D 88 4.29 38.83 9.08
N PHE D 89 5.42 38.12 9.22
CA PHE D 89 5.52 36.68 8.77
C PHE D 89 6.12 35.77 9.84
N TYR D 90 7.34 36.09 10.25
CA TYR D 90 7.91 35.51 11.42
C TYR D 90 7.01 35.77 12.60
N THR D 91 6.58 34.67 13.23
CA THR D 91 5.68 34.52 14.38
C THR D 91 4.22 34.71 14.01
N CYS D 92 3.93 34.89 12.76
CA CYS D 92 2.54 34.89 12.31
C CYS D 92 1.93 33.52 12.56
N ILE D 93 0.70 33.50 13.06
CA ILE D 93 0.02 32.26 13.32
C ILE D 93 -1.37 32.30 12.67
N ILE D 94 -1.51 31.62 11.56
CA ILE D 94 -2.76 31.60 10.85
C ILE D 94 -3.02 30.19 10.39
N PRO D 95 -3.82 29.42 11.14
CA PRO D 95 -3.97 28.04 10.70
C PRO D 95 -4.82 27.90 9.45
N LYS D 96 -4.56 26.78 8.76
CA LYS D 96 -5.21 26.47 7.49
C LYS D 96 -6.70 26.33 7.71
N SER D 97 -7.47 26.63 6.66
CA SER D 97 -8.90 26.32 6.64
C SER D 97 -9.11 24.80 6.96
N GLU D 98 -8.28 23.93 6.34
CA GLU D 98 -8.22 22.46 6.60
C GLU D 98 -9.36 21.76 5.82
N PHE D 105 -0.14 26.35 8.98
CA PHE D 105 0.50 27.05 10.13
C PHE D 105 0.94 28.54 9.87
N GLY D 106 1.80 28.73 8.85
CA GLY D 106 2.32 30.05 8.48
C GLY D 106 1.67 30.65 7.22
N GLY D 107 1.52 31.99 7.29
CA GLY D 107 1.01 32.81 6.14
C GLY D 107 1.32 34.26 6.50
N CYS D 108 0.31 35.10 6.30
CA CYS D 108 0.50 36.50 6.52
C CYS D 108 -0.42 37.03 7.67
N CYS D 109 0.18 37.77 8.60
CA CYS D 109 -0.56 38.34 9.73
C CYS D 109 -0.36 39.82 9.80
N MET D 110 -1.33 40.48 10.43
CA MET D 110 -1.26 41.89 10.76
C MET D 110 -2.16 42.29 11.98
N TYR D 111 -2.26 43.61 12.26
CA TYR D 111 -3.15 44.18 13.30
C TYR D 111 -4.13 45.26 12.76
N GLY D 112 -5.37 45.31 13.25
CA GLY D 112 -6.29 46.36 12.89
C GLY D 112 -6.31 46.64 11.38
N GLY D 113 -6.40 47.90 10.99
CA GLY D 113 -6.17 48.25 9.60
C GLY D 113 -7.42 48.33 8.75
N LEU D 114 -8.57 48.14 9.38
CA LEU D 114 -9.85 48.08 8.72
C LEU D 114 -10.59 49.40 8.81
N THR D 115 -11.27 49.80 7.72
CA THR D 115 -12.23 50.90 7.73
C THR D 115 -13.38 50.45 6.87
N PHE D 116 -14.57 51.03 7.07
CA PHE D 116 -15.73 50.62 6.25
C PHE D 116 -15.53 51.09 4.82
N ASN D 117 -15.90 50.23 3.88
CA ASN D 117 -15.76 50.54 2.49
C ASN D 117 -16.81 51.53 2.08
N SER D 118 -16.42 52.55 1.31
CA SER D 118 -17.44 53.27 0.53
C SER D 118 -16.90 54.22 -0.52
N SER D 119 -17.78 55.15 -0.92
CA SER D 119 -17.44 56.36 -1.70
C SER D 119 -16.60 57.35 -0.82
N GLU D 120 -15.25 57.13 -0.83
CA GLU D 120 -14.20 57.93 -0.13
C GLU D 120 -13.52 58.92 -1.11
N ASN D 121 -13.15 58.35 -2.26
CA ASN D 121 -12.81 59.06 -3.51
C ASN D 121 -11.39 59.64 -3.57
N ARG D 123 -11.54 62.06 -3.50
CA ARG D 123 -10.32 62.82 -3.75
C ARG D 123 -9.29 62.61 -2.64
N ASP D 124 -8.03 62.77 -3.00
CA ASP D 124 -6.96 62.61 -2.05
C ASP D 124 -7.01 63.67 -0.94
N LYS D 125 -6.70 63.29 0.31
CA LYS D 125 -6.46 64.31 1.30
C LYS D 125 -4.99 64.34 1.56
N LEU D 126 -4.46 65.52 1.82
CA LEU D 126 -3.03 65.73 2.10
C LEU D 126 -2.84 66.05 3.55
N ILE D 127 -1.87 65.39 4.19
CA ILE D 127 -1.56 65.70 5.55
C ILE D 127 -0.10 66.03 5.59
N THR D 128 0.22 67.11 6.29
CA THR D 128 1.56 67.52 6.48
C THR D 128 1.96 66.97 7.84
N VAL D 129 3.18 66.45 7.89
CA VAL D 129 3.77 65.90 9.03
C VAL D 129 4.97 66.78 9.45
N GLN D 130 4.90 67.41 10.60
CA GLN D 130 6.09 68.16 11.07
C GLN D 130 7.17 67.36 11.69
N VAL D 131 8.40 67.56 11.28
CA VAL D 131 9.48 66.85 11.89
C VAL D 131 10.38 67.74 12.75
N THR D 132 10.67 67.38 13.99
CA THR D 132 11.58 68.22 14.74
C THR D 132 12.80 67.35 14.98
N ILE D 133 13.99 67.86 14.68
CA ILE D 133 15.21 67.13 14.98
C ILE D 133 16.02 67.95 15.94
N ASP D 134 16.43 67.37 17.07
CA ASP D 134 17.14 68.03 18.17
C ASP D 134 16.53 69.37 18.54
N ASN D 135 15.22 69.35 18.84
CA ASN D 135 14.38 70.54 19.02
C ASN D 135 14.49 71.65 17.98
N ARG D 136 14.87 71.33 16.75
CA ARG D 136 14.67 72.27 15.67
C ARG D 136 13.60 71.70 14.73
N GLN D 137 12.47 72.40 14.57
CA GLN D 137 11.50 71.89 13.63
C GLN D 137 11.98 72.35 12.27
N SER D 138 12.77 71.49 11.65
CA SER D 138 13.53 71.80 10.47
C SER D 138 12.98 71.17 9.17
N LEU D 139 11.79 70.60 9.18
CA LEU D 139 11.43 69.74 8.07
C LEU D 139 9.99 69.25 8.16
N GLY D 140 9.36 69.13 7.00
CA GLY D 140 7.96 68.74 6.88
C GLY D 140 7.76 67.99 5.57
N PHE D 141 6.73 67.18 5.46
CA PHE D 141 6.55 66.49 4.22
C PHE D 141 5.13 66.01 4.24
N THR D 142 4.55 65.74 3.09
CA THR D 142 3.19 65.38 3.17
C THR D 142 3.05 63.91 2.89
N ILE D 143 1.97 63.31 3.40
CA ILE D 143 1.61 61.95 3.06
C ILE D 143 0.23 62.11 2.54
N THR D 144 -0.29 61.12 1.83
CA THR D 144 -1.58 61.36 1.25
C THR D 144 -2.40 60.08 1.36
N THR D 145 -3.69 60.18 1.66
CA THR D 145 -4.60 59.01 1.69
C THR D 145 -5.91 59.36 1.03
N ASN D 146 -6.64 58.38 0.50
CA ASN D 146 -7.95 58.69 -0.07
C ASN D 146 -9.11 58.47 0.89
N LYS D 147 -8.85 57.99 2.11
CA LYS D 147 -9.95 57.67 3.05
C LYS D 147 -10.32 58.90 3.91
N ASN D 148 -11.60 59.08 4.16
CA ASN D 148 -12.00 60.17 4.99
C ASN D 148 -11.82 59.88 6.47
N MET D 149 -12.33 58.72 6.88
CA MET D 149 -11.92 58.10 8.09
C MET D 149 -10.79 57.11 7.71
N VAL D 150 -9.62 57.25 8.33
CA VAL D 150 -8.47 56.47 7.95
C VAL D 150 -7.84 55.94 9.24
N THR D 151 -7.23 54.75 9.25
CA THR D 151 -6.64 54.21 10.46
C THR D 151 -5.36 54.99 10.72
N ILE D 152 -5.04 55.17 12.01
CA ILE D 152 -3.73 55.64 12.45
C ILE D 152 -2.61 54.80 11.80
N GLN D 153 -2.82 53.49 11.73
CA GLN D 153 -1.82 52.62 11.06
C GLN D 153 -1.43 53.14 9.66
N GLU D 154 -2.42 53.32 8.79
CA GLU D 154 -2.17 53.82 7.43
C GLU D 154 -1.30 55.11 7.48
N LEU D 155 -1.73 56.07 8.27
CA LEU D 155 -1.00 57.27 8.52
C LEU D 155 0.39 57.03 9.10
N ASP D 156 0.50 56.18 10.11
CA ASP D 156 1.79 55.96 10.76
C ASP D 156 2.72 55.29 9.75
N TYR D 157 2.14 54.38 8.98
CA TYR D 157 2.97 53.67 8.02
C TYR D 157 3.57 54.65 7.01
N LYS D 158 2.70 55.43 6.38
CA LYS D 158 3.10 56.31 5.27
C LYS D 158 4.20 57.26 5.80
N ALA D 159 3.99 57.76 7.01
CA ALA D 159 4.96 58.64 7.62
C ALA D 159 6.25 57.94 7.86
N ARG D 160 6.24 56.75 8.49
CA ARG D 160 7.57 56.15 8.76
C ARG D 160 8.20 55.73 7.44
N HIS D 161 7.38 55.39 6.46
CA HIS D 161 7.95 55.02 5.15
C HIS D 161 8.85 56.16 4.54
N TRP D 162 8.28 57.34 4.45
CA TRP D 162 8.91 58.47 3.94
C TRP D 162 10.19 58.70 4.75
N LEU D 163 10.13 58.69 6.08
CA LEU D 163 11.34 58.94 6.86
C LEU D 163 12.35 57.81 6.73
N THR D 164 11.87 56.62 6.39
CA THR D 164 12.84 55.57 6.28
C THR D 164 13.50 55.79 4.93
N LYS D 165 12.69 56.11 3.95
CA LYS D 165 13.16 56.29 2.60
C LYS D 165 14.01 57.55 2.56
N GLU D 166 13.50 58.67 3.07
CA GLU D 166 14.23 59.92 2.89
C GLU D 166 15.22 60.28 3.98
N LYS D 167 15.01 59.81 5.23
CA LYS D 167 15.86 60.34 6.32
C LYS D 167 16.60 59.29 7.18
N LYS D 168 16.77 58.12 6.61
CA LYS D 168 17.41 57.08 7.34
C LYS D 168 16.79 56.88 8.77
N LEU D 169 15.47 57.00 8.89
CA LEU D 169 14.82 56.65 10.17
C LEU D 169 15.23 55.26 10.67
N TYR D 170 15.06 54.25 9.80
CA TYR D 170 15.55 52.91 10.10
C TYR D 170 16.60 52.53 9.10
N GLU D 171 17.77 52.12 9.56
CA GLU D 171 18.71 51.44 8.63
C GLU D 171 18.96 50.00 9.11
N PHE D 172 19.61 49.18 8.28
CA PHE D 172 19.83 47.78 8.61
C PHE D 172 20.52 47.59 9.95
N ASP D 173 21.53 48.40 10.22
CA ASP D 173 22.19 48.31 11.54
C ASP D 173 22.22 49.61 12.31
N GLY D 174 21.16 50.38 12.22
CA GLY D 174 21.01 51.54 13.08
C GLY D 174 20.02 52.51 12.49
N SER D 175 20.29 53.79 12.71
CA SER D 175 19.42 54.83 12.21
C SER D 175 20.22 56.11 12.21
N ALA D 176 19.81 57.14 11.47
CA ALA D 176 20.46 58.44 11.66
C ALA D 176 20.25 58.98 13.08
N PHE D 177 19.35 58.37 13.86
CA PHE D 177 18.88 59.00 15.10
C PHE D 177 19.17 58.10 16.26
N GLU D 178 19.01 58.59 17.48
CA GLU D 178 19.15 57.73 18.65
C GLU D 178 17.78 57.41 19.28
N SER D 179 16.80 58.29 19.11
CA SER D 179 15.45 58.04 19.62
C SER D 179 14.50 59.04 19.03
N GLY D 180 13.21 58.79 19.19
CA GLY D 180 12.20 59.71 18.69
C GLY D 180 10.84 59.11 18.91
N TYR D 181 9.78 59.90 18.70
CA TYR D 181 8.41 59.40 18.76
C TYR D 181 7.53 60.09 17.73
N ILE D 182 6.35 59.54 17.47
CA ILE D 182 5.34 60.18 16.61
C ILE D 182 4.11 60.46 17.47
N LYS D 183 3.61 61.69 17.38
CA LYS D 183 2.48 62.11 18.18
C LYS D 183 1.30 62.46 17.27
N PHE D 184 0.11 62.01 17.60
CA PHE D 184 -1.03 62.32 16.77
C PHE D 184 -1.95 63.13 17.65
N THR D 185 -2.53 64.18 17.10
CA THR D 185 -3.46 65.02 17.84
C THR D 185 -4.71 65.18 16.99
N GLU D 186 -5.87 64.86 17.56
CA GLU D 186 -7.12 64.90 16.78
C GLU D 186 -7.79 66.29 17.02
N LYS D 187 -8.90 66.55 16.31
CA LYS D 187 -9.53 67.88 16.33
C LYS D 187 -9.88 68.26 17.75
N ASN D 188 -10.43 67.34 18.53
CA ASN D 188 -10.74 67.58 19.92
C ASN D 188 -9.54 67.80 20.91
N ASN D 189 -8.34 67.90 20.35
CA ASN D 189 -7.11 67.97 21.12
C ASN D 189 -6.74 66.77 22.03
N THR D 190 -7.44 65.64 21.91
CA THR D 190 -6.87 64.45 22.53
C THR D 190 -5.66 64.02 21.66
N SER D 191 -4.66 63.40 22.29
CA SER D 191 -3.50 63.01 21.54
C SER D 191 -2.91 61.71 22.11
N PHE D 192 -1.94 61.13 21.41
CA PHE D 192 -1.26 59.92 21.88
C PHE D 192 -0.08 59.73 20.98
N TRP D 193 0.88 58.94 21.43
CA TRP D 193 2.14 58.79 20.73
C TRP D 193 2.69 57.37 20.77
N PHE D 194 3.62 57.07 19.85
CA PHE D 194 4.38 55.82 19.77
C PHE D 194 5.86 56.10 19.77
N ASP D 195 6.59 55.32 20.54
CA ASP D 195 8.01 55.27 20.44
C ASP D 195 8.33 54.64 19.08
N LEU D 196 9.20 55.28 18.31
CA LEU D 196 9.48 54.81 16.96
C LEU D 196 10.46 53.63 16.92
N PHE D 197 11.12 53.40 18.04
CA PHE D 197 12.18 52.39 18.10
C PHE D 197 11.80 51.20 19.01
N PRO D 198 12.29 50.03 18.69
CA PRO D 198 11.95 48.88 19.52
C PRO D 198 12.63 48.91 20.89
N LYS D 199 12.00 48.26 21.87
CA LYS D 199 12.56 48.01 23.20
C LYS D 199 13.85 47.21 23.12
N LYS D 200 14.80 47.55 23.97
CA LYS D 200 16.06 46.88 23.97
C LYS D 200 16.01 45.35 24.17
N GLU D 201 14.98 44.90 24.88
CA GLU D 201 14.79 43.50 25.13
C GLU D 201 14.21 42.72 23.92
N LEU D 202 13.73 43.44 22.90
CA LEU D 202 12.99 42.81 21.85
C LEU D 202 13.88 42.18 20.72
N VAL D 203 14.91 41.46 21.14
CA VAL D 203 15.81 40.68 20.31
C VAL D 203 15.71 39.16 20.65
N PRO D 204 15.36 38.33 19.67
CA PRO D 204 15.06 38.67 18.29
C PRO D 204 13.83 39.54 18.25
N PHE D 205 13.63 40.13 17.07
CA PHE D 205 12.57 41.03 16.85
C PHE D 205 11.34 40.25 16.57
N VAL D 206 10.47 40.23 17.55
CA VAL D 206 9.21 39.51 17.44
C VAL D 206 8.21 40.51 16.92
N PRO D 207 7.86 40.42 15.64
CA PRO D 207 6.98 41.44 15.03
C PRO D 207 5.64 41.65 15.74
N TYR D 208 4.98 40.58 16.17
CA TYR D 208 3.71 40.80 16.88
C TYR D 208 3.77 41.72 18.08
N LYS D 209 4.90 41.84 18.74
CA LYS D 209 4.95 42.69 19.91
C LYS D 209 5.25 44.12 19.57
N PHE D 210 5.41 44.44 18.29
CA PHE D 210 5.79 45.79 17.91
C PHE D 210 4.60 46.38 17.17
N LEU D 211 4.00 45.56 16.29
CA LEU D 211 2.83 45.92 15.56
C LEU D 211 1.49 45.87 16.33
N ASN D 212 1.46 45.31 17.54
CA ASN D 212 0.18 45.13 18.17
C ASN D 212 -0.44 46.49 18.56
N ILE D 213 0.39 47.50 18.79
CA ILE D 213 -0.09 48.88 18.85
C ILE D 213 -1.16 49.29 17.83
N TYR D 214 -1.32 48.59 16.72
CA TYR D 214 -2.36 48.93 15.75
C TYR D 214 -3.61 48.10 16.00
N GLY D 215 -3.50 47.23 16.98
CA GLY D 215 -4.65 46.35 17.32
C GLY D 215 -5.89 47.13 17.75
N ASP D 216 -5.76 48.38 18.19
CA ASP D 216 -7.01 49.09 18.55
C ASP D 216 -7.81 49.48 17.35
N ASN D 217 -7.28 49.36 16.14
CA ASN D 217 -7.99 49.86 15.02
C ASN D 217 -8.50 51.32 15.16
N LYS D 218 -7.64 52.17 15.71
CA LYS D 218 -7.99 53.56 15.94
C LYS D 218 -8.12 54.25 14.57
N VAL D 219 -9.21 54.93 14.39
CA VAL D 219 -9.54 55.42 13.07
C VAL D 219 -9.77 56.91 13.29
N VAL D 220 -9.23 57.77 12.45
CA VAL D 220 -9.35 59.23 12.66
C VAL D 220 -9.79 59.99 11.42
N ASP D 221 -10.22 61.23 11.59
CA ASP D 221 -10.61 62.10 10.50
C ASP D 221 -9.40 62.67 9.72
N SER D 222 -9.26 62.29 8.45
CA SER D 222 -8.05 62.65 7.72
C SER D 222 -7.99 64.15 7.39
N LYS D 223 -9.10 64.82 7.55
CA LYS D 223 -9.14 66.21 7.20
C LYS D 223 -8.60 67.11 8.29
N SER D 224 -8.57 66.60 9.52
CA SER D 224 -8.16 67.39 10.66
C SER D 224 -7.01 66.80 11.42
N ILE D 225 -6.72 65.52 11.24
CA ILE D 225 -5.72 64.90 12.07
C ILE D 225 -4.47 65.72 11.99
N LYS D 226 -3.80 65.87 13.09
CA LYS D 226 -2.50 66.53 13.12
C LYS D 226 -1.36 65.49 13.44
N MET D 227 -0.17 65.68 12.86
CA MET D 227 0.90 64.66 12.97
C MET D 227 2.29 65.32 13.12
N GLU D 228 3.02 64.93 14.18
CA GLU D 228 4.35 65.51 14.48
C GLU D 228 5.38 64.40 14.77
N VAL D 229 6.52 64.52 14.20
CA VAL D 229 7.46 63.57 14.56
C VAL D 229 8.62 64.30 15.29
N PHE D 230 9.10 63.71 16.40
CA PHE D 230 10.18 64.30 17.21
C PHE D 230 11.34 63.32 17.29
N LEU D 231 12.51 63.71 16.77
CA LEU D 231 13.67 62.82 16.78
C LEU D 231 14.85 63.45 17.51
N ASN D 232 15.83 62.63 17.92
CA ASN D 232 17.06 63.05 18.58
C ASN D 232 18.30 62.44 17.94
N THR D 233 19.34 63.21 17.65
CA THR D 233 20.53 62.53 17.11
C THR D 233 21.39 62.06 18.29
N HIS D 234 22.33 61.16 18.04
CA HIS D 234 23.14 60.61 19.15
C HIS D 234 23.86 61.65 20.02
N ALA E 4 13.58 9.63 19.01
CA ALA E 4 15.04 9.34 19.26
C ALA E 4 16.00 9.94 18.14
N ALA E 5 17.15 10.51 18.56
CA ALA E 5 18.19 10.96 17.63
C ALA E 5 19.56 11.08 18.32
N VAL E 6 19.76 12.09 19.15
CA VAL E 6 21.05 12.26 19.75
C VAL E 6 20.90 12.70 21.17
N THR E 7 21.23 11.85 22.12
CA THR E 7 21.03 12.22 23.48
C THR E 7 22.36 12.26 24.22
N GLN E 8 22.59 13.34 24.99
CA GLN E 8 23.80 13.60 25.78
C GLN E 8 23.55 13.30 27.28
N SER E 9 24.52 12.69 27.98
CA SER E 9 24.46 12.43 29.44
C SER E 9 25.78 12.87 29.99
N PRO E 10 25.78 13.57 31.15
CA PRO E 10 24.58 14.12 31.75
C PRO E 10 24.24 15.50 31.09
N ARG E 11 23.02 15.99 31.35
CA ARG E 11 22.59 17.30 30.85
C ARG E 11 23.19 18.45 31.64
N ASN E 12 23.43 18.21 32.93
CA ASN E 12 24.15 19.13 33.85
C ASN E 12 25.23 18.43 34.65
N LYS E 13 26.30 19.18 34.89
CA LYS E 13 27.30 18.73 35.76
C LYS E 13 28.04 19.93 36.25
N VAL E 14 28.55 19.66 37.43
CA VAL E 14 29.11 20.56 38.37
C VAL E 14 30.29 19.72 38.75
N ALA E 15 31.45 20.34 38.72
CA ALA E 15 32.64 19.60 39.03
C ALA E 15 33.74 20.59 39.31
N VAL E 16 34.88 20.05 39.78
CA VAL E 16 35.91 20.87 40.39
C VAL E 16 37.19 20.85 39.63
N THR E 17 37.88 21.98 39.62
CA THR E 17 39.21 22.10 39.05
C THR E 17 40.03 20.79 39.19
N GLY E 18 40.64 20.34 38.09
CA GLY E 18 41.43 19.11 38.08
C GLY E 18 40.61 17.84 38.02
N GLU E 19 39.28 17.94 37.96
CA GLU E 19 38.48 16.73 37.79
C GLU E 19 38.51 16.18 36.32
N LYS E 20 38.25 14.86 36.21
CA LYS E 20 38.25 14.06 34.98
C LYS E 20 36.81 13.79 34.58
N VAL E 21 36.29 14.64 33.69
CA VAL E 21 34.88 14.58 33.27
C VAL E 21 34.61 13.95 31.90
N THR E 22 33.51 13.23 31.78
CA THR E 22 33.21 12.50 30.57
C THR E 22 31.82 12.65 30.13
N LEU E 23 31.69 13.30 28.96
CA LEU E 23 30.38 13.50 28.33
C LEU E 23 30.04 12.40 27.36
N SER E 24 29.05 11.57 27.68
CA SER E 24 28.53 10.62 26.71
C SER E 24 27.73 11.39 25.68
N CYS E 25 27.63 10.89 24.46
CA CYS E 25 26.70 11.37 23.44
C CYS E 25 26.47 10.16 22.62
N GLN E 26 25.21 9.84 22.35
CA GLN E 26 24.78 8.54 21.89
C GLN E 26 23.84 8.88 20.78
N GLN E 27 23.74 8.09 19.72
CA GLN E 27 22.97 8.50 18.57
C GLN E 27 22.21 7.30 18.04
N THR E 28 21.22 7.49 17.17
CA THR E 28 20.44 6.36 16.65
C THR E 28 20.28 6.42 15.15
N ASN E 29 20.97 7.35 14.51
CA ASN E 29 20.84 7.49 13.08
C ASN E 29 21.71 6.61 12.20
N ASN E 30 22.65 5.88 12.80
CA ASN E 30 23.64 5.13 12.03
C ASN E 30 24.46 6.04 11.10
N HIS E 31 24.84 7.21 11.61
CA HIS E 31 25.68 8.12 10.88
C HIS E 31 27.14 7.82 11.15
N ASN E 32 28.03 8.07 10.20
CA ASN E 32 29.42 7.86 10.51
C ASN E 32 30.09 8.99 11.27
N ASN E 33 29.64 10.21 11.02
CA ASN E 33 30.34 11.31 11.55
C ASN E 33 29.72 11.76 12.88
N MET E 34 30.54 12.14 13.82
CA MET E 34 29.98 12.66 15.04
C MET E 34 30.85 13.81 15.43
N TYR E 35 30.28 14.72 16.22
CA TYR E 35 30.95 15.99 16.54
C TYR E 35 30.70 16.44 17.96
N TRP E 36 31.63 17.15 18.57
CA TRP E 36 31.49 17.72 19.91
C TRP E 36 31.91 19.17 19.80
N TYR E 37 30.94 20.09 20.01
CA TYR E 37 31.27 21.49 20.05
C TYR E 37 31.11 22.01 21.52
N ARG E 38 31.62 23.21 21.76
CA ARG E 38 31.19 24.01 22.90
C ARG E 38 30.51 25.36 22.46
N GLN E 39 29.60 25.84 23.31
CA GLN E 39 28.87 27.10 23.05
C GLN E 39 29.08 28.14 24.14
N ASP E 40 29.53 29.30 23.71
CA ASP E 40 30.03 30.34 24.57
C ASP E 40 29.66 31.63 23.86
N THR E 41 29.03 32.54 24.63
CA THR E 41 28.08 33.44 24.02
C THR E 41 28.74 34.44 23.03
N GLY E 42 30.02 34.78 23.23
CA GLY E 42 30.66 35.59 22.18
C GLY E 42 30.87 34.89 20.83
N HIS E 43 31.09 33.58 20.88
CA HIS E 43 31.37 32.74 19.70
C HIS E 43 30.14 31.90 19.55
N GLY E 44 30.05 31.10 18.51
CA GLY E 44 28.83 30.31 18.41
C GLY E 44 29.21 28.95 18.92
N LEU E 45 29.02 27.94 18.08
CA LEU E 45 29.57 26.65 18.26
C LEU E 45 31.00 26.71 17.73
N ARG E 46 31.97 26.29 18.53
CA ARG E 46 33.31 26.04 18.01
C ARG E 46 33.60 24.50 18.17
N LEU E 47 34.18 23.90 17.14
CA LEU E 47 34.38 22.45 17.09
C LEU E 47 35.61 22.04 17.85
N ILE E 48 35.45 21.02 18.70
CA ILE E 48 36.54 20.54 19.56
C ILE E 48 37.22 19.29 19.01
N HIS E 49 36.49 18.16 18.93
CA HIS E 49 36.98 16.97 18.23
C HIS E 49 35.83 16.42 17.44
N TYR E 50 36.14 15.68 16.38
CA TYR E 50 35.10 14.96 15.67
C TYR E 50 35.62 13.59 15.37
N SER E 51 34.83 12.82 14.63
CA SER E 51 35.14 11.46 14.36
C SER E 51 34.37 11.01 13.20
N TYR E 52 35.11 10.42 12.24
CA TYR E 52 34.55 9.88 11.01
C TYR E 52 34.27 8.42 11.07
N GLY E 53 34.34 7.76 12.22
CA GLY E 53 33.93 6.35 12.31
C GLY E 53 34.46 5.73 13.59
N VAL E 54 34.15 4.45 13.87
CA VAL E 54 34.61 3.88 15.13
C VAL E 54 36.13 3.75 15.17
N GLY E 55 36.78 4.15 16.26
CA GLY E 55 38.22 4.06 16.29
C GLY E 55 38.83 5.37 15.90
N ASN E 56 38.09 6.20 15.18
CA ASN E 56 38.66 7.46 14.69
C ASN E 56 38.19 8.67 15.50
N THR E 57 39.09 9.59 15.80
CA THR E 57 38.68 10.89 16.26
C THR E 57 39.65 11.86 15.60
N GLU E 58 39.20 13.09 15.31
CA GLU E 58 40.07 14.10 14.68
C GLU E 58 39.88 15.43 15.39
N LYS E 59 40.89 16.30 15.33
CA LYS E 59 40.80 17.60 16.03
C LYS E 59 39.94 18.58 15.29
N GLY E 60 39.13 19.32 16.03
CA GLY E 60 38.37 20.43 15.49
C GLY E 60 39.21 21.69 15.61
N ASP E 61 38.58 22.86 15.74
CA ASP E 61 39.38 24.10 15.77
C ASP E 61 39.99 24.47 17.16
N ILE E 62 39.46 23.88 18.23
CA ILE E 62 39.90 24.23 19.57
C ILE E 62 40.02 23.00 20.46
N PRO E 63 40.89 22.03 20.09
CA PRO E 63 40.90 20.74 20.78
C PRO E 63 41.68 20.74 22.12
N ASP E 64 42.54 21.73 22.30
CA ASP E 64 43.46 21.76 23.46
C ASP E 64 42.76 21.53 24.81
N GLY E 65 43.25 20.60 25.60
CA GLY E 65 42.61 20.35 26.87
C GLY E 65 41.52 19.32 26.72
N TYR E 66 41.12 18.97 25.51
CA TYR E 66 40.16 17.87 25.44
C TYR E 66 40.77 16.68 24.78
N GLU E 67 40.24 15.50 25.11
CA GLU E 67 40.50 14.28 24.38
C GLU E 67 39.15 13.80 23.95
N ALA E 68 39.06 12.68 23.20
CA ALA E 68 37.74 12.12 22.75
C ALA E 68 37.88 10.67 22.45
N SER E 69 36.79 9.91 22.39
CA SER E 69 36.87 8.48 22.10
C SER E 69 35.68 8.02 21.30
N ARG E 70 35.86 7.14 20.32
CA ARG E 70 34.69 6.68 19.60
C ARG E 70 34.59 5.21 19.77
N PRO E 71 34.24 4.78 20.97
CA PRO E 71 34.45 3.35 21.25
C PRO E 71 33.54 2.51 20.41
N SER E 72 32.53 3.10 19.79
CA SER E 72 31.58 2.36 18.94
C SER E 72 30.68 3.21 18.04
N HIS E 73 29.91 2.55 17.19
CA HIS E 73 29.28 3.27 16.10
C HIS E 73 28.34 4.31 16.62
N GLU E 74 27.61 3.98 17.68
CA GLU E 74 26.57 4.84 18.27
C GLU E 74 27.10 5.83 19.30
N GLN E 75 28.37 5.79 19.67
CA GLN E 75 28.77 6.59 20.82
C GLN E 75 30.08 7.33 20.69
N PHE E 76 30.13 8.53 21.26
CA PHE E 76 31.25 9.39 21.05
C PHE E 76 31.39 10.27 22.29
N SER E 77 32.52 10.19 22.97
CA SER E 77 32.62 10.74 24.32
C SER E 77 33.62 11.81 24.33
N LEU E 78 33.33 12.87 25.06
CA LEU E 78 34.29 13.95 25.20
C LEU E 78 34.95 13.81 26.59
N ILE E 79 36.24 14.13 26.66
CA ILE E 79 36.99 13.87 27.87
C ILE E 79 37.83 15.07 28.16
N LEU E 80 37.59 15.69 29.32
CA LEU E 80 38.45 16.73 29.87
C LEU E 80 39.36 16.06 30.91
N VAL E 81 40.68 16.12 30.68
CA VAL E 81 41.63 15.28 31.47
C VAL E 81 41.62 15.69 32.96
N SER E 82 41.98 16.95 33.20
CA SER E 82 41.74 17.68 34.45
C SER E 82 41.12 19.09 34.17
N ALA E 83 39.84 19.23 34.51
CA ALA E 83 39.03 20.41 34.13
C ALA E 83 39.59 21.71 34.63
N THR E 84 39.59 22.73 33.79
CA THR E 84 39.95 24.06 34.25
C THR E 84 38.69 24.93 34.24
N PRO E 85 38.74 26.04 35.01
CA PRO E 85 37.42 26.65 35.08
C PRO E 85 37.01 27.23 33.71
N SER E 86 37.99 27.57 32.86
CA SER E 86 37.74 28.17 31.53
C SER E 86 37.09 27.18 30.54
N GLN E 87 36.91 25.94 30.98
CA GLN E 87 36.20 24.94 30.21
C GLN E 87 34.76 24.82 30.60
N SER E 88 34.26 25.82 31.32
CA SER E 88 32.88 25.76 31.78
C SER E 88 32.14 26.33 30.62
N SER E 89 31.04 25.67 30.25
CA SER E 89 30.42 25.95 28.95
C SER E 89 29.21 25.08 28.72
N VAL E 90 28.56 25.27 27.58
CA VAL E 90 27.48 24.34 27.20
C VAL E 90 27.99 23.52 26.03
N TYR E 91 27.94 22.19 26.16
CA TYR E 91 28.51 21.28 25.20
C TYR E 91 27.47 20.71 24.28
N PHE E 92 27.81 20.73 23.00
CA PHE E 92 26.89 20.17 22.04
C PHE E 92 27.52 19.10 21.26
N CYS E 93 26.81 17.98 21.24
CA CYS E 93 27.11 16.85 20.45
C CYS E 93 26.27 16.89 19.18
N ALA E 94 26.79 16.32 18.09
CA ALA E 94 26.01 16.14 16.86
C ALA E 94 26.47 14.93 16.05
N SER E 95 25.57 14.37 15.28
CA SER E 95 25.90 13.36 14.36
C SER E 95 25.57 13.89 12.98
N GLY E 96 26.07 13.27 11.92
CA GLY E 96 25.92 13.84 10.58
C GLY E 96 26.24 12.95 9.39
N VAL E 97 25.65 13.28 8.25
CA VAL E 97 25.97 12.65 6.99
C VAL E 97 25.65 13.69 5.91
N GLY E 98 26.40 13.66 4.82
CA GLY E 98 26.19 14.57 3.69
C GLY E 98 26.32 16.00 4.22
N GLY E 99 25.39 16.86 3.83
CA GLY E 99 25.43 18.23 4.36
C GLY E 99 24.46 18.43 5.53
N THR E 100 24.05 17.35 6.17
CA THR E 100 23.08 17.50 7.22
C THR E 100 23.62 17.13 8.62
N LEU E 101 23.42 18.01 9.59
CA LEU E 101 23.88 17.84 10.98
C LEU E 101 22.66 17.77 11.96
N TYR E 102 22.74 16.89 12.96
CA TYR E 102 21.64 16.67 13.91
C TYR E 102 22.21 16.82 15.28
N PHE E 103 21.89 17.96 15.90
CA PHE E 103 22.32 18.23 17.25
C PHE E 103 21.45 17.57 18.31
N GLY E 104 22.04 17.45 19.50
CA GLY E 104 21.26 17.15 20.67
C GLY E 104 21.16 18.33 21.65
N ALA E 105 20.60 18.03 22.82
CA ALA E 105 19.98 19.03 23.66
C ALA E 105 20.94 19.88 24.46
N GLY E 106 22.18 19.46 24.60
CA GLY E 106 23.16 20.34 25.26
C GLY E 106 23.50 19.87 26.65
N THR E 107 24.60 20.39 27.18
CA THR E 107 25.10 19.93 28.46
C THR E 107 25.75 21.10 29.18
N ARG E 108 25.18 21.41 30.35
CA ARG E 108 25.68 22.55 31.06
C ARG E 108 26.74 22.02 31.97
N LEU E 109 27.86 22.72 32.00
CA LEU E 109 28.94 22.32 32.85
C LEU E 109 29.72 23.51 33.35
N SER E 110 29.96 23.52 34.66
CA SER E 110 30.85 24.52 35.27
C SER E 110 31.89 23.83 36.10
N VAL E 111 33.07 24.44 36.05
CA VAL E 111 34.28 23.92 36.70
C VAL E 111 34.60 24.88 37.82
N LEU E 112 34.37 24.40 39.05
CA LEU E 112 34.60 25.24 40.25
C LEU E 112 36.10 25.45 40.59
N ALA F 1 65.71 -5.86 -0.55
CA ALA F 1 66.42 -5.51 0.72
C ALA F 1 66.30 -4.01 1.08
N GLN F 2 65.55 -3.69 2.16
CA GLN F 2 65.54 -2.29 2.71
C GLN F 2 66.63 -2.01 3.82
N PRO F 3 67.57 -1.06 3.55
CA PRO F 3 68.63 -0.67 4.47
C PRO F 3 68.06 -0.01 5.72
N ASP F 4 68.72 -0.14 6.87
CA ASP F 4 68.31 0.62 8.06
C ASP F 4 68.23 2.14 7.82
N PRO F 5 67.16 2.76 8.31
CA PRO F 5 66.81 4.16 8.12
C PRO F 5 67.72 5.18 8.79
N LYS F 6 68.07 6.26 8.07
CA LYS F 6 68.78 7.41 8.68
C LYS F 6 67.76 8.22 9.46
N LEU F 7 68.21 9.04 10.40
CA LEU F 7 67.23 9.79 11.18
C LEU F 7 66.31 10.70 10.36
N ASP F 8 66.79 11.32 9.27
CA ASP F 8 65.85 12.21 8.54
C ASP F 8 64.93 11.46 7.58
N GLU F 9 65.15 10.17 7.42
CA GLU F 9 64.13 9.36 6.80
C GLU F 9 62.87 9.16 7.67
N LEU F 10 62.93 9.35 9.00
CA LEU F 10 61.76 8.92 9.81
C LEU F 10 60.66 9.96 10.00
N ASN F 11 59.43 9.49 10.15
CA ASN F 11 58.32 10.38 10.42
C ASN F 11 58.42 10.95 11.81
N LYS F 12 58.08 12.23 11.93
CA LYS F 12 58.18 12.90 13.20
C LYS F 12 56.83 13.04 13.85
N VAL F 13 56.75 12.65 15.11
CA VAL F 13 55.62 12.96 15.99
C VAL F 13 55.31 14.46 15.89
N SER F 14 56.29 15.33 16.03
CA SER F 14 55.95 16.79 15.90
C SER F 14 55.36 17.31 14.58
N ASP F 15 55.84 16.81 13.44
CA ASP F 15 55.13 17.01 12.16
C ASP F 15 53.67 16.46 12.21
N TYR F 16 53.44 15.32 12.80
CA TYR F 16 52.08 14.91 12.77
C TYR F 16 51.17 15.89 13.57
N LYS F 17 51.63 16.29 14.76
CA LYS F 17 50.92 17.17 15.69
C LYS F 17 50.58 18.51 15.01
N SER F 18 51.57 19.10 14.38
CA SER F 18 51.35 20.39 13.78
C SER F 18 50.74 20.36 12.39
N ASN F 19 50.56 19.17 11.80
CA ASN F 19 49.58 19.08 10.69
C ASN F 19 48.20 18.66 11.14
N LYS F 20 47.92 18.85 12.44
CA LYS F 20 46.63 18.58 13.11
C LYS F 20 46.21 17.12 13.22
N GLY F 21 47.19 16.22 13.26
CA GLY F 21 46.86 14.84 13.45
C GLY F 21 46.66 14.47 14.90
N THR F 22 45.99 13.35 15.15
CA THR F 22 45.71 12.88 16.46
C THR F 22 46.37 11.54 16.64
N MET F 23 47.44 11.51 17.41
CA MET F 23 48.23 10.30 17.47
C MET F 23 47.40 9.20 18.07
N GLY F 24 46.32 9.61 18.72
CA GLY F 24 45.40 8.73 19.42
C GLY F 24 44.89 7.71 18.45
N ASN F 25 44.76 8.07 17.19
CA ASN F 25 44.25 7.09 16.23
C ASN F 25 45.22 5.90 16.07
N VAL F 26 46.51 6.11 16.29
CA VAL F 26 47.48 5.03 16.13
C VAL F 26 47.45 4.27 17.41
N MET F 27 47.41 5.03 18.51
CA MET F 27 47.19 4.46 19.87
C MET F 27 46.10 3.37 19.89
N ASN F 28 44.95 3.66 19.32
CA ASN F 28 43.83 2.77 19.44
C ASN F 28 44.08 1.46 18.77
N LEU F 29 44.80 1.52 17.64
CA LEU F 29 45.17 0.30 16.89
C LEU F 29 45.94 -0.66 17.75
N TYR F 30 46.82 -0.09 18.55
CA TYR F 30 47.69 -0.92 19.32
C TYR F 30 47.29 -1.14 20.78
N MET F 31 46.30 -0.38 21.29
CA MET F 31 45.64 -0.64 22.59
C MET F 31 44.40 -1.46 22.51
N SER F 32 43.62 -1.39 21.45
CA SER F 32 42.43 -2.26 21.41
C SER F 32 42.86 -3.72 21.16
N PRO F 33 42.01 -4.67 21.53
CA PRO F 33 42.33 -6.06 21.29
C PRO F 33 42.60 -6.28 19.83
N PRO F 34 43.36 -7.32 19.52
CA PRO F 34 43.41 -7.72 18.15
C PRO F 34 42.18 -8.53 17.79
N VAL F 35 41.95 -8.76 16.51
CA VAL F 35 40.99 -9.74 16.02
C VAL F 35 41.65 -11.12 16.10
N GLU F 36 41.01 -12.13 16.66
CA GLU F 36 41.65 -13.46 16.72
C GLU F 36 40.66 -14.50 16.34
N GLY F 37 41.15 -15.61 15.77
CA GLY F 37 40.32 -16.69 15.31
C GLY F 37 41.14 -17.96 15.31
N ARG F 38 40.60 -19.05 15.90
CA ARG F 38 41.31 -20.32 15.87
C ARG F 38 40.62 -21.29 14.88
N GLY F 39 41.32 -21.71 13.86
CA GLY F 39 40.84 -22.82 13.09
C GLY F 39 39.59 -22.44 12.36
N VAL F 40 39.68 -21.39 11.56
CA VAL F 40 38.58 -20.83 10.82
C VAL F 40 38.78 -20.94 9.30
N ILE F 41 37.65 -20.88 8.57
CA ILE F 41 37.61 -21.00 7.12
C ILE F 41 36.77 -19.89 6.53
N ASN F 42 37.27 -19.26 5.45
CA ASN F 42 36.61 -18.04 4.92
C ASN F 42 35.23 -18.41 4.41
N SER F 43 34.24 -17.59 4.70
CA SER F 43 32.90 -17.80 4.17
C SER F 43 32.76 -17.32 2.74
N ARG F 44 33.33 -16.14 2.41
CA ARG F 44 33.21 -15.53 1.05
C ARG F 44 34.35 -14.54 0.73
N GLN F 45 34.19 -13.75 -0.34
CA GLN F 45 35.12 -12.63 -0.60
C GLN F 45 34.43 -11.48 -1.30
N PHE F 46 35.00 -10.27 -1.15
CA PHE F 46 34.61 -9.15 -1.91
C PHE F 46 35.46 -9.15 -3.23
N LEU F 47 36.70 -8.63 -3.19
CA LEU F 47 37.52 -8.71 -4.36
C LEU F 47 38.33 -9.96 -4.30
N SER F 48 38.98 -10.30 -5.38
CA SER F 48 39.62 -11.60 -5.39
C SER F 48 40.89 -11.65 -4.54
N HIS F 49 41.32 -10.51 -4.01
CA HIS F 49 42.53 -10.48 -3.17
C HIS F 49 42.21 -10.23 -1.70
N ASP F 50 40.96 -10.42 -1.31
CA ASP F 50 40.65 -10.40 0.09
C ASP F 50 39.94 -11.68 0.42
N LEU F 51 39.76 -11.95 1.71
CA LEU F 51 38.94 -13.07 2.16
C LEU F 51 38.08 -12.61 3.32
N ILE F 52 36.82 -13.04 3.33
CA ILE F 52 35.93 -12.66 4.40
C ILE F 52 35.64 -13.86 5.31
N PHE F 53 35.84 -13.62 6.62
CA PHE F 53 35.69 -14.67 7.67
C PHE F 53 34.58 -14.41 8.70
N PRO F 54 33.87 -15.45 9.11
CA PRO F 54 33.00 -15.24 10.31
C PRO F 54 33.87 -15.04 11.54
N ILE F 55 33.52 -14.10 12.39
CA ILE F 55 34.42 -13.80 13.48
C ILE F 55 33.61 -13.27 14.66
N GLU F 56 34.18 -13.23 15.84
CA GLU F 56 33.54 -12.55 16.95
C GLU F 56 34.45 -11.40 17.36
N TYR F 57 34.26 -10.21 16.80
CA TYR F 57 35.01 -9.11 17.40
C TYR F 57 34.07 -8.00 17.85
N LYS F 58 33.96 -7.86 19.17
CA LYS F 58 32.99 -6.99 19.82
C LYS F 58 31.58 -7.22 19.22
N SER F 59 30.95 -6.17 18.67
CA SER F 59 29.65 -6.29 18.05
C SER F 59 29.71 -6.84 16.62
N TYR F 60 30.92 -7.06 16.08
CA TYR F 60 31.03 -7.49 14.67
C TYR F 60 31.09 -8.99 14.56
N ASN F 61 30.50 -9.50 13.49
CA ASN F 61 30.46 -10.94 13.20
C ASN F 61 31.12 -11.34 11.85
N GLU F 62 31.71 -10.37 11.14
CA GLU F 62 32.65 -10.73 10.08
C GLU F 62 33.78 -9.75 9.88
N VAL F 63 34.88 -10.30 9.34
CA VAL F 63 36.10 -9.56 9.03
C VAL F 63 36.58 -9.81 7.59
N LYS F 64 36.89 -8.70 6.92
CA LYS F 64 37.52 -8.78 5.62
C LYS F 64 39.01 -8.62 5.85
N THR F 65 39.75 -9.66 5.50
CA THR F 65 41.14 -9.42 5.54
C THR F 65 41.68 -9.26 4.14
N GLU F 66 42.48 -8.23 3.96
CA GLU F 66 42.97 -7.95 2.63
C GLU F 66 44.38 -8.48 2.44
N LEU F 67 44.61 -9.15 1.31
CA LEU F 67 45.98 -9.54 0.93
C LEU F 67 46.56 -8.61 -0.12
N GLU F 68 47.87 -8.56 -0.26
CA GLU F 68 48.58 -7.72 -1.24
C GLU F 68 48.22 -8.12 -2.70
N ASN F 69 47.93 -9.39 -2.93
CA ASN F 69 47.63 -9.79 -4.25
C ASN F 69 46.80 -11.07 -4.23
N THR F 70 46.23 -11.42 -5.39
CA THR F 70 45.39 -12.59 -5.49
C THR F 70 46.07 -13.89 -5.15
N GLU F 71 47.32 -14.09 -5.55
CA GLU F 71 48.01 -15.36 -5.31
C GLU F 71 47.99 -15.60 -3.77
N LEU F 72 48.24 -14.55 -3.02
CA LEU F 72 48.40 -14.63 -1.61
C LEU F 72 47.04 -15.03 -1.03
N ALA F 73 45.96 -14.40 -1.50
CA ALA F 73 44.64 -14.76 -1.02
C ALA F 73 44.31 -16.18 -1.39
N ASN F 74 44.62 -16.58 -2.61
CA ASN F 74 44.38 -17.98 -3.00
C ASN F 74 45.11 -18.97 -2.08
N ASN F 75 46.23 -18.56 -1.50
CA ASN F 75 47.01 -19.52 -0.77
C ASN F 75 46.32 -19.99 0.58
N TYR F 76 45.44 -19.12 1.12
CA TYR F 76 44.70 -19.31 2.31
C TYR F 76 43.19 -19.48 2.09
N LYS F 77 42.74 -19.35 0.84
CA LYS F 77 41.35 -19.46 0.56
C LYS F 77 40.86 -20.88 0.83
N GLY F 78 39.77 -20.99 1.61
CA GLY F 78 39.16 -22.29 1.98
C GLY F 78 40.09 -23.31 2.63
N LYS F 79 40.90 -22.84 3.60
CA LYS F 79 41.75 -23.70 4.44
C LYS F 79 41.58 -23.37 5.92
N LYS F 80 41.97 -24.31 6.79
CA LYS F 80 41.86 -24.06 8.23
C LYS F 80 42.98 -23.06 8.59
N VAL F 81 42.62 -21.85 9.03
CA VAL F 81 43.64 -20.88 9.36
C VAL F 81 43.40 -20.27 10.71
N ASP F 82 44.47 -19.71 11.26
CA ASP F 82 44.29 -18.84 12.43
C ASP F 82 44.42 -17.40 12.01
N ILE F 83 43.77 -16.53 12.75
CA ILE F 83 43.81 -15.15 12.42
C ILE F 83 44.35 -14.35 13.55
N PHE F 84 45.27 -13.42 13.24
CA PHE F 84 45.66 -12.47 14.24
C PHE F 84 46.00 -11.13 13.58
N GLY F 85 45.26 -10.05 13.85
CA GLY F 85 45.63 -8.77 13.26
C GLY F 85 44.94 -7.53 13.80
N VAL F 86 45.17 -6.39 13.19
CA VAL F 86 44.64 -5.20 13.74
C VAL F 86 43.44 -4.81 12.90
N PRO F 87 42.21 -4.82 13.47
CA PRO F 87 40.98 -4.45 12.71
C PRO F 87 40.91 -2.93 12.58
N TYR F 88 40.30 -2.40 11.51
CA TYR F 88 39.97 -0.99 11.54
C TYR F 88 38.56 -0.89 11.05
N PHE F 89 37.94 0.30 11.13
CA PHE F 89 36.46 0.48 10.89
C PHE F 89 36.20 1.67 9.96
N TYR F 90 36.65 2.83 10.36
CA TYR F 90 36.68 3.95 9.52
C TYR F 90 37.48 3.62 8.25
N THR F 91 36.81 3.74 7.09
CA THR F 91 37.26 3.44 5.73
C THR F 91 37.21 1.94 5.44
N CYS F 92 36.80 1.16 6.40
CA CYS F 92 36.57 -0.24 6.11
C CYS F 92 35.48 -0.38 5.05
N ILE F 93 35.70 -1.26 4.09
CA ILE F 93 34.69 -1.49 3.08
C ILE F 93 34.44 -2.97 2.92
N ILE F 94 33.29 -3.40 3.41
CA ILE F 94 32.95 -4.80 3.33
C ILE F 94 31.46 -4.89 3.02
N PRO F 95 31.11 -5.23 1.78
CA PRO F 95 29.70 -5.51 1.41
C PRO F 95 29.11 -6.76 2.04
N LYS F 96 27.79 -6.79 2.14
CA LYS F 96 27.09 -8.01 2.56
C LYS F 96 26.99 -8.91 1.35
N SER F 97 26.78 -10.22 1.56
CA SER F 97 26.64 -11.20 0.43
C SER F 97 25.54 -10.65 -0.48
N GLU F 98 24.67 -9.85 0.18
CA GLU F 98 23.34 -9.35 -0.25
C GLU F 98 22.23 -10.33 0.20
N PHE F 105 27.88 -2.43 3.81
CA PHE F 105 29.03 -1.60 3.35
C PHE F 105 30.18 -1.46 4.41
N GLY F 106 29.82 -1.15 5.65
CA GLY F 106 30.79 -0.66 6.65
C GLY F 106 31.24 -1.48 7.87
N GLY F 107 31.08 -2.82 7.85
CA GLY F 107 31.55 -3.74 8.97
C GLY F 107 33.02 -3.66 9.49
N CYS F 108 33.70 -4.82 9.64
CA CYS F 108 35.11 -4.72 10.09
C CYS F 108 36.23 -5.27 9.17
N CYS F 109 37.35 -4.54 9.09
CA CYS F 109 38.40 -4.83 8.11
C CYS F 109 39.77 -4.95 8.72
N MET F 110 40.64 -5.69 8.02
CA MET F 110 42.04 -5.81 8.35
C MET F 110 42.98 -6.20 7.16
N TYR F 111 44.29 -6.43 7.42
CA TYR F 111 45.29 -6.93 6.45
C TYR F 111 45.95 -8.25 6.91
N GLY F 112 46.26 -9.12 5.96
CA GLY F 112 47.01 -10.31 6.29
C GLY F 112 46.49 -11.01 7.54
N GLY F 113 47.41 -11.47 8.37
CA GLY F 113 47.01 -12.00 9.66
C GLY F 113 46.78 -13.49 9.71
N LEU F 114 46.96 -14.18 8.59
CA LEU F 114 46.64 -15.59 8.51
C LEU F 114 47.83 -16.50 8.62
N THR F 115 47.66 -17.61 9.36
CA THR F 115 48.59 -18.73 9.34
C THR F 115 47.76 -20.00 9.30
N PHE F 116 48.37 -21.09 8.84
CA PHE F 116 47.67 -22.38 8.78
C PHE F 116 47.43 -22.92 10.17
N ASN F 117 46.24 -23.44 10.38
CA ASN F 117 45.83 -23.97 11.64
C ASN F 117 46.49 -25.30 11.90
N SER F 118 47.09 -25.43 13.08
CA SER F 118 47.78 -26.67 13.43
C SER F 118 47.51 -27.10 14.88
N SER F 119 48.04 -28.26 15.26
CA SER F 119 48.12 -28.68 16.68
C SER F 119 49.58 -28.58 17.19
N GLU F 120 49.94 -27.39 17.68
CA GLU F 120 51.29 -27.07 18.24
C GLU F 120 51.20 -26.82 19.77
N ASN F 121 50.74 -25.62 20.15
CA ASN F 121 50.27 -25.31 21.52
C ASN F 121 51.40 -24.87 22.42
N ARG F 123 53.54 -25.48 23.04
CA ARG F 123 53.96 -24.57 24.11
C ARG F 123 54.01 -23.09 23.61
N ASP F 124 53.85 -22.15 24.54
CA ASP F 124 54.17 -20.75 24.26
C ASP F 124 55.64 -20.54 23.85
N LYS F 125 55.94 -19.64 22.90
CA LYS F 125 57.32 -19.27 22.69
C LYS F 125 57.51 -17.86 23.15
N LEU F 126 58.70 -17.53 23.62
CA LEU F 126 58.98 -16.23 24.21
C LEU F 126 59.94 -15.48 23.35
N ILE F 127 59.63 -14.23 23.01
CA ILE F 127 60.56 -13.47 22.20
C ILE F 127 60.94 -12.24 22.94
N THR F 128 62.24 -12.00 23.01
CA THR F 128 62.76 -10.79 23.62
C THR F 128 62.87 -9.71 22.54
N VAL F 129 62.38 -8.53 22.91
CA VAL F 129 62.40 -7.40 22.08
C VAL F 129 63.37 -6.37 22.64
N GLN F 130 64.45 -6.10 21.95
CA GLN F 130 65.30 -5.02 22.50
C GLN F 130 64.94 -3.62 22.11
N VAL F 131 64.95 -2.71 23.08
CA VAL F 131 64.61 -1.32 22.84
C VAL F 131 65.80 -0.37 23.05
N THR F 132 66.10 0.48 22.09
CA THR F 132 67.21 1.40 22.24
C THR F 132 66.52 2.72 22.23
N ILE F 133 66.86 3.59 23.19
CA ILE F 133 66.32 4.95 23.21
C ILE F 133 67.50 5.87 23.20
N ASP F 134 67.59 6.75 22.19
CA ASP F 134 68.64 7.79 22.07
C ASP F 134 70.00 7.14 22.11
N ASN F 135 70.13 6.17 21.22
CA ASN F 135 71.21 5.20 21.20
C ASN F 135 71.66 4.59 22.51
N ARG F 136 70.77 4.48 23.47
CA ARG F 136 71.10 3.65 24.63
C ARG F 136 70.14 2.43 24.66
N GLN F 137 70.71 1.24 24.49
CA GLN F 137 69.90 0.04 24.60
C GLN F 137 69.64 -0.16 26.07
N SER F 138 68.56 0.47 26.53
CA SER F 138 68.25 0.63 27.94
C SER F 138 67.08 -0.25 28.49
N LEU F 139 66.46 -1.03 27.64
CA LEU F 139 65.42 -1.92 28.11
C LEU F 139 64.94 -2.97 27.11
N GLY F 140 64.21 -3.96 27.64
CA GLY F 140 63.86 -5.19 26.94
C GLY F 140 62.59 -5.75 27.57
N PHE F 141 61.79 -6.45 26.80
CA PHE F 141 60.58 -7.02 27.35
C PHE F 141 60.23 -8.19 26.48
N THR F 142 59.44 -9.13 26.99
CA THR F 142 59.18 -10.21 26.14
C THR F 142 57.74 -10.12 25.72
N ILE F 143 57.45 -10.68 24.54
CA ILE F 143 56.09 -10.87 24.03
C ILE F 143 56.01 -12.34 23.86
N THR F 144 54.81 -12.90 23.82
CA THR F 144 54.79 -14.34 23.74
C THR F 144 53.70 -14.71 22.76
N THR F 145 53.95 -15.73 21.93
CA THR F 145 52.95 -16.24 20.97
C THR F 145 52.93 -17.74 21.05
N ASN F 146 51.80 -18.39 20.73
CA ASN F 146 51.96 -19.83 20.61
C ASN F 146 52.14 -20.34 19.19
N LYS F 147 52.31 -19.47 18.21
CA LYS F 147 52.40 -20.04 16.88
C LYS F 147 53.86 -20.36 16.55
N ASN F 148 54.08 -21.43 15.83
CA ASN F 148 55.42 -21.76 15.49
C ASN F 148 55.88 -20.90 14.35
N MET F 149 55.08 -20.88 13.29
CA MET F 149 55.17 -19.88 12.25
C MET F 149 54.12 -18.82 12.58
N VAL F 150 54.53 -17.54 12.69
CA VAL F 150 53.67 -16.50 13.23
C VAL F 150 53.75 -15.28 12.29
N THR F 151 52.68 -14.49 12.11
CA THR F 151 52.77 -13.36 11.19
C THR F 151 53.63 -12.32 11.86
N ILE F 152 54.36 -11.51 11.08
CA ILE F 152 55.05 -10.32 11.59
C ILE F 152 53.99 -9.40 12.29
N GLN F 153 52.83 -9.27 11.65
CA GLN F 153 51.72 -8.55 12.32
C GLN F 153 51.52 -8.96 13.80
N GLU F 154 51.38 -10.26 14.08
CA GLU F 154 51.17 -10.68 15.47
C GLU F 154 52.31 -10.11 16.37
N LEU F 155 53.54 -10.27 15.92
CA LEU F 155 54.66 -9.83 16.66
C LEU F 155 54.68 -8.31 16.75
N ASP F 156 54.39 -7.65 15.63
CA ASP F 156 54.46 -6.18 15.61
C ASP F 156 53.41 -5.64 16.60
N TYR F 157 52.21 -6.25 16.54
CA TYR F 157 51.13 -5.77 17.38
C TYR F 157 51.51 -5.89 18.87
N LYS F 158 51.96 -7.08 19.25
CA LYS F 158 52.23 -7.35 20.67
C LYS F 158 53.34 -6.39 21.19
N ALA F 159 54.27 -6.05 20.33
CA ALA F 159 55.38 -5.21 20.70
C ALA F 159 54.93 -3.79 20.83
N ARG F 160 54.19 -3.26 19.84
CA ARG F 160 53.71 -1.86 20.01
C ARG F 160 52.71 -1.78 21.16
N HIS F 161 51.97 -2.86 21.42
CA HIS F 161 51.03 -2.83 22.55
C HIS F 161 51.73 -2.57 23.93
N TRP F 162 52.70 -3.41 24.19
CA TRP F 162 53.49 -3.30 25.34
C TRP F 162 54.03 -1.85 25.39
N LEU F 163 54.67 -1.37 24.31
CA LEU F 163 55.26 -0.04 24.34
C LEU F 163 54.23 1.08 24.47
N THR F 164 53.01 0.81 24.06
CA THR F 164 52.02 1.84 24.23
C THR F 164 51.58 1.88 25.71
N LYS F 165 51.36 0.70 26.28
CA LYS F 165 50.93 0.54 27.62
C LYS F 165 52.05 0.95 28.57
N GLU F 166 53.27 0.54 28.27
CA GLU F 166 54.33 0.73 29.28
C GLU F 166 55.16 1.95 29.01
N LYS F 167 55.40 2.30 27.74
CA LYS F 167 56.32 3.42 27.48
C LYS F 167 55.67 4.62 26.80
N LYS F 168 54.36 4.69 26.79
CA LYS F 168 53.75 5.78 26.09
C LYS F 168 54.26 5.93 24.64
N LEU F 169 54.41 4.83 23.93
CA LEU F 169 54.73 4.87 22.48
C LEU F 169 53.76 5.78 21.72
N TYR F 170 52.46 5.56 21.97
CA TYR F 170 51.43 6.38 21.35
C TYR F 170 50.58 6.98 22.44
N GLU F 171 50.45 8.28 22.46
CA GLU F 171 49.44 8.83 23.39
C GLU F 171 48.43 9.54 22.52
N PHE F 172 47.42 10.16 23.13
CA PHE F 172 46.30 10.68 22.39
C PHE F 172 46.71 11.85 21.57
N ASP F 173 47.60 12.66 22.12
CA ASP F 173 48.08 13.80 21.40
C ASP F 173 49.58 13.87 21.43
N GLY F 174 50.24 12.74 21.38
CA GLY F 174 51.66 12.75 21.09
C GLY F 174 52.25 11.40 21.43
N SER F 175 53.50 11.43 21.81
CA SER F 175 54.16 10.24 22.27
C SER F 175 55.25 10.64 23.24
N ALA F 176 55.77 9.70 24.02
CA ALA F 176 56.99 10.03 24.75
C ALA F 176 58.10 10.36 23.76
N PHE F 177 57.94 10.03 22.49
CA PHE F 177 59.08 10.05 21.55
C PHE F 177 58.86 11.00 20.34
N GLU F 178 59.81 11.10 19.42
CA GLU F 178 59.66 11.96 18.24
C GLU F 178 59.67 11.08 17.00
N SER F 179 60.42 9.98 17.06
CA SER F 179 60.45 9.03 15.96
C SER F 179 61.09 7.74 16.40
N GLY F 180 60.92 6.70 15.59
CA GLY F 180 61.52 5.43 15.88
C GLY F 180 61.09 4.44 14.85
N TYR F 181 61.64 3.23 14.91
CA TYR F 181 61.24 2.18 13.99
C TYR F 181 61.38 0.84 14.64
N ILE F 182 60.74 -0.18 14.05
CA ILE F 182 60.88 -1.55 14.51
C ILE F 182 61.59 -2.32 13.39
N LYS F 183 62.69 -2.99 13.73
CA LYS F 183 63.41 -3.80 12.77
C LYS F 183 63.29 -5.30 13.11
N PHE F 184 62.97 -6.12 12.13
CA PHE F 184 62.87 -7.54 12.34
C PHE F 184 64.02 -8.15 11.59
N THR F 185 64.73 -9.08 12.20
CA THR F 185 65.78 -9.82 11.50
C THR F 185 65.57 -11.33 11.63
N GLU F 186 65.62 -12.04 10.51
CA GLU F 186 65.27 -13.46 10.54
C GLU F 186 66.56 -14.28 10.61
N LYS F 187 66.42 -15.58 10.81
CA LYS F 187 67.58 -16.45 10.98
C LYS F 187 68.61 -16.24 9.93
N ASN F 188 68.20 -16.16 8.66
CA ASN F 188 69.11 -16.00 7.53
C ASN F 188 69.69 -14.57 7.36
N ASN F 189 69.50 -13.76 8.38
CA ASN F 189 69.95 -12.36 8.40
C ASN F 189 69.36 -11.37 7.38
N THR F 190 68.33 -11.77 6.65
CA THR F 190 67.56 -10.76 5.96
C THR F 190 66.73 -9.99 6.99
N SER F 191 66.55 -8.69 6.78
CA SER F 191 65.82 -7.91 7.74
C SER F 191 64.91 -6.88 7.06
N PHE F 192 64.08 -6.21 7.84
CA PHE F 192 63.23 -5.16 7.30
C PHE F 192 62.64 -4.44 8.46
N TRP F 193 62.07 -3.26 8.21
CA TRP F 193 61.63 -2.40 9.28
C TRP F 193 60.44 -1.57 8.87
N PHE F 194 59.70 -1.10 9.89
CA PHE F 194 58.58 -0.16 9.78
C PHE F 194 58.80 1.10 10.58
N ASP F 195 58.45 2.25 10.02
CA ASP F 195 58.35 3.48 10.75
C ASP F 195 57.18 3.34 11.71
N LEU F 196 57.41 3.62 12.98
CA LEU F 196 56.36 3.38 13.98
C LEU F 196 55.30 4.46 13.94
N PHE F 197 55.65 5.57 13.29
CA PHE F 197 54.83 6.78 13.32
C PHE F 197 54.17 7.12 11.96
N PRO F 198 53.01 7.77 11.97
CA PRO F 198 52.34 8.05 10.69
C PRO F 198 52.98 9.18 9.94
N LYS F 199 52.94 9.10 8.61
CA LYS F 199 53.32 10.24 7.71
C LYS F 199 52.55 11.51 8.03
N LYS F 200 53.22 12.65 7.93
CA LYS F 200 52.62 13.87 8.31
C LYS F 200 51.37 14.19 7.51
N GLU F 201 51.31 13.69 6.28
CA GLU F 201 50.19 13.95 5.39
C GLU F 201 48.95 13.11 5.75
N LEU F 202 49.11 12.12 6.64
CA LEU F 202 48.06 11.17 6.88
C LEU F 202 46.94 11.68 7.86
N VAL F 203 46.44 12.89 7.63
CA VAL F 203 45.42 13.52 8.44
C VAL F 203 44.24 13.88 7.53
N PRO F 204 43.05 13.37 7.81
CA PRO F 204 42.70 12.48 8.91
C PRO F 204 43.46 11.20 8.72
N PHE F 205 43.36 10.32 9.73
CA PHE F 205 44.10 9.11 9.80
C PHE F 205 43.33 8.06 9.13
N VAL F 206 43.80 7.69 7.96
CA VAL F 206 43.08 6.76 7.13
C VAL F 206 43.62 5.38 7.42
N PRO F 207 42.91 4.62 8.23
CA PRO F 207 43.57 3.39 8.73
C PRO F 207 44.13 2.50 7.67
N TYR F 208 43.47 2.33 6.54
CA TYR F 208 44.01 1.39 5.54
C TYR F 208 45.40 1.75 4.98
N LYS F 209 45.80 3.00 5.02
CA LYS F 209 47.09 3.34 4.49
C LYS F 209 48.20 3.14 5.48
N PHE F 210 47.88 2.57 6.64
CA PHE F 210 48.84 2.48 7.73
C PHE F 210 48.91 1.01 8.03
N LEU F 211 47.78 0.31 7.98
CA LEU F 211 47.80 -1.11 8.22
C LEU F 211 48.18 -1.93 6.96
N ASN F 212 48.22 -1.33 5.78
CA ASN F 212 48.41 -2.13 4.63
C ASN F 212 49.80 -2.84 4.61
N ILE F 213 50.79 -2.23 5.23
CA ILE F 213 52.03 -2.94 5.54
C ILE F 213 51.89 -4.41 5.97
N TYR F 214 50.78 -4.82 6.57
CA TYR F 214 50.64 -6.22 6.99
C TYR F 214 50.07 -7.02 5.85
N GLY F 215 49.81 -6.33 4.76
CA GLY F 215 49.13 -7.01 3.64
C GLY F 215 49.97 -8.10 2.99
N ASP F 216 51.28 -8.12 3.20
CA ASP F 216 52.05 -9.26 2.62
C ASP F 216 51.87 -10.55 3.33
N ASN F 217 51.19 -10.57 4.49
CA ASN F 217 51.11 -11.79 5.25
C ASN F 217 52.47 -12.51 5.45
N LYS F 218 53.47 -11.70 5.77
CA LYS F 218 54.80 -12.20 6.01
C LYS F 218 54.76 -13.04 7.29
N VAL F 219 55.34 -14.22 7.23
CA VAL F 219 55.17 -15.16 8.30
C VAL F 219 56.56 -15.60 8.62
N VAL F 220 56.93 -15.61 9.89
CA VAL F 220 58.32 -15.97 10.29
C VAL F 220 58.36 -17.06 11.36
N ASP F 221 59.49 -17.75 11.49
CA ASP F 221 59.75 -18.67 12.58
C ASP F 221 59.91 -17.96 13.93
N SER F 222 58.98 -18.24 14.86
CA SER F 222 59.03 -17.54 16.15
C SER F 222 60.18 -17.99 17.05
N LYS F 223 60.77 -19.14 16.73
CA LYS F 223 61.83 -19.71 17.52
C LYS F 223 63.10 -18.89 17.37
N SER F 224 63.26 -18.25 16.22
CA SER F 224 64.48 -17.51 15.89
C SER F 224 64.28 -16.04 15.57
N ILE F 225 63.06 -15.59 15.28
CA ILE F 225 62.91 -14.22 14.88
C ILE F 225 63.63 -13.34 15.87
N LYS F 226 64.26 -12.31 15.35
CA LYS F 226 64.90 -11.32 16.19
C LYS F 226 64.15 -9.97 16.00
N MET F 227 64.04 -9.21 17.08
CA MET F 227 63.22 -7.99 17.11
C MET F 227 63.87 -6.86 17.91
N GLU F 228 64.01 -5.70 17.26
CA GLU F 228 64.60 -4.47 17.90
C GLU F 228 63.77 -3.19 17.69
N VAL F 229 63.59 -2.46 18.74
CA VAL F 229 62.91 -1.24 18.54
C VAL F 229 63.89 -0.06 18.78
N PHE F 230 63.87 0.97 17.93
CA PHE F 230 64.80 2.12 18.12
C PHE F 230 63.99 3.38 18.22
N LEU F 231 64.22 4.18 19.28
CA LEU F 231 63.44 5.36 19.47
C LEU F 231 64.28 6.60 19.75
N ASN F 232 63.72 7.78 19.42
CA ASN F 232 64.36 9.08 19.61
C ASN F 232 63.51 10.00 20.46
N THR F 233 64.05 10.56 21.54
CA THR F 233 63.21 11.55 22.28
C THR F 233 63.25 12.88 21.55
N HIS F 234 62.31 13.79 21.84
CA HIS F 234 62.27 15.07 21.10
C HIS F 234 63.63 15.80 21.01
N ALA G 4 16.08 -16.71 2.99
CA ALA G 4 17.31 -16.82 2.13
C ALA G 4 17.31 -18.03 1.11
N ALA G 5 16.72 -17.81 -0.08
CA ALA G 5 16.60 -18.76 -1.24
C ALA G 5 17.20 -20.20 -1.16
N VAL G 6 18.52 -20.36 -1.34
CA VAL G 6 19.11 -21.70 -1.35
C VAL G 6 20.10 -21.93 -0.23
N THR G 7 19.87 -22.98 0.55
CA THR G 7 20.70 -23.29 1.70
C THR G 7 21.34 -24.66 1.57
N GLN G 8 22.67 -24.66 1.55
CA GLN G 8 23.43 -25.89 1.58
C GLN G 8 23.86 -26.21 3.01
N SER G 9 24.22 -27.46 3.26
CA SER G 9 24.40 -28.00 4.61
C SER G 9 25.10 -29.35 4.52
N PRO G 10 26.25 -29.48 5.18
CA PRO G 10 27.01 -28.47 5.92
C PRO G 10 27.86 -27.58 5.00
N ARG G 11 28.37 -26.48 5.56
CA ARG G 11 29.28 -25.60 4.86
C ARG G 11 30.67 -26.20 4.63
N ASN G 12 31.18 -26.87 5.65
CA ASN G 12 32.46 -27.57 5.52
C ASN G 12 32.36 -28.97 6.05
N LYS G 13 33.07 -29.89 5.42
CA LYS G 13 33.03 -31.23 5.88
C LYS G 13 34.30 -31.94 5.51
N VAL G 14 34.82 -32.67 6.48
CA VAL G 14 35.88 -33.61 6.23
C VAL G 14 35.27 -34.99 6.37
N ALA G 15 35.83 -35.96 5.63
CA ALA G 15 35.33 -37.31 5.65
C ALA G 15 36.45 -38.19 5.16
N VAL G 16 36.32 -39.50 5.34
CA VAL G 16 37.43 -40.41 5.00
C VAL G 16 37.09 -41.35 3.85
N THR G 17 38.09 -41.72 3.08
CA THR G 17 37.88 -42.66 2.00
C THR G 17 36.98 -43.81 2.39
N GLY G 18 35.96 -44.05 1.55
CA GLY G 18 35.05 -45.18 1.69
C GLY G 18 33.81 -44.75 2.40
N GLU G 19 33.83 -43.60 3.06
CA GLU G 19 32.61 -43.10 3.73
C GLU G 19 31.49 -42.68 2.71
N LYS G 20 30.26 -42.74 3.22
CA LYS G 20 29.06 -42.36 2.49
C LYS G 20 28.57 -40.99 2.95
N VAL G 21 28.51 -40.04 2.02
CA VAL G 21 28.24 -38.63 2.37
C VAL G 21 27.04 -38.06 1.66
N THR G 22 26.22 -37.32 2.40
CA THR G 22 25.05 -36.69 1.85
C THR G 22 25.11 -35.18 2.01
N LEU G 23 25.12 -34.46 0.89
CA LEU G 23 25.11 -33.03 0.98
C LEU G 23 23.66 -32.61 0.83
N SER G 24 23.19 -31.67 1.64
CA SER G 24 21.77 -31.32 1.60
C SER G 24 21.59 -29.98 0.98
N CYS G 25 20.53 -29.82 0.20
CA CYS G 25 20.24 -28.52 -0.31
C CYS G 25 18.80 -28.22 -0.18
N GLN G 26 18.47 -27.03 0.24
CA GLN G 26 17.10 -26.73 0.47
C GLN G 26 16.80 -25.40 -0.18
N GLN G 27 15.66 -25.27 -0.85
CA GLN G 27 15.37 -24.02 -1.56
C GLN G 27 14.06 -23.49 -1.01
N THR G 28 13.79 -22.22 -1.21
CA THR G 28 12.52 -21.65 -0.76
C THR G 28 11.77 -20.93 -1.89
N ASN G 29 12.24 -21.13 -3.13
CA ASN G 29 11.74 -20.39 -4.29
C ASN G 29 10.61 -21.10 -4.98
N ASN G 30 10.35 -22.33 -4.55
CA ASN G 30 9.38 -23.17 -5.26
C ASN G 30 9.75 -23.42 -6.70
N HIS G 31 11.01 -23.75 -6.95
CA HIS G 31 11.36 -23.93 -8.31
C HIS G 31 11.25 -25.40 -8.52
N ASN G 32 10.80 -25.80 -9.69
CA ASN G 32 10.93 -27.17 -10.06
C ASN G 32 12.31 -27.74 -10.18
N ASN G 33 13.28 -26.91 -10.58
CA ASN G 33 14.53 -27.48 -11.03
C ASN G 33 15.64 -27.23 -10.04
N MET G 34 16.45 -28.26 -9.84
CA MET G 34 17.53 -28.15 -8.90
C MET G 34 18.73 -28.82 -9.48
N TYR G 35 19.90 -28.26 -9.17
CA TYR G 35 21.14 -28.77 -9.75
C TYR G 35 22.18 -28.98 -8.67
N TRP G 36 23.20 -29.79 -8.95
CA TRP G 36 24.32 -30.05 -8.07
C TRP G 36 25.55 -30.08 -8.95
N TYR G 37 26.39 -29.06 -8.71
CA TYR G 37 27.71 -28.95 -9.35
C TYR G 37 28.83 -29.11 -8.32
N ARG G 38 29.98 -29.53 -8.84
CA ARG G 38 31.26 -29.35 -8.15
C ARG G 38 32.11 -28.25 -8.86
N GLN G 39 32.88 -27.48 -8.07
CA GLN G 39 33.86 -26.45 -8.58
C GLN G 39 35.32 -26.88 -8.29
N ASP G 40 36.20 -26.78 -9.29
CA ASP G 40 37.58 -27.31 -9.19
C ASP G 40 38.45 -26.37 -10.05
N THR G 41 39.68 -26.05 -9.62
CA THR G 41 40.31 -24.89 -10.31
C THR G 41 40.50 -25.01 -11.81
N GLY G 42 40.97 -26.15 -12.29
CA GLY G 42 41.01 -26.27 -13.75
C GLY G 42 39.72 -26.09 -14.59
N HIS G 43 38.56 -26.45 -14.03
CA HIS G 43 37.31 -26.70 -14.78
C HIS G 43 36.50 -25.66 -14.14
N GLY G 44 35.21 -25.57 -14.31
CA GLY G 44 34.62 -24.40 -13.62
C GLY G 44 33.62 -25.07 -12.74
N LEU G 45 32.36 -24.66 -12.87
CA LEU G 45 31.26 -25.51 -12.40
C LEU G 45 31.11 -26.68 -13.36
N ARG G 46 31.05 -27.91 -12.88
CA ARG G 46 30.65 -29.01 -13.74
C ARG G 46 29.39 -29.66 -13.15
N LEU G 47 28.39 -29.88 -14.00
CA LEU G 47 27.08 -30.44 -13.52
C LEU G 47 27.10 -31.96 -13.29
N ILE G 48 26.75 -32.34 -12.08
CA ILE G 48 26.82 -33.71 -11.62
C ILE G 48 25.47 -34.41 -11.80
N HIS G 49 24.44 -33.97 -11.04
CA HIS G 49 23.05 -34.34 -11.31
C HIS G 49 22.17 -33.13 -11.22
N TYR G 50 21.02 -33.21 -11.87
CA TYR G 50 20.00 -32.21 -11.66
C TYR G 50 18.64 -32.90 -11.48
N SER G 51 17.57 -32.13 -11.30
CA SER G 51 16.31 -32.68 -11.11
C SER G 51 15.22 -31.75 -11.58
N TYR G 52 14.20 -32.32 -12.22
CA TYR G 52 13.12 -31.53 -12.76
C TYR G 52 11.91 -31.61 -11.91
N GLY G 53 11.97 -32.32 -10.80
CA GLY G 53 10.81 -32.36 -9.89
C GLY G 53 10.89 -33.50 -8.93
N VAL G 54 9.90 -33.59 -8.03
CA VAL G 54 10.01 -34.54 -6.93
C VAL G 54 10.04 -35.88 -7.56
N GLY G 55 10.98 -36.72 -7.13
CA GLY G 55 11.00 -38.09 -7.61
C GLY G 55 11.90 -38.25 -8.81
N ASN G 56 12.35 -37.14 -9.38
CA ASN G 56 13.14 -37.17 -10.62
C ASN G 56 14.58 -36.75 -10.37
N THR G 57 15.50 -37.39 -11.10
CA THR G 57 16.93 -37.12 -11.09
C THR G 57 17.44 -37.39 -12.47
N GLU G 58 18.32 -36.52 -12.98
CA GLU G 58 18.99 -36.81 -14.25
C GLU G 58 20.46 -36.46 -14.15
N LYS G 59 21.23 -37.17 -14.96
CA LYS G 59 22.62 -37.14 -15.01
C LYS G 59 23.10 -35.87 -15.70
N GLY G 60 24.10 -35.21 -15.09
CA GLY G 60 24.80 -34.09 -15.69
C GLY G 60 25.88 -34.63 -16.56
N ASP G 61 26.94 -33.82 -16.68
CA ASP G 61 28.10 -34.20 -17.49
C ASP G 61 29.04 -35.17 -16.75
N ILE G 62 29.07 -35.13 -15.42
CA ILE G 62 30.00 -36.00 -14.68
C ILE G 62 29.37 -36.67 -13.48
N PRO G 63 28.39 -37.58 -13.71
CA PRO G 63 27.58 -38.21 -12.66
C PRO G 63 28.27 -39.39 -11.96
N ASP G 64 29.27 -39.99 -12.60
CA ASP G 64 29.93 -41.20 -12.03
C ASP G 64 30.42 -41.06 -10.59
N GLY G 65 30.18 -42.11 -9.82
CA GLY G 65 30.53 -42.11 -8.41
C GLY G 65 29.63 -41.23 -7.57
N TYR G 66 28.53 -40.72 -8.14
CA TYR G 66 27.54 -39.90 -7.38
C TYR G 66 26.15 -40.44 -7.63
N GLU G 67 25.24 -40.12 -6.72
CA GLU G 67 23.84 -40.47 -6.88
C GLU G 67 23.10 -39.24 -6.31
N ALA G 68 21.77 -39.13 -6.47
CA ALA G 68 21.05 -37.97 -5.99
C ALA G 68 19.65 -38.39 -5.61
N SER G 69 18.92 -37.53 -4.92
CA SER G 69 17.58 -37.86 -4.55
C SER G 69 16.73 -36.59 -4.41
N ARG G 70 15.53 -36.60 -4.93
CA ARG G 70 14.73 -35.40 -4.79
C ARG G 70 13.46 -35.77 -4.03
N PRO G 71 13.59 -35.93 -2.70
CA PRO G 71 12.54 -36.61 -1.97
C PRO G 71 11.40 -35.67 -1.74
N SER G 72 11.61 -34.39 -1.97
CA SER G 72 10.50 -33.45 -1.88
C SER G 72 10.79 -32.21 -2.68
N HIS G 73 9.78 -31.37 -2.82
CA HIS G 73 9.89 -30.27 -3.72
C HIS G 73 11.02 -29.33 -3.36
N GLU G 74 11.32 -29.22 -2.06
CA GLU G 74 12.27 -28.22 -1.56
C GLU G 74 13.69 -28.74 -1.38
N GLN G 75 13.86 -30.05 -1.46
CA GLN G 75 15.07 -30.70 -0.98
C GLN G 75 15.69 -31.53 -2.07
N PHE G 76 16.98 -31.37 -2.29
CA PHE G 76 17.68 -32.12 -3.36
C PHE G 76 19.00 -32.58 -2.77
N SER G 77 19.24 -33.87 -2.70
CA SER G 77 20.41 -34.33 -2.00
C SER G 77 21.37 -34.94 -2.93
N LEU G 78 22.65 -34.66 -2.73
CA LEU G 78 23.70 -35.33 -3.50
C LEU G 78 24.34 -36.31 -2.56
N ILE G 79 24.68 -37.48 -3.09
CA ILE G 79 25.18 -38.59 -2.28
C ILE G 79 26.38 -39.16 -2.95
N LEU G 80 27.50 -39.17 -2.21
CA LEU G 80 28.71 -39.90 -2.64
C LEU G 80 28.58 -41.23 -1.93
N VAL G 81 28.61 -42.29 -2.72
CA VAL G 81 28.38 -43.62 -2.17
C VAL G 81 29.58 -44.13 -1.37
N SER G 82 30.71 -44.25 -2.05
CA SER G 82 32.00 -44.59 -1.45
C SER G 82 33.04 -43.52 -1.84
N ALA G 83 33.14 -42.50 -0.99
CA ALA G 83 34.03 -41.35 -1.18
C ALA G 83 35.45 -41.72 -1.60
N THR G 84 36.01 -40.95 -2.52
CA THR G 84 37.39 -41.08 -2.96
C THR G 84 38.01 -39.69 -2.76
N PRO G 85 39.33 -39.59 -2.53
CA PRO G 85 39.89 -38.22 -2.41
C PRO G 85 39.65 -37.28 -3.63
N SER G 86 39.46 -37.89 -4.82
CA SER G 86 39.24 -37.10 -6.05
C SER G 86 37.87 -36.39 -6.04
N GLN G 87 37.07 -36.68 -5.02
CA GLN G 87 35.80 -36.01 -4.85
C GLN G 87 35.89 -34.88 -3.86
N SER G 88 37.13 -34.50 -3.52
CA SER G 88 37.36 -33.31 -2.70
C SER G 88 37.09 -32.17 -3.60
N SER G 89 36.25 -31.25 -3.15
CA SER G 89 35.85 -30.14 -4.00
C SER G 89 34.98 -29.20 -3.24
N VAL G 90 34.58 -28.13 -3.92
CA VAL G 90 33.51 -27.26 -3.39
C VAL G 90 32.25 -27.63 -4.13
N TYR G 91 31.17 -27.87 -3.42
CA TYR G 91 29.98 -28.30 -4.11
C TYR G 91 28.91 -27.26 -4.04
N PHE G 92 28.32 -27.02 -5.19
CA PHE G 92 27.26 -26.01 -5.27
C PHE G 92 25.88 -26.57 -5.73
N CYS G 93 24.88 -26.07 -5.05
CA CYS G 93 23.55 -26.48 -5.28
C CYS G 93 22.89 -25.27 -5.93
N ALA G 94 21.97 -25.50 -6.86
CA ALA G 94 21.19 -24.39 -7.38
C ALA G 94 19.76 -24.79 -7.66
N SER G 95 18.86 -23.83 -7.59
CA SER G 95 17.53 -24.03 -8.06
C SER G 95 17.35 -23.09 -9.22
N GLY G 96 16.46 -23.39 -10.15
CA GLY G 96 16.34 -22.54 -11.28
C GLY G 96 15.03 -22.60 -11.95
N VAL G 97 14.60 -21.50 -12.52
CA VAL G 97 13.46 -21.56 -13.33
C VAL G 97 13.90 -21.31 -14.74
N GLY G 98 13.83 -20.11 -15.30
CA GLY G 98 13.84 -20.12 -16.79
C GLY G 98 15.28 -20.11 -17.30
N GLY G 99 15.70 -18.92 -17.70
CA GLY G 99 17.13 -18.70 -17.79
C GLY G 99 17.80 -18.49 -16.42
N THR G 100 17.05 -18.39 -15.32
CA THR G 100 17.69 -17.90 -14.14
C THR G 100 18.05 -19.02 -13.17
N LEU G 101 19.26 -18.98 -12.63
CA LEU G 101 19.76 -20.00 -11.72
C LEU G 101 20.08 -19.32 -10.37
N TYR G 102 19.64 -19.87 -9.24
CA TYR G 102 20.02 -19.29 -7.93
C TYR G 102 20.92 -20.24 -7.25
N PHE G 103 22.18 -19.83 -7.06
CA PHE G 103 23.15 -20.66 -6.39
C PHE G 103 23.13 -20.45 -4.91
N GLY G 104 23.51 -21.51 -4.17
CA GLY G 104 23.72 -21.44 -2.75
C GLY G 104 25.18 -21.12 -2.45
N ALA G 105 25.52 -21.16 -1.16
CA ALA G 105 26.78 -20.58 -0.69
C ALA G 105 28.04 -21.51 -0.80
N GLY G 106 27.82 -22.79 -1.05
CA GLY G 106 28.88 -23.75 -1.36
C GLY G 106 29.09 -24.69 -0.18
N THR G 107 29.78 -25.80 -0.41
CA THR G 107 30.05 -26.78 0.59
C THR G 107 31.47 -27.29 0.35
N ARG G 108 32.41 -26.93 1.25
CA ARG G 108 33.78 -27.42 0.98
C ARG G 108 33.83 -28.77 1.61
N LEU G 109 34.29 -29.76 0.85
CA LEU G 109 34.41 -31.07 1.37
C LEU G 109 35.77 -31.56 1.06
N SER G 110 36.45 -32.01 2.12
CA SER G 110 37.72 -32.70 1.94
C SER G 110 37.66 -34.20 2.17
N VAL G 111 38.29 -35.00 1.31
CA VAL G 111 38.27 -36.46 1.51
C VAL G 111 39.65 -37.02 1.69
N LEU G 112 39.82 -37.73 2.83
CA LEU G 112 41.14 -38.26 3.33
C LEU G 112 41.60 -39.70 2.99
N ALA H 1 -5.58 -59.35 -28.22
CA ALA H 1 -4.45 -60.32 -28.03
C ALA H 1 -3.04 -59.74 -28.38
N GLN H 2 -2.11 -59.73 -27.39
CA GLN H 2 -0.66 -59.44 -27.66
C GLN H 2 0.28 -60.65 -27.32
N PRO H 3 1.00 -61.19 -28.35
CA PRO H 3 1.86 -62.38 -28.20
C PRO H 3 3.12 -62.08 -27.43
N ASP H 4 3.68 -63.07 -26.71
CA ASP H 4 4.91 -62.87 -25.90
C ASP H 4 6.01 -62.24 -26.74
N PRO H 5 6.89 -61.44 -26.15
CA PRO H 5 7.89 -60.76 -26.96
C PRO H 5 9.15 -61.57 -27.23
N LYS H 6 9.88 -61.23 -28.31
CA LYS H 6 11.22 -61.81 -28.60
C LYS H 6 12.30 -60.92 -27.97
N LEU H 7 13.47 -61.47 -27.70
CA LEU H 7 14.56 -60.70 -27.11
C LEU H 7 14.73 -59.29 -27.70
N ASP H 8 14.63 -59.17 -29.01
CA ASP H 8 14.96 -57.92 -29.69
C ASP H 8 13.78 -56.97 -29.62
N GLU H 9 12.66 -57.46 -29.10
CA GLU H 9 11.53 -56.56 -28.81
C GLU H 9 11.59 -55.76 -27.46
N LEU H 10 12.45 -56.16 -26.52
CA LEU H 10 12.43 -55.59 -25.19
C LEU H 10 13.42 -54.44 -25.05
N ASN H 11 13.06 -53.43 -24.26
CA ASN H 11 13.97 -52.34 -24.02
C ASN H 11 15.17 -52.84 -23.29
N LYS H 12 16.29 -52.17 -23.50
CA LYS H 12 17.52 -52.64 -22.91
C LYS H 12 18.00 -51.65 -21.92
N VAL H 13 18.43 -52.18 -20.76
CA VAL H 13 19.08 -51.37 -19.73
C VAL H 13 20.28 -50.59 -20.28
N SER H 14 21.16 -51.27 -21.00
CA SER H 14 22.36 -50.62 -21.55
C SER H 14 21.97 -49.47 -22.49
N ASP H 15 20.88 -49.63 -23.26
CA ASP H 15 20.42 -48.53 -24.13
C ASP H 15 19.95 -47.36 -23.28
N TYR H 16 19.35 -47.66 -22.12
CA TYR H 16 18.83 -46.55 -21.37
C TYR H 16 20.01 -45.84 -20.84
N LYS H 17 20.97 -46.60 -20.35
CA LYS H 17 22.14 -46.00 -19.73
C LYS H 17 22.95 -45.20 -20.79
N SER H 18 23.09 -45.70 -22.01
CA SER H 18 23.95 -44.93 -22.87
C SER H 18 23.27 -43.72 -23.54
N ASN H 19 21.94 -43.64 -23.49
CA ASN H 19 21.33 -42.39 -23.85
C ASN H 19 21.20 -41.56 -22.61
N LYS H 20 22.06 -41.78 -21.60
CA LYS H 20 22.15 -40.85 -20.46
C LYS H 20 20.99 -40.92 -19.50
N GLY H 21 20.29 -42.02 -19.49
CA GLY H 21 19.13 -42.07 -18.57
C GLY H 21 19.40 -42.59 -17.17
N THR H 22 18.49 -42.35 -16.24
CA THR H 22 18.73 -42.78 -14.86
C THR H 22 17.69 -43.78 -14.37
N MET H 23 18.10 -45.04 -14.36
CA MET H 23 17.24 -46.15 -13.96
C MET H 23 16.56 -45.92 -12.59
N GLY H 24 17.18 -45.06 -11.80
CA GLY H 24 16.68 -44.72 -10.49
C GLY H 24 15.33 -44.04 -10.51
N ASN H 25 15.02 -43.46 -11.63
CA ASN H 25 13.74 -42.83 -11.77
C ASN H 25 12.74 -43.95 -11.81
N VAL H 26 13.13 -45.10 -12.29
CA VAL H 26 12.17 -46.16 -12.35
C VAL H 26 12.23 -46.82 -10.97
N MET H 27 13.43 -46.90 -10.40
CA MET H 27 13.55 -47.54 -9.09
C MET H 27 12.58 -46.95 -8.09
N ASN H 28 12.46 -45.63 -8.12
CA ASN H 28 11.75 -44.90 -7.07
C ASN H 28 10.30 -45.16 -7.21
N LEU H 29 9.83 -45.42 -8.43
CA LEU H 29 8.40 -45.68 -8.61
C LEU H 29 8.05 -46.91 -7.85
N TYR H 30 8.93 -47.91 -7.85
CA TYR H 30 8.62 -49.18 -7.29
C TYR H 30 9.21 -49.43 -5.91
N MET H 31 10.09 -48.53 -5.48
CA MET H 31 10.61 -48.63 -4.12
C MET H 31 9.82 -47.72 -3.19
N SER H 32 9.18 -46.67 -3.68
CA SER H 32 8.42 -45.78 -2.79
C SER H 32 7.10 -46.41 -2.42
N PRO H 33 6.46 -45.95 -1.35
CA PRO H 33 5.19 -46.64 -1.08
C PRO H 33 4.12 -46.23 -2.10
N PRO H 34 3.08 -47.05 -2.24
CA PRO H 34 2.01 -46.71 -3.16
C PRO H 34 1.06 -45.73 -2.50
N VAL H 35 0.17 -45.16 -3.30
CA VAL H 35 -0.88 -44.32 -2.80
C VAL H 35 -1.93 -45.34 -2.43
N GLU H 36 -2.48 -45.22 -1.23
CA GLU H 36 -3.59 -46.08 -0.77
C GLU H 36 -4.73 -45.29 -0.17
N GLY H 37 -5.92 -45.89 -0.20
CA GLY H 37 -7.13 -45.26 0.26
C GLY H 37 -8.22 -46.30 0.37
N ARG H 38 -8.85 -46.39 1.55
CA ARG H 38 -9.95 -47.33 1.80
C ARG H 38 -11.23 -46.49 1.75
N GLY H 39 -12.19 -46.89 0.92
CA GLY H 39 -13.52 -46.30 0.90
C GLY H 39 -13.53 -44.80 0.75
N VAL H 40 -12.85 -44.29 -0.27
CA VAL H 40 -12.90 -42.86 -0.56
C VAL H 40 -13.84 -42.51 -1.73
N ILE H 41 -14.16 -41.21 -1.88
CA ILE H 41 -15.04 -40.67 -2.93
C ILE H 41 -14.40 -39.42 -3.55
N ASN H 42 -14.51 -39.24 -4.86
CA ASN H 42 -13.76 -38.16 -5.49
C ASN H 42 -14.38 -36.83 -5.11
N SER H 43 -13.57 -35.81 -4.80
CA SER H 43 -14.12 -34.47 -4.54
C SER H 43 -14.43 -33.73 -5.85
N ARG H 44 -13.56 -33.85 -6.85
CA ARG H 44 -13.74 -33.12 -8.11
C ARG H 44 -13.11 -33.88 -9.27
N GLN H 45 -12.94 -33.22 -10.42
CA GLN H 45 -12.28 -33.74 -11.61
C GLN H 45 -11.44 -32.58 -12.16
N PHE H 46 -10.39 -32.89 -12.92
CA PHE H 46 -9.78 -31.84 -13.74
C PHE H 46 -10.39 -31.95 -15.13
N LEU H 47 -9.96 -32.95 -15.91
CA LEU H 47 -10.59 -33.22 -17.16
C LEU H 47 -11.53 -34.35 -16.93
N SER H 48 -12.23 -34.70 -17.99
CA SER H 48 -13.34 -35.57 -17.81
C SER H 48 -13.00 -37.09 -17.78
N HIS H 49 -11.72 -37.46 -17.94
CA HIS H 49 -11.32 -38.87 -17.81
C HIS H 49 -10.41 -39.03 -16.65
N ASP H 50 -10.45 -38.14 -15.67
CA ASP H 50 -9.66 -38.30 -14.46
C ASP H 50 -10.57 -38.09 -13.25
N LEU H 51 -10.09 -38.44 -12.05
CA LEU H 51 -10.90 -38.17 -10.84
C LEU H 51 -9.96 -37.69 -9.76
N ILE H 52 -10.29 -36.62 -9.08
CA ILE H 52 -9.41 -36.18 -8.01
C ILE H 52 -9.87 -36.73 -6.63
N PHE H 53 -8.93 -37.28 -5.85
CA PHE H 53 -9.30 -37.79 -4.52
C PHE H 53 -8.55 -37.02 -3.39
N PRO H 54 -9.23 -36.78 -2.23
CA PRO H 54 -8.46 -36.34 -1.06
C PRO H 54 -7.73 -37.58 -0.57
N ILE H 55 -6.48 -37.38 -0.21
CA ILE H 55 -5.69 -38.51 0.12
C ILE H 55 -4.60 -38.03 1.02
N GLU H 56 -4.01 -38.93 1.76
CA GLU H 56 -2.81 -38.56 2.51
C GLU H 56 -1.68 -39.39 1.91
N TYR H 57 -0.71 -38.77 1.24
CA TYR H 57 0.53 -39.45 0.79
C TYR H 57 1.65 -38.46 1.01
N LYS H 58 2.60 -38.80 1.91
CA LYS H 58 3.64 -37.86 2.42
C LYS H 58 2.99 -36.51 2.63
N SER H 59 3.43 -35.45 1.97
CA SER H 59 2.80 -34.20 2.31
C SER H 59 1.66 -33.83 1.39
N TYR H 60 1.24 -34.69 0.47
CA TYR H 60 0.17 -34.29 -0.46
C TYR H 60 -1.14 -34.64 0.15
N ASN H 61 -2.13 -33.80 -0.10
CA ASN H 61 -3.45 -34.00 0.43
C ASN H 61 -4.52 -34.23 -0.67
N GLU H 62 -4.08 -34.27 -1.93
CA GLU H 62 -4.90 -34.88 -2.99
C GLU H 62 -4.13 -35.56 -4.13
N VAL H 63 -4.79 -36.54 -4.77
CA VAL H 63 -4.34 -37.25 -6.00
C VAL H 63 -5.28 -37.13 -7.20
N LYS H 64 -4.72 -36.81 -8.34
CA LYS H 64 -5.51 -36.95 -9.55
C LYS H 64 -5.25 -38.34 -10.05
N THR H 65 -6.27 -39.18 -10.14
CA THR H 65 -6.00 -40.39 -10.91
C THR H 65 -6.55 -40.35 -12.30
N GLU H 66 -5.73 -40.72 -13.27
CA GLU H 66 -6.16 -40.65 -14.70
C GLU H 66 -6.66 -41.97 -15.25
N LEU H 67 -7.70 -41.93 -16.05
CA LEU H 67 -8.22 -43.12 -16.70
C LEU H 67 -8.07 -42.93 -18.19
N GLU H 68 -8.07 -44.04 -18.91
CA GLU H 68 -7.87 -44.09 -20.34
C GLU H 68 -9.00 -43.39 -21.11
N ASN H 69 -10.24 -43.40 -20.59
CA ASN H 69 -11.31 -42.66 -21.24
C ASN H 69 -12.42 -42.25 -20.30
N THR H 70 -13.25 -41.34 -20.79
CA THR H 70 -14.36 -40.82 -19.99
C THR H 70 -15.28 -41.90 -19.43
N GLU H 71 -15.57 -42.96 -20.16
CA GLU H 71 -16.47 -43.90 -19.60
C GLU H 71 -15.90 -44.57 -18.32
N LEU H 72 -14.68 -45.12 -18.39
CA LEU H 72 -13.92 -45.50 -17.22
C LEU H 72 -14.02 -44.54 -16.00
N ALA H 73 -13.74 -43.26 -16.14
CA ALA H 73 -13.91 -42.36 -15.06
C ALA H 73 -15.36 -42.39 -14.51
N ASN H 74 -16.34 -42.28 -15.40
CA ASN H 74 -17.74 -42.20 -14.95
C ASN H 74 -18.12 -43.42 -14.12
N ASN H 75 -17.41 -44.51 -14.37
CA ASN H 75 -17.66 -45.71 -13.70
C ASN H 75 -17.32 -45.60 -12.22
N TYR H 76 -16.37 -44.74 -11.84
CA TYR H 76 -16.03 -44.66 -10.43
C TYR H 76 -16.46 -43.35 -9.85
N LYS H 77 -16.96 -42.44 -10.69
CA LYS H 77 -17.26 -41.09 -10.26
C LYS H 77 -18.30 -41.07 -9.13
N GLY H 78 -17.98 -40.41 -8.04
CA GLY H 78 -18.91 -40.34 -6.93
C GLY H 78 -19.24 -41.66 -6.20
N LYS H 79 -18.66 -42.79 -6.58
CA LYS H 79 -18.89 -44.05 -5.83
C LYS H 79 -17.82 -44.23 -4.76
N LYS H 80 -18.10 -45.06 -3.77
CA LYS H 80 -17.16 -45.36 -2.68
C LYS H 80 -16.13 -46.36 -3.22
N VAL H 81 -14.87 -45.98 -3.28
CA VAL H 81 -13.87 -46.82 -3.93
C VAL H 81 -12.60 -47.08 -3.09
N ASP H 82 -11.83 -48.13 -3.43
CA ASP H 82 -10.42 -48.21 -2.95
C ASP H 82 -9.40 -47.78 -3.99
N ILE H 83 -8.33 -47.12 -3.56
CA ILE H 83 -7.24 -46.72 -4.45
C ILE H 83 -6.01 -47.50 -4.08
N PHE H 84 -5.32 -48.03 -5.08
CA PHE H 84 -3.99 -48.52 -4.89
C PHE H 84 -3.21 -48.31 -6.20
N GLY H 85 -2.10 -47.53 -6.19
CA GLY H 85 -1.41 -47.21 -7.40
C GLY H 85 -0.07 -46.50 -7.19
N VAL H 86 0.63 -46.14 -8.27
CA VAL H 86 1.98 -45.67 -8.19
C VAL H 86 1.95 -44.18 -8.48
N PRO H 87 2.29 -43.36 -7.48
CA PRO H 87 2.24 -41.92 -7.69
C PRO H 87 3.42 -41.36 -8.49
N TYR H 88 3.24 -40.24 -9.17
CA TYR H 88 4.37 -39.52 -9.72
C TYR H 88 4.04 -38.04 -9.52
N PHE H 89 5.05 -37.20 -9.71
CA PHE H 89 5.01 -35.76 -9.32
C PHE H 89 5.58 -34.83 -10.40
N TYR H 90 6.77 -35.13 -10.87
CA TYR H 90 7.28 -34.51 -12.04
C TYR H 90 6.31 -34.84 -13.20
N THR H 91 5.90 -33.77 -13.90
CA THR H 91 4.99 -33.79 -15.04
C THR H 91 3.51 -33.98 -14.58
N CYS H 92 3.29 -34.04 -13.28
CA CYS H 92 1.96 -34.18 -12.82
C CYS H 92 1.20 -32.88 -13.05
N ILE H 93 0.02 -32.99 -13.63
CA ILE H 93 -0.81 -31.80 -13.79
C ILE H 93 -2.14 -31.92 -13.07
N ILE H 94 -2.27 -31.09 -12.03
CA ILE H 94 -3.45 -31.08 -11.21
C ILE H 94 -3.79 -29.66 -10.79
N PRO H 95 -4.72 -28.99 -11.48
CA PRO H 95 -5.06 -27.62 -11.06
C PRO H 95 -5.79 -27.52 -9.71
N LYS H 96 -5.53 -26.43 -8.99
CA LYS H 96 -6.22 -26.12 -7.70
C LYS H 96 -7.77 -25.95 -7.88
N SER H 97 -8.56 -26.14 -6.81
CA SER H 97 -10.05 -25.92 -6.84
C SER H 97 -10.46 -24.49 -7.25
N GLU H 98 -9.71 -23.51 -6.71
CA GLU H 98 -9.74 -22.05 -7.03
C GLU H 98 -10.82 -21.20 -6.30
N PHE H 105 -0.65 -26.13 -10.53
CA PHE H 105 -0.52 -27.25 -11.54
C PHE H 105 0.19 -28.52 -10.99
N GLY H 106 1.42 -28.38 -10.50
CA GLY H 106 2.21 -29.52 -9.97
C GLY H 106 1.60 -30.15 -8.71
N GLY H 107 1.78 -31.46 -8.49
CA GLY H 107 1.19 -32.11 -7.30
C GLY H 107 1.38 -33.61 -7.26
N CYS H 108 0.32 -34.36 -6.92
CA CYS H 108 0.37 -35.81 -6.96
C CYS H 108 -0.60 -36.46 -7.94
N CYS H 109 -0.05 -37.26 -8.84
CA CYS H 109 -0.83 -37.88 -9.91
C CYS H 109 -0.52 -39.37 -9.97
N MET H 110 -1.42 -40.08 -10.62
CA MET H 110 -1.26 -41.46 -10.87
C MET H 110 -2.24 -41.90 -12.01
N TYR H 111 -2.21 -43.20 -12.35
CA TYR H 111 -3.24 -43.81 -13.22
C TYR H 111 -4.04 -44.93 -12.60
N GLY H 112 -5.27 -45.03 -13.03
CA GLY H 112 -6.14 -46.19 -12.63
C GLY H 112 -6.12 -46.43 -11.13
N GLY H 113 -5.93 -47.68 -10.73
CA GLY H 113 -5.89 -48.05 -9.31
C GLY H 113 -7.19 -48.07 -8.53
N LEU H 114 -8.33 -48.00 -9.18
CA LEU H 114 -9.56 -47.94 -8.44
C LEU H 114 -10.21 -49.31 -8.45
N THR H 115 -10.79 -49.69 -7.29
CA THR H 115 -11.79 -50.76 -7.19
C THR H 115 -12.92 -50.29 -6.26
N PHE H 116 -14.07 -50.96 -6.39
CA PHE H 116 -15.24 -50.60 -5.58
C PHE H 116 -15.02 -51.05 -4.17
N ASN H 117 -15.41 -50.20 -3.22
CA ASN H 117 -15.32 -50.59 -1.85
C ASN H 117 -16.46 -51.52 -1.42
N SER H 118 -16.13 -52.71 -0.92
CA SER H 118 -17.10 -53.51 -0.11
C SER H 118 -16.45 -54.22 1.10
N SER H 119 -16.98 -55.38 1.49
CA SER H 119 -16.34 -56.23 2.51
C SER H 119 -15.58 -57.46 1.90
N GLU H 120 -14.36 -57.22 1.31
CA GLU H 120 -13.43 -58.23 0.64
C GLU H 120 -12.58 -58.94 1.70
N ASN H 121 -11.99 -58.08 2.54
CA ASN H 121 -11.68 -58.26 4.01
C ASN H 121 -10.26 -58.08 4.60
N ARG H 123 -9.78 -60.97 4.16
CA ARG H 123 -8.90 -62.14 4.02
C ARG H 123 -7.87 -62.03 2.89
N ASP H 124 -6.62 -61.90 3.31
CA ASP H 124 -5.50 -61.80 2.46
C ASP H 124 -5.51 -63.01 1.56
N LYS H 125 -5.33 -62.82 0.25
CA LYS H 125 -4.97 -63.92 -0.65
C LYS H 125 -3.52 -63.85 -1.14
N LEU H 126 -2.88 -64.98 -1.29
CA LEU H 126 -1.49 -65.02 -1.60
C LEU H 126 -1.34 -65.35 -3.04
N ILE H 127 -0.48 -64.65 -3.79
CA ILE H 127 -0.28 -65.06 -5.16
C ILE H 127 1.19 -65.38 -5.36
N THR H 128 1.46 -66.37 -6.18
CA THR H 128 2.81 -66.74 -6.43
C THR H 128 3.33 -66.16 -7.75
N VAL H 129 4.48 -65.49 -7.67
CA VAL H 129 5.09 -64.98 -8.84
C VAL H 129 6.27 -65.88 -9.17
N GLN H 130 6.22 -66.56 -10.31
CA GLN H 130 7.37 -67.32 -10.79
C GLN H 130 8.32 -66.50 -11.64
N VAL H 131 9.57 -66.51 -11.23
CA VAL H 131 10.60 -65.74 -11.92
C VAL H 131 11.57 -66.62 -12.73
N THR H 132 11.84 -66.20 -13.96
CA THR H 132 12.68 -66.94 -14.88
C THR H 132 13.83 -66.00 -15.18
N ILE H 133 15.06 -66.47 -15.00
CA ILE H 133 16.22 -65.66 -15.31
C ILE H 133 17.08 -66.38 -16.31
N ASP H 134 17.35 -65.72 -17.45
CA ASP H 134 18.14 -66.34 -18.51
C ASP H 134 17.59 -67.75 -18.78
N ASN H 135 16.27 -67.85 -18.85
CA ASN H 135 15.58 -69.10 -19.17
C ASN H 135 15.60 -70.25 -18.17
N ARG H 136 16.17 -70.02 -16.99
CA ARG H 136 16.04 -70.98 -15.93
C ARG H 136 14.97 -70.48 -14.95
N GLN H 137 13.92 -71.27 -14.73
CA GLN H 137 12.92 -70.89 -13.72
C GLN H 137 13.48 -71.18 -12.34
N SER H 138 14.10 -70.18 -11.72
CA SER H 138 15.00 -70.40 -10.63
C SER H 138 14.57 -69.80 -9.27
N LEU H 139 13.43 -69.12 -9.21
CA LEU H 139 12.88 -68.63 -7.97
C LEU H 139 11.40 -68.19 -8.08
N GLY H 140 10.77 -67.94 -6.94
CA GLY H 140 9.34 -67.62 -6.88
C GLY H 140 9.18 -66.84 -5.61
N PHE H 141 8.12 -66.09 -5.44
CA PHE H 141 8.01 -65.32 -4.19
C PHE H 141 6.56 -65.00 -4.22
N THR H 142 5.95 -64.68 -3.09
CA THR H 142 4.52 -64.51 -3.08
C THR H 142 4.21 -63.04 -2.79
N ILE H 143 3.03 -62.58 -3.21
CA ILE H 143 2.60 -61.22 -2.86
C ILE H 143 1.25 -61.37 -2.26
N THR H 144 0.80 -60.40 -1.51
CA THR H 144 -0.45 -60.65 -0.94
C THR H 144 -1.30 -59.42 -1.13
N THR H 145 -2.58 -59.67 -1.42
CA THR H 145 -3.57 -58.61 -1.49
C THR H 145 -4.83 -59.00 -0.75
N ASN H 146 -5.54 -58.05 -0.21
CA ASN H 146 -6.84 -58.54 0.22
C ASN H 146 -8.03 -58.04 -0.57
N LYS H 147 -7.90 -57.97 -1.88
CA LYS H 147 -9.03 -57.70 -2.70
C LYS H 147 -9.29 -58.91 -3.53
N ASN H 148 -10.54 -59.25 -3.73
CA ASN H 148 -10.87 -60.32 -4.60
C ASN H 148 -10.63 -59.88 -6.00
N MET H 149 -11.24 -58.77 -6.32
CA MET H 149 -11.07 -58.12 -7.59
C MET H 149 -10.00 -57.10 -7.35
N VAL H 150 -8.88 -57.25 -8.06
CA VAL H 150 -7.70 -56.45 -7.78
C VAL H 150 -7.19 -55.80 -9.06
N THR H 151 -6.73 -54.53 -9.02
CA THR H 151 -6.18 -53.99 -10.25
C THR H 151 -4.87 -54.69 -10.53
N ILE H 152 -4.56 -54.88 -11.83
CA ILE H 152 -3.20 -55.32 -12.24
C ILE H 152 -2.08 -54.42 -11.60
N GLN H 153 -2.36 -53.11 -11.50
CA GLN H 153 -1.36 -52.18 -11.00
C GLN H 153 -0.94 -52.64 -9.60
N GLU H 154 -1.93 -53.02 -8.79
CA GLU H 154 -1.63 -53.36 -7.39
C GLU H 154 -0.67 -54.55 -7.45
N LEU H 155 -0.98 -55.53 -8.25
CA LEU H 155 -0.11 -56.70 -8.34
C LEU H 155 1.27 -56.41 -8.96
N ASP H 156 1.30 -55.54 -10.00
CA ASP H 156 2.52 -55.26 -10.72
C ASP H 156 3.41 -54.59 -9.72
N TYR H 157 2.86 -53.57 -9.04
CA TYR H 157 3.61 -52.82 -8.06
C TYR H 157 4.21 -53.79 -7.02
N LYS H 158 3.38 -54.57 -6.35
CA LYS H 158 3.94 -55.39 -5.28
C LYS H 158 4.98 -56.35 -5.81
N ALA H 159 4.79 -56.84 -7.03
CA ALA H 159 5.77 -57.77 -7.64
C ALA H 159 7.03 -57.02 -7.98
N ARG H 160 6.91 -55.75 -8.41
CA ARG H 160 8.13 -55.07 -8.85
C ARG H 160 8.82 -54.59 -7.59
N HIS H 161 8.03 -54.27 -6.56
CA HIS H 161 8.63 -53.84 -5.28
C HIS H 161 9.54 -54.96 -4.75
N TRP H 162 9.05 -56.16 -4.74
CA TRP H 162 9.85 -57.21 -4.22
C TRP H 162 11.13 -57.30 -5.03
N LEU H 163 11.03 -57.56 -6.32
CA LEU H 163 12.21 -57.73 -7.15
C LEU H 163 13.16 -56.54 -7.03
N THR H 164 12.62 -55.37 -6.72
CA THR H 164 13.52 -54.28 -6.57
C THR H 164 14.24 -54.30 -5.24
N LYS H 165 13.60 -54.77 -4.17
CA LYS H 165 14.26 -54.77 -2.87
C LYS H 165 15.29 -55.90 -2.83
N GLU H 166 14.97 -56.98 -3.51
CA GLU H 166 15.60 -58.25 -3.29
C GLU H 166 16.47 -58.71 -4.42
N LYS H 167 16.16 -58.33 -5.67
CA LYS H 167 16.92 -58.83 -6.78
C LYS H 167 17.51 -57.76 -7.63
N LYS H 168 17.59 -56.57 -7.09
CA LYS H 168 18.18 -55.45 -7.84
C LYS H 168 17.54 -55.17 -9.21
N LEU H 169 16.25 -55.38 -9.30
CA LEU H 169 15.53 -55.19 -10.57
C LEU H 169 15.82 -53.79 -11.12
N TYR H 170 15.71 -52.78 -10.24
CA TYR H 170 16.03 -51.42 -10.66
C TYR H 170 17.08 -50.88 -9.71
N GLU H 171 18.20 -50.39 -10.22
CA GLU H 171 19.09 -49.66 -9.31
C GLU H 171 19.24 -48.25 -9.81
N PHE H 172 19.86 -47.37 -9.04
CA PHE H 172 20.08 -46.00 -9.40
C PHE H 172 20.62 -45.80 -10.79
N ASP H 173 21.61 -46.63 -11.12
CA ASP H 173 22.25 -46.48 -12.35
C ASP H 173 22.40 -47.78 -13.04
N GLY H 174 21.34 -48.57 -13.06
CA GLY H 174 21.34 -49.76 -13.90
C GLY H 174 20.42 -50.79 -13.29
N SER H 175 20.86 -52.05 -13.31
CA SER H 175 20.04 -53.11 -12.87
C SER H 175 20.89 -54.35 -12.87
N ALA H 176 20.52 -55.36 -12.10
CA ALA H 176 21.15 -56.63 -12.21
C ALA H 176 20.91 -57.23 -13.59
N PHE H 177 19.97 -56.68 -14.35
CA PHE H 177 19.53 -57.34 -15.58
C PHE H 177 19.69 -56.39 -16.74
N GLU H 178 19.59 -56.90 -17.97
CA GLU H 178 19.61 -56.10 -19.20
C GLU H 178 18.20 -55.78 -19.78
N SER H 179 17.24 -56.70 -19.60
CA SER H 179 15.93 -56.62 -20.22
C SER H 179 14.96 -57.60 -19.54
N GLY H 180 13.64 -57.41 -19.73
CA GLY H 180 12.71 -58.41 -19.27
C GLY H 180 11.29 -57.88 -19.17
N TYR H 181 10.35 -58.77 -18.88
CA TYR H 181 8.96 -58.39 -18.84
C TYR H 181 8.13 -59.19 -17.80
N ILE H 182 6.93 -58.71 -17.47
CA ILE H 182 6.08 -59.35 -16.49
C ILE H 182 4.85 -59.73 -17.26
N LYS H 183 4.43 -60.97 -17.10
CA LYS H 183 3.36 -61.48 -17.87
C LYS H 183 2.18 -61.94 -17.00
N PHE H 184 0.98 -61.55 -17.40
CA PHE H 184 -0.19 -61.91 -16.61
C PHE H 184 -1.13 -62.78 -17.40
N THR H 185 -1.62 -63.86 -16.82
CA THR H 185 -2.54 -64.77 -17.51
C THR H 185 -3.79 -64.98 -16.62
N GLU H 186 -4.96 -64.73 -17.18
CA GLU H 186 -6.21 -64.82 -16.48
C GLU H 186 -6.78 -66.22 -16.69
N LYS H 187 -7.78 -66.61 -15.90
CA LYS H 187 -8.25 -68.02 -15.94
C LYS H 187 -8.70 -68.47 -17.33
N ASN H 188 -9.31 -67.59 -18.11
CA ASN H 188 -9.75 -67.87 -19.48
C ASN H 188 -8.60 -67.91 -20.49
N ASN H 189 -7.38 -67.74 -20.01
CA ASN H 189 -6.13 -67.82 -20.81
C ASN H 189 -5.83 -66.63 -21.71
N THR H 190 -6.45 -65.50 -21.45
CA THR H 190 -5.96 -64.38 -22.19
C THR H 190 -4.79 -63.89 -21.35
N SER H 191 -3.81 -63.29 -22.00
CA SER H 191 -2.69 -62.79 -21.31
C SER H 191 -2.16 -61.52 -21.92
N PHE H 192 -1.28 -60.84 -21.18
CA PHE H 192 -0.70 -59.60 -21.67
C PHE H 192 0.47 -59.34 -20.81
N TRP H 193 1.37 -58.49 -21.27
CA TRP H 193 2.63 -58.29 -20.62
C TRP H 193 3.09 -56.86 -20.74
N PHE H 194 4.13 -56.52 -19.97
CA PHE H 194 4.70 -55.19 -19.90
C PHE H 194 6.20 -55.36 -19.82
N ASP H 195 6.88 -54.54 -20.58
CA ASP H 195 8.30 -54.47 -20.59
C ASP H 195 8.65 -53.83 -19.27
N LEU H 196 9.59 -54.41 -18.56
CA LEU H 196 9.92 -53.85 -17.25
C LEU H 196 10.82 -52.64 -17.34
N PHE H 197 11.38 -52.38 -18.51
CA PHE H 197 12.33 -51.28 -18.58
C PHE H 197 11.90 -50.12 -19.48
N PRO H 198 12.36 -48.92 -19.19
CA PRO H 198 11.94 -47.81 -20.02
C PRO H 198 12.54 -47.85 -21.45
N LYS H 199 11.79 -47.28 -22.36
CA LYS H 199 12.26 -46.98 -23.73
C LYS H 199 13.50 -46.07 -23.75
N LYS H 200 14.49 -46.41 -24.56
CA LYS H 200 15.70 -45.63 -24.56
C LYS H 200 15.44 -44.15 -24.75
N GLU H 201 14.38 -43.77 -25.43
CA GLU H 201 14.16 -42.33 -25.73
C GLU H 201 13.62 -41.56 -24.55
N LEU H 202 13.35 -42.24 -23.45
CA LEU H 202 12.54 -41.63 -22.43
C LEU H 202 13.40 -40.91 -21.40
N VAL H 203 14.11 -39.86 -21.83
CA VAL H 203 15.10 -39.19 -21.02
C VAL H 203 14.96 -37.72 -21.42
N PRO H 204 14.70 -36.85 -20.47
CA PRO H 204 14.46 -37.18 -19.05
C PRO H 204 13.36 -38.26 -18.96
N PHE H 205 13.33 -38.99 -17.84
CA PHE H 205 12.28 -39.92 -17.59
C PHE H 205 10.97 -39.20 -17.43
N VAL H 206 10.01 -39.45 -18.33
CA VAL H 206 8.71 -38.80 -18.17
C VAL H 206 7.70 -39.79 -17.58
N PRO H 207 7.36 -39.65 -16.31
CA PRO H 207 6.63 -40.74 -15.63
C PRO H 207 5.31 -41.04 -16.25
N TYR H 208 4.59 -40.01 -16.69
CA TYR H 208 3.27 -40.26 -17.26
C TYR H 208 3.37 -41.17 -18.45
N LYS H 209 4.47 -41.21 -19.20
CA LYS H 209 4.49 -42.19 -20.30
C LYS H 209 4.94 -43.56 -19.94
N PHE H 210 5.25 -43.76 -18.68
CA PHE H 210 5.60 -45.09 -18.20
C PHE H 210 4.39 -45.63 -17.42
N LEU H 211 3.81 -44.82 -16.54
CA LEU H 211 2.65 -45.27 -15.77
C LEU H 211 1.36 -45.36 -16.54
N ASN H 212 1.33 -44.85 -17.77
CA ASN H 212 0.05 -44.88 -18.45
C ASN H 212 -0.48 -46.22 -18.81
N ILE H 213 0.38 -47.19 -18.91
CA ILE H 213 -0.08 -48.57 -18.96
C ILE H 213 -1.17 -48.93 -17.90
N TYR H 214 -1.25 -48.24 -16.77
CA TYR H 214 -2.19 -48.57 -15.72
C TYR H 214 -3.52 -47.87 -15.93
N GLY H 215 -3.56 -46.95 -16.90
CA GLY H 215 -4.76 -46.20 -17.14
C GLY H 215 -6.01 -46.93 -17.61
N ASP H 216 -5.89 -48.17 -18.08
CA ASP H 216 -7.09 -48.94 -18.43
C ASP H 216 -7.80 -49.41 -17.17
N ASN H 217 -7.13 -49.29 -16.02
CA ASN H 217 -7.70 -49.75 -14.77
C ASN H 217 -8.24 -51.19 -14.88
N LYS H 218 -7.42 -52.08 -15.51
CA LYS H 218 -7.72 -53.48 -15.58
C LYS H 218 -7.71 -54.06 -14.18
N VAL H 219 -8.72 -54.94 -13.98
CA VAL H 219 -9.10 -55.51 -12.71
C VAL H 219 -9.17 -57.03 -12.97
N VAL H 220 -8.61 -57.83 -12.07
CA VAL H 220 -8.69 -59.28 -12.17
C VAL H 220 -8.98 -59.92 -10.83
N ASP H 221 -9.29 -61.19 -10.90
CA ASP H 221 -9.61 -62.05 -9.83
C ASP H 221 -8.30 -62.50 -9.15
N SER H 222 -8.09 -62.08 -7.92
CA SER H 222 -6.87 -62.45 -7.19
C SER H 222 -6.70 -63.96 -6.93
N LYS H 223 -7.82 -64.68 -6.97
CA LYS H 223 -7.79 -66.10 -6.66
C LYS H 223 -7.26 -66.93 -7.79
N SER H 224 -7.32 -66.42 -9.00
CA SER H 224 -6.88 -67.26 -10.14
C SER H 224 -5.78 -66.66 -10.98
N ILE H 225 -5.44 -65.38 -10.77
CA ILE H 225 -4.58 -64.67 -11.71
C ILE H 225 -3.27 -65.40 -11.71
N LYS H 226 -2.60 -65.49 -12.85
CA LYS H 226 -1.33 -66.11 -12.87
C LYS H 226 -0.26 -65.05 -13.18
N MET H 227 0.92 -65.15 -12.53
CA MET H 227 1.94 -64.11 -12.64
C MET H 227 3.32 -64.64 -12.88
N GLU H 228 3.95 -64.23 -13.97
CA GLU H 228 5.30 -64.70 -14.31
C GLU H 228 6.31 -63.57 -14.73
N VAL H 229 7.56 -63.65 -14.35
CA VAL H 229 8.45 -62.58 -14.74
C VAL H 229 9.61 -63.23 -15.49
N PHE H 230 10.00 -62.68 -16.64
CA PHE H 230 11.13 -63.18 -17.40
C PHE H 230 12.23 -62.17 -17.41
N LEU H 231 13.41 -62.56 -16.96
CA LEU H 231 14.50 -61.63 -17.03
C LEU H 231 15.68 -62.21 -17.81
N ASN H 232 16.59 -61.34 -18.24
CA ASN H 232 17.79 -61.60 -19.02
C ASN H 232 18.88 -60.74 -18.45
N THR H 233 19.97 -61.38 -18.04
CA THR H 233 21.14 -60.63 -17.65
C THR H 233 21.91 -60.34 -18.92
N HIS H 234 22.92 -59.48 -18.84
CA HIS H 234 23.74 -59.05 -20.01
C HIS H 234 24.42 -60.15 -20.84
N ALA I 4 12.50 -8.89 -20.62
CA ALA I 4 13.68 -9.74 -21.08
C ALA I 4 15.06 -9.37 -20.39
N ALA I 5 15.68 -10.34 -19.72
CA ALA I 5 16.90 -10.13 -18.95
C ALA I 5 18.12 -9.89 -19.85
N VAL I 6 18.42 -10.86 -20.72
CA VAL I 6 19.67 -11.04 -21.37
C VAL I 6 19.28 -11.48 -22.76
N THR I 7 19.76 -10.77 -23.78
CA THR I 7 19.43 -11.13 -25.14
C THR I 7 20.72 -11.10 -25.95
N GLN I 8 21.00 -12.21 -26.64
CA GLN I 8 22.17 -12.37 -27.47
C GLN I 8 21.77 -12.13 -28.88
N SER I 9 22.78 -11.96 -29.72
CA SER I 9 22.56 -11.66 -31.12
C SER I 9 23.90 -11.79 -31.78
N PRO I 10 23.96 -12.46 -32.93
CA PRO I 10 22.80 -13.11 -33.59
C PRO I 10 22.47 -14.43 -32.87
N ARG I 11 21.29 -14.97 -33.17
CA ARG I 11 20.88 -16.25 -32.61
C ARG I 11 21.39 -17.45 -33.42
N ASN I 12 21.55 -17.26 -34.74
CA ASN I 12 22.13 -18.32 -35.57
C ASN I 12 23.06 -17.66 -36.55
N LYS I 13 24.20 -18.27 -36.79
CA LYS I 13 25.13 -17.71 -37.70
C LYS I 13 25.96 -18.87 -38.26
N VAL I 14 26.12 -18.88 -39.57
CA VAL I 14 27.07 -19.83 -40.17
C VAL I 14 28.27 -19.00 -40.60
N ALA I 15 29.48 -19.51 -40.37
CA ALA I 15 30.69 -18.80 -40.80
C ALA I 15 31.66 -19.68 -41.51
N VAL I 16 32.56 -19.03 -42.24
CA VAL I 16 33.66 -19.69 -42.91
C VAL I 16 34.86 -19.68 -42.00
N THR I 17 35.71 -20.70 -42.14
CA THR I 17 37.02 -20.66 -41.52
C THR I 17 37.69 -19.34 -41.84
N GLY I 18 38.19 -18.66 -40.81
CA GLY I 18 38.92 -17.41 -41.00
C GLY I 18 38.11 -16.12 -40.89
N GLU I 19 36.77 -16.22 -40.92
CA GLU I 19 35.95 -15.05 -40.68
C GLU I 19 36.13 -14.49 -39.22
N LYS I 20 35.71 -13.24 -39.06
CA LYS I 20 35.85 -12.57 -37.79
C LYS I 20 34.43 -12.40 -37.22
N VAL I 21 34.06 -13.24 -36.25
CA VAL I 21 32.70 -13.22 -35.68
C VAL I 21 32.60 -12.52 -34.33
N THR I 22 31.60 -11.69 -34.21
CA THR I 22 31.34 -10.97 -32.98
C THR I 22 29.98 -11.35 -32.48
N LEU I 23 29.92 -11.96 -31.30
CA LEU I 23 28.64 -12.27 -30.63
C LEU I 23 28.31 -11.19 -29.63
N SER I 24 27.11 -10.63 -29.66
CA SER I 24 26.71 -9.60 -28.69
C SER I 24 25.80 -10.12 -27.62
N CYS I 25 25.90 -9.51 -26.45
CA CYS I 25 25.09 -9.88 -25.34
C CYS I 25 24.71 -8.63 -24.63
N GLN I 26 23.43 -8.47 -24.33
CA GLN I 26 22.95 -7.19 -23.86
C GLN I 26 21.99 -7.51 -22.73
N GLN I 27 22.29 -7.02 -21.52
CA GLN I 27 21.55 -7.31 -20.31
C GLN I 27 20.80 -6.07 -19.90
N THR I 28 19.65 -6.21 -19.28
CA THR I 28 18.88 -5.07 -18.81
C THR I 28 18.80 -5.17 -17.31
N ASN I 29 19.59 -6.07 -16.73
CA ASN I 29 19.52 -6.35 -15.32
C ASN I 29 20.38 -5.45 -14.48
N ASN I 30 21.18 -4.59 -15.10
CA ASN I 30 22.11 -3.78 -14.34
C ASN I 30 23.14 -4.59 -13.49
N HIS I 31 23.66 -5.68 -14.03
CA HIS I 31 24.59 -6.47 -13.29
C HIS I 31 26.05 -6.11 -13.53
N ASN I 32 26.88 -6.16 -12.51
CA ASN I 32 28.28 -5.95 -12.77
C ASN I 32 28.93 -7.07 -13.56
N ASN I 33 28.53 -8.33 -13.38
CA ASN I 33 29.26 -9.41 -13.96
C ASN I 33 28.59 -9.99 -15.15
N MET I 34 29.37 -10.33 -16.19
CA MET I 34 28.79 -10.84 -17.41
C MET I 34 29.74 -11.93 -17.79
N TYR I 35 29.24 -12.98 -18.48
CA TYR I 35 30.03 -14.16 -18.76
C TYR I 35 29.83 -14.63 -20.18
N TRP I 36 30.82 -15.25 -20.83
CA TRP I 36 30.52 -15.92 -22.09
C TRP I 36 30.98 -17.35 -21.97
N TYR I 37 30.05 -18.30 -22.22
CA TYR I 37 30.38 -19.74 -22.29
C TYR I 37 30.15 -20.29 -23.64
N ARG I 38 30.83 -21.41 -23.96
CA ARG I 38 30.33 -22.31 -25.02
C ARG I 38 29.78 -23.61 -24.46
N GLN I 39 28.76 -24.16 -25.12
CA GLN I 39 28.18 -25.47 -24.75
C GLN I 39 28.37 -26.50 -25.85
N ASP I 40 28.85 -27.69 -25.46
CA ASP I 40 29.25 -28.77 -26.38
C ASP I 40 28.86 -30.05 -25.66
N THR I 41 28.51 -31.11 -26.41
CA THR I 41 27.81 -32.21 -25.77
C THR I 41 28.56 -32.96 -24.63
N GLY I 42 29.80 -33.38 -24.79
CA GLY I 42 30.40 -34.06 -23.59
C GLY I 42 30.51 -33.18 -22.31
N HIS I 43 31.03 -31.97 -22.48
CA HIS I 43 31.39 -31.04 -21.42
C HIS I 43 30.16 -30.23 -21.22
N GLY I 44 30.05 -29.33 -20.27
CA GLY I 44 28.73 -28.68 -20.17
C GLY I 44 28.79 -27.26 -20.70
N LEU I 45 28.58 -26.29 -19.84
CA LEU I 45 28.97 -24.95 -20.20
C LEU I 45 30.42 -24.75 -19.78
N ARG I 46 31.29 -24.29 -20.67
CA ARG I 46 32.66 -24.00 -20.26
C ARG I 46 32.94 -22.51 -20.45
N LEU I 47 33.49 -21.86 -19.42
CA LEU I 47 33.74 -20.41 -19.46
C LEU I 47 34.91 -19.98 -20.34
N ILE I 48 34.61 -19.05 -21.22
CA ILE I 48 35.61 -18.47 -22.10
C ILE I 48 36.28 -17.14 -21.52
N HIS I 49 35.49 -16.11 -21.33
CA HIS I 49 35.88 -14.84 -20.74
C HIS I 49 34.74 -14.33 -19.88
N TYR I 50 35.08 -13.53 -18.88
CA TYR I 50 34.05 -12.89 -18.09
C TYR I 50 34.50 -11.49 -17.82
N SER I 51 33.64 -10.73 -17.17
CA SER I 51 33.85 -9.36 -16.94
C SER I 51 33.17 -8.87 -15.66
N TYR I 52 33.92 -8.11 -14.85
CA TYR I 52 33.43 -7.61 -13.59
C TYR I 52 33.08 -6.18 -13.66
N GLY I 53 33.16 -5.60 -14.86
CA GLY I 53 32.83 -4.21 -15.02
C GLY I 53 33.22 -3.65 -16.35
N VAL I 54 32.70 -2.47 -16.65
CA VAL I 54 32.98 -1.81 -17.91
C VAL I 54 34.47 -1.76 -18.11
N GLY I 55 34.93 -2.15 -19.27
CA GLY I 55 36.34 -1.99 -19.52
C GLY I 55 37.21 -3.11 -19.01
N ASN I 56 36.61 -4.04 -18.27
CA ASN I 56 37.37 -5.14 -17.85
C ASN I 56 36.96 -6.51 -18.41
N THR I 57 37.94 -7.34 -18.76
CA THR I 57 37.66 -8.74 -19.03
C THR I 57 38.75 -9.65 -18.50
N GLU I 58 38.44 -10.90 -18.16
CA GLU I 58 39.45 -11.80 -17.74
C GLU I 58 39.13 -13.13 -18.28
N LYS I 59 40.17 -13.94 -18.34
CA LYS I 59 40.14 -15.22 -18.92
C LYS I 59 39.44 -16.30 -18.06
N GLY I 60 38.49 -17.00 -18.68
CA GLY I 60 37.83 -18.14 -18.09
C GLY I 60 38.69 -19.38 -18.17
N ASP I 61 38.05 -20.55 -18.35
CA ASP I 61 38.81 -21.75 -18.34
C ASP I 61 39.28 -22.12 -19.72
N ILE I 62 38.59 -21.63 -20.77
CA ILE I 62 39.08 -21.94 -22.13
C ILE I 62 39.13 -20.77 -23.05
N PRO I 63 40.03 -19.82 -22.73
CA PRO I 63 40.08 -18.54 -23.44
C PRO I 63 40.71 -18.59 -24.83
N ASP I 64 41.51 -19.62 -25.08
CA ASP I 64 42.30 -19.63 -26.31
C ASP I 64 41.43 -19.54 -27.54
N GLY I 65 41.75 -18.58 -28.39
CA GLY I 65 41.06 -18.42 -29.65
C GLY I 65 39.99 -17.36 -29.58
N TYR I 66 39.71 -16.80 -28.40
CA TYR I 66 38.62 -15.77 -28.39
C TYR I 66 39.13 -14.46 -27.84
N GLU I 67 38.54 -13.37 -28.25
CA GLU I 67 38.74 -12.16 -27.49
C GLU I 67 37.41 -11.71 -26.87
N ALA I 68 37.40 -10.60 -26.10
CA ALA I 68 36.17 -10.08 -25.51
C ALA I 68 36.24 -8.61 -25.20
N SER I 69 35.09 -8.01 -24.99
CA SER I 69 35.03 -6.63 -24.83
C SER I 69 33.80 -6.22 -24.00
N ARG I 70 33.97 -5.26 -23.10
CA ARG I 70 32.88 -4.81 -22.29
C ARG I 70 32.79 -3.31 -22.50
N PRO I 71 32.29 -2.88 -23.63
CA PRO I 71 32.43 -1.41 -23.84
C PRO I 71 31.40 -0.67 -23.02
N SER I 72 30.45 -1.37 -22.44
CA SER I 72 29.57 -0.64 -21.53
C SER I 72 28.95 -1.56 -20.55
N HIS I 73 28.16 -0.98 -19.67
CA HIS I 73 27.56 -1.76 -18.60
C HIS I 73 26.61 -2.88 -19.07
N GLU I 74 25.83 -2.58 -20.11
CA GLU I 74 24.84 -3.51 -20.57
C GLU I 74 25.36 -4.46 -21.63
N GLN I 75 26.58 -4.22 -22.13
CA GLN I 75 27.04 -4.95 -23.28
C GLN I 75 28.36 -5.73 -23.13
N PHE I 76 28.34 -6.99 -23.54
CA PHE I 76 29.52 -7.78 -23.42
C PHE I 76 29.69 -8.63 -24.65
N SER I 77 30.72 -8.40 -25.45
CA SER I 77 30.82 -9.12 -26.72
C SER I 77 31.93 -10.14 -26.72
N LEU I 78 31.74 -11.17 -27.53
CA LEU I 78 32.72 -12.19 -27.62
C LEU I 78 33.16 -12.12 -29.03
N ILE I 79 34.46 -12.29 -29.26
CA ILE I 79 35.02 -11.98 -30.56
C ILE I 79 35.85 -13.13 -30.99
N LEU I 80 35.58 -13.67 -32.15
CA LEU I 80 36.32 -14.79 -32.68
C LEU I 80 37.19 -14.25 -33.80
N VAL I 81 38.49 -14.42 -33.62
CA VAL I 81 39.46 -13.66 -34.35
C VAL I 81 39.50 -14.11 -35.80
N SER I 82 40.08 -15.29 -36.03
CA SER I 82 39.94 -16.05 -37.27
C SER I 82 39.29 -17.38 -36.91
N ALA I 83 37.99 -17.42 -37.18
CA ALA I 83 37.12 -18.55 -36.85
C ALA I 83 37.66 -19.83 -37.44
N THR I 84 37.77 -20.86 -36.60
CA THR I 84 38.20 -22.15 -37.04
C THR I 84 37.04 -23.14 -36.88
N PRO I 85 37.05 -24.27 -37.62
CA PRO I 85 35.85 -25.13 -37.43
C PRO I 85 35.64 -25.67 -36.00
N SER I 86 36.68 -25.82 -35.16
CA SER I 86 36.47 -26.32 -33.76
C SER I 86 35.72 -25.34 -32.86
N GLN I 87 35.47 -24.15 -33.37
CA GLN I 87 34.72 -23.13 -32.65
C GLN I 87 33.22 -23.16 -32.95
N SER I 88 32.81 -24.17 -33.71
CA SER I 88 31.42 -24.48 -33.98
C SER I 88 30.86 -24.95 -32.68
N SER I 89 29.79 -24.30 -32.24
CA SER I 89 29.23 -24.65 -30.94
C SER I 89 28.05 -23.74 -30.65
N VAL I 90 27.41 -23.90 -29.48
CA VAL I 90 26.33 -23.06 -29.04
C VAL I 90 26.90 -22.19 -27.95
N TYR I 91 26.74 -20.87 -28.08
CA TYR I 91 27.36 -19.88 -27.18
C TYR I 91 26.33 -19.20 -26.27
N PHE I 92 26.70 -19.12 -24.99
CA PHE I 92 25.81 -18.59 -23.97
C PHE I 92 26.43 -17.50 -23.19
N CYS I 93 25.63 -16.45 -23.08
CA CYS I 93 25.92 -15.25 -22.40
C CYS I 93 25.19 -15.31 -21.05
N ALA I 94 25.77 -14.78 -19.98
CA ALA I 94 25.04 -14.59 -18.73
C ALA I 94 25.43 -13.29 -18.06
N SER I 95 24.50 -12.72 -17.28
CA SER I 95 24.86 -11.73 -16.33
C SER I 95 24.53 -12.26 -14.94
N GLY I 96 25.17 -11.73 -13.90
CA GLY I 96 25.02 -12.26 -12.58
C GLY I 96 25.26 -11.22 -11.52
N VAL I 97 24.65 -11.44 -10.35
CA VAL I 97 25.06 -10.76 -9.14
C VAL I 97 24.87 -11.69 -7.96
N GLY I 98 25.93 -11.84 -7.18
CA GLY I 98 25.99 -12.74 -6.03
C GLY I 98 25.71 -14.18 -6.41
N GLY I 99 24.60 -14.73 -5.93
CA GLY I 99 24.29 -16.11 -6.28
C GLY I 99 23.43 -16.28 -7.52
N THR I 100 23.00 -15.16 -8.10
CA THR I 100 22.09 -15.26 -9.21
C THR I 100 22.72 -15.11 -10.62
N LEU I 101 22.34 -16.00 -11.51
CA LEU I 101 22.92 -16.08 -12.84
C LEU I 101 21.75 -16.11 -13.89
N TYR I 102 21.73 -15.14 -14.79
CA TYR I 102 20.73 -15.10 -15.83
C TYR I 102 21.33 -15.37 -17.22
N PHE I 103 20.87 -16.41 -17.90
CA PHE I 103 21.33 -16.71 -19.25
C PHE I 103 20.50 -16.17 -20.41
N GLY I 104 21.15 -15.95 -21.54
CA GLY I 104 20.44 -15.68 -22.79
C GLY I 104 20.05 -16.97 -23.43
N ALA I 105 19.40 -16.88 -24.58
CA ALA I 105 18.79 -18.06 -25.18
C ALA I 105 19.84 -18.84 -25.96
N GLY I 106 21.06 -18.30 -25.98
CA GLY I 106 22.17 -18.89 -26.76
C GLY I 106 22.24 -18.52 -28.25
N THR I 107 23.32 -18.97 -28.90
CA THR I 107 23.65 -18.58 -30.27
C THR I 107 24.22 -19.78 -30.94
N ARG I 108 23.56 -20.25 -32.00
CA ARG I 108 24.03 -21.46 -32.62
C ARG I 108 24.96 -21.01 -33.71
N LEU I 109 26.22 -21.41 -33.60
CA LEU I 109 27.25 -21.05 -34.61
C LEU I 109 27.99 -22.23 -35.18
N SER I 110 28.02 -22.30 -36.50
CA SER I 110 28.85 -23.28 -37.19
C SER I 110 29.84 -22.58 -38.08
N VAL I 111 30.99 -23.24 -38.19
CA VAL I 111 32.08 -22.80 -39.00
C VAL I 111 32.46 -23.94 -39.97
N LEU I 112 32.36 -23.65 -41.27
CA LEU I 112 32.88 -24.58 -42.33
C LEU I 112 34.36 -24.29 -42.71
N ALA J 1 66.57 10.28 -6.74
CA ALA J 1 65.34 9.88 -6.01
C ALA J 1 64.55 8.79 -6.77
N GLN J 2 64.67 8.76 -8.10
CA GLN J 2 64.20 7.63 -8.94
C GLN J 2 65.17 7.32 -10.11
N PRO J 3 66.25 6.62 -9.80
CA PRO J 3 67.14 6.27 -10.90
C PRO J 3 66.47 5.41 -12.02
N ASP J 4 66.91 5.63 -13.26
CA ASP J 4 66.35 4.87 -14.35
C ASP J 4 66.45 3.33 -14.15
N PRO J 5 65.45 2.59 -14.58
CA PRO J 5 65.40 1.17 -14.28
C PRO J 5 66.33 0.28 -15.15
N LYS J 6 66.88 -0.77 -14.52
CA LYS J 6 67.65 -1.79 -15.26
C LYS J 6 66.61 -2.72 -15.90
N LEU J 7 66.98 -3.39 -16.98
CA LEU J 7 66.10 -4.31 -17.65
C LEU J 7 65.32 -5.22 -16.67
N ASP J 8 65.93 -5.66 -15.58
CA ASP J 8 65.35 -6.70 -14.71
C ASP J 8 64.38 -6.08 -13.70
N GLU J 9 64.34 -4.76 -13.67
CA GLU J 9 63.42 -4.21 -12.73
C GLU J 9 62.16 -3.76 -13.46
N LEU J 10 61.92 -4.31 -14.67
CA LEU J 10 60.76 -3.93 -15.47
C LEU J 10 59.76 -5.07 -15.58
N ASN J 11 58.47 -4.77 -15.45
CA ASN J 11 57.45 -5.79 -15.68
C ASN J 11 57.48 -6.34 -17.09
N LYS J 12 57.14 -7.59 -17.25
CA LYS J 12 57.36 -8.20 -18.51
C LYS J 12 56.05 -8.62 -19.09
N VAL J 13 55.82 -8.36 -20.38
CA VAL J 13 54.61 -8.80 -21.01
C VAL J 13 54.40 -10.33 -20.92
N SER J 14 55.41 -11.14 -21.12
CA SER J 14 55.20 -12.57 -21.14
C SER J 14 54.85 -13.12 -19.74
N ASP J 15 55.27 -12.39 -18.70
CA ASP J 15 55.02 -12.84 -17.34
C ASP J 15 53.54 -12.63 -17.09
N TYR J 16 52.98 -11.55 -17.63
CA TYR J 16 51.60 -11.22 -17.37
C TYR J 16 50.74 -12.28 -18.11
N LYS J 17 51.17 -12.66 -19.33
CA LYS J 17 50.43 -13.59 -20.14
C LYS J 17 50.44 -14.95 -19.45
N SER J 18 51.60 -15.36 -18.92
CA SER J 18 51.64 -16.67 -18.36
C SER J 18 51.02 -16.78 -16.96
N ASN J 19 50.83 -15.65 -16.27
CA ASN J 19 49.97 -15.59 -15.09
C ASN J 19 48.49 -15.41 -15.45
N LYS J 20 48.14 -15.65 -16.71
CA LYS J 20 46.73 -15.62 -17.13
C LYS J 20 46.12 -14.22 -17.18
N GLY J 21 46.94 -13.19 -17.31
CA GLY J 21 46.43 -11.82 -17.37
C GLY J 21 45.92 -11.45 -18.73
N THR J 22 45.05 -10.48 -18.83
CA THR J 22 44.60 -10.03 -20.11
C THR J 22 45.08 -8.61 -20.36
N MET J 23 46.13 -8.50 -21.18
CA MET J 23 46.69 -7.18 -21.47
C MET J 23 45.64 -6.18 -21.99
N GLY J 24 44.52 -6.72 -22.49
CA GLY J 24 43.52 -5.86 -23.01
C GLY J 24 43.06 -4.84 -22.00
N ASN J 25 43.14 -5.20 -20.71
CA ASN J 25 42.57 -4.33 -19.68
C ASN J 25 43.45 -3.07 -19.60
N VAL J 26 44.73 -3.15 -19.87
CA VAL J 26 45.47 -1.95 -19.87
C VAL J 26 45.24 -1.29 -21.23
N MET J 27 45.18 -2.11 -22.28
CA MET J 27 44.88 -1.56 -23.56
C MET J 27 43.71 -0.59 -23.49
N ASN J 28 42.60 -1.03 -22.89
CA ASN J 28 41.38 -0.21 -22.92
C ASN J 28 41.53 1.09 -22.15
N LEU J 29 42.44 1.12 -21.17
CA LEU J 29 42.56 2.37 -20.43
C LEU J 29 43.19 3.45 -21.33
N TYR J 30 44.11 3.01 -22.18
CA TYR J 30 44.76 3.94 -23.04
C TYR J 30 44.11 4.08 -24.43
N MET J 31 43.23 3.17 -24.85
CA MET J 31 42.51 3.34 -26.09
C MET J 31 41.24 4.18 -25.86
N SER J 32 40.51 3.93 -24.80
CA SER J 32 39.27 4.58 -24.55
C SER J 32 39.51 6.10 -24.36
N PRO J 33 38.46 6.89 -24.57
CA PRO J 33 38.53 8.32 -24.42
C PRO J 33 38.84 8.64 -22.98
N PRO J 34 39.45 9.79 -22.72
CA PRO J 34 39.67 10.21 -21.35
C PRO J 34 38.42 10.88 -20.79
N VAL J 35 38.34 11.11 -19.49
CA VAL J 35 37.36 11.95 -18.92
C VAL J 35 37.94 13.30 -19.09
N GLU J 36 37.20 14.27 -19.65
CA GLU J 36 37.59 15.70 -19.60
C GLU J 36 36.50 16.57 -18.98
N GLY J 37 36.85 17.77 -18.51
CA GLY J 37 35.89 18.72 -17.98
C GLY J 37 36.52 20.09 -17.98
N ARG J 38 35.75 21.09 -18.46
CA ARG J 38 36.23 22.50 -18.48
C ARG J 38 35.47 23.31 -17.43
N GLY J 39 36.18 24.00 -16.55
CA GLY J 39 35.53 24.87 -15.56
C GLY J 39 34.47 24.28 -14.61
N VAL J 40 34.76 23.08 -14.08
CA VAL J 40 33.84 22.39 -13.18
C VAL J 40 34.31 22.52 -11.73
N ILE J 41 33.42 22.15 -10.83
CA ILE J 41 33.55 22.34 -9.41
C ILE J 41 32.97 21.07 -8.80
N ASN J 42 33.64 20.58 -7.79
CA ASN J 42 33.23 19.33 -7.19
C ASN J 42 31.85 19.45 -6.48
N SER J 43 30.94 18.53 -6.73
CA SER J 43 29.71 18.52 -5.97
C SER J 43 29.83 18.05 -4.48
N ARG J 44 30.65 17.04 -4.21
CA ARG J 44 30.67 16.41 -2.90
C ARG J 44 32.01 15.63 -2.73
N GLN J 45 32.09 14.77 -1.71
CA GLN J 45 33.30 13.99 -1.43
C GLN J 45 32.84 12.73 -0.88
N PHE J 46 33.70 11.74 -0.94
CA PHE J 46 33.41 10.49 -0.30
C PHE J 46 34.34 10.50 0.91
N LEU J 47 35.61 10.13 0.74
CA LEU J 47 36.53 10.33 1.81
C LEU J 47 37.19 11.66 1.62
N SER J 48 38.04 11.98 2.55
CA SER J 48 38.41 13.34 2.63
C SER J 48 39.57 13.58 1.65
N HIS J 49 39.99 12.54 0.93
CA HIS J 49 41.07 12.76 0.00
C HIS J 49 40.61 12.59 -1.41
N ASP J 50 39.28 12.57 -1.60
CA ASP J 50 38.74 12.46 -2.95
C ASP J 50 37.85 13.64 -3.25
N LEU J 51 37.49 13.83 -4.51
CA LEU J 51 36.59 14.90 -4.87
C LEU J 51 35.69 14.34 -5.93
N ILE J 52 34.40 14.60 -5.83
CA ILE J 52 33.46 14.03 -6.78
C ILE J 52 32.88 15.14 -7.67
N PHE J 53 32.85 14.85 -8.97
CA PHE J 53 32.49 15.84 -9.98
C PHE J 53 31.35 15.40 -10.81
N PRO J 54 30.40 16.33 -11.05
CA PRO J 54 29.40 16.14 -12.11
C PRO J 54 30.16 16.25 -13.42
N ILE J 55 30.04 15.24 -14.27
CA ILE J 55 30.71 15.23 -15.54
C ILE J 55 29.85 14.45 -16.52
N GLU J 56 30.06 14.68 -17.81
CA GLU J 56 29.49 13.81 -18.82
C GLU J 56 30.61 12.95 -19.46
N TYR J 57 30.64 11.66 -19.16
CA TYR J 57 31.48 10.69 -19.91
C TYR J 57 30.67 9.47 -20.26
N LYS J 58 30.46 9.26 -21.56
CA LYS J 58 29.56 8.18 -22.01
C LYS J 58 28.28 8.18 -21.18
N SER J 59 27.90 7.08 -20.57
CA SER J 59 26.64 7.09 -19.85
C SER J 59 26.77 7.47 -18.34
N TYR J 60 27.72 8.36 -18.00
CA TYR J 60 28.10 8.56 -16.58
C TYR J 60 28.03 10.03 -16.21
N ASN J 61 27.34 10.34 -15.10
CA ASN J 61 27.07 11.75 -14.76
C ASN J 61 27.99 12.22 -13.64
N GLU J 62 28.73 11.31 -13.02
CA GLU J 62 29.80 11.75 -12.06
C GLU J 62 31.05 10.91 -11.98
N VAL J 63 32.15 11.55 -11.62
CA VAL J 63 33.40 10.86 -11.34
C VAL J 63 33.91 11.23 -9.97
N LYS J 64 34.45 10.23 -9.26
CA LYS J 64 35.25 10.53 -8.09
C LYS J 64 36.72 10.50 -8.57
N THR J 65 37.39 11.60 -8.36
CA THR J 65 38.81 11.56 -8.52
C THR J 65 39.50 11.50 -7.18
N GLU J 66 40.43 10.55 -7.07
CA GLU J 66 41.10 10.29 -5.81
C GLU J 66 42.45 11.01 -5.71
N LEU J 67 42.73 11.69 -4.62
CA LEU J 67 44.05 12.29 -4.52
C LEU J 67 44.89 11.44 -3.57
N GLU J 68 46.19 11.69 -3.51
CA GLU J 68 47.06 10.89 -2.68
C GLU J 68 46.91 11.29 -1.19
N ASN J 69 46.50 12.55 -0.94
CA ASN J 69 46.30 12.97 0.42
C ASN J 69 45.32 14.12 0.55
N THR J 70 44.87 14.36 1.78
CA THR J 70 43.84 15.35 2.02
C THR J 70 44.23 16.75 1.50
N GLU J 71 45.47 17.16 1.72
CA GLU J 71 45.83 18.50 1.40
C GLU J 71 45.57 18.76 -0.07
N LEU J 72 45.93 17.77 -0.89
CA LEU J 72 45.83 17.84 -2.29
C LEU J 72 44.40 17.95 -2.64
N ALA J 73 43.50 17.22 -1.99
CA ALA J 73 42.07 17.41 -2.27
C ALA J 73 41.60 18.81 -1.89
N ASN J 74 42.09 19.32 -0.75
CA ASN J 74 41.64 20.61 -0.30
C ASN J 74 42.20 21.68 -1.22
N ASN J 75 43.38 21.42 -1.77
CA ASN J 75 43.97 22.36 -2.72
C ASN J 75 43.05 22.72 -3.90
N TYR J 76 42.21 21.76 -4.34
CA TYR J 76 41.27 21.95 -5.46
C TYR J 76 39.84 21.98 -5.06
N LYS J 77 39.52 21.57 -3.83
CA LYS J 77 38.12 21.57 -3.37
C LYS J 77 37.39 22.93 -3.56
N GLY J 78 36.16 22.87 -4.03
CA GLY J 78 35.35 24.05 -4.27
C GLY J 78 35.84 25.01 -5.34
N LYS J 79 37.06 24.81 -5.88
CA LYS J 79 37.58 25.64 -6.97
C LYS J 79 37.12 25.22 -8.39
N LYS J 80 37.19 26.16 -9.34
CA LYS J 80 36.78 25.94 -10.75
C LYS J 80 37.92 25.21 -11.43
N VAL J 81 37.69 23.99 -11.87
CA VAL J 81 38.85 23.21 -12.32
C VAL J 81 38.65 22.55 -13.68
N ASP J 82 39.80 22.23 -14.29
CA ASP J 82 39.80 21.36 -15.43
C ASP J 82 40.21 19.98 -15.04
N ILE J 83 39.54 19.03 -15.66
CA ILE J 83 39.78 17.65 -15.42
C ILE J 83 40.28 16.96 -16.69
N PHE J 84 41.29 16.13 -16.55
CA PHE J 84 41.66 15.20 -17.61
C PHE J 84 42.26 13.92 -17.03
N GLY J 85 41.69 12.76 -17.31
CA GLY J 85 42.29 11.55 -16.80
C GLY J 85 41.71 10.19 -17.19
N VAL J 86 42.27 9.14 -16.62
CA VAL J 86 41.95 7.86 -17.10
C VAL J 86 40.89 7.27 -16.21
N PRO J 87 39.65 7.13 -16.70
CA PRO J 87 38.57 6.57 -15.85
C PRO J 87 38.67 5.07 -15.70
N TYR J 88 38.36 4.53 -14.53
CA TYR J 88 38.12 3.07 -14.37
C TYR J 88 36.74 2.79 -13.73
N PHE J 89 36.28 1.54 -13.88
CA PHE J 89 34.90 1.15 -13.48
C PHE J 89 34.85 -0.07 -12.51
N TYR J 90 35.48 -1.15 -12.92
CA TYR J 90 35.56 -2.24 -12.03
C TYR J 90 36.50 -1.79 -10.89
N THR J 91 35.99 -1.96 -9.67
CA THR J 91 36.64 -1.67 -8.37
C THR J 91 36.45 -0.21 -8.03
N CYS J 92 35.74 0.51 -8.85
CA CYS J 92 35.49 1.90 -8.51
C CYS J 92 34.42 1.99 -7.45
N ILE J 93 34.67 2.80 -6.46
CA ILE J 93 33.72 2.98 -5.38
C ILE J 93 33.30 4.45 -5.26
N ILE J 94 32.03 4.66 -5.55
CA ILE J 94 31.50 5.97 -5.42
C ILE J 94 30.09 5.87 -4.80
N PRO J 95 29.96 6.11 -3.49
CA PRO J 95 28.64 5.97 -2.90
C PRO J 95 27.68 7.09 -3.41
N LYS J 96 26.39 6.75 -3.58
CA LYS J 96 25.42 7.71 -4.15
C LYS J 96 25.23 8.97 -3.25
N SER J 97 24.72 10.08 -3.85
CA SER J 97 24.45 11.34 -3.09
C SER J 97 23.53 11.05 -1.89
N GLU J 98 22.40 10.37 -2.17
CA GLU J 98 21.26 10.13 -1.25
C GLU J 98 20.22 11.28 -1.42
N PHE J 105 26.74 3.00 -5.60
CA PHE J 105 27.83 2.10 -5.13
C PHE J 105 29.01 1.92 -6.19
N GLY J 106 28.74 1.19 -7.30
CA GLY J 106 29.72 0.86 -8.36
C GLY J 106 29.62 1.68 -9.65
N GLY J 107 30.12 2.93 -9.63
CA GLY J 107 30.08 3.85 -10.80
C GLY J 107 31.38 4.13 -11.59
N CYS J 108 31.80 5.44 -11.63
CA CYS J 108 33.03 5.96 -12.33
C CYS J 108 34.17 6.67 -11.51
N CYS J 109 35.35 6.09 -11.54
CA CYS J 109 36.49 6.61 -10.75
C CYS J 109 37.71 6.98 -11.57
N MET J 110 38.61 7.73 -10.93
CA MET J 110 39.92 8.06 -11.50
C MET J 110 40.83 8.55 -10.39
N TYR J 111 42.08 8.85 -10.72
CA TYR J 111 42.99 9.53 -9.82
C TYR J 111 43.41 10.91 -10.41
N GLY J 112 43.65 11.88 -9.55
CA GLY J 112 44.33 13.11 -9.95
C GLY J 112 43.66 13.90 -11.05
N GLY J 113 44.45 14.40 -11.97
CA GLY J 113 43.83 14.82 -13.19
C GLY J 113 43.33 16.24 -13.11
N LEU J 114 43.56 16.95 -12.02
CA LEU J 114 43.01 18.33 -11.95
C LEU J 114 44.05 19.43 -12.08
N THR J 115 43.62 20.53 -12.70
CA THR J 115 44.43 21.76 -12.86
C THR J 115 43.36 22.85 -12.80
N PHE J 116 43.77 24.08 -12.50
CA PHE J 116 42.84 25.21 -12.36
C PHE J 116 42.35 25.68 -13.72
N ASN J 117 41.07 26.03 -13.80
CA ASN J 117 40.56 26.72 -14.97
C ASN J 117 41.22 28.10 -15.15
N SER J 118 41.35 28.59 -16.39
CA SER J 118 42.12 29.81 -16.64
C SER J 118 41.90 30.50 -18.02
N SER J 119 42.99 31.15 -18.50
CA SER J 119 43.14 31.64 -19.90
C SER J 119 44.56 31.40 -20.51
N GLU J 120 44.64 30.33 -21.32
CA GLU J 120 45.85 29.80 -22.02
C GLU J 120 45.55 29.49 -23.52
N ASN J 121 44.34 28.98 -23.78
CA ASN J 121 43.77 28.83 -25.13
C ASN J 121 44.47 27.82 -26.03
N ARG J 123 46.26 28.68 -26.72
CA ARG J 123 46.99 28.22 -27.91
C ARG J 123 47.51 26.79 -27.64
N ASP J 124 47.26 25.83 -28.53
CA ASP J 124 47.85 24.48 -28.39
C ASP J 124 49.38 24.46 -28.34
N LYS J 125 49.96 23.98 -27.23
CA LYS J 125 51.39 23.66 -27.22
C LYS J 125 51.64 22.20 -27.57
N LEU J 126 52.65 21.97 -28.44
CA LEU J 126 53.04 20.64 -28.90
C LEU J 126 54.17 20.12 -28.07
N ILE J 127 54.15 18.82 -27.81
CA ILE J 127 55.25 18.25 -27.04
C ILE J 127 55.69 17.06 -27.81
N THR J 128 56.99 16.79 -27.69
CA THR J 128 57.73 15.84 -28.45
C THR J 128 57.94 14.65 -27.55
N VAL J 129 57.52 13.48 -28.02
CA VAL J 129 57.86 12.22 -27.36
C VAL J 129 58.96 11.43 -28.13
N GLN J 130 60.15 11.23 -27.57
CA GLN J 130 61.18 10.45 -28.27
C GLN J 130 61.02 9.01 -27.92
N VAL J 131 60.98 8.12 -28.89
CA VAL J 131 60.81 6.71 -28.59
C VAL J 131 62.05 5.87 -28.97
N THR J 132 62.54 5.01 -28.09
CA THR J 132 63.79 4.29 -28.30
C THR J 132 63.43 2.83 -28.13
N ILE J 133 63.84 1.98 -29.07
CA ILE J 133 63.48 0.57 -29.06
C ILE J 133 64.73 -0.28 -29.00
N ASP J 134 64.80 -1.18 -28.02
CA ASP J 134 66.03 -1.97 -27.80
C ASP J 134 67.32 -1.13 -27.78
N ASN J 135 67.29 -0.01 -27.07
CA ASN J 135 68.48 0.81 -26.96
C ASN J 135 69.01 1.44 -28.23
N ARG J 136 68.23 1.36 -29.30
CA ARG J 136 68.47 2.16 -30.45
C ARG J 136 67.34 3.16 -30.58
N GLN J 137 67.68 4.43 -30.49
CA GLN J 137 66.71 5.46 -30.90
C GLN J 137 65.92 5.01 -32.18
N SER J 138 64.69 5.47 -32.31
CA SER J 138 63.86 4.90 -33.33
C SER J 138 62.79 5.79 -33.83
N LEU J 139 62.37 6.80 -33.08
CA LEU J 139 61.11 7.44 -33.44
C LEU J 139 60.79 8.59 -32.54
N GLY J 140 60.08 9.55 -33.10
CA GLY J 140 59.58 10.65 -32.29
C GLY J 140 58.22 11.11 -32.79
N PHE J 141 57.27 11.35 -31.90
CA PHE J 141 56.00 11.91 -32.33
C PHE J 141 55.65 13.06 -31.42
N THR J 142 54.50 13.65 -31.64
CA THR J 142 54.12 14.79 -30.85
C THR J 142 52.72 14.63 -30.30
N ILE J 143 52.50 15.21 -29.14
CA ILE J 143 51.18 15.24 -28.56
C ILE J 143 50.93 16.70 -28.26
N THR J 144 49.67 17.07 -28.13
CA THR J 144 49.36 18.44 -27.80
C THR J 144 48.44 18.59 -26.62
N THR J 145 48.70 19.64 -25.85
CA THR J 145 47.74 20.06 -24.86
C THR J 145 47.46 21.55 -24.97
N ASN J 146 46.24 21.99 -24.67
CA ASN J 146 46.17 23.43 -24.60
C ASN J 146 46.50 24.03 -23.24
N LYS J 147 46.99 23.28 -22.26
CA LYS J 147 47.25 23.85 -20.95
C LYS J 147 48.70 24.19 -20.74
N ASN J 148 48.98 25.36 -20.20
CA ASN J 148 50.34 25.69 -19.81
C ASN J 148 50.86 24.87 -18.62
N MET J 149 50.04 24.72 -17.61
CA MET J 149 50.41 23.88 -16.52
C MET J 149 49.53 22.71 -16.76
N VAL J 150 50.12 21.51 -17.00
CA VAL J 150 49.34 20.29 -17.39
C VAL J 150 49.58 19.10 -16.47
N THR J 151 48.64 18.18 -16.31
CA THR J 151 49.01 17.05 -15.44
C THR J 151 49.91 16.10 -16.22
N ILE J 152 50.79 15.41 -15.51
CA ILE J 152 51.53 14.28 -16.06
C ILE J 152 50.57 13.25 -16.66
N GLN J 153 49.52 12.92 -15.91
CA GLN J 153 48.52 12.00 -16.41
C GLN J 153 48.10 12.34 -17.85
N GLU J 154 47.74 13.58 -18.13
CA GLU J 154 47.21 13.93 -19.44
C GLU J 154 48.25 13.61 -20.52
N LEU J 155 49.50 13.90 -20.19
CA LEU J 155 50.59 13.72 -21.10
C LEU J 155 50.89 12.25 -21.30
N ASP J 156 50.90 11.49 -20.19
CA ASP J 156 51.08 10.04 -20.26
C ASP J 156 49.98 9.45 -21.09
N TYR J 157 48.75 9.81 -20.77
CA TYR J 157 47.61 9.27 -21.49
C TYR J 157 47.83 9.52 -23.00
N LYS J 158 48.12 10.77 -23.38
CA LYS J 158 48.15 11.05 -24.81
C LYS J 158 49.35 10.30 -25.51
N ALA J 159 50.47 10.22 -24.86
CA ALA J 159 51.57 9.45 -25.40
C ALA J 159 51.21 7.95 -25.46
N ARG J 160 50.65 7.35 -24.41
CA ARG J 160 50.37 5.91 -24.50
C ARG J 160 49.23 5.72 -25.46
N HIS J 161 48.31 6.66 -25.53
CA HIS J 161 47.30 6.51 -26.56
C HIS J 161 47.92 6.30 -27.96
N TRP J 162 48.85 7.14 -28.28
CA TRP J 162 49.44 7.18 -29.58
C TRP J 162 50.13 5.84 -29.81
N LEU J 163 50.91 5.41 -28.83
CA LEU J 163 51.67 4.22 -29.00
C LEU J 163 50.80 2.98 -29.03
N THR J 164 49.58 3.07 -28.48
CA THR J 164 48.71 1.91 -28.54
C THR J 164 48.05 1.92 -29.93
N LYS J 165 47.48 3.06 -30.35
CA LYS J 165 46.86 3.12 -31.69
C LYS J 165 47.89 2.78 -32.78
N GLU J 166 49.07 3.38 -32.69
CA GLU J 166 50.02 3.33 -33.79
C GLU J 166 51.06 2.21 -33.69
N LYS J 167 51.41 1.73 -32.51
CA LYS J 167 52.59 0.88 -32.40
C LYS J 167 52.37 -0.33 -31.59
N LYS J 168 51.12 -0.60 -31.24
CA LYS J 168 50.70 -1.76 -30.47
C LYS J 168 51.36 -1.92 -29.08
N LEU J 169 51.41 -0.84 -28.33
CA LEU J 169 51.97 -0.85 -26.97
C LEU J 169 51.23 -1.87 -26.15
N TYR J 170 49.92 -1.88 -26.27
CA TYR J 170 49.15 -2.88 -25.59
C TYR J 170 48.19 -3.43 -26.57
N GLU J 171 48.16 -4.75 -26.69
CA GLU J 171 47.13 -5.45 -27.46
C GLU J 171 46.35 -6.39 -26.49
N PHE J 172 45.30 -7.06 -27.00
CA PHE J 172 44.33 -7.77 -26.21
C PHE J 172 45.02 -8.77 -25.31
N ASP J 173 45.92 -9.51 -25.93
CA ASP J 173 46.63 -10.57 -25.26
C ASP J 173 48.12 -10.47 -25.45
N GLY J 174 48.68 -9.27 -25.42
CA GLY J 174 50.13 -9.10 -25.54
C GLY J 174 50.47 -7.69 -25.92
N SER J 175 51.55 -7.52 -26.67
CA SER J 175 52.07 -6.24 -27.03
C SER J 175 53.05 -6.49 -28.15
N ALA J 176 53.32 -5.50 -28.98
CA ALA J 176 54.48 -5.66 -29.88
C ALA J 176 55.77 -5.68 -28.99
N PHE J 177 55.66 -5.28 -27.73
CA PHE J 177 56.85 -5.21 -26.87
C PHE J 177 56.85 -6.25 -25.79
N GLU J 178 57.99 -6.43 -25.12
CA GLU J 178 58.06 -7.25 -23.93
C GLU J 178 58.10 -6.42 -22.62
N SER J 179 58.70 -5.20 -22.64
CA SER J 179 58.83 -4.39 -21.45
C SER J 179 59.15 -2.99 -21.88
N GLY J 180 59.13 -2.04 -20.94
CA GLY J 180 59.37 -0.65 -21.29
C GLY J 180 58.95 0.31 -20.21
N TYR J 181 59.37 1.59 -20.34
CA TYR J 181 59.04 2.63 -19.37
C TYR J 181 59.00 3.96 -20.03
N ILE J 182 58.21 4.89 -19.46
CA ILE J 182 58.09 6.29 -19.87
C ILE J 182 58.82 7.16 -18.82
N LYS J 183 59.72 8.02 -19.31
CA LYS J 183 60.51 8.85 -18.41
C LYS J 183 60.20 10.29 -18.65
N PHE J 184 60.02 11.06 -17.59
CA PHE J 184 59.67 12.47 -17.62
C PHE J 184 60.79 13.30 -16.95
N THR J 185 61.21 14.35 -17.62
CA THR J 185 62.20 15.26 -17.05
C THR J 185 61.71 16.71 -17.12
N GLU J 186 61.66 17.37 -15.97
CA GLU J 186 61.24 18.79 -15.86
C GLU J 186 62.41 19.72 -16.12
N LYS J 187 62.13 20.99 -16.44
CA LYS J 187 63.21 21.98 -16.68
C LYS J 187 64.34 21.89 -15.65
N ASN J 188 63.99 21.85 -14.36
CA ASN J 188 64.96 21.83 -13.29
C ASN J 188 65.76 20.53 -13.25
N ASN J 189 65.62 19.74 -14.33
CA ASN J 189 66.31 18.46 -14.56
C ASN J 189 65.98 17.38 -13.52
N THR J 190 64.92 17.49 -12.71
CA THR J 190 64.54 16.29 -11.97
C THR J 190 63.80 15.31 -12.94
N SER J 191 63.77 14.00 -12.61
CA SER J 191 63.14 13.03 -13.50
C SER J 191 62.47 11.92 -12.73
N PHE J 192 61.48 11.26 -13.36
CA PHE J 192 60.82 10.09 -12.79
C PHE J 192 60.17 9.29 -13.91
N TRP J 193 59.67 8.09 -13.64
CA TRP J 193 59.34 7.21 -14.75
C TRP J 193 58.28 6.29 -14.29
N PHE J 194 57.53 5.77 -15.25
CA PHE J 194 56.48 4.80 -15.00
C PHE J 194 56.76 3.58 -15.84
N ASP J 195 56.74 2.42 -15.22
CA ASP J 195 56.73 1.17 -15.91
C ASP J 195 55.41 1.05 -16.68
N LEU J 196 55.49 0.61 -17.93
CA LEU J 196 54.40 0.83 -18.80
C LEU J 196 53.51 -0.38 -18.74
N PHE J 197 54.01 -1.41 -18.08
CA PHE J 197 53.27 -2.68 -18.06
C PHE J 197 52.84 -3.13 -16.61
N PRO J 198 51.75 -3.86 -16.52
CA PRO J 198 51.22 -4.23 -15.23
C PRO J 198 52.15 -5.22 -14.49
N LYS J 199 52.24 -5.17 -13.15
CA LYS J 199 52.97 -6.27 -12.40
C LYS J 199 52.37 -7.67 -12.71
N LYS J 200 53.19 -8.71 -12.71
CA LYS J 200 52.71 -10.02 -13.02
C LYS J 200 51.68 -10.52 -12.01
N GLU J 201 51.66 -9.99 -10.81
CA GLU J 201 50.80 -10.49 -9.75
C GLU J 201 49.42 -9.87 -9.84
N LEU J 202 49.25 -8.92 -10.77
CA LEU J 202 48.04 -8.14 -10.77
C LEU J 202 47.03 -8.79 -11.70
N VAL J 203 46.66 -10.03 -11.39
CA VAL J 203 45.63 -10.78 -12.15
C VAL J 203 44.75 -11.40 -11.09
N PRO J 204 43.46 -11.12 -11.15
CA PRO J 204 42.85 -10.23 -12.12
C PRO J 204 43.38 -8.81 -12.00
N PHE J 205 43.13 -7.99 -13.05
CA PHE J 205 43.64 -6.65 -13.15
C PHE J 205 42.91 -5.78 -12.19
N VAL J 206 43.54 -4.91 -11.42
CA VAL J 206 42.79 -4.11 -10.45
C VAL J 206 43.10 -2.72 -10.82
N PRO J 207 42.22 -2.11 -11.61
CA PRO J 207 42.45 -0.81 -12.15
C PRO J 207 43.04 0.12 -11.15
N TYR J 208 42.45 0.17 -9.97
CA TYR J 208 42.93 1.15 -9.01
C TYR J 208 44.37 0.94 -8.57
N LYS J 209 44.92 -0.26 -8.65
CA LYS J 209 46.29 -0.37 -8.25
C LYS J 209 47.20 -0.01 -9.37
N PHE J 210 46.66 0.17 -10.56
CA PHE J 210 47.47 0.51 -11.69
C PHE J 210 47.42 2.08 -11.86
N LEU J 211 46.25 2.68 -11.75
CA LEU J 211 46.12 4.08 -12.02
C LEU J 211 46.54 4.99 -10.91
N ASN J 212 46.89 4.43 -9.76
CA ASN J 212 47.15 5.24 -8.64
C ASN J 212 48.43 6.05 -8.74
N ILE J 213 49.32 5.67 -9.64
CA ILE J 213 50.45 6.54 -9.99
C ILE J 213 49.98 7.95 -10.29
N TYR J 214 48.77 8.15 -10.77
CA TYR J 214 48.32 9.53 -11.09
C TYR J 214 47.82 10.31 -9.87
N GLY J 215 47.74 9.61 -8.75
CA GLY J 215 47.12 10.17 -7.60
C GLY J 215 47.91 11.31 -7.01
N ASP J 216 49.19 11.53 -7.36
CA ASP J 216 49.92 12.67 -6.74
C ASP J 216 49.50 13.92 -7.46
N ASN J 217 48.74 13.76 -8.55
CA ASN J 217 48.33 14.94 -9.28
C ASN J 217 49.52 15.84 -9.66
N LYS J 218 50.70 15.28 -9.94
CA LYS J 218 51.82 16.06 -10.47
C LYS J 218 51.45 16.88 -11.72
N VAL J 219 51.86 18.15 -11.70
CA VAL J 219 51.49 19.12 -12.74
C VAL J 219 52.78 19.72 -13.24
N VAL J 220 52.96 19.85 -14.55
CA VAL J 220 54.17 20.42 -15.09
C VAL J 220 53.82 21.45 -16.19
N ASP J 221 54.87 22.07 -16.70
CA ASP J 221 54.88 23.16 -17.63
C ASP J 221 55.03 22.55 -19.03
N SER J 222 54.00 22.67 -19.85
CA SER J 222 54.01 22.04 -21.16
C SER J 222 55.19 22.50 -22.04
N LYS J 223 55.63 23.73 -21.82
CA LYS J 223 56.60 24.31 -22.69
C LYS J 223 57.97 23.84 -22.35
N SER J 224 58.15 23.20 -21.20
CA SER J 224 59.49 22.66 -20.90
C SER J 224 59.62 21.15 -20.68
N ILE J 225 58.52 20.44 -20.43
CA ILE J 225 58.56 19.01 -20.08
C ILE J 225 59.23 18.15 -21.17
N LYS J 226 60.23 17.36 -20.81
CA LYS J 226 60.79 16.38 -21.71
C LYS J 226 60.17 14.97 -21.46
N MET J 227 59.74 14.34 -22.53
CA MET J 227 59.12 13.02 -22.47
C MET J 227 59.95 12.05 -23.35
N GLU J 228 60.35 10.90 -22.77
CA GLU J 228 61.02 9.82 -23.50
C GLU J 228 60.40 8.45 -23.21
N VAL J 229 60.25 7.65 -24.25
CA VAL J 229 59.85 6.27 -24.05
C VAL J 229 60.93 5.21 -24.42
N PHE J 230 61.18 4.24 -23.54
CA PHE J 230 62.17 3.16 -23.78
C PHE J 230 61.43 1.84 -23.82
N LEU J 231 61.59 1.08 -24.89
CA LEU J 231 60.83 -0.15 -25.08
C LEU J 231 61.77 -1.27 -25.48
N ASN J 232 61.48 -2.50 -25.04
CA ASN J 232 62.23 -3.70 -25.29
C ASN J 232 61.39 -4.71 -26.05
N THR J 233 61.95 -5.36 -27.06
CA THR J 233 61.20 -6.40 -27.76
C THR J 233 61.60 -7.69 -27.13
N HIS J 234 60.85 -8.75 -27.32
CA HIS J 234 61.15 -10.01 -26.63
C HIS J 234 62.56 -10.55 -26.93
N ALA K 4 -19.83 -5.67 -16.39
CA ALA K 4 -20.18 -6.71 -17.43
C ALA K 4 -20.10 -8.19 -16.90
N ALA K 5 -20.93 -9.08 -17.50
CA ALA K 5 -20.97 -10.57 -17.24
C ALA K 5 -21.30 -11.47 -18.48
N VAL K 6 -22.57 -11.71 -18.76
CA VAL K 6 -22.99 -12.65 -19.81
C VAL K 6 -24.19 -12.10 -20.62
N THR K 7 -23.92 -11.55 -21.79
CA THR K 7 -24.97 -11.00 -22.62
C THR K 7 -25.50 -11.92 -23.73
N GLN K 8 -26.72 -12.44 -23.59
CA GLN K 8 -27.45 -13.09 -24.71
C GLN K 8 -28.08 -12.06 -25.70
N SER K 9 -27.85 -12.18 -27.00
CA SER K 9 -28.67 -11.46 -28.02
C SER K 9 -29.14 -12.37 -29.17
N PRO K 10 -30.39 -12.20 -29.67
CA PRO K 10 -31.28 -11.12 -29.29
C PRO K 10 -31.99 -11.56 -27.99
N ARG K 11 -32.63 -10.61 -27.31
CA ARG K 11 -33.38 -10.89 -26.08
C ARG K 11 -34.72 -11.54 -26.41
N ASN K 12 -35.35 -11.07 -27.50
CA ASN K 12 -36.66 -11.59 -27.96
C ASN K 12 -36.66 -11.98 -29.40
N LYS K 13 -37.30 -13.09 -29.71
CA LYS K 13 -37.27 -13.54 -31.09
C LYS K 13 -38.50 -14.31 -31.61
N VAL K 14 -38.69 -14.04 -32.89
CA VAL K 14 -39.90 -14.16 -33.67
C VAL K 14 -39.49 -14.90 -34.93
N ALA K 15 -40.03 -16.10 -35.09
CA ALA K 15 -39.55 -16.96 -36.16
C ALA K 15 -40.63 -17.78 -36.77
N VAL K 16 -40.48 -17.99 -38.08
CA VAL K 16 -41.38 -18.87 -38.84
C VAL K 16 -40.67 -20.19 -38.95
N THR K 17 -41.44 -21.26 -38.81
CA THR K 17 -40.90 -22.62 -38.83
C THR K 17 -40.05 -22.81 -40.08
N GLY K 18 -38.94 -23.54 -39.94
CA GLY K 18 -37.97 -23.69 -41.01
C GLY K 18 -36.97 -22.54 -41.10
N GLU K 19 -37.11 -21.46 -40.32
CA GLU K 19 -36.09 -20.40 -40.32
C GLU K 19 -34.72 -20.83 -39.68
N LYS K 20 -33.61 -20.17 -40.05
CA LYS K 20 -32.30 -20.46 -39.43
C LYS K 20 -31.91 -19.40 -38.40
N VAL K 21 -32.09 -19.70 -37.11
CA VAL K 21 -31.81 -18.72 -36.03
C VAL K 21 -30.47 -18.89 -35.31
N THR K 22 -29.85 -17.78 -34.95
CA THR K 22 -28.63 -17.83 -34.19
C THR K 22 -28.73 -16.88 -32.97
N LEU K 23 -28.75 -17.48 -31.77
CA LEU K 23 -28.59 -16.76 -30.51
C LEU K 23 -27.12 -16.72 -30.13
N SER K 24 -26.62 -15.57 -29.75
CA SER K 24 -25.23 -15.40 -29.43
C SER K 24 -25.13 -15.18 -27.95
N CYS K 25 -23.99 -15.51 -27.38
CA CYS K 25 -23.82 -15.32 -25.98
C CYS K 25 -22.39 -14.99 -25.85
N GLN K 26 -22.15 -13.84 -25.27
CA GLN K 26 -20.87 -13.16 -25.26
C GLN K 26 -20.56 -13.20 -23.79
N GLN K 27 -19.35 -13.59 -23.41
CA GLN K 27 -19.04 -13.60 -21.99
C GLN K 27 -17.82 -12.75 -21.68
N THR K 28 -17.56 -12.52 -20.41
CA THR K 28 -16.70 -11.41 -19.97
C THR K 28 -15.75 -11.98 -18.94
N ASN K 29 -16.20 -13.09 -18.38
CA ASN K 29 -15.60 -13.68 -17.19
C ASN K 29 -14.31 -14.42 -17.43
N ASN K 30 -14.01 -14.67 -18.70
CA ASN K 30 -12.83 -15.46 -19.01
C ASN K 30 -12.94 -16.94 -18.56
N HIS K 31 -14.14 -17.50 -18.68
CA HIS K 31 -14.40 -18.87 -18.33
C HIS K 31 -14.22 -19.79 -19.52
N ASN K 32 -13.60 -20.94 -19.27
CA ASN K 32 -13.47 -22.04 -20.21
C ASN K 32 -14.79 -22.64 -20.69
N ASN K 33 -15.76 -22.73 -19.80
CA ASN K 33 -16.91 -23.49 -20.19
C ASN K 33 -18.11 -22.56 -20.48
N MET K 34 -18.97 -22.92 -21.41
CA MET K 34 -20.14 -22.16 -21.64
C MET K 34 -21.22 -23.15 -21.96
N TYR K 35 -22.48 -22.73 -21.81
CA TYR K 35 -23.59 -23.64 -21.85
C TYR K 35 -24.80 -23.00 -22.51
N TRP K 36 -25.67 -23.77 -23.14
CA TRP K 36 -26.90 -23.28 -23.64
C TRP K 36 -28.06 -24.16 -23.16
N TYR K 37 -29.07 -23.49 -22.55
CA TYR K 37 -30.24 -24.17 -22.02
C TYR K 37 -31.56 -23.64 -22.52
N ARG K 38 -32.55 -24.52 -22.60
CA ARG K 38 -33.90 -24.08 -22.87
C ARG K 38 -34.81 -24.27 -21.62
N GLN K 39 -35.51 -23.19 -21.26
CA GLN K 39 -36.42 -23.20 -20.09
C GLN K 39 -37.84 -23.32 -20.53
N ASP K 40 -38.33 -24.54 -20.51
CA ASP K 40 -39.73 -24.71 -20.75
C ASP K 40 -40.55 -24.58 -19.43
N THR K 41 -41.42 -23.58 -19.39
CA THR K 41 -42.50 -23.47 -18.38
C THR K 41 -42.62 -24.74 -17.46
N GLY K 42 -43.27 -25.80 -17.99
CA GLY K 42 -43.44 -27.10 -17.27
C GLY K 42 -42.15 -27.66 -16.64
N HIS K 43 -41.17 -28.01 -17.48
CA HIS K 43 -39.85 -28.58 -17.10
C HIS K 43 -39.00 -27.67 -16.21
N GLY K 44 -37.71 -27.47 -16.50
CA GLY K 44 -36.92 -26.55 -15.67
C GLY K 44 -35.96 -25.79 -16.55
N LEU K 45 -34.66 -26.06 -16.37
CA LEU K 45 -33.53 -25.52 -17.14
C LEU K 45 -32.71 -26.70 -17.73
N ARG K 46 -32.97 -27.08 -18.99
CA ARG K 46 -32.29 -28.23 -19.62
C ARG K 46 -31.13 -27.87 -20.56
N LEU K 47 -30.09 -28.70 -20.57
CA LEU K 47 -28.84 -28.44 -21.29
C LEU K 47 -28.83 -29.00 -22.71
N ILE K 48 -28.55 -28.12 -23.67
CA ILE K 48 -28.67 -28.49 -25.08
C ILE K 48 -27.28 -28.84 -25.65
N HIS K 49 -26.35 -27.88 -25.61
CA HIS K 49 -24.98 -28.14 -25.93
C HIS K 49 -24.19 -27.36 -24.94
N TYR K 50 -22.93 -27.79 -24.75
CA TYR K 50 -21.97 -27.06 -23.93
C TYR K 50 -20.63 -27.02 -24.58
N SER K 51 -19.71 -26.25 -24.00
CA SER K 51 -18.40 -26.24 -24.56
C SER K 51 -17.35 -26.06 -23.51
N TYR K 52 -16.27 -26.86 -23.58
CA TYR K 52 -15.16 -26.74 -22.63
C TYR K 52 -14.02 -25.91 -23.14
N GLY K 53 -14.18 -25.15 -24.22
CA GLY K 53 -13.02 -24.44 -24.76
C GLY K 53 -13.23 -24.13 -26.22
N VAL K 54 -12.28 -23.37 -26.83
CA VAL K 54 -12.53 -22.90 -28.17
C VAL K 54 -12.36 -24.01 -29.15
N GLY K 55 -13.25 -24.06 -30.15
CA GLY K 55 -13.22 -25.11 -31.11
C GLY K 55 -13.89 -26.38 -30.64
N ASN K 56 -14.41 -26.37 -29.41
CA ASN K 56 -15.10 -27.52 -28.84
C ASN K 56 -16.59 -27.28 -28.48
N THR K 57 -17.45 -28.24 -28.80
CA THR K 57 -18.79 -28.19 -28.31
C THR K 57 -19.20 -29.63 -28.06
N GLU K 58 -20.00 -29.87 -27.01
CA GLU K 58 -20.52 -31.20 -26.78
C GLU K 58 -22.05 -31.26 -26.54
N LYS K 59 -22.67 -32.40 -26.83
CA LYS K 59 -24.06 -32.53 -26.55
C LYS K 59 -24.43 -32.62 -25.06
N GLY K 60 -25.50 -31.92 -24.68
CA GLY K 60 -26.06 -31.92 -23.34
C GLY K 60 -27.18 -32.93 -23.38
N ASP K 61 -28.30 -32.58 -22.74
CA ASP K 61 -29.37 -33.55 -22.50
C ASP K 61 -30.30 -33.57 -23.65
N ILE K 62 -30.51 -32.40 -24.26
CA ILE K 62 -31.39 -32.31 -25.45
C ILE K 62 -30.70 -31.65 -26.66
N PRO K 63 -29.82 -32.39 -27.34
CA PRO K 63 -29.11 -31.74 -28.42
C PRO K 63 -29.91 -31.65 -29.73
N ASP K 64 -30.78 -32.63 -29.99
CA ASP K 64 -31.48 -32.78 -31.29
C ASP K 64 -32.12 -31.47 -31.76
N GLY K 65 -31.89 -31.16 -33.05
CA GLY K 65 -32.38 -29.94 -33.72
C GLY K 65 -31.52 -28.71 -33.47
N TYR K 66 -30.49 -28.81 -32.65
CA TYR K 66 -29.61 -27.65 -32.49
C TYR K 66 -28.18 -28.00 -32.84
N GLU K 67 -27.38 -26.99 -33.15
CA GLU K 67 -25.96 -27.15 -33.38
C GLU K 67 -25.41 -26.03 -32.59
N ALA K 68 -24.08 -25.86 -32.56
CA ALA K 68 -23.49 -24.88 -31.66
C ALA K 68 -22.09 -24.52 -32.10
N SER K 69 -21.50 -23.45 -31.60
CA SER K 69 -20.20 -23.11 -32.10
C SER K 69 -19.53 -22.28 -31.09
N ARG K 70 -18.23 -22.47 -30.93
CA ARG K 70 -17.46 -21.69 -30.00
C ARG K 70 -16.23 -21.19 -30.72
N PRO K 71 -16.42 -20.29 -31.71
CA PRO K 71 -15.30 -19.65 -32.45
C PRO K 71 -14.35 -18.85 -31.64
N SER K 72 -14.71 -18.49 -30.43
CA SER K 72 -13.74 -17.77 -29.60
C SER K 72 -14.07 -17.96 -28.16
N HIS K 73 -13.10 -17.60 -27.31
CA HIS K 73 -13.23 -17.73 -25.90
C HIS K 73 -14.54 -17.14 -25.35
N GLU K 74 -14.81 -15.89 -25.71
CA GLU K 74 -15.93 -15.17 -25.16
C GLU K 74 -17.25 -15.50 -25.86
N GLN K 75 -17.17 -16.21 -26.99
CA GLN K 75 -18.40 -16.38 -27.75
C GLN K 75 -18.86 -17.83 -27.91
N PHE K 76 -20.16 -18.06 -27.76
CA PHE K 76 -20.72 -19.36 -27.92
C PHE K 76 -22.13 -19.21 -28.49
N SER K 77 -22.42 -19.80 -29.65
CA SER K 77 -23.70 -19.54 -30.29
C SER K 77 -24.55 -20.75 -30.32
N LEU K 78 -25.86 -20.59 -30.19
CA LEU K 78 -26.75 -21.73 -30.43
C LEU K 78 -27.45 -21.56 -31.80
N ILE K 79 -27.64 -22.66 -32.53
CA ILE K 79 -28.14 -22.56 -33.87
C ILE K 79 -29.29 -23.53 -34.06
N LEU K 80 -30.47 -22.98 -34.32
CA LEU K 80 -31.59 -23.81 -34.75
C LEU K 80 -31.49 -23.91 -36.29
N VAL K 81 -31.18 -25.11 -36.76
CA VAL K 81 -30.80 -25.24 -38.17
C VAL K 81 -32.04 -24.88 -39.06
N SER K 82 -33.20 -25.41 -38.69
CA SER K 82 -34.47 -25.02 -39.29
C SER K 82 -35.58 -25.12 -38.20
N ALA K 83 -35.97 -23.96 -37.66
CA ALA K 83 -36.80 -23.85 -36.46
C ALA K 83 -38.08 -24.70 -36.47
N THR K 84 -38.34 -25.51 -35.44
CA THR K 84 -39.71 -26.09 -35.25
C THR K 84 -40.55 -25.26 -34.23
N PRO K 85 -41.87 -25.58 -34.10
CA PRO K 85 -42.64 -24.75 -33.11
C PRO K 85 -42.25 -25.17 -31.69
N SER K 86 -41.95 -26.48 -31.53
CA SER K 86 -41.46 -27.08 -30.28
C SER K 86 -40.18 -26.42 -29.76
N GLN K 87 -39.56 -25.55 -30.54
CA GLN K 87 -38.34 -24.89 -30.13
C GLN K 87 -38.68 -23.49 -29.77
N SER K 88 -40.00 -23.26 -29.64
CA SER K 88 -40.52 -22.01 -29.01
C SER K 88 -40.22 -22.07 -27.50
N SER K 89 -39.46 -21.10 -27.02
CA SER K 89 -39.00 -21.14 -25.64
C SER K 89 -38.18 -19.93 -25.24
N VAL K 90 -37.74 -19.97 -23.99
CA VAL K 90 -36.75 -19.08 -23.42
C VAL K 90 -35.48 -19.93 -23.36
N TYR K 91 -34.35 -19.25 -23.58
CA TYR K 91 -33.09 -19.89 -23.80
C TYR K 91 -32.14 -19.22 -22.88
N PHE K 92 -31.44 -20.05 -22.12
CA PHE K 92 -30.40 -19.50 -21.27
C PHE K 92 -29.01 -19.94 -21.62
N CYS K 93 -28.16 -18.94 -21.58
CA CYS K 93 -26.76 -19.08 -21.82
C CYS K 93 -26.08 -18.95 -20.48
N ALA K 94 -25.04 -19.74 -20.23
CA ALA K 94 -24.18 -19.51 -19.02
C ALA K 94 -22.76 -19.81 -19.30
N SER K 95 -21.89 -19.21 -18.52
CA SER K 95 -20.51 -19.59 -18.52
C SER K 95 -20.10 -20.08 -17.10
N GLY K 96 -18.99 -20.83 -16.97
CA GLY K 96 -18.61 -21.32 -15.69
C GLY K 96 -17.23 -21.91 -15.64
N VAL K 97 -16.76 -22.13 -14.42
CA VAL K 97 -15.48 -22.73 -14.09
C VAL K 97 -15.64 -23.42 -12.73
N GLY K 98 -15.28 -24.72 -12.69
CA GLY K 98 -15.54 -25.58 -11.52
C GLY K 98 -17.02 -25.92 -11.40
N GLY K 99 -17.54 -25.86 -10.17
CA GLY K 99 -18.96 -26.11 -9.93
C GLY K 99 -19.84 -24.86 -9.99
N THR K 100 -19.30 -23.77 -10.52
CA THR K 100 -19.99 -22.48 -10.58
C THR K 100 -20.50 -22.07 -12.00
N LEU K 101 -21.74 -21.60 -12.09
CA LEU K 101 -22.36 -21.19 -13.34
C LEU K 101 -22.86 -19.72 -13.27
N TYR K 102 -22.40 -18.81 -14.15
CA TYR K 102 -22.99 -17.44 -14.29
C TYR K 102 -23.94 -17.38 -15.48
N PHE K 103 -25.24 -17.35 -15.22
CA PHE K 103 -26.25 -17.23 -16.25
C PHE K 103 -26.38 -15.79 -16.73
N GLY K 104 -27.12 -15.61 -17.82
CA GLY K 104 -27.41 -14.28 -18.38
C GLY K 104 -28.91 -14.10 -18.55
N ALA K 105 -29.30 -12.92 -19.03
CA ALA K 105 -30.69 -12.49 -18.90
C ALA K 105 -31.76 -13.37 -19.56
N GLY K 106 -31.39 -14.20 -20.54
CA GLY K 106 -32.41 -15.05 -21.24
C GLY K 106 -32.90 -14.59 -22.62
N THR K 107 -33.55 -15.51 -23.36
CA THR K 107 -34.06 -15.20 -24.68
C THR K 107 -35.39 -15.88 -24.93
N ARG K 108 -36.38 -15.03 -25.27
CA ARG K 108 -37.75 -15.53 -25.55
C ARG K 108 -37.79 -15.79 -27.07
N LEU K 109 -38.31 -16.95 -27.45
CA LEU K 109 -38.25 -17.38 -28.82
C LEU K 109 -39.55 -17.96 -29.31
N SER K 110 -40.07 -17.29 -30.34
CA SER K 110 -41.31 -17.67 -31.01
C SER K 110 -41.05 -18.25 -32.40
N VAL K 111 -41.38 -19.54 -32.51
CA VAL K 111 -41.40 -20.27 -33.78
C VAL K 111 -42.86 -20.58 -34.11
N LEU K 112 -43.39 -19.84 -35.08
CA LEU K 112 -44.84 -19.64 -35.28
C LEU K 112 -45.54 -20.82 -35.96
N ALA L 1 6.15 -52.83 -39.90
CA ALA L 1 5.24 -52.17 -40.88
C ALA L 1 3.99 -51.51 -40.24
N GLN L 2 3.19 -50.88 -41.12
CA GLN L 2 1.78 -50.59 -40.84
C GLN L 2 0.97 -51.06 -42.06
N PRO L 3 0.48 -52.29 -41.98
CA PRO L 3 -0.38 -52.95 -42.96
C PRO L 3 -1.62 -52.12 -43.15
N ASP L 4 -2.00 -51.84 -44.38
CA ASP L 4 -3.32 -51.26 -44.63
C ASP L 4 -4.37 -52.01 -43.78
N PRO L 5 -5.36 -51.30 -43.22
CA PRO L 5 -6.40 -51.74 -42.35
C PRO L 5 -7.60 -52.39 -42.99
N LYS L 6 -8.13 -53.42 -42.31
CA LYS L 6 -9.37 -54.05 -42.69
C LYS L 6 -10.49 -53.13 -42.28
N LEU L 7 -11.67 -53.31 -42.85
CA LEU L 7 -12.78 -52.46 -42.54
C LEU L 7 -13.08 -52.43 -41.06
N ASP L 8 -12.74 -53.48 -40.32
CA ASP L 8 -13.17 -53.56 -38.93
C ASP L 8 -12.14 -52.94 -38.04
N GLU L 9 -11.01 -52.61 -38.63
CA GLU L 9 -10.03 -51.94 -37.84
C GLU L 9 -10.33 -50.39 -37.85
N LEU L 10 -11.43 -49.91 -38.46
CA LEU L 10 -11.58 -48.45 -38.63
C LEU L 10 -12.68 -47.81 -37.74
N ASN L 11 -12.39 -46.69 -37.12
CA ASN L 11 -13.46 -45.99 -36.40
C ASN L 11 -14.76 -45.74 -37.22
N LYS L 12 -15.92 -45.90 -36.60
CA LYS L 12 -17.10 -45.73 -37.39
C LYS L 12 -17.78 -44.43 -37.04
N VAL L 13 -18.09 -43.60 -38.03
CA VAL L 13 -18.85 -42.37 -37.80
C VAL L 13 -20.12 -42.60 -37.00
N SER L 14 -20.88 -43.64 -37.29
CA SER L 14 -22.08 -43.88 -36.50
C SER L 14 -21.79 -44.31 -35.08
N ASP L 15 -20.66 -44.99 -34.82
CA ASP L 15 -20.32 -45.23 -33.40
C ASP L 15 -20.05 -43.94 -32.64
N TYR L 16 -19.47 -42.94 -33.31
CA TYR L 16 -19.16 -41.73 -32.60
C TYR L 16 -20.45 -40.99 -32.22
N LYS L 17 -21.44 -41.02 -33.13
CA LYS L 17 -22.65 -40.23 -32.94
C LYS L 17 -23.43 -41.00 -31.88
N SER L 18 -23.34 -42.31 -31.91
CA SER L 18 -24.15 -42.94 -30.91
C SER L 18 -23.48 -43.00 -29.54
N ASN L 19 -22.18 -42.68 -29.41
CA ASN L 19 -21.64 -42.51 -28.06
C ASN L 19 -21.77 -41.03 -27.69
N LYS L 20 -22.75 -40.35 -28.26
CA LYS L 20 -23.03 -38.96 -27.95
C LYS L 20 -21.91 -37.99 -28.28
N GLY L 21 -21.06 -38.35 -29.21
CA GLY L 21 -20.02 -37.42 -29.69
C GLY L 21 -20.44 -36.45 -30.77
N THR L 22 -19.64 -35.43 -30.99
CA THR L 22 -19.95 -34.40 -31.96
C THR L 22 -18.85 -34.25 -32.97
N MET L 23 -19.09 -34.84 -34.14
CA MET L 23 -18.12 -34.86 -35.20
C MET L 23 -17.62 -33.48 -35.59
N GLY L 24 -18.42 -32.48 -35.26
CA GLY L 24 -18.02 -31.10 -35.54
C GLY L 24 -16.71 -30.68 -34.94
N ASN L 25 -16.34 -31.33 -33.84
CA ASN L 25 -15.07 -31.03 -33.19
C ASN L 25 -13.90 -31.44 -34.10
N VAL L 26 -14.11 -32.45 -34.92
CA VAL L 26 -13.03 -32.82 -35.83
C VAL L 26 -13.14 -31.90 -37.04
N MET L 27 -14.35 -31.58 -37.42
CA MET L 27 -14.51 -30.60 -38.48
C MET L 27 -13.78 -29.34 -38.17
N ASN L 28 -13.88 -28.86 -36.93
CA ASN L 28 -13.28 -27.58 -36.71
C ASN L 28 -11.78 -27.64 -36.88
N LEU L 29 -11.15 -28.77 -36.56
CA LEU L 29 -9.69 -28.83 -36.65
C LEU L 29 -9.26 -28.65 -38.10
N TYR L 30 -10.04 -29.18 -39.04
CA TYR L 30 -9.64 -29.12 -40.45
C TYR L 30 -10.29 -28.04 -41.29
N MET L 31 -11.38 -27.44 -40.81
CA MET L 31 -11.96 -26.26 -41.45
C MET L 31 -11.27 -24.99 -41.00
N SER L 32 -10.81 -24.90 -39.76
CA SER L 32 -10.20 -23.68 -39.27
C SER L 32 -8.83 -23.52 -39.89
N PRO L 33 -8.29 -22.29 -39.87
CA PRO L 33 -6.97 -22.11 -40.52
C PRO L 33 -5.90 -22.79 -39.69
N PRO L 34 -4.80 -23.15 -40.31
CA PRO L 34 -3.77 -23.72 -39.49
C PRO L 34 -2.95 -22.61 -38.90
N VAL L 35 -2.02 -22.97 -38.04
CA VAL L 35 -1.01 -22.09 -37.47
C VAL L 35 0.15 -22.12 -38.42
N GLU L 36 0.63 -20.97 -38.87
CA GLU L 36 1.87 -20.93 -39.66
C GLU L 36 2.82 -19.93 -39.04
N GLY L 37 4.10 -20.10 -39.28
CA GLY L 37 5.09 -19.16 -38.84
C GLY L 37 6.21 -19.32 -39.82
N ARG L 38 6.74 -18.19 -40.30
CA ARG L 38 7.83 -18.17 -41.28
C ARG L 38 9.10 -17.78 -40.53
N GLY L 39 10.13 -18.60 -40.55
CA GLY L 39 11.41 -18.21 -39.94
C GLY L 39 11.39 -17.74 -38.47
N VAL L 40 10.98 -18.60 -37.52
CA VAL L 40 10.91 -18.23 -36.12
C VAL L 40 11.79 -19.11 -35.27
N ILE L 41 12.04 -18.66 -34.04
CA ILE L 41 12.83 -19.39 -33.07
C ILE L 41 11.96 -19.56 -31.82
N ASN L 42 12.05 -20.70 -31.16
CA ASN L 42 11.23 -20.87 -29.95
C ASN L 42 11.76 -19.98 -28.83
N SER L 43 10.84 -19.45 -27.99
CA SER L 43 11.21 -18.56 -26.90
C SER L 43 11.40 -19.22 -25.56
N ARG L 44 10.85 -20.42 -25.34
CA ARG L 44 11.04 -21.19 -24.10
C ARG L 44 10.45 -22.57 -24.28
N GLN L 45 10.34 -23.35 -23.19
CA GLN L 45 9.85 -24.74 -23.20
C GLN L 45 9.07 -24.95 -21.99
N PHE L 46 8.23 -25.99 -22.01
CA PHE L 46 7.47 -26.38 -20.86
C PHE L 46 8.17 -27.63 -20.43
N LEU L 47 7.79 -28.81 -20.90
CA LEU L 47 8.64 -29.94 -20.57
C LEU L 47 9.65 -30.00 -21.65
N SER L 48 10.45 -31.04 -21.62
CA SER L 48 11.65 -30.91 -22.36
C SER L 48 11.45 -31.51 -23.75
N HIS L 49 10.24 -31.93 -24.04
CA HIS L 49 9.96 -32.55 -25.31
C HIS L 49 8.98 -31.63 -26.03
N ASP L 50 8.81 -30.38 -25.56
CA ASP L 50 8.02 -29.41 -26.30
C ASP L 50 8.82 -28.10 -26.62
N LEU L 51 8.25 -27.20 -27.40
CA LEU L 51 8.92 -25.93 -27.66
C LEU L 51 7.84 -24.94 -27.75
N ILE L 52 8.12 -23.73 -27.31
CA ILE L 52 7.07 -22.72 -27.36
C ILE L 52 7.43 -21.56 -28.30
N PHE L 53 6.52 -21.16 -29.17
CA PHE L 53 6.86 -20.10 -30.11
C PHE L 53 5.99 -18.93 -30.04
N PRO L 54 6.60 -17.76 -30.25
CA PRO L 54 5.86 -16.52 -30.57
C PRO L 54 5.15 -16.69 -31.93
N ILE L 55 3.88 -16.35 -31.99
CA ILE L 55 3.09 -16.66 -33.14
C ILE L 55 1.95 -15.65 -33.14
N GLU L 56 1.48 -15.27 -34.31
CA GLU L 56 0.19 -14.58 -34.47
C GLU L 56 -0.79 -15.64 -34.96
N TYR L 57 -1.74 -16.05 -34.13
CA TYR L 57 -2.82 -16.88 -34.66
C TYR L 57 -4.05 -16.39 -34.01
N LYS L 58 -4.93 -15.85 -34.84
CA LYS L 58 -6.08 -15.07 -34.35
C LYS L 58 -5.64 -14.10 -33.21
N SER L 59 -6.10 -14.36 -31.99
CA SER L 59 -5.82 -13.50 -30.85
C SER L 59 -4.81 -14.15 -29.87
N TYR L 60 -4.15 -15.22 -30.31
CA TYR L 60 -3.15 -15.91 -29.50
C TYR L 60 -1.82 -15.45 -29.98
N ASN L 61 -0.88 -15.29 -29.05
CA ASN L 61 0.48 -14.84 -29.34
C ASN L 61 1.60 -15.86 -29.08
N GLU L 62 1.29 -17.02 -28.47
CA GLU L 62 2.23 -18.18 -28.56
C GLU L 62 1.61 -19.58 -28.75
N VAL L 63 2.40 -20.49 -29.29
CA VAL L 63 1.99 -21.88 -29.41
C VAL L 63 2.95 -22.73 -28.67
N LYS L 64 2.45 -23.78 -28.03
CA LYS L 64 3.32 -24.85 -27.55
C LYS L 64 3.10 -25.96 -28.55
N THR L 65 4.17 -26.36 -29.22
CA THR L 65 4.12 -27.55 -30.01
C THR L 65 4.89 -28.68 -29.38
N GLU L 66 4.26 -29.84 -29.31
CA GLU L 66 4.83 -30.94 -28.61
C GLU L 66 5.42 -31.93 -29.59
N LEU L 67 6.55 -32.52 -29.21
CA LEU L 67 7.22 -33.56 -30.03
C LEU L 67 7.06 -34.81 -29.19
N GLU L 68 7.40 -35.95 -29.75
CA GLU L 68 7.17 -37.30 -29.17
C GLU L 68 8.28 -37.57 -28.17
N ASN L 69 9.40 -36.90 -28.33
CA ASN L 69 10.57 -37.18 -27.50
C ASN L 69 11.56 -36.00 -27.44
N THR L 70 12.55 -36.09 -26.55
CA THR L 70 13.47 -34.99 -26.27
C THR L 70 14.46 -34.66 -27.40
N GLU L 71 15.07 -35.67 -28.01
CA GLU L 71 15.96 -35.55 -29.14
C GLU L 71 15.25 -34.70 -30.20
N LEU L 72 14.01 -35.04 -30.48
CA LEU L 72 13.26 -34.36 -31.48
C LEU L 72 13.00 -32.90 -31.14
N ALA L 73 12.76 -32.56 -29.87
CA ALA L 73 12.64 -31.15 -29.52
C ALA L 73 14.02 -30.49 -29.67
N ASN L 74 15.08 -31.25 -29.36
CA ASN L 74 16.41 -30.67 -29.39
C ASN L 74 16.82 -30.30 -30.84
N ASN L 75 16.48 -31.18 -31.75
CA ASN L 75 16.66 -31.10 -33.18
C ASN L 75 16.29 -29.68 -33.72
N TYR L 76 15.24 -29.07 -33.19
CA TYR L 76 14.76 -27.77 -33.61
C TYR L 76 14.97 -26.72 -32.55
N LYS L 77 15.46 -27.08 -31.35
CA LYS L 77 15.63 -26.05 -30.28
C LYS L 77 16.66 -25.01 -30.76
N GLY L 78 16.20 -23.78 -30.73
CA GLY L 78 16.99 -22.62 -31.14
C GLY L 78 17.17 -22.36 -32.62
N LYS L 79 16.66 -23.23 -33.50
CA LYS L 79 16.85 -23.01 -34.90
C LYS L 79 15.74 -22.20 -35.59
N LYS L 80 16.08 -21.59 -36.72
CA LYS L 80 15.12 -20.73 -37.42
C LYS L 80 14.26 -21.77 -38.10
N VAL L 81 12.96 -21.74 -37.89
CA VAL L 81 12.19 -22.88 -38.37
C VAL L 81 10.92 -22.40 -38.96
N ASP L 82 10.25 -23.27 -39.71
CA ASP L 82 8.89 -22.89 -40.08
C ASP L 82 7.86 -23.73 -39.34
N ILE L 83 6.76 -23.10 -39.07
CA ILE L 83 5.72 -23.79 -38.43
C ILE L 83 4.45 -23.89 -39.31
N PHE L 84 3.90 -25.12 -39.40
CA PHE L 84 2.59 -25.39 -39.99
C PHE L 84 1.92 -26.55 -39.23
N GLY L 85 0.80 -26.31 -38.54
CA GLY L 85 0.11 -27.40 -37.86
C GLY L 85 -1.31 -27.08 -37.48
N VAL L 86 -1.94 -27.99 -36.73
CA VAL L 86 -3.29 -27.85 -36.36
C VAL L 86 -3.31 -27.43 -34.90
N PRO L 87 -3.79 -26.23 -34.58
CA PRO L 87 -3.76 -25.82 -33.18
C PRO L 87 -4.92 -26.38 -32.42
N TYR L 88 -4.80 -26.64 -31.12
CA TYR L 88 -6.03 -26.89 -30.24
C TYR L 88 -6.01 -26.05 -28.94
N PHE L 89 -7.09 -26.06 -28.18
CA PHE L 89 -7.26 -25.08 -27.07
C PHE L 89 -7.75 -25.80 -25.81
N TYR L 90 -8.93 -26.39 -25.93
CA TYR L 90 -9.44 -27.33 -24.94
C TYR L 90 -8.38 -28.41 -24.75
N THR L 91 -7.94 -28.56 -23.50
CA THR L 91 -6.95 -29.46 -22.98
C THR L 91 -5.59 -28.94 -23.25
N CYS L 92 -5.48 -27.73 -23.76
CA CYS L 92 -4.13 -27.28 -24.12
C CYS L 92 -3.48 -26.81 -22.85
N ILE L 93 -2.28 -27.31 -22.58
CA ILE L 93 -1.54 -26.84 -21.40
C ILE L 93 -0.25 -26.13 -21.73
N ILE L 94 -0.23 -24.84 -21.43
CA ILE L 94 0.92 -24.01 -21.75
C ILE L 94 1.09 -23.03 -20.64
N PRO L 95 1.94 -23.31 -19.63
CA PRO L 95 1.95 -22.36 -18.52
C PRO L 95 2.70 -21.03 -18.89
N LYS L 96 2.24 -19.87 -18.38
CA LYS L 96 2.99 -18.58 -18.59
C LYS L 96 4.44 -18.68 -18.08
N SER L 97 5.35 -17.90 -18.67
CA SER L 97 6.73 -17.77 -18.10
C SER L 97 6.65 -16.84 -16.87
N GLU L 98 5.72 -15.87 -16.98
CA GLU L 98 5.39 -14.92 -15.90
C GLU L 98 6.33 -13.67 -15.97
N PHE L 105 -2.40 -20.70 -17.51
CA PHE L 105 -3.18 -21.94 -17.86
C PHE L 105 -3.18 -22.41 -19.39
N GLY L 106 -4.26 -22.16 -20.13
CA GLY L 106 -4.33 -22.60 -21.53
C GLY L 106 -4.48 -21.49 -22.56
N GLY L 107 -3.38 -21.16 -23.24
CA GLY L 107 -3.35 -20.39 -24.54
C GLY L 107 -3.50 -21.35 -25.74
N CYS L 108 -2.55 -21.38 -26.67
CA CYS L 108 -2.70 -22.38 -27.78
C CYS L 108 -1.62 -23.50 -28.04
N CYS L 109 -2.06 -24.72 -28.38
CA CYS L 109 -1.15 -25.89 -28.44
C CYS L 109 -1.23 -26.60 -29.76
N MET L 110 -0.23 -27.42 -30.01
CA MET L 110 -0.25 -28.20 -31.22
C MET L 110 0.83 -29.28 -31.08
N TYR L 111 0.98 -30.17 -32.08
CA TYR L 111 2.08 -31.14 -32.12
C TYR L 111 2.89 -30.98 -33.40
N GLY L 112 4.18 -31.29 -33.37
CA GLY L 112 4.96 -31.33 -34.55
C GLY L 112 4.99 -30.05 -35.36
N GLY L 113 4.92 -30.18 -36.70
CA GLY L 113 4.79 -28.97 -37.55
C GLY L 113 6.04 -28.19 -37.91
N LEU L 114 7.20 -28.69 -37.50
CA LEU L 114 8.43 -27.91 -37.74
C LEU L 114 9.23 -28.37 -38.92
N THR L 115 9.62 -27.38 -39.70
CA THR L 115 10.66 -27.61 -40.72
C THR L 115 11.68 -26.52 -40.58
N PHE L 116 12.91 -26.81 -41.00
CA PHE L 116 13.99 -25.81 -41.10
C PHE L 116 13.73 -24.73 -42.13
N ASN L 117 13.93 -23.48 -41.73
CA ASN L 117 13.76 -22.35 -42.63
C ASN L 117 14.95 -22.23 -43.58
N SER L 118 14.65 -22.10 -44.86
CA SER L 118 15.57 -21.70 -45.95
C SER L 118 14.84 -20.48 -46.61
N SER L 119 13.67 -20.78 -47.19
CA SER L 119 12.36 -20.19 -46.76
C SER L 119 11.59 -21.54 -46.63
N GLU L 120 11.05 -22.06 -47.74
CA GLU L 120 11.43 -23.45 -48.16
C GLU L 120 11.71 -23.74 -49.66
N ASN L 121 11.73 -22.64 -50.45
CA ASN L 121 12.68 -22.38 -51.61
C ASN L 121 12.24 -22.76 -53.06
N GLU L 122 11.30 -22.06 -53.69
CA GLU L 122 10.46 -20.95 -53.19
C GLU L 122 9.18 -21.19 -53.95
N ARG L 123 9.28 -22.05 -54.94
CA ARG L 123 8.22 -22.27 -55.90
C ARG L 123 7.33 -23.44 -55.50
N ASP L 124 6.03 -23.23 -55.63
CA ASP L 124 5.04 -24.19 -55.17
C ASP L 124 5.14 -25.56 -55.81
N LYS L 125 5.09 -26.63 -55.03
CA LYS L 125 4.97 -27.96 -55.63
C LYS L 125 3.55 -28.45 -55.41
N LEU L 126 3.12 -29.29 -56.36
CA LEU L 126 1.76 -29.79 -56.46
C LEU L 126 1.82 -31.22 -56.08
N ILE L 127 0.85 -31.67 -55.28
CA ILE L 127 0.87 -33.02 -54.86
C ILE L 127 -0.52 -33.41 -55.13
N THR L 128 -0.65 -34.66 -55.57
CA THR L 128 -1.88 -35.13 -56.09
C THR L 128 -2.39 -36.01 -55.01
N VAL L 129 -3.66 -35.87 -54.66
CA VAL L 129 -4.33 -36.77 -53.75
C VAL L 129 -5.40 -37.67 -54.48
N GLN L 130 -5.26 -38.98 -54.45
CA GLN L 130 -6.29 -39.85 -55.07
C GLN L 130 -7.27 -40.24 -54.03
N VAL L 131 -8.54 -40.16 -54.35
CA VAL L 131 -9.56 -40.54 -53.42
C VAL L 131 -10.39 -41.65 -54.03
N THR L 132 -10.63 -42.70 -53.25
CA THR L 132 -11.38 -43.85 -53.62
C THR L 132 -12.55 -43.96 -52.66
N ILE L 133 -13.72 -44.25 -53.17
CA ILE L 133 -14.89 -44.26 -52.38
C ILE L 133 -15.54 -45.61 -52.62
N ASP L 134 -15.89 -46.30 -51.54
CA ASP L 134 -16.39 -47.65 -51.57
C ASP L 134 -15.63 -48.47 -52.58
N ASN L 135 -14.32 -48.48 -52.42
CA ASN L 135 -13.43 -49.33 -53.23
C ASN L 135 -13.50 -49.11 -54.70
N ARG L 136 -13.96 -47.93 -55.09
CA ARG L 136 -13.86 -47.51 -56.47
C ARG L 136 -13.15 -46.16 -56.57
N GLN L 137 -11.98 -46.17 -57.19
CA GLN L 137 -11.29 -44.91 -57.57
C GLN L 137 -12.36 -43.90 -58.00
N SER L 138 -12.26 -42.67 -57.57
CA SER L 138 -13.36 -41.78 -57.83
C SER L 138 -12.90 -40.37 -58.15
N LEU L 139 -11.87 -39.85 -57.48
CA LEU L 139 -11.35 -38.56 -57.93
C LEU L 139 -9.96 -38.25 -57.39
N GLY L 140 -9.26 -37.36 -58.05
CA GLY L 140 -7.98 -36.90 -57.60
C GLY L 140 -8.05 -35.40 -57.49
N PHE L 141 -7.31 -34.77 -56.56
CA PHE L 141 -7.37 -33.32 -56.47
C PHE L 141 -6.01 -32.88 -56.10
N THR L 142 -5.67 -31.60 -56.16
CA THR L 142 -4.31 -31.32 -55.79
C THR L 142 -4.20 -30.38 -54.60
N ILE L 143 -3.07 -30.48 -53.90
CA ILE L 143 -2.74 -29.56 -52.81
C ILE L 143 -1.35 -29.09 -53.06
N THR L 144 -0.97 -27.94 -52.48
CA THR L 144 0.35 -27.41 -52.79
C THR L 144 1.08 -26.97 -51.53
N THR L 145 2.39 -27.11 -51.56
CA THR L 145 3.23 -26.57 -50.56
C THR L 145 4.42 -25.94 -51.30
N ASN L 146 5.03 -24.92 -50.71
CA ASN L 146 6.29 -24.38 -51.23
C ASN L 146 7.44 -25.00 -50.54
N LYS L 147 7.23 -26.00 -49.72
CA LYS L 147 8.39 -26.57 -49.05
C LYS L 147 8.85 -27.84 -49.74
N ASN L 148 10.15 -27.95 -50.03
CA ASN L 148 10.72 -29.22 -50.51
C ASN L 148 10.65 -30.36 -49.50
N MET L 149 11.03 -30.12 -48.26
CA MET L 149 10.86 -31.10 -47.18
C MET L 149 9.70 -30.50 -46.40
N VAL L 150 8.56 -31.24 -46.23
CA VAL L 150 7.33 -30.67 -45.65
C VAL L 150 6.85 -31.66 -44.60
N THR L 151 6.09 -31.23 -43.60
CA THR L 151 5.60 -32.26 -42.65
C THR L 151 4.37 -33.03 -43.21
N ILE L 152 4.29 -34.31 -42.93
CA ILE L 152 3.06 -34.98 -43.16
C ILE L 152 1.89 -34.20 -42.59
N GLN L 153 2.07 -33.56 -41.45
CA GLN L 153 0.95 -32.82 -40.87
C GLN L 153 0.40 -31.75 -41.87
N GLU L 154 1.29 -31.03 -42.55
CA GLU L 154 0.87 -30.01 -43.50
C GLU L 154 0.10 -30.68 -44.63
N LEU L 155 0.70 -31.74 -45.19
CA LEU L 155 -0.06 -32.44 -46.22
C LEU L 155 -1.41 -32.96 -45.73
N ASP L 156 -1.46 -33.58 -44.55
CA ASP L 156 -2.66 -34.16 -44.05
C ASP L 156 -3.67 -33.05 -43.92
N TYR L 157 -3.23 -31.93 -43.39
CA TYR L 157 -4.19 -30.83 -43.12
C TYR L 157 -4.74 -30.38 -44.46
N LYS L 158 -3.84 -30.09 -45.42
CA LYS L 158 -4.34 -29.47 -46.66
C LYS L 158 -5.30 -30.47 -47.31
N ALA L 159 -4.97 -31.75 -47.34
CA ALA L 159 -5.94 -32.75 -47.84
C ALA L 159 -7.25 -32.88 -47.06
N ARG L 160 -7.21 -32.94 -45.75
CA ARG L 160 -8.51 -33.02 -45.02
C ARG L 160 -9.36 -31.76 -45.22
N HIS L 161 -8.70 -30.63 -45.37
CA HIS L 161 -9.40 -29.39 -45.47
C HIS L 161 -10.17 -29.43 -46.73
N TRP L 162 -9.50 -29.81 -47.78
CA TRP L 162 -10.14 -29.90 -49.06
C TRP L 162 -11.37 -30.79 -48.94
N LEU L 163 -11.20 -31.98 -48.35
CA LEU L 163 -12.26 -32.92 -48.35
C LEU L 163 -13.40 -32.52 -47.42
N THR L 164 -13.10 -31.69 -46.41
CA THR L 164 -14.14 -31.18 -45.55
C THR L 164 -14.96 -30.11 -46.28
N LYS L 165 -14.26 -29.16 -46.93
CA LYS L 165 -14.86 -28.04 -47.62
C LYS L 165 -15.71 -28.56 -48.77
N GLU L 166 -15.21 -29.54 -49.51
CA GLU L 166 -15.85 -29.96 -50.76
C GLU L 166 -16.66 -31.27 -50.65
N LYS L 167 -16.27 -32.19 -49.75
CA LYS L 167 -16.90 -33.51 -49.76
C LYS L 167 -17.55 -33.89 -48.45
N LYS L 168 -17.62 -32.93 -47.53
CA LYS L 168 -18.30 -33.20 -46.26
C LYS L 168 -17.68 -34.38 -45.47
N LEU L 169 -16.36 -34.45 -45.49
CA LEU L 169 -15.59 -35.43 -44.74
C LEU L 169 -16.03 -35.42 -43.29
N TYR L 170 -16.15 -34.20 -42.72
CA TYR L 170 -16.70 -34.03 -41.40
C TYR L 170 -17.79 -32.99 -41.41
N GLU L 171 -18.90 -33.27 -40.76
CA GLU L 171 -19.96 -32.24 -40.59
C GLU L 171 -20.23 -32.11 -39.08
N PHE L 172 -21.20 -31.29 -38.67
CA PHE L 172 -21.39 -30.98 -37.29
C PHE L 172 -21.72 -32.25 -36.49
N ASP L 173 -22.60 -33.06 -37.05
CA ASP L 173 -23.21 -34.18 -36.36
C ASP L 173 -23.11 -35.41 -37.25
N GLY L 174 -22.02 -35.53 -38.00
CA GLY L 174 -21.83 -36.72 -38.83
C GLY L 174 -20.86 -36.54 -39.97
N SER L 175 -21.08 -37.24 -41.07
CA SER L 175 -20.17 -37.14 -42.17
C SER L 175 -20.89 -37.58 -43.41
N ALA L 176 -20.41 -37.23 -44.60
CA ALA L 176 -21.00 -37.93 -45.72
C ALA L 176 -20.55 -39.42 -45.76
N PHE L 177 -19.52 -39.76 -44.98
CA PHE L 177 -18.98 -41.12 -45.05
C PHE L 177 -19.27 -41.77 -43.72
N GLU L 178 -18.89 -43.03 -43.55
CA GLU L 178 -19.02 -43.75 -42.31
C GLU L 178 -17.65 -44.20 -41.79
N SER L 179 -16.68 -44.39 -42.68
CA SER L 179 -15.33 -44.66 -42.20
C SER L 179 -14.28 -44.36 -43.27
N GLY L 180 -13.02 -44.26 -42.87
CA GLY L 180 -11.99 -44.08 -43.85
C GLY L 180 -10.56 -43.88 -43.37
N TYR L 181 -9.60 -43.85 -44.29
CA TYR L 181 -8.25 -43.51 -43.85
C TYR L 181 -7.49 -42.77 -44.92
N ILE L 182 -6.35 -42.20 -44.56
CA ILE L 182 -5.46 -41.54 -45.51
C ILE L 182 -4.11 -42.23 -45.44
N LYS L 183 -3.52 -42.51 -46.61
CA LYS L 183 -2.31 -43.34 -46.70
C LYS L 183 -1.22 -42.61 -47.40
N PHE L 184 -0.06 -42.50 -46.79
CA PHE L 184 1.07 -41.83 -47.41
C PHE L 184 2.07 -42.89 -47.82
N THR L 185 2.64 -42.81 -49.02
CA THR L 185 3.72 -43.76 -49.38
C THR L 185 4.89 -42.90 -49.79
N GLU L 186 6.03 -43.16 -49.18
CA GLU L 186 7.23 -42.34 -49.45
C GLU L 186 7.96 -42.97 -50.64
N LYS L 187 8.99 -42.29 -51.14
CA LYS L 187 9.69 -42.74 -52.36
C LYS L 187 10.17 -44.11 -52.21
N ASN L 188 10.80 -44.40 -51.05
CA ASN L 188 11.37 -45.73 -50.77
C ASN L 188 10.37 -46.88 -50.67
N ASN L 189 9.09 -46.52 -50.74
CA ASN L 189 7.97 -47.45 -50.69
C ASN L 189 7.55 -47.83 -49.28
N THR L 190 8.07 -47.20 -48.24
CA THR L 190 7.42 -47.44 -46.95
C THR L 190 6.12 -46.57 -46.92
N SER L 191 5.15 -47.04 -46.18
CA SER L 191 3.83 -46.43 -46.19
C SER L 191 3.23 -46.51 -44.80
N PHE L 192 2.28 -45.64 -44.51
CA PHE L 192 1.60 -45.62 -43.22
C PHE L 192 0.35 -44.88 -43.43
N TRP L 193 -0.46 -44.78 -42.40
CA TRP L 193 -1.83 -44.37 -42.67
C TRP L 193 -2.43 -43.83 -41.39
N PHE L 194 -3.50 -43.04 -41.49
CA PHE L 194 -4.17 -42.56 -40.31
C PHE L 194 -5.62 -42.82 -40.48
N ASP L 195 -6.29 -43.21 -39.43
CA ASP L 195 -7.74 -43.32 -39.41
C ASP L 195 -8.28 -41.88 -39.39
N LEU L 196 -9.20 -41.58 -40.28
CA LEU L 196 -9.64 -40.21 -40.48
C LEU L 196 -10.70 -39.81 -39.40
N PHE L 197 -11.26 -40.82 -38.71
CA PHE L 197 -12.33 -40.64 -37.75
C PHE L 197 -11.93 -40.96 -36.28
N PRO L 198 -12.57 -40.29 -35.33
CA PRO L 198 -12.05 -40.45 -33.96
C PRO L 198 -12.55 -41.74 -33.32
N LYS L 199 -11.84 -42.28 -32.34
CA LYS L 199 -12.33 -43.45 -31.58
C LYS L 199 -13.65 -43.23 -30.90
N LYS L 200 -14.51 -44.25 -30.79
CA LYS L 200 -15.83 -44.05 -30.18
C LYS L 200 -15.76 -43.64 -28.72
N GLU L 201 -14.71 -44.03 -28.03
CA GLU L 201 -14.57 -43.67 -26.64
C GLU L 201 -14.20 -42.22 -26.45
N LEU L 202 -13.79 -41.59 -27.54
CA LEU L 202 -13.11 -40.32 -27.38
C LEU L 202 -14.16 -39.17 -27.26
N VAL L 203 -14.99 -39.26 -26.23
CA VAL L 203 -16.08 -38.33 -25.95
C VAL L 203 -16.08 -38.04 -24.47
N PRO L 204 -15.89 -36.77 -24.09
CA PRO L 204 -15.71 -35.62 -24.98
C PRO L 204 -14.49 -35.70 -25.88
N PHE L 205 -14.44 -34.82 -26.85
CA PHE L 205 -13.38 -34.94 -27.81
C PHE L 205 -12.12 -34.23 -27.31
N VAL L 206 -11.17 -35.01 -26.81
CA VAL L 206 -9.89 -34.51 -26.33
C VAL L 206 -8.93 -34.29 -27.45
N PRO L 207 -8.76 -33.05 -27.87
CA PRO L 207 -7.98 -32.81 -29.06
C PRO L 207 -6.60 -33.41 -28.99
N TYR L 208 -5.97 -33.44 -27.82
CA TYR L 208 -4.57 -33.84 -27.82
C TYR L 208 -4.45 -35.34 -28.09
N LYS L 209 -5.48 -36.13 -27.80
CA LYS L 209 -5.40 -37.56 -28.10
C LYS L 209 -5.60 -37.87 -29.57
N PHE L 210 -5.98 -36.85 -30.35
CA PHE L 210 -6.33 -37.08 -31.69
C PHE L 210 -5.23 -36.52 -32.53
N LEU L 211 -4.65 -35.37 -32.11
CA LEU L 211 -3.59 -34.72 -32.84
C LEU L 211 -2.18 -35.24 -32.61
N ASN L 212 -1.99 -36.05 -31.57
CA ASN L 212 -0.63 -36.51 -31.19
C ASN L 212 -0.07 -37.38 -32.28
N ILE L 213 -0.89 -37.88 -33.19
CA ILE L 213 -0.33 -38.49 -34.41
C ILE L 213 0.73 -37.57 -35.10
N TYR L 214 0.73 -36.26 -34.89
CA TYR L 214 1.63 -35.41 -35.63
C TYR L 214 2.89 -35.15 -34.86
N GLY L 215 2.96 -35.77 -33.67
CA GLY L 215 4.09 -35.56 -32.73
C GLY L 215 5.44 -36.13 -33.15
N ASP L 216 5.48 -37.10 -34.06
CA ASP L 216 6.75 -37.57 -34.64
C ASP L 216 7.37 -36.50 -35.50
N ASN L 217 6.61 -35.48 -35.84
CA ASN L 217 7.15 -34.41 -36.73
C ASN L 217 7.78 -35.05 -37.99
N LYS L 218 7.10 -36.04 -38.58
CA LYS L 218 7.53 -36.71 -39.81
C LYS L 218 7.58 -35.73 -40.99
N VAL L 219 8.71 -35.75 -41.68
CA VAL L 219 8.97 -34.85 -42.80
C VAL L 219 9.24 -35.64 -44.10
N VAL L 220 8.77 -35.12 -45.22
CA VAL L 220 8.95 -35.92 -46.45
C VAL L 220 9.20 -34.99 -47.55
N ASP L 221 9.67 -35.54 -48.64
CA ASP L 221 10.01 -34.75 -49.81
C ASP L 221 8.75 -34.52 -50.62
N SER L 222 8.32 -33.27 -50.71
CA SER L 222 7.03 -32.96 -51.37
C SER L 222 7.04 -33.37 -52.84
N LYS L 223 8.25 -33.53 -53.40
CA LYS L 223 8.39 -33.79 -54.83
C LYS L 223 8.16 -35.23 -55.15
N SER L 224 8.07 -36.11 -54.15
CA SER L 224 7.88 -37.52 -54.40
C SER L 224 6.85 -38.23 -53.48
N ILE L 225 6.33 -37.57 -52.46
CA ILE L 225 5.32 -38.22 -51.64
C ILE L 225 4.09 -38.65 -52.47
N LYS L 226 3.52 -39.81 -52.15
CA LYS L 226 2.23 -40.24 -52.62
C LYS L 226 1.14 -40.24 -51.54
N MET L 227 -0.04 -39.76 -51.91
CA MET L 227 -1.13 -39.62 -50.97
C MET L 227 -2.36 -40.27 -51.50
N GLU L 228 -3.04 -41.11 -50.72
CA GLU L 228 -4.29 -41.71 -51.19
C GLU L 228 -5.28 -41.62 -50.07
N VAL L 229 -6.58 -41.48 -50.37
CA VAL L 229 -7.58 -41.50 -49.33
C VAL L 229 -8.63 -42.62 -49.62
N PHE L 230 -9.04 -43.41 -48.61
CA PHE L 230 -10.04 -44.45 -48.82
C PHE L 230 -11.22 -44.19 -47.90
N LEU L 231 -12.41 -44.17 -48.46
CA LEU L 231 -13.56 -43.83 -47.73
C LEU L 231 -14.67 -44.84 -47.97
N ASN L 232 -15.49 -45.09 -46.96
CA ASN L 232 -16.66 -45.92 -47.02
C ASN L 232 -17.89 -45.14 -46.64
N THR L 233 -18.97 -45.24 -47.44
CA THR L 233 -20.28 -44.69 -47.07
C THR L 233 -21.02 -45.71 -46.24
N HIS L 234 -22.08 -45.28 -45.56
CA HIS L 234 -22.82 -46.22 -44.70
C HIS L 234 -23.37 -47.44 -45.43
N ALA M 4 -13.43 -26.48 1.08
CA ALA M 4 -14.17 -26.14 -0.19
C ALA M 4 -14.96 -24.76 -0.12
N ALA M 5 -16.26 -24.75 -0.56
CA ALA M 5 -17.17 -23.55 -0.60
C ALA M 5 -18.66 -23.91 -0.30
N VAL M 6 -19.15 -24.97 -0.94
CA VAL M 6 -20.47 -25.53 -0.69
C VAL M 6 -20.32 -27.05 -0.36
N THR M 7 -20.38 -27.38 0.95
CA THR M 7 -20.13 -28.73 1.42
C THR M 7 -21.41 -29.48 1.73
N GLN M 8 -21.56 -30.64 1.14
CA GLN M 8 -22.83 -31.33 1.06
C GLN M 8 -22.81 -32.76 1.69
N SER M 9 -22.86 -32.87 3.03
CA SER M 9 -22.88 -34.18 3.77
C SER M 9 -24.28 -34.81 4.02
N PRO M 10 -24.46 -36.15 3.83
CA PRO M 10 -23.42 -37.12 3.57
C PRO M 10 -23.14 -37.07 2.06
N ARG M 11 -21.94 -37.53 1.67
CA ARG M 11 -21.56 -37.67 0.26
C ARG M 11 -22.35 -38.83 -0.40
N ASN M 12 -22.59 -39.86 0.42
CA ASN M 12 -23.10 -41.13 -0.07
C ASN M 12 -24.09 -41.80 0.90
N LYS M 13 -25.25 -42.26 0.43
CA LYS M 13 -26.18 -42.95 1.33
C LYS M 13 -27.22 -43.96 0.77
N VAL M 14 -27.45 -44.96 1.63
CA VAL M 14 -28.31 -46.11 1.37
C VAL M 14 -29.55 -46.00 2.25
N ALA M 15 -30.69 -46.30 1.62
CA ALA M 15 -31.89 -46.17 2.38
C ALA M 15 -32.86 -47.26 2.05
N VAL M 16 -33.61 -47.63 3.06
CA VAL M 16 -34.74 -48.52 2.87
C VAL M 16 -36.02 -47.67 2.85
N THR M 17 -36.92 -48.04 1.94
CA THR M 17 -38.28 -47.51 1.84
C THR M 17 -38.90 -47.09 3.19
N GLY M 18 -39.48 -45.88 3.20
CA GLY M 18 -39.96 -45.26 4.41
C GLY M 18 -38.90 -44.83 5.44
N GLU M 19 -37.62 -44.84 5.11
CA GLU M 19 -36.60 -44.22 5.98
C GLU M 19 -36.74 -42.67 6.02
N LYS M 20 -36.17 -42.01 7.05
CA LYS M 20 -36.24 -40.54 7.12
C LYS M 20 -34.89 -39.91 6.88
N VAL M 21 -34.69 -39.43 5.66
CA VAL M 21 -33.37 -38.92 5.26
C VAL M 21 -33.23 -37.41 5.27
N THR M 22 -32.20 -36.93 5.94
CA THR M 22 -31.81 -35.55 5.86
C THR M 22 -30.43 -35.39 5.18
N LEU M 23 -30.47 -34.95 3.91
CA LEU M 23 -29.29 -34.41 3.22
C LEU M 23 -29.09 -32.97 3.66
N SER M 24 -27.85 -32.58 3.80
CA SER M 24 -27.56 -31.39 4.53
C SER M 24 -26.53 -30.64 3.72
N CYS M 25 -26.63 -29.32 3.69
CA CYS M 25 -25.81 -28.55 2.77
C CYS M 25 -25.44 -27.29 3.42
N GLN M 26 -24.15 -27.07 3.52
CA GLN M 26 -23.56 -26.04 4.34
C GLN M 26 -22.82 -25.23 3.33
N GLN M 27 -22.90 -23.92 3.44
CA GLN M 27 -22.23 -23.08 2.49
C GLN M 27 -21.39 -22.07 3.22
N THR M 28 -20.42 -21.47 2.54
CA THR M 28 -19.43 -20.60 3.19
C THR M 28 -19.40 -19.25 2.47
N ASN M 29 -20.13 -19.18 1.35
CA ASN M 29 -20.13 -17.99 0.48
C ASN M 29 -20.90 -16.77 1.00
N ASN M 30 -21.75 -16.99 2.01
CA ASN M 30 -22.61 -15.92 2.53
C ASN M 30 -23.62 -15.42 1.45
N HIS M 31 -24.15 -16.39 0.71
CA HIS M 31 -25.16 -16.16 -0.30
C HIS M 31 -26.55 -16.28 0.30
N ASN M 32 -27.45 -15.36 -0.08
CA ASN M 32 -28.87 -15.45 0.25
C ASN M 32 -29.61 -16.68 -0.24
N ASN M 33 -29.28 -17.16 -1.42
CA ASN M 33 -30.12 -18.16 -1.98
C ASN M 33 -29.49 -19.56 -1.94
N MET M 34 -30.26 -20.63 -1.74
CA MET M 34 -29.70 -21.94 -1.78
C MET M 34 -30.70 -22.79 -2.49
N TYR M 35 -30.26 -23.91 -3.06
CA TYR M 35 -31.10 -24.70 -3.95
C TYR M 35 -30.85 -26.21 -3.76
N TRP M 36 -31.85 -27.04 -3.98
CA TRP M 36 -31.62 -28.44 -3.94
C TRP M 36 -32.17 -29.06 -5.22
N TYR M 37 -31.29 -29.80 -5.92
CA TYR M 37 -31.72 -30.48 -7.15
C TYR M 37 -31.43 -31.98 -7.13
N ARG M 38 -32.21 -32.75 -7.86
CA ARG M 38 -31.82 -34.11 -8.12
C ARG M 38 -31.35 -34.32 -9.59
N GLN M 39 -30.32 -35.15 -9.75
CA GLN M 39 -29.79 -35.45 -11.08
C GLN M 39 -30.17 -36.84 -11.49
N ASP M 40 -31.11 -36.94 -12.41
CA ASP M 40 -31.35 -38.24 -12.97
C ASP M 40 -30.53 -38.48 -14.27
N THR M 41 -30.49 -39.74 -14.75
CA THR M 41 -29.77 -40.09 -16.01
C THR M 41 -30.48 -39.45 -17.23
N GLY M 42 -31.79 -39.73 -17.38
CA GLY M 42 -32.66 -39.05 -18.37
C GLY M 42 -32.46 -37.51 -18.41
N HIS M 43 -33.09 -36.81 -17.44
CA HIS M 43 -33.15 -35.33 -17.37
C HIS M 43 -31.80 -34.72 -17.00
N GLY M 44 -31.76 -33.56 -16.38
CA GLY M 44 -30.44 -32.93 -16.12
C GLY M 44 -30.36 -32.71 -14.64
N LEU M 45 -30.56 -31.45 -14.24
CA LEU M 45 -30.83 -31.02 -12.86
C LEU M 45 -32.26 -30.46 -12.75
N ARG M 46 -33.14 -31.16 -12.05
CA ARG M 46 -34.47 -30.64 -11.81
C ARG M 46 -34.45 -30.10 -10.37
N LEU M 47 -35.18 -29.01 -10.14
CA LEU M 47 -35.11 -28.28 -8.85
C LEU M 47 -36.24 -28.63 -7.91
N ILE M 48 -35.90 -28.82 -6.65
CA ILE M 48 -36.88 -29.41 -5.75
C ILE M 48 -37.50 -28.38 -4.79
N HIS M 49 -36.66 -27.74 -3.97
CA HIS M 49 -37.07 -26.62 -3.17
C HIS M 49 -35.87 -25.72 -3.27
N TYR M 50 -36.09 -24.40 -3.06
CA TYR M 50 -35.01 -23.40 -2.94
C TYR M 50 -35.32 -22.48 -1.81
N SER M 51 -34.42 -21.54 -1.55
CA SER M 51 -34.72 -20.63 -0.50
C SER M 51 -34.02 -19.32 -0.65
N TYR M 52 -34.71 -18.20 -0.39
CA TYR M 52 -34.15 -16.87 -0.60
C TYR M 52 -33.66 -16.25 0.66
N GLY M 53 -33.54 -17.01 1.74
CA GLY M 53 -33.09 -16.44 3.01
C GLY M 53 -33.54 -17.32 4.14
N VAL M 54 -33.17 -16.95 5.38
CA VAL M 54 -33.39 -17.85 6.50
C VAL M 54 -34.85 -17.82 6.87
N GLY M 55 -35.42 -18.98 7.19
CA GLY M 55 -36.80 -18.95 7.55
C GLY M 55 -37.65 -19.15 6.33
N ASN M 56 -37.03 -19.21 5.15
CA ASN M 56 -37.78 -19.33 3.92
C ASN M 56 -37.39 -20.54 3.05
N THR M 57 -38.38 -21.24 2.52
CA THR M 57 -38.13 -22.23 1.53
C THR M 57 -39.32 -22.10 0.60
N GLU M 58 -39.06 -22.32 -0.71
CA GLU M 58 -40.12 -22.36 -1.72
C GLU M 58 -40.01 -23.58 -2.65
N LYS M 59 -41.13 -24.00 -3.23
CA LYS M 59 -41.15 -25.15 -4.10
C LYS M 59 -40.60 -24.86 -5.50
N GLY M 60 -39.78 -25.80 -5.98
CA GLY M 60 -39.17 -25.74 -7.27
C GLY M 60 -40.09 -26.52 -8.18
N ASP M 61 -39.46 -27.24 -9.12
CA ASP M 61 -40.18 -27.88 -10.24
C ASP M 61 -40.72 -29.17 -9.76
N ILE M 62 -39.94 -29.87 -8.93
CA ILE M 62 -40.42 -31.14 -8.34
C ILE M 62 -40.37 -31.20 -6.79
N PRO M 63 -41.35 -30.53 -6.13
CA PRO M 63 -41.35 -30.50 -4.67
C PRO M 63 -41.83 -31.81 -4.02
N ASP M 64 -42.81 -32.47 -4.63
CA ASP M 64 -43.53 -33.60 -4.02
C ASP M 64 -42.59 -34.66 -3.39
N GLY M 65 -42.97 -35.14 -2.17
CA GLY M 65 -42.15 -36.04 -1.35
C GLY M 65 -40.96 -35.43 -0.61
N TYR M 66 -40.58 -34.19 -0.90
CA TYR M 66 -39.52 -33.57 -0.08
C TYR M 66 -40.06 -32.39 0.75
N GLU M 67 -39.30 -31.99 1.78
CA GLU M 67 -39.60 -30.79 2.54
C GLU M 67 -38.23 -30.25 2.66
N ALA M 68 -38.04 -29.07 3.28
CA ALA M 68 -36.72 -28.44 3.30
C ALA M 68 -36.66 -27.44 4.41
N SER M 69 -35.48 -27.01 4.82
CA SER M 69 -35.42 -26.13 5.95
C SER M 69 -34.26 -25.25 5.79
N ARG M 70 -34.39 -23.99 6.18
CA ARG M 70 -33.27 -23.09 6.12
C ARG M 70 -33.16 -22.44 7.47
N PRO M 71 -32.74 -23.21 8.49
CA PRO M 71 -32.58 -22.72 9.87
C PRO M 71 -31.50 -21.69 10.06
N SER M 72 -30.63 -21.49 9.08
CA SER M 72 -29.59 -20.44 9.24
C SER M 72 -29.04 -20.03 7.90
N HIS M 73 -28.36 -18.89 7.84
CA HIS M 73 -27.77 -18.43 6.62
C HIS M 73 -27.02 -19.51 5.84
N GLU M 74 -26.04 -20.13 6.48
CA GLU M 74 -25.14 -21.08 5.82
C GLU M 74 -25.74 -22.46 5.63
N GLN M 75 -26.90 -22.70 6.23
CA GLN M 75 -27.40 -24.07 6.15
C GLN M 75 -28.73 -24.23 5.42
N PHE M 76 -28.86 -25.29 4.64
CA PHE M 76 -30.10 -25.61 3.95
C PHE M 76 -30.26 -27.11 3.78
N SER M 77 -31.35 -27.71 4.28
CA SER M 77 -31.44 -29.18 4.31
C SER M 77 -32.51 -29.69 3.46
N LEU M 78 -32.28 -30.83 2.83
CA LEU M 78 -33.37 -31.50 2.12
C LEU M 78 -33.91 -32.68 2.96
N ILE M 79 -35.20 -32.94 2.90
CA ILE M 79 -35.77 -33.90 3.77
C ILE M 79 -36.73 -34.77 2.99
N LEU M 80 -36.37 -36.05 2.91
CA LEU M 80 -37.27 -37.04 2.36
C LEU M 80 -38.04 -37.62 3.56
N VAL M 81 -39.35 -37.47 3.50
CA VAL M 81 -40.07 -37.63 4.74
C VAL M 81 -40.13 -39.12 5.11
N SER M 82 -40.65 -39.91 4.18
CA SER M 82 -40.50 -41.33 4.22
C SER M 82 -40.04 -41.79 2.81
N ALA M 83 -38.77 -42.20 2.72
CA ALA M 83 -38.01 -42.40 1.46
C ALA M 83 -38.63 -43.36 0.46
N THR M 84 -38.95 -42.93 -0.77
CA THR M 84 -39.39 -43.93 -1.78
C THR M 84 -38.24 -44.40 -2.71
N PRO M 85 -38.53 -45.36 -3.60
CA PRO M 85 -37.38 -45.85 -4.38
C PRO M 85 -37.10 -44.91 -5.57
N SER M 86 -38.17 -44.38 -6.17
CA SER M 86 -38.08 -43.40 -7.24
C SER M 86 -37.33 -42.13 -6.79
N GLN M 87 -36.88 -42.08 -5.54
CA GLN M 87 -36.12 -40.95 -5.02
C GLN M 87 -34.72 -41.41 -4.84
N SER M 88 -34.45 -42.55 -5.47
CA SER M 88 -33.05 -42.99 -5.74
C SER M 88 -32.43 -42.01 -6.76
N SER M 89 -31.31 -41.42 -6.37
CA SER M 89 -30.67 -40.41 -7.18
C SER M 89 -29.40 -39.84 -6.54
N VAL M 90 -28.84 -38.90 -7.30
CA VAL M 90 -27.77 -38.01 -6.92
C VAL M 90 -28.50 -36.67 -6.79
N TYR M 91 -28.02 -35.87 -5.84
CA TYR M 91 -28.73 -34.73 -5.30
C TYR M 91 -27.69 -33.65 -5.18
N PHE M 92 -28.05 -32.49 -5.68
CA PHE M 92 -27.10 -31.42 -5.72
C PHE M 92 -27.59 -30.22 -4.98
N CYS M 93 -26.66 -29.65 -4.24
CA CYS M 93 -26.90 -28.46 -3.47
C CYS M 93 -26.16 -27.29 -4.10
N ALA M 94 -26.82 -26.14 -4.17
CA ALA M 94 -26.12 -24.91 -4.62
C ALA M 94 -26.50 -23.70 -3.86
N SER M 95 -25.59 -22.75 -3.81
CA SER M 95 -25.87 -21.45 -3.27
C SER M 95 -25.70 -20.40 -4.39
N GLY M 96 -26.32 -19.21 -4.27
CA GLY M 96 -26.28 -18.22 -5.33
C GLY M 96 -26.63 -16.81 -4.95
N VAL M 97 -26.26 -15.85 -5.80
CA VAL M 97 -26.66 -14.44 -5.78
C VAL M 97 -26.83 -13.93 -7.22
N GLY M 98 -28.07 -13.58 -7.57
CA GLY M 98 -28.41 -13.02 -8.88
C GLY M 98 -28.31 -14.06 -9.99
N GLY M 99 -27.40 -13.76 -10.95
CA GLY M 99 -27.10 -14.68 -12.07
C GLY M 99 -26.27 -15.93 -11.71
N THR M 100 -25.27 -15.75 -10.84
CA THR M 100 -24.31 -16.78 -10.46
C THR M 100 -24.89 -17.95 -9.59
N LEU M 101 -24.17 -19.06 -9.50
CA LEU M 101 -24.71 -20.26 -8.89
C LEU M 101 -23.58 -21.27 -8.60
N TYR M 102 -23.28 -21.54 -7.32
CA TYR M 102 -22.18 -22.47 -6.95
C TYR M 102 -22.70 -23.80 -6.45
N PHE M 103 -22.42 -24.84 -7.21
CA PHE M 103 -22.80 -26.17 -6.83
C PHE M 103 -21.75 -26.78 -5.89
N GLY M 104 -22.13 -27.93 -5.32
CA GLY M 104 -21.26 -28.73 -4.48
C GLY M 104 -21.16 -30.12 -5.09
N ALA M 105 -20.38 -31.00 -4.44
CA ALA M 105 -19.94 -32.23 -5.08
C ALA M 105 -21.01 -33.27 -5.41
N GLY M 106 -22.17 -33.23 -4.75
CA GLY M 106 -23.21 -34.28 -4.96
C GLY M 106 -23.39 -35.30 -3.83
N THR M 107 -24.51 -36.02 -3.91
CA THR M 107 -24.85 -37.02 -2.91
C THR M 107 -25.51 -38.19 -3.61
N ARG M 108 -24.83 -39.33 -3.51
CA ARG M 108 -25.37 -40.54 -4.16
C ARG M 108 -26.31 -41.16 -3.11
N LEU M 109 -27.50 -41.50 -3.55
CA LEU M 109 -28.46 -42.07 -2.67
C LEU M 109 -29.37 -42.97 -3.46
N SER M 110 -29.55 -44.20 -2.95
CA SER M 110 -30.68 -45.03 -3.37
C SER M 110 -31.52 -45.55 -2.21
N VAL M 111 -32.76 -45.84 -2.58
CA VAL M 111 -33.77 -46.33 -1.67
C VAL M 111 -34.20 -47.72 -2.19
N LEU M 112 -33.70 -48.77 -1.52
CA LEU M 112 -34.00 -50.17 -1.86
C LEU M 112 -35.42 -50.49 -1.36
N ALA N 1 -65.32 0.52 12.33
CA ALA N 1 -64.81 -0.70 13.02
C ALA N 1 -64.23 -1.78 12.03
N GLN N 2 -64.19 -3.05 12.51
CA GLN N 2 -63.85 -4.19 11.65
C GLN N 2 -64.80 -5.35 11.99
N PRO N 3 -65.84 -5.51 11.18
CA PRO N 3 -66.82 -6.56 11.42
C PRO N 3 -66.22 -7.95 11.19
N ASP N 4 -66.62 -8.90 12.03
CA ASP N 4 -66.22 -10.27 11.83
C ASP N 4 -66.42 -10.71 10.37
N PRO N 5 -65.49 -11.50 9.81
CA PRO N 5 -65.47 -11.94 8.43
C PRO N 5 -66.37 -13.12 8.12
N LYS N 6 -66.97 -13.08 6.93
CA LYS N 6 -67.70 -14.20 6.40
C LYS N 6 -66.68 -15.24 5.95
N LEU N 7 -67.09 -16.48 5.81
CA LEU N 7 -66.22 -17.53 5.31
C LEU N 7 -65.47 -17.16 4.04
N ASP N 8 -66.04 -16.28 3.20
CA ASP N 8 -65.51 -16.11 1.87
C ASP N 8 -64.56 -14.97 1.90
N GLU N 9 -64.54 -14.24 3.00
CA GLU N 9 -63.53 -13.24 3.15
C GLU N 9 -62.18 -13.85 3.68
N LEU N 10 -62.06 -15.17 3.87
CA LEU N 10 -60.86 -15.68 4.55
C LEU N 10 -59.90 -16.36 3.61
N ASN N 11 -58.61 -16.10 3.74
CA ASN N 11 -57.69 -16.91 2.90
C ASN N 11 -57.85 -18.42 3.11
N LYS N 12 -57.62 -19.17 2.05
CA LYS N 12 -57.84 -20.61 2.13
C LYS N 12 -56.55 -21.36 2.03
N VAL N 13 -56.31 -22.30 2.95
CA VAL N 13 -55.11 -23.10 2.96
C VAL N 13 -54.87 -23.81 1.66
N SER N 14 -55.91 -24.43 1.11
CA SER N 14 -55.74 -25.08 -0.17
C SER N 14 -55.48 -24.11 -1.29
N ASP N 15 -55.99 -22.87 -1.22
CA ASP N 15 -55.59 -21.90 -2.27
C ASP N 15 -54.07 -21.65 -2.26
N TYR N 16 -53.48 -21.60 -1.07
CA TYR N 16 -52.08 -21.31 -0.98
C TYR N 16 -51.27 -22.47 -1.56
N LYS N 17 -51.75 -23.70 -1.32
CA LYS N 17 -51.09 -24.91 -1.80
C LYS N 17 -51.22 -24.94 -3.32
N SER N 18 -52.41 -24.62 -3.84
CA SER N 18 -52.60 -24.51 -5.28
C SER N 18 -51.69 -23.52 -5.95
N ASN N 19 -51.49 -22.33 -5.35
CA ASN N 19 -50.61 -21.37 -6.02
C ASN N 19 -49.12 -21.69 -5.79
N LYS N 20 -48.79 -22.95 -5.53
CA LYS N 20 -47.43 -23.39 -5.26
C LYS N 20 -46.72 -22.77 -4.07
N GLY N 21 -47.50 -22.33 -3.10
CA GLY N 21 -46.91 -21.81 -1.87
C GLY N 21 -46.55 -22.82 -0.83
N THR N 22 -45.72 -22.42 0.12
CA THR N 22 -45.32 -23.31 1.20
C THR N 22 -45.70 -22.79 2.59
N MET N 23 -46.75 -23.40 3.17
CA MET N 23 -47.25 -22.97 4.44
C MET N 23 -46.20 -22.96 5.54
N GLY N 24 -45.14 -23.75 5.35
CA GLY N 24 -44.03 -23.77 6.31
C GLY N 24 -43.41 -22.44 6.63
N ASN N 25 -43.53 -21.50 5.68
CA ASN N 25 -42.98 -20.17 5.88
C ASN N 25 -43.74 -19.39 6.99
N VAL N 26 -45.04 -19.67 7.12
CA VAL N 26 -45.79 -19.09 8.22
C VAL N 26 -45.52 -19.92 9.49
N MET N 27 -45.45 -21.21 9.33
CA MET N 27 -45.05 -22.05 10.47
C MET N 27 -43.79 -21.54 11.10
N ASN N 28 -42.79 -21.17 10.29
CA ASN N 28 -41.54 -20.85 10.91
C ASN N 28 -41.71 -19.60 11.73
N LEU N 29 -42.53 -18.65 11.28
CA LEU N 29 -42.68 -17.41 12.02
C LEU N 29 -43.14 -17.70 13.46
N TYR N 30 -44.00 -18.70 13.62
CA TYR N 30 -44.62 -18.96 14.89
C TYR N 30 -44.11 -20.14 15.68
N MET N 31 -43.37 -21.04 15.02
CA MET N 31 -42.60 -22.05 15.75
C MET N 31 -41.27 -21.49 16.22
N SER N 32 -40.66 -20.55 15.53
CA SER N 32 -39.33 -20.09 15.94
C SER N 32 -39.47 -19.18 17.13
N PRO N 33 -38.39 -19.01 17.90
CA PRO N 33 -38.52 -18.09 19.05
C PRO N 33 -38.73 -16.66 18.58
N PRO N 34 -39.31 -15.84 19.44
CA PRO N 34 -39.46 -14.46 19.08
C PRO N 34 -38.19 -13.74 19.46
N VAL N 35 -37.93 -12.59 18.86
CA VAL N 35 -37.01 -11.56 19.35
C VAL N 35 -37.55 -11.04 20.66
N GLU N 36 -36.74 -11.04 21.72
CA GLU N 36 -37.04 -10.28 22.96
C GLU N 36 -35.86 -9.38 23.36
N GLY N 37 -36.13 -8.37 24.17
CA GLY N 37 -35.08 -7.54 24.72
C GLY N 37 -35.73 -6.92 25.92
N ARG N 38 -34.97 -6.83 27.03
CA ARG N 38 -35.43 -6.24 28.30
C ARG N 38 -34.70 -4.91 28.42
N GLY N 39 -35.43 -3.83 28.68
CA GLY N 39 -34.85 -2.51 28.89
C GLY N 39 -33.75 -2.03 27.93
N VAL N 40 -34.05 -1.85 26.63
CA VAL N 40 -33.04 -1.39 25.68
C VAL N 40 -33.43 -0.04 25.09
N ILE N 41 -32.46 0.61 24.46
CA ILE N 41 -32.67 1.87 23.79
C ILE N 41 -32.23 1.65 22.35
N ASN N 42 -32.95 2.23 21.40
CA ASN N 42 -32.55 2.02 20.00
C ASN N 42 -31.19 2.73 19.73
N SER N 43 -30.38 2.15 18.85
CA SER N 43 -29.06 2.69 18.50
C SER N 43 -29.00 3.57 17.26
N ARG N 44 -29.92 3.39 16.30
CA ARG N 44 -30.01 4.27 15.14
C ARG N 44 -31.33 4.00 14.42
N GLN N 45 -31.48 4.55 13.21
CA GLN N 45 -32.71 4.49 12.40
C GLN N 45 -32.31 4.36 10.99
N PHE N 46 -33.24 3.85 10.17
CA PHE N 46 -33.06 3.75 8.74
C PHE N 46 -33.97 4.85 8.27
N LEU N 47 -35.25 4.58 8.00
CA LEU N 47 -36.12 5.72 7.72
C LEU N 47 -36.71 6.15 9.01
N SER N 48 -37.57 7.14 8.93
CA SER N 48 -37.80 7.87 10.12
C SER N 48 -38.95 7.18 10.84
N HIS N 49 -39.36 6.04 10.35
CA HIS N 49 -40.54 5.43 10.90
C HIS N 49 -40.17 4.06 11.34
N ASP N 50 -38.86 3.78 11.39
CA ASP N 50 -38.33 2.58 12.03
C ASP N 50 -37.32 2.92 13.18
N LEU N 51 -36.92 1.92 13.96
CA LEU N 51 -35.93 2.11 14.99
C LEU N 51 -35.05 0.91 14.96
N ILE N 52 -33.78 1.09 15.25
CA ILE N 52 -32.90 -0.07 15.24
C ILE N 52 -32.27 -0.35 16.62
N PHE N 53 -32.31 -1.61 17.04
CA PHE N 53 -31.88 -1.95 18.38
C PHE N 53 -30.83 -2.97 18.37
N PRO N 54 -29.92 -2.87 19.33
CA PRO N 54 -28.99 -3.93 19.74
C PRO N 54 -29.79 -5.09 20.31
N ILE N 55 -29.44 -6.29 19.93
CA ILE N 55 -30.21 -7.39 20.32
C ILE N 55 -29.36 -8.65 20.27
N GLU N 56 -29.74 -9.63 21.07
CA GLU N 56 -29.22 -10.98 20.90
C GLU N 56 -30.35 -11.88 20.40
N TYR N 57 -30.26 -12.30 19.15
CA TYR N 57 -31.21 -13.27 18.64
C TYR N 57 -30.43 -14.19 17.72
N LYS N 58 -30.38 -15.48 18.11
CA LYS N 58 -29.50 -16.46 17.47
C LYS N 58 -28.10 -15.84 17.29
N SER N 59 -27.72 -15.60 16.04
CA SER N 59 -26.41 -15.06 15.73
C SER N 59 -26.51 -13.61 15.20
N TYR N 60 -27.64 -12.94 15.44
CA TYR N 60 -27.84 -11.58 14.96
C TYR N 60 -27.63 -10.72 16.13
N ASN N 61 -27.02 -9.56 15.90
CA ASN N 61 -26.75 -8.54 16.92
C ASN N 61 -27.57 -7.23 16.83
N GLU N 62 -28.31 -6.97 15.74
CA GLU N 62 -29.39 -5.92 15.78
C GLU N 62 -30.72 -6.27 15.09
N VAL N 63 -31.79 -5.59 15.49
CA VAL N 63 -33.06 -5.67 14.78
C VAL N 63 -33.45 -4.32 14.30
N LYS N 64 -34.08 -4.26 13.11
CA LYS N 64 -34.83 -3.06 12.71
C LYS N 64 -36.29 -3.36 12.97
N THR N 65 -36.92 -2.56 13.82
CA THR N 65 -38.35 -2.67 13.95
C THR N 65 -39.07 -1.52 13.36
N GLU N 66 -40.07 -1.82 12.55
CA GLU N 66 -40.73 -0.79 11.78
C GLU N 66 -42.11 -0.50 12.36
N LEU N 67 -42.50 0.76 12.23
CA LEU N 67 -43.75 1.27 12.80
C LEU N 67 -44.50 1.77 11.59
N GLU N 68 -45.76 2.04 11.72
CA GLU N 68 -46.58 2.43 10.56
C GLU N 68 -46.29 3.87 10.19
N ASN N 69 -45.87 4.66 11.17
CA ASN N 69 -45.67 6.07 10.91
C ASN N 69 -44.64 6.71 11.80
N THR N 70 -44.30 7.96 11.52
CA THR N 70 -43.19 8.67 12.17
C THR N 70 -43.41 9.00 13.66
N GLU N 71 -44.64 9.39 14.01
CA GLU N 71 -44.98 9.78 15.33
C GLU N 71 -44.82 8.55 16.24
N LEU N 72 -45.30 7.41 15.77
CA LEU N 72 -45.22 6.23 16.51
C LEU N 72 -43.76 5.79 16.74
N ALA N 73 -42.89 5.97 15.77
CA ALA N 73 -41.46 5.73 16.02
C ALA N 73 -40.92 6.75 17.02
N ASN N 74 -41.38 7.99 16.92
CA ASN N 74 -40.88 9.02 17.86
C ASN N 74 -41.21 8.74 19.33
N ASN N 75 -42.40 8.19 19.51
CA ASN N 75 -43.00 7.81 20.75
C ASN N 75 -42.08 6.90 21.56
N TYR N 76 -41.27 6.08 20.89
CA TYR N 76 -40.34 5.20 21.54
C TYR N 76 -38.90 5.57 21.29
N LYS N 77 -38.62 6.54 20.39
CA LYS N 77 -37.21 6.92 20.06
C LYS N 77 -36.50 7.41 21.33
N GLY N 78 -35.36 6.79 21.59
CA GLY N 78 -34.54 7.05 22.78
C GLY N 78 -34.99 6.46 24.11
N LYS N 79 -36.20 5.93 24.20
CA LYS N 79 -36.71 5.46 25.49
C LYS N 79 -36.31 4.04 25.88
N LYS N 80 -36.30 3.77 27.18
CA LYS N 80 -35.94 2.43 27.67
C LYS N 80 -37.15 1.59 27.39
N VAL N 81 -37.01 0.52 26.62
CA VAL N 81 -38.22 -0.16 26.13
C VAL N 81 -38.02 -1.64 26.17
N ASP N 82 -39.13 -2.40 26.10
CA ASP N 82 -38.97 -3.84 25.90
C ASP N 82 -39.36 -4.20 24.47
N ILE N 83 -38.77 -5.24 23.97
CA ILE N 83 -39.12 -5.68 22.67
C ILE N 83 -39.59 -7.12 22.77
N PHE N 84 -40.70 -7.40 22.06
CA PHE N 84 -41.18 -8.76 21.81
C PHE N 84 -41.82 -8.80 20.41
N GLY N 85 -41.26 -9.56 19.47
CA GLY N 85 -41.92 -9.69 18.17
C GLY N 85 -41.41 -10.81 17.31
N VAL N 86 -41.89 -10.83 16.06
CA VAL N 86 -41.60 -11.87 15.17
C VAL N 86 -40.55 -11.42 14.19
N PRO N 87 -39.36 -11.97 14.25
CA PRO N 87 -38.31 -11.49 13.33
C PRO N 87 -38.46 -12.06 11.92
N TYR N 88 -38.09 -11.32 10.86
CA TYR N 88 -37.95 -11.97 9.51
C TYR N 88 -36.61 -11.57 8.88
N PHE N 89 -36.19 -12.29 7.85
CA PHE N 89 -34.83 -12.20 7.32
C PHE N 89 -34.83 -11.93 5.78
N TYR N 90 -35.40 -12.89 5.05
CA TYR N 90 -35.74 -12.72 3.65
C TYR N 90 -36.59 -11.47 3.58
N THR N 91 -36.11 -10.50 2.79
CA THR N 91 -36.71 -9.22 2.43
C THR N 91 -36.43 -8.23 3.47
N CYS N 92 -35.64 -8.61 4.46
CA CYS N 92 -35.40 -7.64 5.54
C CYS N 92 -34.41 -6.64 5.02
N ILE N 93 -34.69 -5.35 5.14
CA ILE N 93 -33.73 -4.31 4.72
C ILE N 93 -33.20 -3.56 5.92
N ILE N 94 -31.92 -3.75 6.21
CA ILE N 94 -31.36 -3.04 7.35
C ILE N 94 -29.98 -2.60 6.94
N PRO N 95 -29.82 -1.35 6.46
CA PRO N 95 -28.48 -0.94 6.03
C PRO N 95 -27.43 -0.88 7.19
N LYS N 96 -26.20 -1.32 6.90
CA LYS N 96 -25.08 -1.33 7.87
C LYS N 96 -24.72 0.07 8.43
N SER N 97 -23.92 0.08 9.51
CA SER N 97 -23.42 1.32 10.20
C SER N 97 -22.72 2.36 9.27
N GLU N 98 -21.83 1.88 8.38
CA GLU N 98 -21.28 2.64 7.19
C GLU N 98 -21.53 4.20 7.15
N PHE N 105 -25.44 -7.04 5.44
CA PHE N 105 -26.60 -6.34 4.73
C PHE N 105 -27.98 -7.14 4.73
N GLY N 106 -29.06 -6.47 5.14
CA GLY N 106 -30.32 -7.19 5.41
C GLY N 106 -30.22 -8.39 6.37
N GLY N 107 -29.52 -8.19 7.50
CA GLY N 107 -29.62 -9.00 8.76
C GLY N 107 -31.05 -9.20 9.31
N CYS N 108 -31.38 -8.62 10.48
CA CYS N 108 -32.77 -8.93 10.99
C CYS N 108 -33.89 -7.82 11.26
N CYS N 109 -35.12 -8.09 10.81
CA CYS N 109 -36.21 -7.07 10.79
C CYS N 109 -37.45 -7.56 11.49
N MET N 110 -38.29 -6.63 11.87
CA MET N 110 -39.54 -7.00 12.46
C MET N 110 -40.46 -5.77 12.42
N TYR N 111 -41.73 -5.89 12.88
CA TYR N 111 -42.63 -4.75 13.07
C TYR N 111 -43.06 -4.58 14.53
N GLY N 112 -43.30 -3.35 14.97
CA GLY N 112 -43.75 -3.06 16.30
C GLY N 112 -43.07 -3.75 17.47
N GLY N 113 -43.87 -4.28 18.39
CA GLY N 113 -43.29 -5.06 19.49
C GLY N 113 -42.74 -4.26 20.64
N LEU N 114 -43.03 -2.95 20.68
CA LEU N 114 -42.41 -2.13 21.72
C LEU N 114 -43.37 -1.79 22.86
N THR N 115 -42.89 -1.96 24.07
CA THR N 115 -43.55 -1.36 25.25
C THR N 115 -42.48 -0.67 26.09
N PHE N 116 -42.92 0.27 26.90
CA PHE N 116 -42.05 0.99 27.85
C PHE N 116 -41.56 0.05 28.96
N ASN N 117 -40.25 0.03 29.21
CA ASN N 117 -39.67 -0.74 30.32
C ASN N 117 -40.09 -0.18 31.68
N SER N 118 -40.37 -1.07 32.63
CA SER N 118 -40.87 -0.69 33.97
C SER N 118 -40.14 -1.49 35.09
N SER N 119 -40.55 -1.23 36.34
CA SER N 119 -40.16 -2.06 37.53
C SER N 119 -41.39 -2.83 38.05
N GLU N 120 -42.53 -2.11 38.07
CA GLU N 120 -43.91 -2.67 38.10
C GLU N 120 -44.06 -4.17 37.72
N ASN N 121 -44.71 -4.43 36.57
CA ASN N 121 -44.76 -5.78 35.94
C ASN N 121 -44.58 -6.93 36.95
N GLU N 122 -43.40 -7.56 36.85
CA GLU N 122 -42.96 -8.68 37.69
C GLU N 122 -43.82 -9.92 37.55
N ARG N 123 -45.04 -9.87 38.05
CA ARG N 123 -45.84 -11.10 38.20
C ARG N 123 -46.63 -11.46 36.94
N ASP N 124 -46.54 -12.73 36.57
CA ASP N 124 -47.22 -13.22 35.38
C ASP N 124 -48.74 -13.07 35.37
N LYS N 125 -49.28 -12.46 34.34
CA LYS N 125 -50.73 -12.50 34.12
C LYS N 125 -51.12 -13.52 33.02
N LEU N 126 -52.32 -14.06 33.19
CA LEU N 126 -52.79 -15.23 32.46
C LEU N 126 -53.92 -14.79 31.54
N ILE N 127 -53.86 -15.24 30.30
CA ILE N 127 -54.88 -14.84 29.43
C ILE N 127 -55.35 -16.10 28.78
N THR N 128 -56.65 -16.13 28.55
CA THR N 128 -57.36 -17.30 28.15
C THR N 128 -57.64 -17.10 26.71
N VAL N 129 -57.32 -18.07 25.88
CA VAL N 129 -57.69 -18.06 24.50
C VAL N 129 -58.77 -19.14 24.20
N GLN N 130 -59.95 -18.75 23.74
CA GLN N 130 -61.02 -19.72 23.39
C GLN N 130 -60.92 -20.04 21.93
N VAL N 131 -60.95 -21.33 21.62
CA VAL N 131 -60.89 -21.74 20.28
C VAL N 131 -62.14 -22.49 19.93
N THR N 132 -62.64 -22.24 18.72
CA THR N 132 -63.87 -22.78 18.24
C THR N 132 -63.48 -23.31 16.89
N ILE N 133 -63.97 -24.50 16.57
CA ILE N 133 -63.62 -25.18 15.39
C ILE N 133 -64.92 -25.57 14.70
N ASP N 134 -65.03 -25.30 13.39
CA ASP N 134 -66.25 -25.51 12.62
C ASP N 134 -67.47 -25.08 13.40
N ASN N 135 -67.37 -23.90 13.99
CA ASN N 135 -68.50 -23.21 14.62
C ASN N 135 -69.05 -23.86 15.83
N ARG N 136 -68.31 -24.79 16.43
CA ARG N 136 -68.63 -25.30 17.76
C ARG N 136 -67.44 -25.01 18.70
N GLN N 137 -67.70 -24.32 19.81
CA GLN N 137 -66.68 -24.15 20.87
C GLN N 137 -65.94 -25.48 21.05
N SER N 138 -64.65 -25.44 21.33
CA SER N 138 -63.96 -26.70 21.37
C SER N 138 -62.90 -26.78 22.47
N LEU N 139 -62.17 -25.69 22.73
CA LEU N 139 -61.23 -25.73 23.81
C LEU N 139 -60.69 -24.36 24.14
N GLY N 140 -60.15 -24.22 25.32
CA GLY N 140 -59.64 -22.97 25.79
C GLY N 140 -58.28 -23.28 26.31
N PHE N 141 -57.31 -22.38 26.20
CA PHE N 141 -55.95 -22.64 26.69
C PHE N 141 -55.39 -21.35 27.21
N THR N 142 -54.25 -21.35 27.85
CA THR N 142 -53.78 -20.07 28.35
C THR N 142 -52.38 -19.73 27.89
N ILE N 143 -52.16 -18.43 27.75
CA ILE N 143 -50.86 -17.88 27.46
C ILE N 143 -50.59 -16.96 28.60
N THR N 144 -49.33 -16.61 28.84
CA THR N 144 -49.03 -15.69 29.98
C THR N 144 -48.07 -14.59 29.53
N THR N 145 -48.21 -13.40 30.07
CA THR N 145 -47.23 -12.38 29.89
C THR N 145 -46.98 -11.76 31.27
N ASN N 146 -45.79 -11.18 31.49
CA ASN N 146 -45.65 -10.40 32.71
C ASN N 146 -45.83 -8.97 32.45
N LYS N 147 -46.35 -8.58 31.30
CA LYS N 147 -46.47 -7.14 31.08
C LYS N 147 -47.90 -6.75 31.30
N ASN N 148 -48.13 -5.69 32.07
CA ASN N 148 -49.49 -5.12 32.22
C ASN N 148 -50.04 -4.56 30.93
N MET N 149 -49.26 -3.72 30.27
CA MET N 149 -49.56 -3.19 28.95
C MET N 149 -48.69 -4.06 28.04
N VAL N 150 -49.28 -4.79 27.09
CA VAL N 150 -48.56 -5.80 26.29
C VAL N 150 -48.87 -5.52 24.84
N THR N 151 -47.99 -5.85 23.91
CA THR N 151 -48.42 -5.68 22.51
C THR N 151 -49.37 -6.82 22.09
N ILE N 152 -50.37 -6.47 21.28
CA ILE N 152 -51.11 -7.46 20.58
C ILE N 152 -50.19 -8.47 19.90
N GLN N 153 -49.10 -7.99 19.31
CA GLN N 153 -48.12 -8.91 18.66
C GLN N 153 -47.68 -10.07 19.61
N GLU N 154 -47.33 -9.71 20.86
CA GLU N 154 -46.94 -10.70 21.86
C GLU N 154 -48.05 -11.74 22.07
N LEU N 155 -49.28 -11.22 22.27
CA LEU N 155 -50.37 -12.14 22.46
C LEU N 155 -50.55 -13.03 21.25
N ASP N 156 -50.57 -12.44 20.04
CA ASP N 156 -50.85 -13.18 18.82
C ASP N 156 -49.81 -14.28 18.73
N TYR N 157 -48.56 -13.90 18.93
CA TYR N 157 -47.47 -14.86 18.71
C TYR N 157 -47.69 -16.03 19.66
N LYS N 158 -47.88 -15.69 20.94
CA LYS N 158 -47.99 -16.76 21.95
C LYS N 158 -49.19 -17.66 21.65
N ALA N 159 -50.29 -17.08 21.23
CA ALA N 159 -51.44 -17.88 20.81
C ALA N 159 -51.12 -18.78 19.63
N ARG N 160 -50.49 -18.24 18.58
CA ARG N 160 -50.24 -19.07 17.38
C ARG N 160 -49.19 -20.14 17.63
N HIS N 161 -48.23 -19.82 18.46
CA HIS N 161 -47.20 -20.76 18.77
C HIS N 161 -47.84 -21.94 19.40
N TRP N 162 -48.69 -21.69 20.39
CA TRP N 162 -49.40 -22.78 21.04
C TRP N 162 -50.16 -23.61 20.03
N LEU N 163 -50.91 -22.97 19.14
CA LEU N 163 -51.75 -23.71 18.25
C LEU N 163 -50.92 -24.39 17.19
N THR N 164 -49.72 -23.86 16.92
CA THR N 164 -48.85 -24.55 16.01
C THR N 164 -48.18 -25.79 16.67
N LYS N 165 -47.65 -25.66 17.92
CA LYS N 165 -47.00 -26.73 18.63
C LYS N 165 -48.00 -27.84 18.81
N GLU N 166 -49.23 -27.49 19.19
CA GLU N 166 -50.21 -28.49 19.62
C GLU N 166 -51.32 -28.84 18.65
N LYS N 167 -51.70 -27.94 17.72
CA LYS N 167 -52.89 -28.26 16.88
C LYS N 167 -52.62 -28.17 15.42
N LYS N 168 -51.34 -28.00 15.07
CA LYS N 168 -50.98 -28.02 13.65
C LYS N 168 -51.66 -26.89 12.81
N LEU N 169 -51.83 -25.73 13.45
CA LEU N 169 -52.29 -24.51 12.83
C LEU N 169 -51.61 -24.36 11.50
N TYR N 170 -50.28 -24.44 11.51
CA TYR N 170 -49.49 -24.40 10.29
C TYR N 170 -48.58 -25.60 10.22
N GLU N 171 -48.49 -26.24 9.06
CA GLU N 171 -47.46 -27.30 8.86
C GLU N 171 -46.66 -26.99 7.58
N PHE N 172 -45.73 -27.86 7.21
CA PHE N 172 -44.79 -27.57 6.15
C PHE N 172 -45.52 -27.29 4.87
N ASP N 173 -46.44 -28.19 4.56
CA ASP N 173 -47.15 -28.17 3.26
C ASP N 173 -48.65 -28.16 3.47
N GLY N 174 -49.12 -27.54 4.56
CA GLY N 174 -50.56 -27.44 4.76
C GLY N 174 -50.92 -27.02 6.16
N SER N 175 -52.08 -27.50 6.63
CA SER N 175 -52.55 -27.19 7.95
C SER N 175 -53.53 -28.27 8.38
N ALA N 176 -53.77 -28.42 9.67
CA ALA N 176 -54.97 -29.20 9.99
C ALA N 176 -56.30 -28.46 9.58
N PHE N 177 -56.23 -27.14 9.43
CA PHE N 177 -57.44 -26.39 9.12
C PHE N 177 -57.35 -25.96 7.68
N GLU N 178 -58.39 -25.31 7.17
CA GLU N 178 -58.41 -24.73 5.81
C GLU N 178 -58.55 -23.16 5.84
N SER N 179 -59.18 -22.62 6.89
CA SER N 179 -59.22 -21.19 7.07
C SER N 179 -59.43 -20.82 8.51
N GLY N 180 -59.16 -19.58 8.88
CA GLY N 180 -59.54 -19.16 10.23
C GLY N 180 -59.14 -17.77 10.66
N TYR N 181 -59.53 -17.33 11.84
CA TYR N 181 -59.02 -16.02 12.26
C TYR N 181 -58.86 -15.91 13.76
N ILE N 182 -58.21 -14.84 14.18
CA ILE N 182 -58.03 -14.58 15.62
C ILE N 182 -58.63 -13.20 15.90
N LYS N 183 -59.40 -13.11 16.98
CA LYS N 183 -60.19 -11.92 17.28
C LYS N 183 -59.86 -11.39 18.64
N PHE N 184 -59.46 -10.13 18.70
CA PHE N 184 -59.23 -9.52 20.00
C PHE N 184 -60.35 -8.60 20.37
N THR N 185 -60.81 -8.64 21.62
CA THR N 185 -61.77 -7.63 22.08
C THR N 185 -61.18 -6.95 23.29
N GLU N 186 -61.16 -5.62 23.28
CA GLU N 186 -60.58 -4.86 24.41
C GLU N 186 -61.74 -4.53 25.38
N LYS N 187 -61.45 -4.00 26.57
CA LYS N 187 -62.49 -3.85 27.59
C LYS N 187 -63.58 -3.00 27.10
N ASN N 188 -63.25 -1.88 26.43
CA ASN N 188 -64.23 -0.93 25.92
C ASN N 188 -65.17 -1.47 24.85
N ASN N 189 -64.98 -2.76 24.58
CA ASN N 189 -65.74 -3.54 23.62
C ASN N 189 -65.44 -3.31 22.13
N THR N 190 -64.39 -2.58 21.76
CA THR N 190 -64.02 -2.52 20.35
C THR N 190 -63.22 -3.80 20.01
N SER N 191 -63.26 -4.23 18.76
CA SER N 191 -62.67 -5.50 18.44
C SER N 191 -62.09 -5.51 17.02
N PHE N 192 -61.18 -6.46 16.78
CA PHE N 192 -60.58 -6.58 15.47
C PHE N 192 -59.99 -7.95 15.33
N TRP N 193 -59.45 -8.24 14.17
CA TRP N 193 -59.15 -9.63 13.94
C TRP N 193 -58.06 -9.73 12.90
N PHE N 194 -57.41 -10.87 12.82
CA PHE N 194 -56.40 -11.08 11.76
C PHE N 194 -56.76 -12.38 11.15
N ASP N 195 -56.67 -12.48 9.85
CA ASP N 195 -56.72 -13.75 9.10
C ASP N 195 -55.42 -14.53 9.40
N LEU N 196 -55.57 -15.76 9.80
CA LEU N 196 -54.46 -16.53 10.31
C LEU N 196 -53.63 -17.11 9.11
N PHE N 197 -54.17 -17.04 7.91
CA PHE N 197 -53.52 -17.64 6.73
C PHE N 197 -53.15 -16.65 5.63
N PRO N 198 -52.08 -16.93 4.90
CA PRO N 198 -51.57 -15.93 3.96
C PRO N 198 -52.42 -15.78 2.73
N LYS N 199 -52.45 -14.60 2.14
CA LYS N 199 -53.13 -14.33 0.83
C LYS N 199 -52.63 -15.28 -0.25
N LYS N 200 -53.47 -15.80 -1.13
CA LYS N 200 -52.99 -16.77 -2.12
C LYS N 200 -51.97 -16.24 -3.12
N GLU N 201 -51.94 -14.95 -3.35
CA GLU N 201 -51.01 -14.40 -4.29
C GLU N 201 -49.65 -14.26 -3.65
N LEU N 202 -49.59 -14.50 -2.34
CA LEU N 202 -48.38 -14.12 -1.62
C LEU N 202 -47.33 -15.27 -1.72
N VAL N 203 -46.92 -15.57 -2.96
CA VAL N 203 -45.99 -16.58 -3.26
C VAL N 203 -45.02 -15.99 -4.29
N PRO N 204 -43.72 -15.95 -3.97
CA PRO N 204 -43.14 -16.45 -2.73
C PRO N 204 -43.59 -15.69 -1.50
N PHE N 205 -43.36 -16.28 -0.34
CA PHE N 205 -43.94 -15.71 0.84
C PHE N 205 -43.10 -14.53 1.29
N VAL N 206 -43.62 -13.33 1.12
CA VAL N 206 -42.89 -12.15 1.44
C VAL N 206 -43.18 -11.74 2.83
N PRO N 207 -42.28 -12.05 3.74
CA PRO N 207 -42.60 -11.91 5.16
C PRO N 207 -43.14 -10.54 5.52
N TYR N 208 -42.59 -9.49 4.92
CA TYR N 208 -42.94 -8.17 5.38
C TYR N 208 -44.39 -7.84 5.05
N LYS N 209 -44.97 -8.47 4.07
CA LYS N 209 -46.36 -8.19 3.74
C LYS N 209 -47.32 -8.88 4.69
N PHE N 210 -46.81 -9.80 5.51
CA PHE N 210 -47.64 -10.61 6.37
C PHE N 210 -47.48 -10.10 7.78
N LEU N 211 -46.26 -9.70 8.19
CA LEU N 211 -46.02 -9.19 9.54
C LEU N 211 -46.41 -7.74 9.80
N ASN N 212 -46.65 -6.98 8.75
CA ASN N 212 -46.91 -5.54 8.95
C ASN N 212 -48.20 -5.28 9.71
N ILE N 213 -49.10 -6.24 9.73
CA ILE N 213 -50.18 -6.14 10.70
C ILE N 213 -49.65 -5.71 12.09
N TYR N 214 -48.39 -5.95 12.45
CA TYR N 214 -47.96 -5.56 13.80
C TYR N 214 -47.34 -4.20 13.91
N GLY N 215 -47.23 -3.49 12.77
CA GLY N 215 -46.71 -2.13 12.77
C GLY N 215 -47.50 -1.00 13.39
N ASP N 216 -48.80 -1.14 13.67
CA ASP N 216 -49.48 -0.19 14.54
C ASP N 216 -48.88 -0.24 15.96
N ASN N 217 -48.12 -1.27 16.31
CA ASN N 217 -47.61 -1.38 17.71
C ASN N 217 -48.76 -1.17 18.70
N LYS N 218 -49.88 -1.85 18.50
CA LYS N 218 -51.04 -1.85 19.37
C LYS N 218 -50.75 -2.55 20.73
N VAL N 219 -51.09 -1.82 21.79
CA VAL N 219 -50.82 -2.24 23.18
C VAL N 219 -52.15 -2.38 23.89
N VAL N 220 -52.28 -3.38 24.75
CA VAL N 220 -53.58 -3.53 25.41
C VAL N 220 -53.31 -4.00 26.80
N ASP N 221 -54.32 -3.83 27.65
CA ASP N 221 -54.24 -4.28 29.01
C ASP N 221 -54.30 -5.80 29.07
N SER N 222 -53.23 -6.44 29.53
CA SER N 222 -53.22 -7.91 29.60
C SER N 222 -54.25 -8.43 30.59
N LYS N 223 -54.74 -7.56 31.47
CA LYS N 223 -55.67 -7.99 32.51
C LYS N 223 -57.06 -8.04 32.01
N SER N 224 -57.34 -7.49 30.84
CA SER N 224 -58.72 -7.45 30.42
C SER N 224 -58.94 -7.80 28.95
N ILE N 225 -57.86 -7.96 28.19
CA ILE N 225 -58.06 -8.35 26.83
C ILE N 225 -58.76 -9.69 26.69
N LYS N 226 -59.63 -9.82 25.70
CA LYS N 226 -60.24 -11.10 25.35
C LYS N 226 -59.67 -11.64 24.02
N MET N 227 -59.45 -12.95 23.95
CA MET N 227 -58.87 -13.56 22.75
C MET N 227 -59.68 -14.74 22.32
N GLU N 228 -60.08 -14.77 21.07
CA GLU N 228 -60.85 -15.90 20.57
C GLU N 228 -60.24 -16.31 19.24
N VAL N 229 -60.30 -17.58 18.85
CA VAL N 229 -59.80 -18.02 17.62
C VAL N 229 -60.91 -18.87 16.97
N PHE N 230 -61.20 -18.64 15.68
CA PHE N 230 -62.22 -19.38 14.91
C PHE N 230 -61.56 -20.09 13.73
N LEU N 231 -61.71 -21.41 13.67
CA LEU N 231 -61.08 -22.21 12.67
C LEU N 231 -62.06 -23.11 11.91
N ASN N 232 -61.82 -23.33 10.63
CA ASN N 232 -62.59 -24.20 9.76
C ASN N 232 -61.70 -25.28 9.23
N THR N 233 -62.16 -26.54 9.24
CA THR N 233 -61.47 -27.69 8.62
C THR N 233 -61.98 -27.74 7.20
N HIS N 234 -61.34 -28.53 6.36
CA HIS N 234 -61.73 -28.55 4.91
C HIS N 234 -63.15 -29.01 4.56
N ALA O 4 -18.63 4.65 20.69
CA ALA O 4 -18.41 5.36 19.35
C ALA O 4 -17.77 6.81 19.49
N ALA O 5 -18.01 7.70 18.51
CA ALA O 5 -17.61 9.11 18.56
C ALA O 5 -17.92 9.83 19.90
N VAL O 6 -19.21 9.98 20.24
CA VAL O 6 -19.70 10.88 21.29
C VAL O 6 -20.74 10.10 22.04
N THR O 7 -20.61 9.99 23.35
CA THR O 7 -21.54 9.16 24.08
C THR O 7 -21.99 9.92 25.33
N GLN O 8 -23.31 10.04 25.52
CA GLN O 8 -23.91 10.81 26.61
C GLN O 8 -24.39 9.90 27.71
N SER O 9 -24.48 10.40 28.92
CA SER O 9 -24.89 9.60 30.07
C SER O 9 -25.38 10.54 31.12
N PRO O 10 -26.49 10.20 31.77
CA PRO O 10 -27.38 9.05 31.46
C PRO O 10 -28.19 9.31 30.17
N ARG O 11 -28.88 8.28 29.67
CA ARG O 11 -29.73 8.44 28.48
C ARG O 11 -31.17 8.83 28.82
N ASN O 12 -31.59 8.44 30.02
CA ASN O 12 -32.91 8.82 30.49
C ASN O 12 -32.81 9.08 31.97
N LYS O 13 -33.48 10.11 32.46
CA LYS O 13 -33.42 10.42 33.86
C LYS O 13 -34.74 11.08 34.27
N VAL O 14 -35.26 10.67 35.41
CA VAL O 14 -36.39 11.44 35.96
C VAL O 14 -35.86 12.18 37.18
N ALA O 15 -36.35 13.43 37.35
CA ALA O 15 -35.88 14.26 38.43
C ALA O 15 -36.96 15.10 39.04
N VAL O 16 -36.69 15.44 40.29
CA VAL O 16 -37.58 16.25 41.07
C VAL O 16 -37.14 17.68 40.96
N THR O 17 -38.11 18.59 41.03
CA THR O 17 -37.79 19.99 41.20
C THR O 17 -36.77 20.11 42.31
N GLY O 18 -35.68 20.85 42.03
CA GLY O 18 -34.67 21.15 43.03
C GLY O 18 -33.50 20.19 43.03
N GLU O 19 -33.63 19.03 42.39
CA GLU O 19 -32.49 18.17 42.19
C GLU O 19 -31.30 18.88 41.41
N LYS O 20 -30.10 18.42 41.75
CA LYS O 20 -28.88 18.83 41.07
C LYS O 20 -28.52 17.69 40.11
N VAL O 21 -28.66 17.95 38.80
CA VAL O 21 -28.46 16.95 37.72
C VAL O 21 -27.23 17.25 36.86
N THR O 22 -26.48 16.20 36.56
CA THR O 22 -25.26 16.37 35.82
C THR O 22 -25.34 15.48 34.63
N LEU O 23 -25.26 16.05 33.41
CA LEU O 23 -25.22 15.23 32.18
C LEU O 23 -23.79 15.12 31.69
N SER O 24 -23.30 13.91 31.45
CA SER O 24 -21.97 13.73 30.91
C SER O 24 -21.95 13.53 29.42
N CYS O 25 -20.97 14.12 28.79
CA CYS O 25 -20.71 13.90 27.42
C CYS O 25 -19.24 13.58 27.24
N GLN O 26 -18.96 12.58 26.41
CA GLN O 26 -17.65 12.05 26.35
C GLN O 26 -17.33 11.74 24.92
N GLN O 27 -16.30 12.36 24.35
CA GLN O 27 -16.00 12.26 22.92
C GLN O 27 -14.73 11.44 22.76
N THR O 28 -14.54 10.83 21.61
CA THR O 28 -13.32 10.08 21.33
C THR O 28 -12.75 10.63 20.02
N ASN O 29 -13.37 11.71 19.53
CA ASN O 29 -12.95 12.28 18.28
C ASN O 29 -11.76 13.17 18.41
N ASN O 30 -11.35 13.48 19.65
CA ASN O 30 -10.23 14.38 19.87
C ASN O 30 -10.48 15.86 19.40
N HIS O 31 -11.70 16.37 19.57
CA HIS O 31 -12.00 17.67 19.09
C HIS O 31 -11.84 18.75 20.15
N ASN O 32 -11.37 19.92 19.76
CA ASN O 32 -11.30 20.96 20.75
C ASN O 32 -12.66 21.45 21.22
N ASN O 33 -13.67 21.51 20.35
CA ASN O 33 -14.92 22.12 20.67
C ASN O 33 -15.95 21.13 21.01
N MET O 34 -16.70 21.41 22.07
CA MET O 34 -17.72 20.54 22.54
C MET O 34 -18.85 21.49 22.86
N TYR O 35 -20.11 20.99 22.73
CA TYR O 35 -21.30 21.82 22.81
C TYR O 35 -22.40 21.17 23.61
N TRP O 36 -23.33 21.93 24.21
CA TRP O 36 -24.46 21.27 24.84
C TRP O 36 -25.70 22.03 24.41
N TYR O 37 -26.67 21.30 23.82
CA TYR O 37 -27.94 21.90 23.41
C TYR O 37 -29.10 21.27 24.11
N ARG O 38 -30.20 22.01 24.22
CA ARG O 38 -31.52 21.37 24.46
C ARG O 38 -32.43 21.41 23.22
N GLN O 39 -33.16 20.33 22.95
CA GLN O 39 -34.12 20.23 21.82
C GLN O 39 -35.56 20.16 22.31
N ASP O 40 -36.40 21.00 21.74
CA ASP O 40 -37.76 21.24 22.25
C ASP O 40 -38.55 21.54 21.03
N THR O 41 -39.77 21.01 21.02
CA THR O 41 -40.35 20.76 19.74
C THR O 41 -40.70 21.97 18.85
N GLY O 42 -41.08 23.12 19.39
CA GLY O 42 -41.16 24.27 18.44
C GLY O 42 -39.84 24.86 17.89
N HIS O 43 -38.75 24.65 18.63
CA HIS O 43 -37.51 25.39 18.48
C HIS O 43 -36.55 24.42 17.96
N GLY O 44 -35.32 24.76 17.73
CA GLY O 44 -34.52 23.63 17.23
C GLY O 44 -33.69 22.93 18.29
N LEU O 45 -32.44 22.75 17.96
CA LEU O 45 -31.47 22.59 18.98
C LEU O 45 -31.16 24.04 19.40
N ARG O 46 -31.25 24.37 20.68
CA ARG O 46 -30.68 25.62 21.03
C ARG O 46 -29.50 25.52 22.03
N LEU O 47 -28.47 26.32 21.78
CA LEU O 47 -27.19 26.20 22.47
C LEU O 47 -27.22 26.77 23.89
N ILE O 48 -26.80 25.94 24.83
CA ILE O 48 -26.73 26.28 26.23
C ILE O 48 -25.32 26.82 26.64
N HIS O 49 -24.29 25.99 26.62
CA HIS O 49 -22.93 26.41 26.86
C HIS O 49 -22.05 25.64 25.88
N TYR O 50 -20.85 26.15 25.60
CA TYR O 50 -19.95 25.41 24.73
C TYR O 50 -18.58 25.60 25.26
N SER O 51 -17.62 24.96 24.65
CA SER O 51 -16.29 24.94 25.15
C SER O 51 -15.24 24.73 24.09
N TYR O 52 -14.28 25.66 24.07
CA TYR O 52 -13.25 25.70 23.06
C TYR O 52 -12.04 25.00 23.53
N GLY O 53 -12.14 24.38 24.72
CA GLY O 53 -10.98 23.70 25.27
C GLY O 53 -11.02 23.37 26.72
N VAL O 54 -10.05 22.61 27.18
CA VAL O 54 -10.06 22.14 28.55
C VAL O 54 -10.11 23.34 29.47
N GLY O 55 -10.89 23.27 30.54
CA GLY O 55 -10.83 24.41 31.43
C GLY O 55 -11.65 25.61 31.01
N ASN O 56 -12.19 25.60 29.79
CA ASN O 56 -12.95 26.73 29.38
C ASN O 56 -14.44 26.48 29.04
N THR O 57 -15.30 27.46 29.28
CA THR O 57 -16.75 27.37 29.00
C THR O 57 -17.20 28.71 28.54
N GLU O 58 -18.13 28.80 27.60
CA GLU O 58 -18.76 30.05 27.34
C GLU O 58 -20.19 29.80 27.09
N LYS O 59 -20.95 30.89 27.17
CA LYS O 59 -22.34 30.84 27.20
C LYS O 59 -22.97 30.84 25.79
N GLY O 60 -23.91 29.92 25.57
CA GLY O 60 -24.69 29.86 24.35
C GLY O 60 -25.77 30.90 24.24
N ASP O 61 -26.85 30.56 23.55
CA ASP O 61 -27.91 31.50 23.44
C ASP O 61 -28.89 31.38 24.62
N ILE O 62 -28.88 30.27 25.35
CA ILE O 62 -29.83 30.14 26.47
C ILE O 62 -29.20 29.57 27.71
N PRO O 63 -28.24 30.29 28.29
CA PRO O 63 -27.45 29.70 29.41
C PRO O 63 -28.11 29.72 30.74
N ASP O 64 -29.13 30.56 30.88
CA ASP O 64 -29.71 30.80 32.20
C ASP O 64 -30.20 29.49 32.78
N GLY O 65 -29.67 29.14 33.95
CA GLY O 65 -30.21 28.01 34.68
C GLY O 65 -29.27 26.84 34.62
N TYR O 66 -28.23 26.90 33.78
CA TYR O 66 -27.31 25.73 33.75
C TYR O 66 -25.91 26.17 34.04
N GLU O 67 -25.06 25.25 34.43
CA GLU O 67 -23.64 25.52 34.47
C GLU O 67 -22.96 24.47 33.59
N ALA O 68 -21.61 24.45 33.52
CA ALA O 68 -20.89 23.49 32.68
C ALA O 68 -19.45 23.42 33.04
N SER O 69 -18.78 22.40 32.55
CA SER O 69 -17.50 22.08 33.05
C SER O 69 -16.76 21.29 31.99
N ARG O 70 -15.48 21.57 31.83
CA ARG O 70 -14.74 20.86 30.81
C ARG O 70 -13.51 20.35 31.51
N PRO O 71 -13.68 19.34 32.33
CA PRO O 71 -12.52 19.00 33.17
C PRO O 71 -11.48 18.27 32.36
N SER O 72 -11.84 17.75 31.22
CA SER O 72 -10.74 17.24 30.40
C SER O 72 -11.06 17.34 28.94
N HIS O 73 -10.15 16.89 28.09
CA HIS O 73 -10.34 16.99 26.64
C HIS O 73 -11.56 16.19 26.11
N GLU O 74 -11.70 14.97 26.61
CA GLU O 74 -12.77 14.10 26.21
C GLU O 74 -14.10 14.39 26.89
N GLN O 75 -14.14 15.23 27.91
CA GLN O 75 -15.35 15.30 28.69
C GLN O 75 -15.94 16.70 28.89
N PHE O 76 -17.25 16.81 28.72
CA PHE O 76 -17.91 18.07 28.85
C PHE O 76 -19.25 17.84 29.53
N SER O 77 -19.49 18.45 30.70
CA SER O 77 -20.68 18.21 31.47
C SER O 77 -21.57 19.40 31.60
N LEU O 78 -22.87 19.15 31.69
CA LEU O 78 -23.81 20.19 31.77
C LEU O 78 -24.36 19.97 33.13
N ILE O 79 -24.55 21.05 33.88
CA ILE O 79 -24.93 20.88 35.27
C ILE O 79 -26.12 21.75 35.50
N LEU O 80 -27.19 21.14 36.02
CA LEU O 80 -28.38 21.86 36.38
C LEU O 80 -28.44 21.82 37.91
N VAL O 81 -28.15 22.95 38.50
CA VAL O 81 -28.26 23.16 39.92
C VAL O 81 -29.71 23.48 40.12
N SER O 82 -30.35 22.87 41.10
CA SER O 82 -31.79 23.13 41.28
C SER O 82 -32.68 23.08 40.02
N ALA O 83 -32.83 21.86 39.54
CA ALA O 83 -33.73 21.58 38.39
C ALA O 83 -35.12 22.15 38.61
N THR O 84 -35.67 22.80 37.61
CA THR O 84 -37.04 23.25 37.67
C THR O 84 -37.82 22.39 36.67
N PRO O 85 -39.17 22.50 36.63
CA PRO O 85 -39.78 21.62 35.63
C PRO O 85 -39.60 22.10 34.19
N SER O 86 -39.27 23.39 33.95
CA SER O 86 -39.11 23.93 32.56
C SER O 86 -37.86 23.43 31.86
N GLN O 87 -37.03 22.72 32.59
CA GLN O 87 -35.82 22.15 32.05
C GLN O 87 -35.99 20.72 31.57
N SER O 88 -37.20 20.20 31.66
CA SER O 88 -37.61 18.94 31.07
C SER O 88 -37.48 19.14 29.60
N SER O 89 -36.70 18.29 28.95
CA SER O 89 -36.44 18.45 27.54
C SER O 89 -35.50 17.34 27.16
N VAL O 90 -35.04 17.30 25.90
CA VAL O 90 -34.08 16.31 25.43
C VAL O 90 -32.77 17.06 25.20
N TYR O 91 -31.65 16.54 25.67
CA TYR O 91 -30.38 17.27 25.70
C TYR O 91 -29.31 16.64 24.78
N PHE O 92 -28.71 17.50 23.95
CA PHE O 92 -27.76 17.01 22.95
C PHE O 92 -26.41 17.61 23.10
N CYS O 93 -25.47 16.72 23.07
CA CYS O 93 -24.06 16.93 23.22
C CYS O 93 -23.44 16.85 21.83
N ALA O 94 -22.47 17.71 21.53
CA ALA O 94 -21.69 17.54 20.27
C ALA O 94 -20.22 17.90 20.46
N SER O 95 -19.36 17.30 19.64
CA SER O 95 -18.02 17.71 19.53
C SER O 95 -17.85 18.13 18.07
N GLY O 96 -16.88 18.97 17.76
CA GLY O 96 -16.78 19.54 16.44
C GLY O 96 -15.38 20.03 16.16
N VAL O 97 -15.01 20.00 14.90
CA VAL O 97 -13.82 20.70 14.41
C VAL O 97 -14.08 21.28 13.02
N GLY O 98 -13.77 22.56 12.87
CA GLY O 98 -13.98 23.24 11.59
C GLY O 98 -15.48 23.17 11.32
N GLY O 99 -15.87 22.64 10.16
CA GLY O 99 -17.30 22.57 9.88
C GLY O 99 -17.97 21.22 10.15
N THR O 100 -17.25 20.29 10.77
CA THR O 100 -17.87 19.03 11.02
C THR O 100 -18.42 18.94 12.49
N LEU O 101 -19.66 18.53 12.65
CA LEU O 101 -20.29 18.47 13.95
C LEU O 101 -20.76 17.00 14.22
N TYR O 102 -20.31 16.41 15.32
CA TYR O 102 -20.73 15.06 15.69
C TYR O 102 -21.60 15.07 16.95
N PHE O 103 -22.81 14.55 16.87
CA PHE O 103 -23.74 14.52 17.98
C PHE O 103 -23.83 13.19 18.71
N GLY O 104 -24.26 13.23 19.96
CA GLY O 104 -24.57 12.01 20.67
C GLY O 104 -26.05 11.71 20.49
N ALA O 105 -26.47 10.65 21.16
CA ALA O 105 -27.79 10.14 20.92
C ALA O 105 -28.84 10.94 21.69
N GLY O 106 -28.39 11.92 22.51
CA GLY O 106 -29.31 12.66 23.40
C GLY O 106 -29.65 12.04 24.77
N THR O 107 -30.39 12.79 25.59
CA THR O 107 -30.71 12.41 26.96
C THR O 107 -32.11 12.89 27.25
N ARG O 108 -33.03 11.97 27.54
CA ARG O 108 -34.43 12.38 27.77
C ARG O 108 -34.48 12.70 29.24
N LEU O 109 -34.76 13.97 29.56
CA LEU O 109 -34.83 14.37 30.96
C LEU O 109 -36.16 14.97 31.30
N SER O 110 -36.77 14.44 32.36
CA SER O 110 -37.99 15.04 32.83
C SER O 110 -37.86 15.40 34.29
N VAL O 111 -38.44 16.57 34.60
CA VAL O 111 -38.41 17.11 35.94
C VAL O 111 -39.82 17.32 36.48
N LEU O 112 -40.13 16.61 37.57
CA LEU O 112 -41.43 16.72 38.26
C LEU O 112 -41.48 17.81 39.35
N ALA P 1 6.92 52.37 39.01
CA ALA P 1 5.94 52.44 40.14
C ALA P 1 4.56 51.97 39.67
N GLN P 2 3.81 51.38 40.59
CA GLN P 2 2.39 51.03 40.32
C GLN P 2 1.57 51.55 41.49
N PRO P 3 1.21 52.82 41.40
CA PRO P 3 0.44 53.39 42.49
C PRO P 3 -0.87 52.57 42.73
N ASP P 4 -1.25 52.40 44.00
CA ASP P 4 -2.47 51.62 44.28
C ASP P 4 -3.74 52.13 43.54
N PRO P 5 -4.61 51.23 43.14
CA PRO P 5 -5.72 51.59 42.28
C PRO P 5 -6.92 52.20 43.01
N LYS P 6 -7.60 53.13 42.33
CA LYS P 6 -8.85 53.67 42.90
C LYS P 6 -10.02 52.73 42.52
N LEU P 7 -11.13 52.86 43.21
CA LEU P 7 -12.29 52.08 42.90
C LEU P 7 -12.60 52.01 41.38
N ASP P 8 -12.56 53.14 40.67
CA ASP P 8 -12.97 53.13 39.25
C ASP P 8 -11.92 52.51 38.30
N GLU P 9 -10.80 52.13 38.85
CA GLU P 9 -9.76 51.63 37.99
C GLU P 9 -9.80 50.11 37.99
N LEU P 10 -10.80 49.50 38.63
CA LEU P 10 -10.82 48.06 38.85
C LEU P 10 -11.94 47.41 38.05
N ASN P 11 -11.62 46.29 37.44
CA ASN P 11 -12.62 45.53 36.72
C ASN P 11 -13.72 45.07 37.65
N LYS P 12 -14.93 45.11 37.14
CA LYS P 12 -16.07 44.85 37.94
C LYS P 12 -16.66 43.53 37.54
N VAL P 13 -16.95 42.68 38.50
CA VAL P 13 -17.74 41.47 38.27
C VAL P 13 -19.07 41.66 37.50
N SER P 14 -19.86 42.66 37.82
CA SER P 14 -21.13 42.81 37.14
C SER P 14 -20.92 43.16 35.68
N ASP P 15 -19.80 43.84 35.39
CA ASP P 15 -19.54 44.20 34.03
C ASP P 15 -19.26 42.94 33.21
N TYR P 16 -18.58 41.97 33.80
CA TYR P 16 -18.14 40.82 33.03
C TYR P 16 -19.42 39.98 32.75
N LYS P 17 -20.28 39.94 33.77
CA LYS P 17 -21.48 39.18 33.71
C LYS P 17 -22.36 39.77 32.63
N SER P 18 -22.47 41.09 32.59
CA SER P 18 -23.40 41.61 31.65
C SER P 18 -22.84 41.74 30.20
N ASN P 19 -21.55 41.43 29.99
CA ASN P 19 -21.00 41.22 28.66
C ASN P 19 -20.97 39.73 28.34
N LYS P 20 -21.71 38.92 29.12
CA LYS P 20 -21.86 37.47 28.87
C LYS P 20 -20.61 36.66 29.12
N GLY P 21 -19.73 37.16 29.98
CA GLY P 21 -18.52 36.42 30.28
C GLY P 21 -18.87 35.32 31.26
N THR P 22 -18.02 34.31 31.39
CA THR P 22 -18.27 33.33 32.38
C THR P 22 -17.18 33.28 33.41
N MET P 23 -17.48 33.74 34.62
CA MET P 23 -16.45 33.89 35.66
C MET P 23 -15.78 32.54 35.99
N GLY P 24 -16.47 31.45 35.65
CA GLY P 24 -15.99 30.13 35.93
C GLY P 24 -14.64 29.87 35.30
N ASN P 25 -14.38 30.53 34.16
CA ASN P 25 -13.12 30.30 33.50
C ASN P 25 -11.98 30.86 34.38
N VAL P 26 -12.24 31.86 35.18
CA VAL P 26 -11.17 32.30 36.03
C VAL P 26 -11.17 31.37 37.24
N MET P 27 -12.36 31.09 37.75
CA MET P 27 -12.48 30.15 38.82
C MET P 27 -11.62 28.93 38.60
N ASN P 28 -11.72 28.34 37.40
CA ASN P 28 -11.01 27.10 37.18
C ASN P 28 -9.50 27.27 37.19
N LEU P 29 -9.00 28.45 36.81
CA LEU P 29 -7.56 28.55 36.83
C LEU P 29 -7.07 28.48 38.27
N TYR P 30 -7.86 29.03 39.19
CA TYR P 30 -7.38 29.06 40.56
C TYR P 30 -7.94 27.89 41.40
N MET P 31 -8.94 27.15 40.93
CA MET P 31 -9.39 25.93 41.63
C MET P 31 -8.57 24.70 41.21
N SER P 32 -8.28 24.53 39.95
CA SER P 32 -7.55 23.42 39.45
C SER P 32 -6.13 23.41 40.03
N PRO P 33 -5.50 22.23 40.09
CA PRO P 33 -4.12 22.17 40.60
C PRO P 33 -3.18 22.89 39.67
N PRO P 34 -2.04 23.35 40.20
CA PRO P 34 -1.04 24.02 39.40
C PRO P 34 -0.18 22.97 38.71
N VAL P 35 0.65 23.37 37.77
CA VAL P 35 1.65 22.55 37.24
C VAL P 35 2.81 22.71 38.19
N GLU P 36 3.37 21.60 38.69
CA GLU P 36 4.64 21.65 39.44
C GLU P 36 5.64 20.71 38.80
N GLY P 37 6.93 20.90 39.09
CA GLY P 37 7.99 20.03 38.63
C GLY P 37 9.21 20.30 39.48
N ARG P 38 9.85 19.22 40.00
CA ARG P 38 11.11 19.41 40.76
C ARG P 38 12.30 19.05 39.84
N GLY P 39 13.32 19.89 39.81
CA GLY P 39 14.58 19.59 39.12
C GLY P 39 14.53 19.15 37.65
N VAL P 40 13.84 19.95 36.85
CA VAL P 40 13.52 19.54 35.48
C VAL P 40 14.31 20.44 34.54
N ILE P 41 14.48 19.98 33.30
CA ILE P 41 15.33 20.67 32.32
C ILE P 41 14.50 20.79 31.07
N ASN P 42 14.56 21.95 30.44
CA ASN P 42 13.69 22.14 29.30
C ASN P 42 14.11 21.21 28.14
N SER P 43 13.18 20.48 27.55
CA SER P 43 13.55 19.69 26.39
C SER P 43 13.83 20.50 25.10
N ARG P 44 13.00 21.49 24.78
CA ARG P 44 13.14 22.23 23.52
C ARG P 44 12.58 23.67 23.69
N GLN P 45 12.28 24.38 22.57
CA GLN P 45 11.65 25.72 22.55
C GLN P 45 10.76 25.83 21.36
N PHE P 46 9.83 26.79 21.39
CA PHE P 46 9.05 27.09 20.22
C PHE P 46 9.62 28.41 19.74
N LEU P 47 9.15 29.54 20.28
CA LEU P 47 9.86 30.77 20.02
C LEU P 47 10.93 30.99 21.05
N SER P 48 11.70 32.00 20.81
CA SER P 48 12.91 32.11 21.52
C SER P 48 12.69 32.72 22.94
N HIS P 49 11.45 33.02 23.29
CA HIS P 49 11.18 33.54 24.61
C HIS P 49 10.31 32.57 25.33
N ASP P 50 10.23 31.34 24.82
CA ASP P 50 9.59 30.28 25.58
C ASP P 50 10.51 29.10 25.84
N LEU P 51 10.08 28.20 26.73
CA LEU P 51 10.92 27.06 27.17
C LEU P 51 9.94 25.94 27.35
N ILE P 52 10.16 24.80 26.74
CA ILE P 52 9.19 23.70 26.80
C ILE P 52 9.70 22.54 27.67
N PHE P 53 8.85 22.11 28.60
CA PHE P 53 9.25 21.11 29.57
C PHE P 53 8.43 19.85 29.52
N PRO P 54 9.12 18.70 29.64
CA PRO P 54 8.52 17.38 29.97
C PRO P 54 7.97 17.46 31.41
N ILE P 55 6.72 17.05 31.58
CA ILE P 55 6.02 17.31 32.80
C ILE P 55 4.93 16.29 32.96
N GLU P 56 4.43 16.19 34.18
CA GLU P 56 3.28 15.36 34.40
C GLU P 56 2.18 16.22 35.01
N TYR P 57 1.16 16.53 34.22
CA TYR P 57 -0.03 17.21 34.74
C TYR P 57 -1.23 16.60 34.06
N LYS P 58 -2.06 15.94 34.89
CA LYS P 58 -3.23 15.23 34.37
C LYS P 58 -2.84 14.46 33.09
N SER P 59 -3.55 14.63 32.00
CA SER P 59 -3.20 13.81 30.85
C SER P 59 -1.90 14.24 30.10
N TYR P 60 -1.23 15.33 30.52
CA TYR P 60 -0.26 16.06 29.64
C TYR P 60 1.19 15.74 29.93
N ASN P 61 2.00 15.55 28.89
CA ASN P 61 3.42 15.20 29.06
C ASN P 61 4.40 16.39 28.83
N GLU P 62 3.89 17.51 28.32
CA GLU P 62 4.74 18.75 28.26
C GLU P 62 4.02 20.06 28.48
N VAL P 63 4.76 21.05 28.96
CA VAL P 63 4.25 22.43 29.01
C VAL P 63 5.16 23.40 28.30
N LYS P 64 4.59 24.39 27.64
CA LYS P 64 5.40 25.49 27.14
C LYS P 64 5.21 26.57 28.20
N THR P 65 6.28 26.98 28.82
CA THR P 65 6.21 28.21 29.58
C THR P 65 6.79 29.38 28.84
N GLU P 66 6.01 30.46 28.81
CA GLU P 66 6.35 31.65 28.02
C GLU P 66 6.95 32.72 28.91
N LEU P 67 8.00 33.37 28.46
CA LEU P 67 8.59 34.42 29.27
C LEU P 67 8.33 35.76 28.61
N GLU P 68 8.55 36.87 29.28
CA GLU P 68 8.30 38.19 28.70
C GLU P 68 9.30 38.49 27.55
N ASN P 69 10.51 37.97 27.69
CA ASN P 69 11.58 38.26 26.74
C ASN P 69 12.65 37.16 26.67
N THR P 70 13.44 37.22 25.61
CA THR P 70 14.42 36.16 25.32
C THR P 70 15.40 35.97 26.48
N GLU P 71 15.90 37.06 27.02
CA GLU P 71 16.92 36.95 28.02
C GLU P 71 16.42 36.10 29.18
N LEU P 72 15.16 36.33 29.57
CA LEU P 72 14.57 35.71 30.69
C LEU P 72 14.51 34.26 30.38
N ALA P 73 14.13 33.90 29.17
CA ALA P 73 14.13 32.48 28.80
C ALA P 73 15.54 31.90 28.82
N ASN P 74 16.51 32.64 28.28
CA ASN P 74 17.88 32.17 28.28
C ASN P 74 18.43 32.00 29.70
N ASN P 75 17.91 32.80 30.61
CA ASN P 75 18.36 32.78 31.98
C ASN P 75 18.21 31.42 32.63
N TYR P 76 17.16 30.70 32.24
CA TYR P 76 16.79 29.41 32.75
C TYR P 76 16.94 28.34 31.72
N LYS P 77 17.25 28.65 30.46
CA LYS P 77 17.43 27.58 29.45
C LYS P 77 18.52 26.54 29.83
N GLY P 78 18.23 25.26 29.66
CA GLY P 78 19.18 24.20 29.90
C GLY P 78 19.54 23.90 31.35
N LYS P 79 19.11 24.76 32.31
CA LYS P 79 19.34 24.56 33.75
C LYS P 79 18.27 23.66 34.47
N LYS P 80 18.68 23.02 35.59
CA LYS P 80 17.79 22.20 36.47
C LYS P 80 16.87 23.16 37.18
N VAL P 81 15.57 23.07 36.91
CA VAL P 81 14.65 24.07 37.46
C VAL P 81 13.46 23.45 38.15
N ASP P 82 12.89 24.25 39.06
CA ASP P 82 11.58 23.98 39.60
C ASP P 82 10.57 24.84 38.90
N ILE P 83 9.39 24.25 38.67
CA ILE P 83 8.26 24.90 38.03
C ILE P 83 7.03 24.98 38.92
N PHE P 84 6.35 26.11 38.92
CA PHE P 84 5.04 26.21 39.55
C PHE P 84 4.17 27.25 38.86
N GLY P 85 2.99 26.87 38.35
CA GLY P 85 2.21 27.86 37.69
C GLY P 85 0.84 27.44 37.19
N VAL P 86 0.15 28.42 36.59
CA VAL P 86 -1.19 28.23 36.24
C VAL P 86 -1.31 27.78 34.77
N PRO P 87 -1.66 26.52 34.51
CA PRO P 87 -1.72 26.08 33.11
C PRO P 87 -2.96 26.53 32.41
N TYR P 88 -2.90 26.88 31.13
CA TYR P 88 -4.10 27.06 30.28
C TYR P 88 -4.06 26.13 29.01
N PHE P 89 -5.21 25.96 28.37
CA PHE P 89 -5.37 24.95 27.30
C PHE P 89 -6.00 25.57 26.03
N TYR P 90 -7.18 26.10 26.16
CA TYR P 90 -7.72 26.90 25.12
C TYR P 90 -6.79 28.12 24.83
N THR P 91 -6.32 28.20 23.59
CA THR P 91 -5.44 29.25 23.04
C THR P 91 -3.98 28.91 23.24
N CYS P 92 -3.70 27.81 23.90
CA CYS P 92 -2.32 27.36 24.06
C CYS P 92 -1.77 26.89 22.75
N ILE P 93 -0.60 27.33 22.39
CA ILE P 93 0.03 26.87 21.17
C ILE P 93 1.38 26.26 21.49
N ILE P 94 1.44 24.97 21.27
CA ILE P 94 2.68 24.27 21.47
C ILE P 94 2.93 23.29 20.29
N PRO P 95 3.79 23.66 19.34
CA PRO P 95 4.03 22.71 18.25
C PRO P 95 4.77 21.44 18.71
N LYS P 96 4.43 20.30 18.08
CA LYS P 96 5.13 19.03 18.30
C LYS P 96 6.62 19.13 17.90
N SER P 97 7.45 18.21 18.41
CA SER P 97 8.86 18.11 17.95
C SER P 97 8.96 17.67 16.47
N GLU P 98 8.16 16.66 16.08
CA GLU P 98 8.28 15.94 14.78
C GLU P 98 9.62 15.17 14.74
N PHE P 105 -0.13 21.08 17.78
CA PHE P 105 -0.15 22.56 18.08
C PHE P 105 -0.93 22.97 19.36
N GLY P 106 -1.85 22.09 19.82
CA GLY P 106 -2.96 22.41 20.77
C GLY P 106 -2.86 22.12 22.28
N GLY P 107 -1.82 21.39 22.70
CA GLY P 107 -1.63 20.89 24.11
C GLY P 107 -1.61 21.78 25.39
N CYS P 108 -0.51 21.76 26.23
CA CYS P 108 -0.47 22.70 27.45
C CYS P 108 0.55 23.86 27.73
N CYS P 109 0.00 25.02 28.07
CA CYS P 109 0.79 26.28 28.17
C CYS P 109 0.72 27.00 29.51
N MET P 110 1.67 27.89 29.74
CA MET P 110 1.67 28.76 30.89
C MET P 110 2.64 29.92 30.69
N TYR P 111 2.80 30.74 31.73
CA TYR P 111 3.77 31.80 31.79
C TYR P 111 4.69 31.63 33.04
N GLY P 112 5.94 32.04 32.92
CA GLY P 112 6.89 32.13 34.04
C GLY P 112 6.98 30.87 34.87
N GLY P 113 7.06 31.04 36.18
CA GLY P 113 6.86 29.88 37.00
C GLY P 113 8.17 29.19 37.31
N LEU P 114 9.30 29.72 36.85
CA LEU P 114 10.58 29.01 37.03
C LEU P 114 11.40 29.64 38.09
N THR P 115 12.00 28.76 38.91
CA THR P 115 13.08 29.10 39.85
C THR P 115 14.10 27.95 39.74
N PHE P 116 15.32 28.20 40.23
CA PHE P 116 16.38 27.21 40.19
C PHE P 116 16.19 26.11 41.20
N ASN P 117 16.45 24.88 40.80
CA ASN P 117 16.47 23.80 41.77
C ASN P 117 17.63 23.90 42.78
N SER P 118 17.46 23.30 43.97
CA SER P 118 18.60 23.17 44.90
C SER P 118 18.44 22.11 46.03
N SER P 119 19.22 22.32 47.10
CA SER P 119 19.07 21.59 48.40
C SER P 119 18.89 22.53 49.59
N GLU P 120 19.01 23.83 49.30
CA GLU P 120 18.97 24.97 50.25
C GLU P 120 17.52 25.34 50.73
N ASN P 121 16.52 25.09 49.87
CA ASN P 121 15.08 25.17 50.20
C ASN P 121 14.60 24.23 51.37
N GLU P 122 14.17 23.00 51.02
CA GLU P 122 13.75 21.95 51.98
C GLU P 122 12.68 22.31 53.07
N ARG P 123 12.91 23.33 53.90
CA ARG P 123 11.93 23.64 54.98
C ARG P 123 10.77 24.63 54.68
N ASP P 124 9.54 24.27 55.03
CA ASP P 124 8.35 25.11 54.74
C ASP P 124 8.36 26.51 55.37
N LYS P 125 8.23 27.57 54.54
CA LYS P 125 7.97 28.95 55.00
C LYS P 125 6.47 29.30 54.93
N LEU P 126 5.97 30.00 55.94
CA LEU P 126 4.58 30.41 56.00
C LEU P 126 4.46 31.89 55.70
N ILE P 127 3.49 32.25 54.87
CA ILE P 127 3.34 33.65 54.53
C ILE P 127 1.94 34.00 54.88
N THR P 128 1.77 35.22 55.36
CA THR P 128 0.53 35.72 55.88
C THR P 128 -0.11 36.50 54.77
N VAL P 129 -1.39 36.26 54.52
CA VAL P 129 -2.11 37.13 53.60
C VAL P 129 -3.20 37.92 54.35
N GLN P 130 -3.14 39.26 54.37
CA GLN P 130 -4.19 40.04 55.02
C GLN P 130 -5.27 40.40 54.06
N VAL P 131 -6.51 40.14 54.40
CA VAL P 131 -7.63 40.43 53.54
C VAL P 131 -8.53 41.52 54.13
N THR P 132 -8.86 42.51 53.32
CA THR P 132 -9.61 43.69 53.73
C THR P 132 -10.83 43.71 52.83
N ILE P 133 -12.02 43.92 53.41
CA ILE P 133 -13.26 43.86 52.66
C ILE P 133 -13.95 45.19 52.86
N ASP P 134 -14.32 45.85 51.77
CA ASP P 134 -14.90 47.20 51.85
C ASP P 134 -14.14 48.18 52.75
N ASN P 135 -12.82 48.19 52.63
CA ASN P 135 -12.00 49.13 53.41
C ASN P 135 -11.98 48.96 54.93
N ARG P 136 -12.45 47.79 55.37
CA ARG P 136 -12.18 47.34 56.72
C ARG P 136 -11.37 46.06 56.73
N GLN P 137 -10.27 46.07 57.46
CA GLN P 137 -9.66 44.77 57.71
C GLN P 137 -10.75 43.69 58.06
N SER P 138 -10.48 42.46 57.68
CA SER P 138 -11.45 41.48 57.93
C SER P 138 -10.85 40.13 58.15
N LEU P 139 -9.62 39.89 57.72
CA LEU P 139 -9.18 38.49 57.70
C LEU P 139 -7.72 38.35 57.43
N GLY P 140 -7.13 37.29 57.96
CA GLY P 140 -5.78 36.93 57.60
C GLY P 140 -5.71 35.42 57.45
N PHE P 141 -4.91 34.88 56.54
CA PHE P 141 -4.68 33.45 56.46
C PHE P 141 -3.26 33.28 55.97
N THR P 142 -2.85 32.05 55.81
CA THR P 142 -1.46 31.81 55.53
C THR P 142 -1.34 30.86 54.36
N ILE P 143 -0.30 31.05 53.57
CA ILE P 143 0.00 30.09 52.54
C ILE P 143 1.41 29.60 52.85
N THR P 144 1.77 28.44 52.31
CA THR P 144 3.08 27.86 52.48
C THR P 144 3.81 27.57 51.16
N THR P 145 5.08 27.93 51.11
CA THR P 145 5.95 27.39 50.08
C THR P 145 7.25 26.83 50.70
N ASN P 146 7.86 25.81 50.12
CA ASN P 146 9.16 25.45 50.66
C ASN P 146 10.31 26.17 50.01
N LYS P 147 10.08 27.07 49.03
CA LYS P 147 11.17 27.79 48.40
C LYS P 147 11.52 29.12 49.07
N ASN P 148 12.81 29.32 49.29
CA ASN P 148 13.35 30.60 49.77
C ASN P 148 13.15 31.72 48.72
N MET P 149 13.38 31.37 47.47
CA MET P 149 13.18 32.32 46.43
C MET P 149 12.08 31.68 45.65
N VAL P 150 10.93 32.39 45.55
CA VAL P 150 9.66 31.81 45.07
C VAL P 150 9.04 32.67 43.98
N THR P 151 8.22 32.11 43.09
CA THR P 151 7.66 33.08 42.15
C THR P 151 6.46 33.77 42.76
N ILE P 152 6.24 35.00 42.30
CA ILE P 152 5.02 35.70 42.61
C ILE P 152 3.86 34.83 42.19
N GLN P 153 3.94 34.20 41.02
CA GLN P 153 2.86 33.40 40.54
C GLN P 153 2.44 32.40 41.60
N GLU P 154 3.37 31.62 42.13
CA GLU P 154 3.05 30.56 43.06
C GLU P 154 2.37 31.15 44.29
N LEU P 155 2.86 32.31 44.75
CA LEU P 155 2.23 33.00 45.83
C LEU P 155 0.81 33.44 45.51
N ASP P 156 0.62 34.09 44.37
CA ASP P 156 -0.68 34.48 43.87
C ASP P 156 -1.62 33.27 43.74
N TYR P 157 -1.20 32.23 43.05
CA TYR P 157 -2.02 31.05 42.92
C TYR P 157 -2.51 30.58 44.32
N LYS P 158 -1.57 30.38 45.23
CA LYS P 158 -1.93 29.83 46.53
C LYS P 158 -2.95 30.74 47.28
N ALA P 159 -2.76 32.03 47.23
CA ALA P 159 -3.69 32.92 47.88
C ALA P 159 -5.04 32.95 47.15
N ARG P 160 -5.08 33.00 45.82
CA ARG P 160 -6.39 33.03 45.14
C ARG P 160 -7.02 31.66 45.28
N HIS P 161 -6.22 30.61 45.34
CA HIS P 161 -6.85 29.29 45.60
C HIS P 161 -7.68 29.30 46.90
N TRP P 162 -7.03 29.68 47.95
CA TRP P 162 -7.62 29.80 49.24
C TRP P 162 -8.88 30.64 49.12
N LEU P 163 -8.76 31.84 48.57
CA LEU P 163 -9.91 32.70 48.59
C LEU P 163 -11.04 32.16 47.72
N THR P 164 -10.72 31.32 46.73
CA THR P 164 -11.77 30.82 45.87
C THR P 164 -12.48 29.70 46.63
N LYS P 165 -11.74 28.77 47.20
CA LYS P 165 -12.32 27.64 47.98
C LYS P 165 -13.10 28.12 49.20
N GLU P 166 -12.46 29.02 49.95
CA GLU P 166 -13.04 29.47 51.18
C GLU P 166 -13.99 30.67 51.07
N LYS P 167 -13.82 31.61 50.14
CA LYS P 167 -14.55 32.87 50.26
C LYS P 167 -15.27 33.24 49.00
N LYS P 168 -15.37 32.30 48.07
CA LYS P 168 -16.03 32.49 46.80
C LYS P 168 -15.51 33.68 45.99
N LEU P 169 -14.20 33.79 45.86
CA LEU P 169 -13.56 34.86 45.08
C LEU P 169 -14.03 34.79 43.63
N TYR P 170 -14.07 33.57 43.09
CA TYR P 170 -14.66 33.38 41.77
C TYR P 170 -15.64 32.28 41.88
N GLU P 171 -16.87 32.50 41.40
CA GLU P 171 -17.81 31.40 41.17
C GLU P 171 -18.15 31.30 39.66
N PHE P 172 -18.97 30.33 39.27
CA PHE P 172 -19.22 29.98 37.90
C PHE P 172 -19.70 31.17 37.14
N ASP P 173 -20.60 31.90 37.75
CA ASP P 173 -21.27 33.00 37.12
C ASP P 173 -21.31 34.26 38.00
N GLY P 174 -20.22 34.45 38.74
CA GLY P 174 -20.03 35.65 39.52
C GLY P 174 -19.00 35.47 40.61
N SER P 175 -19.26 36.13 41.72
CA SER P 175 -18.36 36.18 42.82
C SER P 175 -19.12 36.63 44.04
N ALA P 176 -18.64 36.30 45.22
CA ALA P 176 -19.15 36.95 46.43
C ALA P 176 -18.73 38.46 46.37
N PHE P 177 -17.89 38.83 45.43
CA PHE P 177 -17.42 40.20 45.44
C PHE P 177 -17.74 40.87 44.14
N GLU P 178 -17.50 42.16 44.05
CA GLU P 178 -17.68 42.89 42.82
C GLU P 178 -16.34 43.29 42.14
N SER P 179 -15.28 43.59 42.96
CA SER P 179 -13.97 43.98 42.46
C SER P 179 -12.92 43.81 43.54
N GLY P 180 -11.64 43.84 43.16
CA GLY P 180 -10.57 43.80 44.11
C GLY P 180 -9.20 43.61 43.49
N TYR P 181 -8.15 43.65 44.34
CA TYR P 181 -6.79 43.55 43.87
C TYR P 181 -5.93 42.90 44.91
N ILE P 182 -4.85 42.23 44.48
CA ILE P 182 -3.86 41.62 45.36
C ILE P 182 -2.60 42.51 45.23
N LYS P 183 -2.05 42.93 46.39
CA LYS P 183 -0.89 43.81 46.39
C LYS P 183 0.25 43.14 47.07
N PHE P 184 1.43 43.23 46.46
CA PHE P 184 2.66 42.63 46.96
C PHE P 184 3.70 43.72 47.30
N THR P 185 4.30 43.60 48.49
CA THR P 185 5.35 44.52 48.88
C THR P 185 6.61 43.78 49.25
N GLU P 186 7.70 44.16 48.63
CA GLU P 186 8.88 43.30 48.59
C GLU P 186 9.82 43.21 49.77
N LYS P 187 10.06 44.35 50.40
CA LYS P 187 10.96 44.44 51.57
C LYS P 187 11.78 45.68 51.43
N ASN P 188 12.45 45.84 50.29
CA ASN P 188 12.93 47.14 49.87
C ASN P 188 11.77 48.11 49.73
N ASN P 189 10.58 47.64 50.15
CA ASN P 189 9.36 48.43 50.09
C ASN P 189 8.92 48.87 48.67
N THR P 190 9.40 48.27 47.57
CA THR P 190 8.67 48.46 46.29
C THR P 190 7.37 47.61 46.31
N SER P 191 6.33 48.06 45.61
CA SER P 191 5.05 47.36 45.61
C SER P 191 4.42 47.32 44.23
N PHE P 192 3.57 46.30 43.97
CA PHE P 192 2.84 46.21 42.71
C PHE P 192 1.60 45.36 42.95
N TRP P 193 0.63 45.35 42.04
CA TRP P 193 -0.65 44.69 42.31
C TRP P 193 -1.23 44.14 41.07
N PHE P 194 -2.10 43.15 41.25
CA PHE P 194 -2.85 42.64 40.11
C PHE P 194 -4.30 42.86 40.40
N ASP P 195 -5.02 43.32 39.42
CA ASP P 195 -6.46 43.21 39.43
C ASP P 195 -6.95 41.75 39.39
N LEU P 196 -7.86 41.40 40.29
CA LEU P 196 -8.14 40.02 40.53
C LEU P 196 -9.22 39.56 39.55
N PHE P 197 -9.84 40.52 38.89
CA PHE P 197 -10.93 40.13 37.99
C PHE P 197 -10.64 40.46 36.48
N PRO P 198 -11.26 39.70 35.58
CA PRO P 198 -10.94 39.88 34.20
C PRO P 198 -11.51 41.19 33.62
N LYS P 199 -10.85 41.85 32.68
CA LYS P 199 -11.48 42.98 31.90
C LYS P 199 -12.83 42.63 31.27
N LYS P 200 -13.75 43.58 31.20
CA LYS P 200 -15.07 43.30 30.74
C LYS P 200 -15.04 42.93 29.28
N GLU P 201 -14.03 43.40 28.56
CA GLU P 201 -13.93 43.13 27.13
C GLU P 201 -13.39 41.75 26.86
N LEU P 202 -12.91 41.05 27.89
CA LEU P 202 -12.28 39.75 27.64
C LEU P 202 -13.31 38.60 27.60
N VAL P 203 -14.16 38.61 26.60
CA VAL P 203 -15.18 37.55 26.38
C VAL P 203 -15.24 37.36 24.89
N PRO P 204 -15.11 36.12 24.43
CA PRO P 204 -14.81 35.01 25.30
C PRO P 204 -13.48 35.23 26.00
N PHE P 205 -13.23 34.42 27.05
CA PHE P 205 -12.10 34.56 27.93
C PHE P 205 -10.86 34.15 27.19
N VAL P 206 -9.81 34.92 27.17
CA VAL P 206 -8.64 34.46 26.44
C VAL P 206 -7.58 34.18 27.44
N PRO P 207 -7.43 32.93 27.85
CA PRO P 207 -6.57 32.68 28.96
C PRO P 207 -5.23 33.35 28.83
N TYR P 208 -4.63 33.26 27.65
CA TYR P 208 -3.30 33.82 27.57
C TYR P 208 -3.28 35.30 27.87
N LYS P 209 -4.37 36.02 27.66
CA LYS P 209 -4.31 37.44 27.94
C LYS P 209 -4.42 37.72 29.40
N PHE P 210 -4.98 36.80 30.15
CA PHE P 210 -5.18 36.96 31.57
C PHE P 210 -3.88 36.54 32.33
N LEU P 211 -3.24 35.45 31.91
CA LEU P 211 -2.11 34.97 32.63
C LEU P 211 -0.78 35.59 32.31
N ASN P 212 -0.69 36.45 31.30
CA ASN P 212 0.58 36.96 30.92
C ASN P 212 1.26 37.82 31.98
N ILE P 213 0.48 38.29 32.95
CA ILE P 213 1.04 38.98 34.12
C ILE P 213 2.12 38.14 34.77
N TYR P 214 2.09 36.83 34.64
CA TYR P 214 3.12 36.02 35.26
C TYR P 214 4.34 35.93 34.37
N GLY P 215 4.23 36.47 33.16
CA GLY P 215 5.30 36.28 32.23
C GLY P 215 6.60 37.00 32.59
N ASP P 216 6.64 37.92 33.55
CA ASP P 216 7.98 38.52 33.88
C ASP P 216 8.73 37.55 34.81
N ASN P 217 8.07 36.48 35.25
CA ASN P 217 8.74 35.54 36.09
C ASN P 217 9.38 36.22 37.31
N LYS P 218 8.76 37.27 37.85
CA LYS P 218 9.21 37.82 39.13
C LYS P 218 9.35 36.79 40.27
N VAL P 219 10.52 36.84 40.92
CA VAL P 219 10.86 35.93 42.01
C VAL P 219 11.07 36.81 43.22
N VAL P 220 10.61 36.43 44.41
CA VAL P 220 10.88 37.19 45.61
C VAL P 220 11.27 36.25 46.77
N ASP P 221 11.68 36.85 47.89
CA ASP P 221 12.14 36.18 49.09
C ASP P 221 10.93 35.86 49.95
N SER P 222 10.71 34.55 50.19
CA SER P 222 9.51 34.11 50.91
C SER P 222 9.46 34.58 52.36
N LYS P 223 10.62 34.95 52.90
CA LYS P 223 10.76 35.27 54.29
C LYS P 223 10.44 36.71 54.49
N SER P 224 10.31 37.48 53.42
CA SER P 224 9.98 38.87 53.69
C SER P 224 8.84 39.42 52.86
N ILE P 225 8.31 38.64 51.92
CA ILE P 225 7.26 39.20 51.05
C ILE P 225 6.00 39.55 51.86
N LYS P 226 5.46 40.76 51.72
CA LYS P 226 4.15 41.07 52.27
C LYS P 226 3.07 40.92 51.16
N MET P 227 2.02 40.18 51.48
CA MET P 227 0.89 40.00 50.59
C MET P 227 -0.40 40.60 51.24
N GLU P 228 -1.14 41.46 50.52
CA GLU P 228 -2.45 41.97 50.96
C GLU P 228 -3.53 41.89 49.87
N VAL P 229 -4.72 41.49 50.26
CA VAL P 229 -5.82 41.48 49.34
C VAL P 229 -6.87 42.51 49.75
N PHE P 230 -7.44 43.25 48.79
CA PHE P 230 -8.49 44.25 49.08
C PHE P 230 -9.66 43.91 48.21
N LEU P 231 -10.84 43.70 48.79
CA LEU P 231 -12.05 43.33 48.04
C LEU P 231 -13.22 44.33 48.29
N ASN P 232 -14.12 44.52 47.31
CA ASN P 232 -15.30 45.35 47.37
C ASN P 232 -16.54 44.46 47.19
N THR P 233 -17.61 44.67 47.95
CA THR P 233 -18.81 43.85 47.71
C THR P 233 -19.67 44.72 46.84
N HIS P 234 -20.68 44.17 46.19
CA HIS P 234 -21.50 44.98 45.26
C HIS P 234 -22.08 46.18 45.97
#